data_9G8B
#
_entry.id   9G8B
#
_entity_poly.entity_id   1
_entity_poly.type   'polypeptide(L)'
_entity_poly.pdbx_seq_one_letter_code
;MQIQRHSFKWILYGFLCWMTSFVQAQTPTLTNATPAEGFIGEQVCFPVTFVNTGAPGYGPYVRLIVPTGFTFDNASFGGS
IQTVQNLGVIVSGAPNNFVIDPIAQSNNNSTTSDTIFAPVGSTVILLEYPVGSMVQGGVSLISEVCMTVDPAATIGVPVD
ICTQGVYEFGDTPTGDNGPIAGANECEPIIPILFRFDKKVNGSDGVYNEVPGGGASLCHIHQYELNIDIAAAGTLNGPIT
ITDVLPGELAYFGNISLPAGCSAVEPTVGGLGGTLTVTCNGSYPGSTANIDMQVTFDAAVSDTLDETICDDTDINNGATV
NVPGNPSQSDTVVTHVEHVLLGHTNNTVSPVTIGQTVLYTIGAEITEYTAGLTAASITFIVPDGMIYNPASLTWAGTPVA
AGNVVIVPGPGTGSTVTVDVHTQNGANILPCASPSLQYTADVNQTYANGDPVLSRDRLTHSSTLTYDLVEGATGCTTSAG
TPIDVIDIFFQKTVNNSPPTGPGRNGQWWPGDVVQYRLELQIPSLDLDDVVITDFFPLPIHDVASLAATFGTDVRFDPAT
CWNTAPVTYTRDIPTNSLILDFGDVSDLVTGGCVDIVLLIDIPITTLPFADGLFHSNFMQVNSDNSTADNITNSALTLIQ
VGAPDLELTKGIVSSDNPNVTISPTVVPPDGNATDVSAGDQLFFDITIENVGGAPGYDVQVRDVAPPELTNCALVAPNPV
VDGSNNALAFSGGFVGNTLTIDLVAPNDSIAFATAPNNNDLITVSYVCEAVAGIQAGTRFDNTAEVDWSSTRGGVKFPPV
EDDANGRIADPTMNKVVDYIFPNYSNTNTQASIGEVVAYELQLNIPEGNMNNVTLVDQVDEGLAFVAVDSIVICNSSGST
NIITSIGGGFPAVQSGATITNLGANPQQQDRVLTLDFGNLQNLDTDNIEDTIKVYYRTIVINHVTNFDGERVRNRAVLSW
DNPNTPGDRSSINDRAPFVTIVEPQLEISKSFTPDEVLPGNNSFVTLTVRNPGTSSAPAFDVSLTDILPTGMTFVSGFSA
GGTASITTPPTNGGGTITAHWDTINVGEVYSITFEVQASSSITPCFTLTNCANLVWESIAEADEPNMPTAFSSNLGVQRT
GNPGNLGGAANTYTQDSCADLDVVIDNTFDPFITANTPLCEGDRVVLTVQQYQGNVVRYNWTGPGVPAGFNNYELVLDPV
TTADTGTYFVYVELDGCITDTSNFFSLQLRPKPVTPNINPGDTTICEGTSIQFSTSTIANDYTWTGPNGFTANSATTPLI
SPVTLADAGRYTLFTTNAQGCNSDPISSNLTVTPRPAQPSIASNTPICSNENIILTSSTSAITYQWMAPNGQDTITTNNT
LTLEPNNPLYTAGNWTLVVFDANGCASQPSTAANVIINGTPIAPMTSNSGPICEGEDVTLMVNTVSSGTYAWYSDANLTN
LVASTQNPVISGLLASNSPDTFYVQVSSNGCLSDTGFTVVQVNPNPAAVSPGYTPLCSGDTIFLFANATANIYNWTGPNG
FVSNLENPFIANSAALNAGSYTVSITDANGCSNSGIVQVAVDERPVTPTITGNGPVCEGDNIQLNIGSYTGTTVQYTWST
PTGVVTTGVPSLNINNTTVADSGLYSVVVAVDGCTSLADSINIVVRPNPIAPNVPSNFSVCEGDGIALTTTTNANIYNWT
GPNGFSSNSPNPTVISPASSANAGTYTLVVQDFNGCTSPAASTVVTVNAAPAQPSMTTNSPICNGADLVMSTSAAGNSYI
WRAPNGADTTTASSTLTIVPTSSLYQSGNWTLSVVNAAGCVSPASIASAVEINSIPSTASAGNNGPVCTGTDASLSAGTV
SGASYAWYTDAGTSNQFSTLQNPTVNNLTNDSTFYLLVTVNGCPSALDSTTVVVYPLTPSPSLPANFAVCEGDDIALSTS
TVASSYDWSGPNGFTSNAQNPVVITNATGSNAGVYTLSIVDGNGCSSADTSVQVTVNAAPTQPSMTTNSPICNGADLVMS
TSAVGNSYIWRAPNGADTTTASSTLTIVPTSSLYQSGNWTLSVVNAAGCVSPASIASAVEINSIPSTASAGNNGPVCTGT
DASLSAGTVSGASYAWYTDAGTSNQFSTLQNPTVNNLTNDSTFYLLVTVNGCPSALDSTTVVVYPLTPSPSLPADFAVCE
GDDIALSTSTVASSYDWSGPNGFTSNAQNPVVITNATGSNAGVYTLSIVDGNGCSSADTSVQVTVNAAPAQPSMTTNSPI
CNGADLVMSTSATGNSYIWRAPNGADTTTASSTLTIVPTSSLYQSGNWTLSVVNAAGCVSPASIASAVEINSIPSTASAG
NNGPVCTGTDASLSAGTVSGASYAWYTDAGTSNQFSTLQNPTVNNLTNDSTFYLLVTVNGCPSALDSTTVVVYPLTPSPS
LPADFAVCEGDDIALSTSTVASSYDWSGPNGFTSNAQNPVVITNATGSNAGVYTLSIVDGNGCSSADTSVQVTVNAAPTQ
PSMTTNSPICNGADLVMSTSAVGNSYIWRAPNGADTTTASSTLTIAPTSSLYQSGNWTLSVVNAAGCVSPASVASMVTIN
NGTNPTAFNNGPVCRGDAVQLNTTTINNALYEWYSDAALTNLISTQQNPTVANITTDSTFYLVVTVNGCPSSAVATTVTL
HPTPATPNIPANFVVCEGETIALSTSTVASSYNWTGPNGFTSNLQNPAVIQPATTADAGSYTLFIVDANGCQSADTSVVV
GVNRGPAAPVLTNNSAICDGDTLLLSTTASADTFRWISPNGIDTITTVNSLMIVPTNGTYYQSGDWTLITQVANNCPSEP
SAPSSVVINSSTAAPTAFNDGPVCVGGDVTLSTPSAPGAFYQWYTDAALTNLVATTASFTAINITQDSTFYLVVTVNGCT
SPAGSTVVNVIGQPSAPNVPADFEVCEGDDIILGTTTIAASYSWTGPNGFTSNLQNPAAITNASLIDSGIYRLVVTYSNG
CVSADTTVRVGVNSNPPVPNIVSNGPICFGDTLVLSSSTSCGQSQWIGPNGNSQSTLGTPGGSNVLWTIGSTTSIPMNNA
NYLPGNWYMICIDTVTGCRSESNTINVIINANPDTPAVFNDGPVCEGGNSNLSTATVSGASYAWYSDSSLTSLVSTAQNP
MIVNISTDTTWYLVVTVNGCSSVAGSTTVIVHPTPVTPNVPANFAVCEGDNITLSTSTVASSYNWSGPNGFTSNVQNPVV
ITNATTSNAGVYTLSIIDGNGCESGDTAVTVTVDSIPATPVLSSNSAICFGDTLELSTTALATSYEWIAPDGSRITTGTN
ILSISSNNSLYQSGDWMLVTTNASGCTSMPSSVATVVINANPAQPAVFNDGPVCEGGNSNLSTATVSGASYAWYSDSSLT
SLVSTAQNPMIVNISTDTTWYLVVTVNGCSSVAGSTTVIVHPTPATPNVPANFAVCEGDNITLSTSTVASSYNWSGPNGF
TSNVQNPVVITNATTSNAGVYTLSIVDGNGCESGDTTVTVTVDSIPVTPVLSSNSAICFGDTLELSTTALATSYEWIAPD
GSRITTGTNILSISSNNSLYQSGDWMLVTTNASGCTSMPSSVATVVINANPAQPAVFNDGPVCEGGNSNLSTATVSGASY
AWYSDSSLTSLVSTAQNPMIVNISTDTTWYLVVTVNGCSSVAGSTTVIVYPTPATPNVPANFAVCEGDNITLSTSTVASG
YNWSGPNGFTSNVQNPVVITNATASNAGVYTLSIVDGNGCESGDTTVTVTVNGNPPVATITSNSPICFGDTLTLSSSTNC
GQSQWIGPNGNSSGTLGTPGGNNVLWTIGSTTNIPSTDVNYLSGDWYMICIDTITGCRSESNTITIEINPIPVVSAFNNG
PICAGEDGELSATFITGASYRWYSDATLTTLISTSRTPIISSMMSSETYYVVATVNGCTSLADSTTIVVNPTPVIPNPTY
TPLCQLDTLFLQANAVGPIATYWWTGPNGFTSHLENPVIPNIYPFNAGSYILTVTDSLGCEAVSTVEVTIYPKPQTPTIA
HNAPFCEGTNDLTLTTQAYFGTDVRYIWTLPNGNLDTTFVPSLVLPNATVQDTGAYSLVVWIDGCLSLPAEEIIRIYPTP
ATPNVPADFAVCEGEAIVLTTTTNATSYFWTGPNGFQSNLQSPSVVNATLVDAGSYHLYVTNTWGCQSLDTSVQVTVNAN
PPIATITSNSPICFGDTLTLSSSTNCGQSQWIGPNGNSTGTLGTPGGNNVLWTIGSTTNIPSTDSNYLSGDWYMICIDTI
TGCRSESNTITIDINPIPSTPAAFNNGPICIGGTAQLSTTTVSGATYAWYADATLTTLVATNQNPTISNITTDSTFYIVV
TVNGCSSLAGSTTVSTYPVPATPAVPADFAVCEGDNIVLSTTTVAAGYNWTGPNGFTSNLQNPSVVSASLVDSGTYTLFI
IDANGCPSGDTSVQVSVHPNPVQPVLSSNSAICDGDSLVLSTTATATTYRWVAPDGADTLTTVNTLVILPSNAFYQDGNW
TLMTMDANGCQSILSNPESVTIHSIPAAQAVFNNGPVCRGSSVNLSTSFISGATYEWYADAALTILVATSQNPTINNITT
DSTFYLVITVNGCTSAAGATTVVVHPTPTTPNVPSNITVCEGDAIVLTTTTNASAYVWSGPNGFSSNQQSPTVINAATVV
DSGKYSLYVIDANGCRSEDTSLQVVVNPTPTTPLIVSNNTPICEGSNIVLSANAGAAGTTYEWFNASNVSVGTGQTLTIV
GATVADAGDYYVITTLNSCSSAASSTTTAIVDQVPSTAAFAGNDINLCNSFTTTLDATPPNSATGFWTTNSGATIANPNL
ANSAVYNLPTGTSTFYWTLSNGACIDFSVDSMVVEVTPASTDVADAGLDQNLCGQTSATLTAANPSTATGQWTQSASQAG
QGIVITNPTNPNTTVTGLQQGNNYTFTWTLSNGNCTDYSTDMVQINVDVSPPDNAYAGVDILLCNQNTANLDAFVSQYGT
GMWTSTSSATIIDPTLANTTVINLPQDTSVFVWTLSNGTCQNYSTDSVLVVVSTTTDTAEAGNNQVVCSVNALTLGATMP
SSGFGTWSQTAAQAAQGVVIVDVNDPNTQVVGLNAGTTYAFTWTLSNGTCQDYSSDVTTISVNATPPDNAFAGNDINLCG
VATTTNLAASVPTVAMGLWTTTSSATISNPTQPNSTVSGLSAGQNIFIWTLSNGTCQDYDSDTVIVTVTTPSSDVADAGL
DSAYCAQSVVTLNAVAPSVGGGYWSQTPSQASLGAVIDNPTDTATTVSNLMPGVTYTFTWTLTNGGCVDYSSDQVLITID
VLPTNVAYAGEDTILCGGNAVQLDGLAPPIGTGFWTTNDTATIVTPVDPNSLVVNIAEDTTTYYWTLSNGACVDYSVDSV
TVIISPASTDLAFAGYDEVLCGVDSIMLSAAVPTTSTGIWTQSAGQASQGIVITNPTNPNSSVTGIQAGQVYTFTWTLST
FGCANFSTDDVQYTINALPPEVAYAGPDIVLCTGNSVTMDANNPIFSTGVWSSNSSAVIVNPTLSNSNIVNIPTDTVAFY
WSLSNGSCADYSIDTMLIIVTPTFSVDTANAGLDINLCNEDTAQLMAIAPNVATGRWTQPFNQSSAGVVITDPNAAMTTA
TGLQLDSTYTFTWSVSNGPCRDYDRDQVIVQVSTLPTDAAYAGEDFVICGIDTAIVSATAPSIGAGMWTTTTTATIVTPP
STRTELLNLSLGSNEFIWTLSNGACRDYSSDTIVITMDSAPIANADSFVVIYNSNGNTIDVTPNDGLNNNWVITISESIA
SGTLDNLGTGEFDLFLQDVLVDQRFIYQLCNPNCPAIYCDTALVTIDVQGGTECNFPNMITPNNDDANETFIVPCLDGLE
GTKFAVYNRWGDLMYENDNYKNDWGGTHNGVPVPDATYFYIMELADGQRFQGFVEVRR
;
_entity_poly.pdbx_strand_id   A,B,C,D,E,F,G
#
# COMPACT_ATOMS: atom_id res chain seq x y z
N GLY A 2892 -75.42 24.88 -42.23
CA GLY A 2892 -75.61 25.01 -40.80
C GLY A 2892 -74.37 24.74 -39.99
N GLN A 2893 -74.50 24.50 -38.69
CA GLN A 2893 -73.32 24.15 -37.90
C GLN A 2893 -73.12 22.67 -37.97
N PRO A 2894 -71.94 22.23 -38.38
CA PRO A 2894 -71.57 20.82 -38.58
C PRO A 2894 -71.15 20.13 -37.30
N SER A 2895 -72.08 20.03 -36.37
CA SER A 2895 -71.93 19.32 -35.10
C SER A 2895 -70.70 19.78 -34.33
N ALA A 2896 -69.90 18.82 -33.87
CA ALA A 2896 -68.68 18.94 -33.12
C ALA A 2896 -67.82 17.74 -33.52
N PRO A 2897 -66.50 17.87 -33.43
CA PRO A 2897 -65.58 16.79 -33.77
C PRO A 2897 -65.52 15.75 -32.67
N ASN A 2898 -65.06 14.55 -33.04
CA ASN A 2898 -64.88 13.44 -32.11
C ASN A 2898 -63.48 13.44 -31.51
N VAL A 2899 -63.42 13.52 -30.19
CA VAL A 2899 -62.18 13.61 -29.42
C VAL A 2899 -62.24 12.53 -28.35
N PRO A 2900 -61.11 12.15 -27.77
CA PRO A 2900 -61.05 11.15 -26.71
C PRO A 2900 -61.69 11.58 -25.42
N ALA A 2901 -62.09 10.58 -24.64
CA ALA A 2901 -62.68 10.77 -23.33
C ALA A 2901 -61.63 11.28 -22.37
N ASP A 2902 -62.08 11.85 -21.26
CA ASP A 2902 -61.17 12.45 -20.29
C ASP A 2902 -60.11 11.47 -19.84
N PHE A 2903 -58.89 11.95 -19.75
CA PHE A 2903 -57.98 10.95 -19.26
C PHE A 2903 -57.30 11.46 -18.01
N GLU A 2904 -56.45 10.60 -17.48
CA GLU A 2904 -55.61 10.84 -16.33
C GLU A 2904 -54.28 10.23 -16.70
N VAL A 2905 -53.22 11.00 -16.56
CA VAL A 2905 -51.88 10.53 -16.82
C VAL A 2905 -51.12 10.86 -15.55
N CYS A 2906 -49.93 10.28 -15.38
CA CYS A 2906 -49.09 10.55 -14.21
C CYS A 2906 -47.84 11.28 -14.67
N GLU A 2907 -47.30 12.19 -13.85
CA GLU A 2907 -46.16 12.97 -14.31
C GLU A 2907 -45.06 12.11 -14.87
N GLY A 2908 -44.55 12.52 -16.01
CA GLY A 2908 -43.52 11.84 -16.75
C GLY A 2908 -44.06 11.03 -17.91
N ASP A 2909 -45.36 10.77 -17.94
CA ASP A 2909 -45.99 10.00 -19.00
C ASP A 2909 -46.36 10.93 -20.16
N ASP A 2910 -46.94 10.38 -21.22
CA ASP A 2910 -47.26 11.19 -22.40
C ASP A 2910 -48.75 11.49 -22.52
N ILE A 2911 -49.09 12.72 -22.89
CA ILE A 2911 -50.49 13.07 -23.15
C ILE A 2911 -50.73 12.94 -24.64
N ILE A 2912 -51.64 12.06 -25.00
CA ILE A 2912 -51.93 11.78 -26.40
C ILE A 2912 -53.28 12.34 -26.78
N LEU A 2913 -53.27 13.28 -27.70
CA LEU A 2913 -54.50 13.92 -28.14
C LEU A 2913 -54.68 13.61 -29.60
N GLY A 2914 -55.92 13.69 -30.06
CA GLY A 2914 -56.17 13.58 -31.48
C GLY A 2914 -57.64 13.42 -31.73
N THR A 2915 -58.01 13.54 -33.00
CA THR A 2915 -59.39 13.37 -33.40
C THR A 2915 -59.48 12.31 -34.46
N THR A 2916 -60.72 11.91 -34.73
CA THR A 2916 -60.99 10.90 -35.74
C THR A 2916 -61.79 11.44 -36.92
N THR A 2917 -62.10 12.74 -36.94
CA THR A 2917 -62.93 13.22 -38.03
C THR A 2917 -62.11 13.74 -39.20
N ILE A 2918 -62.84 14.11 -40.26
CA ILE A 2918 -62.24 14.53 -41.51
C ILE A 2918 -62.58 15.99 -41.77
N ALA A 2919 -61.55 16.79 -42.00
CA ALA A 2919 -61.79 18.20 -42.20
C ALA A 2919 -60.70 18.86 -43.01
N ALA A 2920 -61.01 20.06 -43.48
CA ALA A 2920 -60.04 20.84 -44.24
C ALA A 2920 -58.95 21.36 -43.33
N SER A 2921 -59.32 21.69 -42.09
CA SER A 2921 -58.38 22.23 -41.14
C SER A 2921 -58.80 21.92 -39.71
N TYR A 2922 -57.82 21.69 -38.86
CA TYR A 2922 -58.06 21.38 -37.46
C TYR A 2922 -57.41 22.47 -36.64
N SER A 2923 -57.98 22.78 -35.48
CA SER A 2923 -57.38 23.77 -34.59
C SER A 2923 -57.49 23.36 -33.13
N TRP A 2924 -56.34 23.10 -32.52
CA TRP A 2924 -56.26 22.71 -31.12
C TRP A 2924 -55.64 23.80 -30.30
N THR A 2925 -56.13 23.97 -29.08
CA THR A 2925 -55.52 24.87 -28.10
C THR A 2925 -55.48 24.17 -26.76
N GLY A 2926 -54.67 24.69 -25.84
CA GLY A 2926 -54.65 24.12 -24.52
C GLY A 2926 -53.73 24.82 -23.53
N PRO A 2927 -53.54 24.19 -22.37
CA PRO A 2927 -52.70 24.67 -21.28
C PRO A 2927 -51.24 24.74 -21.65
N ASN A 2928 -50.51 25.60 -20.98
CA ASN A 2928 -49.06 25.72 -21.11
C ASN A 2928 -48.63 25.96 -22.56
N GLY A 2929 -49.38 26.77 -23.30
CA GLY A 2929 -48.99 27.12 -24.65
C GLY A 2929 -49.32 26.12 -25.73
N PHE A 2930 -50.04 25.06 -25.42
CA PHE A 2930 -50.30 24.03 -26.42
C PHE A 2930 -51.16 24.54 -27.56
N THR A 2931 -50.73 24.18 -28.78
CA THR A 2931 -51.49 24.46 -30.00
C THR A 2931 -51.08 23.48 -31.10
N SER A 2932 -52.04 23.20 -32.00
CA SER A 2932 -51.79 22.34 -33.15
C SER A 2932 -52.83 22.49 -34.24
N ASN A 2933 -52.46 22.17 -35.47
CA ASN A 2933 -53.40 22.18 -36.58
C ASN A 2933 -53.54 20.82 -37.25
N LEU A 2934 -53.26 19.75 -36.52
CA LEU A 2934 -53.30 18.38 -37.04
C LEU A 2934 -54.44 17.55 -36.46
N GLN A 2935 -54.67 16.40 -37.07
CA GLN A 2935 -55.66 15.48 -36.56
C GLN A 2935 -55.04 14.77 -35.44
N ASN A 2936 -53.76 14.68 -35.42
CA ASN A 2936 -53.01 14.00 -34.37
C ASN A 2936 -51.78 14.81 -33.97
N PRO A 2937 -51.96 15.76 -33.07
CA PRO A 2937 -50.90 16.63 -32.58
C PRO A 2937 -49.80 15.83 -31.97
N ALA A 2938 -48.59 16.36 -32.01
CA ALA A 2938 -47.49 15.65 -31.40
C ALA A 2938 -47.77 15.45 -29.93
N ALA A 2939 -47.37 14.30 -29.42
CA ALA A 2939 -47.58 13.99 -28.01
C ALA A 2939 -46.87 14.97 -27.13
N ILE A 2940 -47.48 15.28 -26.01
CA ILE A 2940 -46.84 16.12 -25.01
C ILE A 2940 -46.08 15.16 -24.13
N THR A 2941 -44.78 15.10 -24.32
CA THR A 2941 -44.01 14.09 -23.63
C THR A 2941 -43.53 14.62 -22.30
N ASN A 2942 -43.19 13.71 -21.41
CA ASN A 2942 -42.70 14.07 -20.10
C ASN A 2942 -43.67 15.05 -19.46
N ALA A 2943 -44.95 14.70 -19.48
CA ALA A 2943 -46.00 15.60 -19.02
C ALA A 2943 -45.82 15.98 -17.57
N SER A 2944 -46.10 17.25 -17.27
CA SER A 2944 -46.00 17.80 -15.94
C SER A 2944 -47.35 18.28 -15.41
N LEU A 2945 -47.41 18.61 -14.12
CA LEU A 2945 -48.68 19.11 -13.59
C LEU A 2945 -49.12 20.37 -14.32
N ILE A 2946 -48.17 21.16 -14.81
CA ILE A 2946 -48.49 22.40 -15.52
C ILE A 2946 -49.25 22.15 -16.82
N ASP A 2947 -49.19 20.94 -17.36
CA ASP A 2947 -49.84 20.56 -18.60
C ASP A 2947 -51.26 20.08 -18.37
N SER A 2948 -51.68 20.01 -17.12
CA SER A 2948 -53.03 19.57 -16.85
C SER A 2948 -54.00 20.66 -17.24
N GLY A 2949 -55.23 20.30 -17.54
CA GLY A 2949 -56.20 21.32 -17.87
C GLY A 2949 -57.12 20.89 -18.99
N ILE A 2950 -57.72 21.87 -19.67
CA ILE A 2950 -58.70 21.59 -20.72
C ILE A 2950 -58.09 21.81 -22.08
N TYR A 2951 -58.10 20.77 -22.90
CA TYR A 2951 -57.63 20.85 -24.26
C TYR A 2951 -58.86 21.00 -25.14
N ARG A 2952 -58.82 21.83 -26.17
CA ARG A 2952 -60.02 22.06 -26.97
C ARG A 2952 -59.79 21.97 -28.42
N LEU A 2953 -60.80 21.57 -29.15
CA LEU A 2953 -60.73 21.36 -30.60
C LEU A 2953 -61.90 21.94 -31.36
N VAL A 2954 -61.60 22.68 -32.42
CA VAL A 2954 -62.54 23.22 -33.39
C VAL A 2954 -62.16 22.75 -34.78
N VAL A 2955 -63.14 22.34 -35.58
CA VAL A 2955 -62.82 21.79 -36.90
C VAL A 2955 -63.50 22.53 -38.04
N THR A 2956 -62.72 22.86 -39.08
CA THR A 2956 -63.23 23.58 -40.25
C THR A 2956 -63.36 22.68 -41.47
N TYR A 2957 -64.53 22.73 -42.08
CA TYR A 2957 -64.85 21.91 -43.22
C TYR A 2957 -64.59 22.64 -44.53
N SER A 2958 -64.45 21.86 -45.60
CA SER A 2958 -64.14 22.38 -46.92
C SER A 2958 -65.23 23.27 -47.48
N ASN A 2959 -66.42 23.20 -46.92
CA ASN A 2959 -67.53 24.04 -47.34
C ASN A 2959 -67.58 25.35 -46.59
N GLY A 2960 -66.57 25.63 -45.76
CA GLY A 2960 -66.47 26.87 -45.01
C GLY A 2960 -67.17 26.86 -43.67
N CYS A 2961 -67.80 25.77 -43.31
CA CYS A 2961 -68.51 25.71 -42.05
C CYS A 2961 -67.57 25.28 -40.93
N VAL A 2962 -67.83 25.80 -39.73
CA VAL A 2962 -66.97 25.51 -38.58
C VAL A 2962 -67.77 24.84 -37.47
N SER A 2963 -67.26 23.72 -36.98
CA SER A 2963 -67.91 22.94 -35.96
C SER A 2963 -67.78 23.56 -34.57
N ALA A 2964 -68.59 23.07 -33.66
CA ALA A 2964 -68.59 23.53 -32.29
C ALA A 2964 -67.36 23.04 -31.54
N ASP A 2965 -66.87 23.89 -30.65
CA ASP A 2965 -65.71 23.53 -29.86
C ASP A 2965 -66.02 22.47 -28.83
N THR A 2966 -65.21 21.43 -28.81
CA THR A 2966 -65.39 20.34 -27.86
C THR A 2966 -64.17 20.24 -26.98
N THR A 2967 -64.26 19.46 -25.92
CA THR A 2967 -63.17 19.42 -24.96
C THR A 2967 -62.72 18.03 -24.53
N VAL A 2968 -61.47 17.99 -24.11
CA VAL A 2968 -60.86 16.84 -23.44
C VAL A 2968 -60.24 17.35 -22.15
N ARG A 2969 -60.61 16.83 -20.98
CA ARG A 2969 -59.97 17.33 -19.75
C ARG A 2969 -58.90 16.36 -19.25
N VAL A 2970 -57.64 16.78 -19.21
CA VAL A 2970 -56.52 15.90 -18.88
C VAL A 2970 -56.03 16.18 -17.48
N GLY A 2971 -56.14 15.22 -16.59
CA GLY A 2971 -55.61 15.38 -15.26
C GLY A 2971 -54.22 14.82 -15.24
N VAL A 2972 -53.36 15.36 -14.39
CA VAL A 2972 -52.02 14.82 -14.26
C VAL A 2972 -51.80 14.51 -12.79
N ASN A 2973 -51.41 13.28 -12.49
CA ASN A 2973 -51.19 12.88 -11.12
C ASN A 2973 -49.73 13.02 -10.72
N SER A 2974 -49.52 13.35 -9.46
CA SER A 2974 -48.18 13.44 -8.92
C SER A 2974 -47.67 12.05 -8.58
N ASN A 2975 -46.38 11.86 -8.71
CA ASN A 2975 -45.79 10.62 -8.26
C ASN A 2975 -45.54 10.71 -6.77
N PRO A 2976 -45.48 9.58 -6.07
CA PRO A 2976 -45.12 9.59 -4.65
C PRO A 2976 -43.74 10.19 -4.47
N PRO A 2977 -43.46 10.77 -3.30
CA PRO A 2977 -42.15 11.35 -3.00
C PRO A 2977 -41.10 10.30 -3.11
N VAL A 2978 -39.87 10.68 -3.44
CA VAL A 2978 -38.82 9.70 -3.50
C VAL A 2978 -38.51 9.21 -2.10
N PRO A 2979 -38.65 7.94 -1.83
CA PRO A 2979 -38.41 7.37 -0.52
C PRO A 2979 -36.94 7.19 -0.23
N ASN A 2980 -36.59 7.27 1.05
CA ASN A 2980 -35.24 7.00 1.52
C ASN A 2980 -35.21 5.66 2.24
N ILE A 2981 -34.53 4.67 1.63
CA ILE A 2981 -34.43 3.31 2.16
C ILE A 2981 -33.31 3.25 3.17
N VAL A 2982 -33.59 2.61 4.30
CA VAL A 2982 -32.66 2.39 5.38
C VAL A 2982 -32.60 0.90 5.69
N SER A 2983 -31.39 0.35 5.78
CA SER A 2983 -31.18 -1.06 6.08
C SER A 2983 -30.70 -1.23 7.52
N ASN A 2984 -30.45 -2.48 7.92
CA ASN A 2984 -29.94 -2.77 9.26
C ASN A 2984 -28.43 -2.66 9.34
N GLY A 2985 -27.76 -2.27 8.27
CA GLY A 2985 -26.32 -2.18 8.33
C GLY A 2985 -25.72 -3.54 8.08
N PRO A 2986 -24.46 -3.72 8.44
CA PRO A 2986 -23.64 -4.90 8.16
C PRO A 2986 -24.02 -6.08 9.05
N ILE A 2987 -25.19 -6.61 8.73
CA ILE A 2987 -25.83 -7.73 9.41
C ILE A 2987 -25.02 -9.02 9.23
N CYS A 2988 -24.97 -9.88 10.26
CA CYS A 2988 -24.30 -11.19 10.18
C CYS A 2988 -25.23 -12.20 9.53
N PHE A 2989 -24.65 -13.07 8.71
CA PHE A 2989 -25.44 -14.07 8.06
C PHE A 2989 -26.23 -14.88 9.07
N GLY A 2990 -27.51 -15.05 8.79
CA GLY A 2990 -28.40 -15.81 9.62
C GLY A 2990 -29.37 -14.96 10.40
N ASP A 2991 -29.15 -13.66 10.36
CA ASP A 2991 -30.04 -12.71 11.07
C ASP A 2991 -31.00 -12.14 10.12
N THR A 2992 -32.11 -11.63 10.58
CA THR A 2992 -33.18 -11.23 9.66
C THR A 2992 -32.87 -9.87 9.04
N LEU A 2993 -32.96 -9.77 7.73
CA LEU A 2993 -32.63 -8.55 7.02
C LEU A 2993 -33.86 -7.67 6.89
N VAL A 2994 -33.78 -6.44 7.36
CA VAL A 2994 -34.93 -5.57 7.30
C VAL A 2994 -34.60 -4.33 6.52
N LEU A 2995 -35.43 -4.04 5.53
CA LEU A 2995 -35.30 -2.85 4.73
C LEU A 2995 -36.56 -2.02 4.91
N SER A 2996 -36.42 -0.73 5.20
CA SER A 2996 -37.61 0.05 5.45
C SER A 2996 -37.45 1.50 5.02
N SER A 2997 -38.55 2.22 5.05
CA SER A 2997 -38.53 3.63 4.72
C SER A 2997 -39.64 4.37 5.44
N SER A 2998 -39.35 5.62 5.80
CA SER A 2998 -40.32 6.48 6.48
C SER A 2998 -41.38 7.02 5.57
N THR A 2999 -41.20 6.92 4.26
CA THR A 2999 -42.16 7.47 3.33
C THR A 2999 -43.38 6.57 3.26
N SER A 3000 -44.55 7.17 3.36
CA SER A 3000 -45.78 6.41 3.32
C SER A 3000 -46.14 6.10 1.87
N CYS A 3001 -46.18 4.81 1.53
CA CYS A 3001 -46.43 4.27 0.19
C CYS A 3001 -47.50 3.19 0.30
N GLY A 3002 -48.41 3.15 -0.68
CA GLY A 3002 -49.47 2.16 -0.67
C GLY A 3002 -48.94 0.75 -0.75
N GLN A 3003 -48.15 0.49 -1.77
CA GLN A 3003 -47.48 -0.78 -1.93
C GLN A 3003 -46.02 -0.52 -2.18
N SER A 3004 -45.20 -1.49 -1.87
CA SER A 3004 -43.78 -1.32 -2.02
C SER A 3004 -43.15 -2.53 -2.67
N GLN A 3005 -42.58 -2.31 -3.81
CA GLN A 3005 -41.99 -3.36 -4.60
C GLN A 3005 -40.50 -3.28 -4.47
N TRP A 3006 -39.88 -4.30 -3.92
CA TRP A 3006 -38.46 -4.26 -3.64
C TRP A 3006 -37.70 -4.92 -4.75
N ILE A 3007 -36.64 -4.29 -5.18
CA ILE A 3007 -35.84 -4.80 -6.26
C ILE A 3007 -34.49 -5.21 -5.73
N GLY A 3008 -34.23 -6.49 -5.70
CA GLY A 3008 -32.96 -7.00 -5.24
C GLY A 3008 -32.21 -7.47 -6.44
N PRO A 3009 -31.15 -8.23 -6.24
CA PRO A 3009 -30.36 -8.80 -7.33
C PRO A 3009 -31.15 -9.69 -8.30
N ASN A 3010 -32.28 -10.22 -7.85
CA ASN A 3010 -33.16 -11.05 -8.65
C ASN A 3010 -34.40 -10.31 -9.17
N GLY A 3011 -34.47 -8.99 -9.03
CA GLY A 3011 -35.69 -8.26 -9.27
C GLY A 3011 -35.96 -7.81 -10.70
N ASN A 3012 -37.04 -7.02 -10.75
CA ASN A 3012 -37.56 -6.44 -11.95
C ASN A 3012 -38.11 -7.37 -12.97
N SER A 3013 -38.76 -8.46 -12.59
CA SER A 3013 -39.45 -9.35 -13.51
C SER A 3013 -40.59 -10.08 -12.82
N GLN A 3014 -41.59 -10.50 -13.60
CA GLN A 3014 -42.80 -11.14 -13.07
C GLN A 3014 -42.56 -12.49 -12.41
N SER A 3015 -41.45 -13.13 -12.67
CA SER A 3015 -41.16 -14.41 -12.06
C SER A 3015 -40.59 -14.26 -10.66
N THR A 3016 -40.24 -13.04 -10.28
CA THR A 3016 -39.69 -12.72 -8.98
C THR A 3016 -40.65 -11.88 -8.16
N LEU A 3017 -41.18 -10.83 -8.78
CA LEU A 3017 -42.07 -9.90 -8.13
C LEU A 3017 -43.49 -10.40 -8.29
N GLY A 3018 -43.81 -11.45 -7.56
CA GLY A 3018 -45.11 -12.07 -7.70
C GLY A 3018 -46.18 -11.29 -6.96
N THR A 3019 -47.41 -11.78 -7.03
CA THR A 3019 -48.58 -11.14 -6.45
C THR A 3019 -48.33 -10.54 -5.06
N PRO A 3020 -48.67 -9.26 -4.85
CA PRO A 3020 -48.42 -8.54 -3.60
C PRO A 3020 -49.18 -9.05 -2.40
N GLY A 3021 -48.57 -8.90 -1.24
CA GLY A 3021 -49.17 -9.29 0.02
C GLY A 3021 -48.85 -10.72 0.33
N GLY A 3022 -49.17 -11.14 1.56
CA GLY A 3022 -48.87 -12.51 1.94
C GLY A 3022 -47.37 -12.68 2.12
N SER A 3023 -46.90 -13.92 1.98
CA SER A 3023 -45.49 -14.22 2.20
C SER A 3023 -44.66 -13.91 0.96
N ASN A 3024 -44.58 -12.62 0.66
CA ASN A 3024 -43.89 -12.14 -0.54
C ASN A 3024 -42.98 -11.00 -0.11
N VAL A 3025 -41.72 -11.31 0.19
CA VAL A 3025 -40.85 -10.31 0.74
C VAL A 3025 -40.52 -9.22 -0.25
N LEU A 3026 -40.69 -9.45 -1.53
CA LEU A 3026 -40.38 -8.42 -2.51
C LEU A 3026 -41.57 -7.60 -2.96
N TRP A 3027 -42.77 -7.87 -2.49
CA TRP A 3027 -43.85 -7.01 -2.91
C TRP A 3027 -44.87 -6.97 -1.78
N THR A 3028 -44.70 -5.97 -0.95
CA THR A 3028 -45.39 -5.81 0.28
C THR A 3028 -46.51 -4.82 0.13
N ILE A 3029 -47.26 -4.64 1.20
CA ILE A 3029 -48.37 -3.72 1.22
C ILE A 3029 -48.09 -2.63 2.24
N GLY A 3030 -46.82 -2.23 2.32
CA GLY A 3030 -46.35 -1.12 3.15
C GLY A 3030 -44.84 -1.02 2.98
N SER A 3031 -44.24 0.03 3.55
CA SER A 3031 -42.81 0.28 3.33
C SER A 3031 -41.81 -0.68 3.99
N THR A 3032 -42.17 -1.53 4.95
CA THR A 3032 -41.15 -2.37 5.60
C THR A 3032 -41.21 -3.82 5.18
N THR A 3033 -40.05 -4.39 4.80
CA THR A 3033 -39.96 -5.80 4.43
C THR A 3033 -38.90 -6.52 5.22
N SER A 3034 -39.21 -7.76 5.62
CA SER A 3034 -38.29 -8.59 6.38
C SER A 3034 -37.93 -9.83 5.61
N ILE A 3035 -36.65 -10.06 5.37
CA ILE A 3035 -36.17 -11.20 4.60
C ILE A 3035 -35.43 -12.16 5.53
N PRO A 3036 -35.98 -13.34 5.81
CA PRO A 3036 -35.37 -14.38 6.64
C PRO A 3036 -34.16 -14.96 5.97
N MET A 3037 -33.31 -15.66 6.74
CA MET A 3037 -32.13 -16.26 6.09
C MET A 3037 -32.53 -17.38 5.14
N ASN A 3038 -33.63 -18.05 5.39
CA ASN A 3038 -34.09 -19.11 4.51
C ASN A 3038 -34.99 -18.54 3.44
N ASN A 3039 -34.39 -17.70 2.61
CA ASN A 3039 -35.13 -17.02 1.56
C ASN A 3039 -34.21 -16.77 0.37
N ALA A 3040 -34.72 -17.05 -0.81
CA ALA A 3040 -33.95 -16.91 -2.02
C ALA A 3040 -33.42 -15.51 -2.23
N ASN A 3041 -34.08 -14.52 -1.66
CA ASN A 3041 -33.71 -13.13 -1.89
C ASN A 3041 -32.87 -12.55 -0.75
N TYR A 3042 -32.39 -13.37 0.16
CA TYR A 3042 -31.53 -12.91 1.25
C TYR A 3042 -30.13 -12.68 0.72
N LEU A 3043 -29.99 -11.62 -0.03
CA LEU A 3043 -28.75 -11.37 -0.74
C LEU A 3043 -28.15 -9.99 -0.45
N PRO A 3044 -26.84 -9.90 -0.45
CA PRO A 3044 -26.11 -8.63 -0.38
C PRO A 3044 -26.16 -7.94 -1.71
N GLY A 3045 -25.87 -6.65 -1.75
CA GLY A 3045 -25.80 -5.97 -3.03
C GLY A 3045 -26.70 -4.75 -3.09
N ASN A 3046 -26.95 -4.25 -4.30
CA ASN A 3046 -27.67 -2.99 -4.44
C ASN A 3046 -29.18 -3.18 -4.54
N TRP A 3047 -29.87 -2.67 -3.54
CA TRP A 3047 -31.31 -2.78 -3.41
C TRP A 3047 -32.00 -1.44 -3.67
N TYR A 3048 -33.20 -1.48 -4.22
CA TYR A 3048 -33.93 -0.24 -4.33
C TYR A 3048 -35.37 -0.56 -4.06
N MET A 3049 -36.23 0.43 -4.06
CA MET A 3049 -37.63 0.26 -3.77
C MET A 3049 -38.45 1.10 -4.72
N ILE A 3050 -39.58 0.57 -5.14
CA ILE A 3050 -40.51 1.33 -5.96
C ILE A 3050 -41.80 1.53 -5.18
N CYS A 3051 -42.21 2.79 -4.95
CA CYS A 3051 -43.45 3.10 -4.25
C CYS A 3051 -44.57 3.12 -5.26
N ILE A 3052 -45.61 2.38 -4.96
CA ILE A 3052 -46.74 2.23 -5.83
C ILE A 3052 -47.96 2.88 -5.20
N ASP A 3053 -48.56 3.80 -5.93
CA ASP A 3053 -49.77 4.45 -5.49
C ASP A 3053 -50.94 3.59 -5.94
N THR A 3054 -51.64 3.02 -4.98
CA THR A 3054 -52.70 2.05 -5.26
C THR A 3054 -53.99 2.70 -5.71
N VAL A 3055 -54.05 4.03 -5.72
CA VAL A 3055 -55.22 4.74 -6.17
C VAL A 3055 -55.06 5.22 -7.60
N THR A 3056 -53.88 5.76 -7.93
CA THR A 3056 -53.62 6.34 -9.23
C THR A 3056 -52.81 5.46 -10.17
N GLY A 3057 -52.06 4.50 -9.65
CA GLY A 3057 -51.15 3.71 -10.45
C GLY A 3057 -49.74 4.29 -10.66
N CYS A 3058 -49.43 5.44 -10.03
CA CYS A 3058 -48.15 6.15 -10.14
C CYS A 3058 -47.02 5.45 -9.38
N ARG A 3059 -45.81 5.53 -9.92
CA ARG A 3059 -44.64 4.90 -9.31
C ARG A 3059 -43.47 5.85 -9.10
N SER A 3060 -42.78 5.67 -7.98
CA SER A 3060 -41.64 6.51 -7.65
C SER A 3060 -40.47 5.73 -7.08
N GLU A 3061 -39.31 5.87 -7.67
CA GLU A 3061 -38.18 5.07 -7.24
C GLU A 3061 -37.35 5.65 -6.20
N SER A 3062 -36.81 4.86 -5.39
CA SER A 3062 -36.01 5.16 -4.21
C SER A 3062 -34.53 5.37 -4.45
N ASN A 3063 -33.85 5.44 -3.32
CA ASN A 3063 -32.44 5.65 -3.37
C ASN A 3063 -31.86 4.31 -3.38
N THR A 3064 -30.55 4.20 -3.52
CA THR A 3064 -29.98 2.86 -3.63
C THR A 3064 -29.12 2.55 -2.42
N ILE A 3065 -29.28 1.37 -1.86
CA ILE A 3065 -28.48 1.00 -0.71
C ILE A 3065 -27.65 -0.24 -0.99
N ASN A 3066 -26.48 -0.31 -0.37
CA ASN A 3066 -25.63 -1.48 -0.50
C ASN A 3066 -25.77 -2.33 0.75
N VAL A 3067 -26.46 -3.44 0.62
CA VAL A 3067 -26.69 -4.29 1.78
C VAL A 3067 -25.51 -5.21 1.94
N ILE A 3068 -24.96 -5.25 3.14
CA ILE A 3068 -23.81 -6.09 3.43
C ILE A 3068 -24.20 -7.18 4.38
N ILE A 3069 -23.97 -8.43 4.00
CA ILE A 3069 -24.23 -9.56 4.86
C ILE A 3069 -22.89 -10.22 5.12
N ASN A 3070 -22.48 -10.29 6.38
CA ASN A 3070 -21.17 -10.82 6.71
C ASN A 3070 -21.21 -12.32 6.98
N ALA A 3071 -20.11 -13.00 6.67
CA ALA A 3071 -20.04 -14.42 6.95
C ALA A 3071 -19.68 -14.67 8.40
N ASN A 3072 -20.18 -15.77 8.93
CA ASN A 3072 -19.79 -16.26 10.24
C ASN A 3072 -18.57 -17.16 10.05
N PRO A 3073 -17.44 -16.90 10.71
CA PRO A 3073 -16.23 -17.70 10.55
C PRO A 3073 -16.48 -19.16 10.93
N ASP A 3074 -15.71 -20.06 10.32
CA ASP A 3074 -15.82 -21.50 10.52
C ASP A 3074 -15.47 -21.88 11.94
N THR A 3075 -16.04 -22.99 12.41
CA THR A 3075 -15.66 -23.49 13.71
C THR A 3075 -14.17 -23.68 13.65
N PRO A 3076 -13.39 -23.03 14.50
CA PRO A 3076 -11.93 -23.10 14.44
C PRO A 3076 -11.44 -24.43 14.95
N ALA A 3077 -10.31 -24.88 14.43
CA ALA A 3077 -9.67 -26.05 14.98
C ALA A 3077 -8.76 -25.63 16.10
N VAL A 3078 -8.67 -26.44 17.14
CA VAL A 3078 -7.78 -26.12 18.23
C VAL A 3078 -6.87 -27.29 18.51
N PHE A 3079 -5.58 -27.03 18.59
CA PHE A 3079 -4.59 -28.08 18.82
C PHE A 3079 -3.78 -27.78 20.06
N ASN A 3080 -3.16 -28.81 20.64
CA ASN A 3080 -2.34 -28.57 21.82
C ASN A 3080 -1.04 -29.37 21.74
N ASP A 3081 -0.25 -29.34 22.82
CA ASP A 3081 1.08 -29.95 22.85
C ASP A 3081 1.06 -31.41 23.23
N GLY A 3082 -0.10 -32.01 23.38
CA GLY A 3082 -0.17 -33.41 23.70
C GLY A 3082 -0.12 -33.60 25.19
N PRO A 3083 0.03 -34.84 25.60
CA PRO A 3083 0.00 -35.21 27.01
C PRO A 3083 1.03 -34.43 27.78
N VAL A 3084 0.64 -33.97 28.97
CA VAL A 3084 1.48 -33.18 29.85
C VAL A 3084 1.46 -33.85 31.21
N CYS A 3085 2.58 -33.82 31.97
CA CYS A 3085 2.60 -34.41 33.31
C CYS A 3085 1.82 -33.54 34.29
N GLU A 3086 1.30 -34.16 35.34
CA GLU A 3086 0.54 -33.41 36.32
C GLU A 3086 1.35 -32.22 36.82
N GLY A 3087 0.74 -31.05 36.79
CA GLY A 3087 1.39 -29.83 37.24
C GLY A 3087 2.13 -29.10 36.15
N GLY A 3088 2.20 -29.67 34.97
CA GLY A 3088 2.93 -29.04 33.89
C GLY A 3088 2.09 -28.06 33.10
N ASN A 3089 2.71 -27.44 32.13
CA ASN A 3089 2.05 -26.45 31.30
C ASN A 3089 1.95 -26.96 29.88
N SER A 3090 0.99 -26.43 29.11
CA SER A 3090 0.91 -26.78 27.70
C SER A 3090 0.37 -25.65 26.87
N ASN A 3091 0.81 -25.55 25.62
CA ASN A 3091 0.30 -24.50 24.76
C ASN A 3091 -0.90 -24.97 23.99
N LEU A 3092 -1.77 -24.04 23.66
CA LEU A 3092 -2.85 -24.29 22.76
C LEU A 3092 -2.53 -23.51 21.50
N SER A 3093 -3.03 -23.95 20.36
CA SER A 3093 -2.83 -23.14 19.18
C SER A 3093 -3.99 -23.25 18.21
N THR A 3094 -4.19 -22.19 17.43
CA THR A 3094 -5.22 -22.22 16.41
C THR A 3094 -4.76 -21.53 15.14
N ALA A 3095 -5.66 -21.53 14.16
CA ALA A 3095 -5.41 -20.96 12.83
C ALA A 3095 -5.38 -19.45 12.88
N THR A 3096 -4.61 -18.84 11.99
CA THR A 3096 -4.61 -17.39 11.92
C THR A 3096 -5.73 -16.96 11.00
N VAL A 3097 -6.60 -16.10 11.49
CA VAL A 3097 -7.72 -15.62 10.72
C VAL A 3097 -7.56 -14.12 10.59
N SER A 3098 -7.43 -13.64 9.37
CA SER A 3098 -7.18 -12.21 9.21
C SER A 3098 -8.37 -11.41 9.69
N GLY A 3099 -8.09 -10.38 10.48
CA GLY A 3099 -9.12 -9.51 11.00
C GLY A 3099 -9.83 -10.05 12.22
N ALA A 3100 -9.40 -11.18 12.75
CA ALA A 3100 -10.10 -11.79 13.86
C ALA A 3100 -9.56 -11.40 15.20
N SER A 3101 -10.45 -11.36 16.16
CA SER A 3101 -10.07 -11.33 17.55
C SER A 3101 -10.32 -12.71 18.08
N TYR A 3102 -9.59 -13.12 19.10
CA TYR A 3102 -9.75 -14.46 19.63
C TYR A 3102 -10.15 -14.40 21.08
N ALA A 3103 -11.05 -15.28 21.50
CA ALA A 3103 -11.42 -15.34 22.90
C ALA A 3103 -11.48 -16.77 23.37
N TRP A 3104 -10.70 -17.09 24.37
CA TRP A 3104 -10.65 -18.43 24.92
C TRP A 3104 -11.40 -18.46 26.22
N TYR A 3105 -12.28 -19.43 26.37
CA TYR A 3105 -13.13 -19.54 27.52
C TYR A 3105 -12.84 -20.80 28.32
N SER A 3106 -13.01 -20.72 29.62
CA SER A 3106 -12.71 -21.87 30.45
C SER A 3106 -13.76 -22.93 30.44
N ASP A 3107 -15.00 -22.64 30.06
CA ASP A 3107 -16.01 -23.67 30.22
C ASP A 3107 -17.10 -23.59 29.17
N SER A 3108 -17.97 -24.59 29.23
CA SER A 3108 -19.13 -24.69 28.38
C SER A 3108 -20.02 -23.50 28.64
N SER A 3109 -20.70 -23.07 27.60
CA SER A 3109 -21.57 -21.91 27.63
C SER A 3109 -20.79 -20.61 27.64
N LEU A 3110 -19.47 -20.67 27.59
CA LEU A 3110 -18.66 -19.49 27.39
C LEU A 3110 -18.93 -18.41 28.42
N THR A 3111 -18.98 -18.78 29.69
CA THR A 3111 -19.32 -17.82 30.73
C THR A 3111 -18.13 -17.12 31.36
N SER A 3112 -16.93 -17.66 31.19
CA SER A 3112 -15.76 -17.09 31.83
C SER A 3112 -14.60 -17.07 30.86
N LEU A 3113 -14.03 -15.90 30.65
CA LEU A 3113 -12.96 -15.68 29.69
C LEU A 3113 -11.64 -15.90 30.38
N VAL A 3114 -10.72 -16.61 29.74
CA VAL A 3114 -9.40 -16.83 30.32
C VAL A 3114 -8.29 -16.14 29.56
N SER A 3115 -8.35 -16.10 28.23
CA SER A 3115 -7.30 -15.41 27.51
C SER A 3115 -7.78 -14.95 26.14
N THR A 3116 -7.04 -14.00 25.58
CA THR A 3116 -7.32 -13.48 24.25
C THR A 3116 -6.02 -13.52 23.48
N ALA A 3117 -5.72 -14.64 22.86
CA ALA A 3117 -4.45 -14.78 22.18
C ALA A 3117 -4.56 -15.81 21.07
N GLN A 3118 -3.70 -15.71 20.08
CA GLN A 3118 -3.82 -16.80 19.13
C GLN A 3118 -3.34 -18.09 19.77
N ASN A 3119 -2.25 -18.08 20.53
CA ASN A 3119 -1.67 -19.32 21.07
C ASN A 3119 -1.40 -19.25 22.57
N PRO A 3120 -2.42 -19.26 23.42
CA PRO A 3120 -2.25 -19.11 24.86
C PRO A 3120 -1.75 -20.37 25.51
N MET A 3121 -1.20 -20.23 26.72
CA MET A 3121 -0.75 -21.37 27.50
C MET A 3121 -1.66 -21.66 28.68
N ILE A 3122 -1.90 -22.94 28.94
CA ILE A 3122 -2.60 -23.35 30.14
C ILE A 3122 -1.53 -23.70 31.15
N VAL A 3123 -1.59 -23.11 32.32
CA VAL A 3123 -0.56 -23.27 33.33
C VAL A 3123 -1.05 -24.11 34.50
N ASN A 3124 -0.17 -24.99 35.00
CA ASN A 3124 -0.43 -25.85 36.16
C ASN A 3124 -1.65 -26.76 35.97
N ILE A 3125 -1.59 -27.61 34.96
CA ILE A 3125 -2.70 -28.51 34.65
C ILE A 3125 -2.66 -29.70 35.58
N SER A 3126 -3.68 -29.89 36.39
CA SER A 3126 -3.69 -31.06 37.26
C SER A 3126 -4.48 -32.23 36.69
N THR A 3127 -5.46 -31.95 35.86
CA THR A 3127 -6.28 -33.00 35.30
C THR A 3127 -6.61 -32.72 33.85
N ASP A 3128 -7.29 -33.66 33.20
CA ASP A 3128 -7.64 -33.43 31.81
C ASP A 3128 -8.46 -32.17 31.74
N THR A 3129 -8.12 -31.25 30.87
CA THR A 3129 -8.85 -30.00 30.87
C THR A 3129 -9.17 -29.53 29.47
N THR A 3130 -10.23 -28.75 29.33
CA THR A 3130 -10.63 -28.24 28.03
C THR A 3130 -10.84 -26.75 28.00
N TRP A 3131 -10.38 -26.12 26.93
CA TRP A 3131 -10.67 -24.73 26.66
C TRP A 3131 -11.48 -24.58 25.38
N TYR A 3132 -12.35 -23.58 25.34
CA TYR A 3132 -13.21 -23.32 24.21
C TYR A 3132 -12.79 -22.07 23.47
N LEU A 3133 -12.85 -22.08 22.14
CA LEU A 3133 -12.38 -20.93 21.37
C LEU A 3133 -13.43 -20.32 20.47
N VAL A 3134 -13.59 -19.01 20.58
CA VAL A 3134 -14.50 -18.28 19.72
C VAL A 3134 -13.72 -17.25 18.91
N VAL A 3135 -13.91 -17.26 17.60
CA VAL A 3135 -13.21 -16.34 16.72
C VAL A 3135 -14.20 -15.33 16.21
N THR A 3136 -13.93 -14.03 16.39
CA THR A 3136 -14.88 -13.03 15.95
C THR A 3136 -14.30 -12.13 14.86
N VAL A 3137 -15.00 -12.02 13.75
CA VAL A 3137 -14.55 -11.21 12.61
C VAL A 3137 -15.63 -10.22 12.21
N ASN A 3138 -15.31 -8.94 12.18
CA ASN A 3138 -16.27 -7.91 11.79
C ASN A 3138 -17.54 -7.99 12.62
N GLY A 3139 -17.41 -8.34 13.89
CA GLY A 3139 -18.56 -8.45 14.78
C GLY A 3139 -19.32 -9.77 14.79
N CYS A 3140 -19.00 -10.73 13.89
CA CYS A 3140 -19.69 -12.01 13.77
C CYS A 3140 -18.86 -13.11 14.47
N SER A 3141 -19.46 -13.82 15.40
CA SER A 3141 -18.73 -14.81 16.18
C SER A 3141 -18.96 -16.23 15.67
N SER A 3142 -17.90 -17.02 15.66
CA SER A 3142 -17.95 -18.41 15.29
C SER A 3142 -18.48 -19.27 16.40
N VAL A 3143 -18.79 -20.51 16.06
CA VAL A 3143 -19.23 -21.50 17.02
C VAL A 3143 -17.99 -21.94 17.77
N ALA A 3144 -18.06 -22.04 19.08
CA ALA A 3144 -16.85 -22.35 19.82
C ALA A 3144 -16.26 -23.68 19.41
N GLY A 3145 -14.96 -23.67 19.15
CA GLY A 3145 -14.21 -24.88 18.91
C GLY A 3145 -13.63 -25.29 20.24
N SER A 3146 -12.88 -26.39 20.30
CA SER A 3146 -12.36 -26.77 21.60
C SER A 3146 -11.25 -27.76 21.50
N THR A 3147 -10.48 -27.89 22.58
CA THR A 3147 -9.52 -28.98 22.66
C THR A 3147 -9.28 -29.44 24.07
N THR A 3148 -8.88 -30.71 24.19
CA THR A 3148 -8.62 -31.32 25.48
C THR A 3148 -7.14 -31.61 25.65
N VAL A 3149 -6.58 -31.15 26.75
CA VAL A 3149 -5.20 -31.45 27.08
C VAL A 3149 -5.25 -32.60 28.04
N ILE A 3150 -4.58 -33.67 27.69
CA ILE A 3150 -4.56 -34.89 28.48
C ILE A 3150 -3.43 -34.84 29.48
N VAL A 3151 -3.72 -35.19 30.71
CA VAL A 3151 -2.68 -35.26 31.69
C VAL A 3151 -2.20 -36.69 31.73
N HIS A 3152 -0.90 -36.86 31.55
CA HIS A 3152 -0.27 -38.18 31.54
C HIS A 3152 -0.47 -38.82 32.89
N PRO A 3153 -0.78 -40.12 32.92
CA PRO A 3153 -1.01 -40.82 34.17
C PRO A 3153 0.23 -40.88 35.02
N THR A 3154 0.12 -40.56 36.30
CA THR A 3154 1.23 -40.57 37.25
C THR A 3154 1.83 -41.97 37.32
N PRO A 3155 3.14 -42.11 37.23
CA PRO A 3155 3.82 -43.41 37.27
C PRO A 3155 3.75 -44.02 38.65
N VAL A 3156 3.94 -45.34 38.68
CA VAL A 3156 3.81 -46.18 39.86
C VAL A 3156 4.98 -46.02 40.82
N THR A 3157 4.65 -46.00 42.11
CA THR A 3157 5.57 -45.88 43.23
C THR A 3157 6.69 -46.93 43.10
N PRO A 3158 7.97 -46.55 43.27
CA PRO A 3158 9.13 -47.44 43.14
C PRO A 3158 9.11 -48.63 44.07
N ASN A 3159 9.75 -49.71 43.64
CA ASN A 3159 9.89 -50.92 44.44
C ASN A 3159 11.22 -50.88 45.20
N VAL A 3160 11.16 -50.72 46.51
CA VAL A 3160 12.30 -50.53 47.40
C VAL A 3160 12.21 -51.57 48.51
N PRO A 3161 13.34 -52.11 49.00
CA PRO A 3161 13.39 -53.15 50.04
C PRO A 3161 12.70 -52.79 51.35
N ALA A 3162 12.36 -53.83 52.09
CA ALA A 3162 11.73 -53.74 53.39
C ALA A 3162 12.73 -53.23 54.40
N ASN A 3163 12.23 -52.78 55.55
CA ASN A 3163 13.13 -52.24 56.55
C ASN A 3163 14.27 -53.20 56.82
N PHE A 3164 15.49 -52.69 56.76
CA PHE A 3164 16.55 -53.61 57.09
C PHE A 3164 17.38 -53.09 58.23
N ALA A 3165 18.25 -53.95 58.71
CA ALA A 3165 19.20 -53.65 59.76
C ALA A 3165 20.57 -54.10 59.34
N VAL A 3166 21.58 -53.32 59.69
CA VAL A 3166 22.96 -53.61 59.38
C VAL A 3166 23.75 -53.55 60.68
N CYS A 3167 24.73 -54.43 60.82
CA CYS A 3167 25.60 -54.35 61.98
C CYS A 3167 26.61 -53.24 61.80
N GLU A 3168 26.90 -52.52 62.87
CA GLU A 3168 27.91 -51.48 62.78
C GLU A 3168 29.19 -52.06 62.21
N GLY A 3169 29.74 -51.36 61.22
CA GLY A 3169 30.94 -51.75 60.50
C GLY A 3169 30.68 -52.49 59.20
N ASP A 3170 29.47 -53.00 58.99
CA ASP A 3170 29.09 -53.75 57.81
C ASP A 3170 28.56 -52.80 56.74
N ASN A 3171 28.13 -53.31 55.60
CA ASN A 3171 27.70 -52.46 54.49
C ASN A 3171 26.19 -52.25 54.42
N ILE A 3172 25.80 -51.06 53.94
CA ILE A 3172 24.40 -50.77 53.64
C ILE A 3172 24.23 -50.76 52.14
N THR A 3173 23.44 -51.67 51.62
CA THR A 3173 23.26 -51.77 50.20
C THR A 3173 21.84 -51.39 49.86
N LEU A 3174 21.70 -50.49 48.91
CA LEU A 3174 20.40 -50.04 48.49
C LEU A 3174 20.26 -50.40 47.04
N SER A 3175 19.03 -50.69 46.63
CA SER A 3175 18.75 -50.96 45.23
C SER A 3175 17.26 -50.83 44.99
N THR A 3176 16.88 -50.68 43.73
CA THR A 3176 15.48 -50.76 43.38
C THR A 3176 15.25 -51.73 42.25
N SER A 3177 14.09 -52.34 42.24
CA SER A 3177 13.74 -53.34 41.25
C SER A 3177 13.06 -52.77 40.01
N THR A 3178 12.75 -51.48 40.00
CA THR A 3178 12.03 -50.92 38.87
C THR A 3178 12.96 -50.25 37.87
N VAL A 3179 12.40 -49.99 36.70
CA VAL A 3179 13.13 -49.36 35.61
C VAL A 3179 12.69 -47.90 35.45
N ALA A 3180 13.65 -47.01 35.36
CA ALA A 3180 13.39 -45.59 35.28
C ALA A 3180 14.29 -44.91 34.28
N SER A 3181 13.86 -43.73 33.82
CA SER A 3181 14.74 -42.88 33.05
C SER A 3181 15.85 -42.43 33.93
N SER A 3182 15.51 -42.09 35.16
CA SER A 3182 16.46 -41.71 36.17
C SER A 3182 15.89 -42.02 37.54
N TYR A 3183 16.77 -42.15 38.49
CA TYR A 3183 16.36 -42.43 39.84
C TYR A 3183 16.80 -41.25 40.69
N ASN A 3184 16.08 -40.98 41.77
CA ASN A 3184 16.46 -39.94 42.71
C ASN A 3184 16.40 -40.45 44.14
N TRP A 3185 17.54 -40.86 44.67
CA TRP A 3185 17.65 -41.35 46.04
C TRP A 3185 18.16 -40.26 46.94
N SER A 3186 17.72 -40.25 48.19
CA SER A 3186 18.28 -39.34 49.18
C SER A 3186 18.23 -39.93 50.59
N GLY A 3187 19.10 -39.46 51.47
CA GLY A 3187 19.10 -39.96 52.83
C GLY A 3187 20.10 -39.34 53.79
N PRO A 3188 20.32 -40.02 54.92
CA PRO A 3188 21.19 -39.60 56.00
C PRO A 3188 22.61 -39.34 55.53
N ASN A 3189 23.29 -38.40 56.17
CA ASN A 3189 24.67 -38.06 55.81
C ASN A 3189 24.74 -37.52 54.39
N GLY A 3190 23.67 -36.96 53.84
CA GLY A 3190 23.78 -36.35 52.55
C GLY A 3190 23.78 -37.35 51.43
N PHE A 3191 23.48 -38.60 51.76
CA PHE A 3191 23.46 -39.64 50.76
C PHE A 3191 22.57 -39.24 49.62
N THR A 3192 23.08 -39.47 48.43
CA THR A 3192 22.30 -39.22 47.23
C THR A 3192 22.80 -40.10 46.11
N SER A 3193 21.90 -40.43 45.20
CA SER A 3193 22.24 -41.25 44.04
C SER A 3193 21.24 -41.11 42.91
N ASN A 3194 21.74 -41.21 41.69
CA ASN A 3194 20.85 -41.13 40.54
C ASN A 3194 20.73 -42.43 39.76
N VAL A 3195 21.05 -43.57 40.37
CA VAL A 3195 21.02 -44.84 39.66
C VAL A 3195 20.17 -45.91 40.36
N GLN A 3196 19.92 -46.98 39.62
CA GLN A 3196 19.17 -48.15 40.09
C GLN A 3196 19.87 -48.85 41.23
N ASN A 3197 21.20 -48.85 41.21
CA ASN A 3197 22.02 -49.51 42.22
C ASN A 3197 23.10 -48.56 42.75
N PRO A 3198 22.76 -47.75 43.77
CA PRO A 3198 23.62 -46.73 44.35
C PRO A 3198 24.86 -47.32 44.96
N VAL A 3199 25.87 -46.45 45.10
CA VAL A 3199 27.12 -46.86 45.70
C VAL A 3199 26.87 -47.33 47.10
N VAL A 3200 27.46 -48.46 47.45
CA VAL A 3200 27.32 -49.08 48.74
C VAL A 3200 28.00 -48.25 49.81
N ILE A 3201 27.33 -48.10 50.94
CA ILE A 3201 27.86 -47.34 52.06
C ILE A 3201 28.64 -48.30 52.93
N THR A 3202 29.94 -48.16 52.96
CA THR A 3202 30.75 -49.11 53.68
C THR A 3202 31.03 -48.63 55.09
N ASN A 3203 31.44 -49.55 55.95
CA ASN A 3203 31.77 -49.22 57.33
C ASN A 3203 30.63 -48.45 57.98
N ALA A 3204 29.42 -48.99 57.89
CA ALA A 3204 28.27 -48.29 58.40
C ALA A 3204 28.42 -47.95 59.87
N THR A 3205 28.07 -46.73 60.21
CA THR A 3205 28.05 -46.27 61.58
C THR A 3205 26.66 -45.78 61.81
N THR A 3206 26.36 -45.41 63.04
CA THR A 3206 24.99 -45.00 63.35
C THR A 3206 24.61 -43.69 62.69
N SER A 3207 25.57 -42.95 62.15
CA SER A 3207 25.22 -41.72 61.45
C SER A 3207 24.56 -42.00 60.11
N ASN A 3208 24.63 -43.23 59.62
CA ASN A 3208 24.00 -43.64 58.38
C ASN A 3208 22.65 -44.28 58.61
N ALA A 3209 22.21 -44.33 59.85
CA ALA A 3209 20.89 -44.86 60.15
C ALA A 3209 19.87 -43.80 59.82
N GLY A 3210 18.69 -44.23 59.41
CA GLY A 3210 17.66 -43.26 59.09
C GLY A 3210 16.82 -43.72 57.94
N VAL A 3211 16.18 -42.80 57.26
CA VAL A 3211 15.24 -43.16 56.22
C VAL A 3211 15.79 -42.80 54.85
N TYR A 3212 15.89 -43.80 53.99
CA TYR A 3212 16.38 -43.64 52.63
C TYR A 3212 15.18 -43.60 51.69
N THR A 3213 15.02 -42.49 50.99
CA THR A 3213 13.85 -42.23 50.17
C THR A 3213 14.17 -42.28 48.68
N LEU A 3214 13.26 -42.85 47.89
CA LEU A 3214 13.40 -42.96 46.44
C LEU A 3214 12.17 -42.50 45.66
N SER A 3215 12.41 -41.72 44.60
CA SER A 3215 11.38 -41.39 43.61
C SER A 3215 11.92 -41.65 42.21
N ILE A 3216 11.03 -41.93 41.26
CA ILE A 3216 11.41 -42.28 39.89
C ILE A 3216 10.87 -41.37 38.81
N ILE A 3217 11.73 -41.05 37.85
CA ILE A 3217 11.31 -40.33 36.66
C ILE A 3217 11.09 -41.37 35.57
N ASP A 3218 9.90 -41.38 35.01
CA ASP A 3218 9.53 -42.37 34.01
C ASP A 3218 9.96 -41.90 32.60
N GLY A 3219 9.70 -42.74 31.59
CA GLY A 3219 10.07 -42.46 30.22
C GLY A 3219 9.33 -41.28 29.62
N ASN A 3220 8.30 -40.78 30.24
CA ASN A 3220 7.60 -39.70 29.62
C ASN A 3220 7.94 -38.43 30.36
N GLY A 3221 8.81 -38.50 31.36
CA GLY A 3221 9.27 -37.32 32.08
C GLY A 3221 8.60 -37.00 33.41
N CYS A 3222 7.57 -37.78 33.83
CA CYS A 3222 6.78 -37.59 35.04
C CYS A 3222 7.45 -38.23 36.26
N GLU A 3223 7.29 -37.62 37.43
CA GLU A 3223 7.87 -38.15 38.66
C GLU A 3223 6.84 -38.92 39.48
N SER A 3224 7.21 -40.11 39.94
CA SER A 3224 6.39 -40.99 40.76
C SER A 3224 6.40 -40.54 42.21
N GLY A 3225 5.51 -41.11 43.00
CA GLY A 3225 5.48 -40.78 44.42
C GLY A 3225 6.62 -41.44 45.17
N ASP A 3226 6.93 -40.91 46.34
CA ASP A 3226 8.02 -41.44 47.17
C ASP A 3226 7.68 -42.75 47.85
N THR A 3227 8.70 -43.56 48.03
CA THR A 3227 8.67 -44.71 48.92
C THR A 3227 9.97 -44.69 49.69
N ALA A 3228 10.05 -45.41 50.79
CA ALA A 3228 11.28 -45.35 51.56
C ALA A 3228 11.54 -46.61 52.37
N VAL A 3229 12.81 -46.82 52.68
CA VAL A 3229 13.25 -47.93 53.52
C VAL A 3229 13.93 -47.37 54.76
N THR A 3230 13.57 -47.88 55.92
CA THR A 3230 14.22 -47.44 57.13
C THR A 3230 15.39 -48.37 57.39
N VAL A 3231 16.55 -47.79 57.65
CA VAL A 3231 17.75 -48.56 57.91
C VAL A 3231 18.25 -48.26 59.30
N THR A 3232 18.47 -49.30 60.07
CA THR A 3232 18.99 -49.10 61.41
C THR A 3232 20.37 -49.70 61.48
N VAL A 3233 21.19 -49.21 62.41
CA VAL A 3233 22.54 -49.71 62.57
C VAL A 3233 22.69 -50.20 64.00
N ASP A 3234 23.08 -51.46 64.15
CA ASP A 3234 23.24 -52.06 65.46
C ASP A 3234 24.66 -51.92 65.97
N SER A 3235 24.81 -51.20 67.07
CA SER A 3235 26.13 -50.94 67.63
C SER A 3235 26.81 -52.26 68.02
N ILE A 3236 28.14 -52.35 67.78
CA ILE A 3236 28.97 -53.51 68.15
C ILE A 3236 29.87 -53.13 69.32
N GLY B 2892 -69.62 49.09 -28.87
CA GLY B 2892 -68.97 49.80 -27.78
C GLY B 2892 -67.69 49.12 -27.30
N GLN B 2893 -67.20 49.48 -26.12
CA GLN B 2893 -66.04 48.78 -25.59
C GLN B 2893 -66.49 47.57 -24.83
N PRO B 2894 -65.99 46.42 -25.18
CA PRO B 2894 -66.36 45.10 -24.62
C PRO B 2894 -65.63 44.79 -23.31
N SER B 2895 -65.89 45.61 -22.31
CA SER B 2895 -65.37 45.45 -20.94
C SER B 2895 -63.86 45.29 -20.92
N ALA B 2896 -63.39 44.28 -20.20
CA ALA B 2896 -62.02 43.88 -19.97
C ALA B 2896 -62.04 42.37 -19.81
N PRO B 2897 -60.96 41.68 -20.13
CA PRO B 2897 -60.85 40.23 -19.99
C PRO B 2897 -60.64 39.84 -18.55
N ASN B 2898 -60.94 38.57 -18.24
CA ASN B 2898 -60.75 37.99 -16.93
C ASN B 2898 -59.38 37.34 -16.80
N VAL B 2899 -58.60 37.83 -15.84
CA VAL B 2899 -57.23 37.40 -15.59
C VAL B 2899 -57.13 37.03 -14.12
N PRO B 2900 -56.10 36.27 -13.73
CA PRO B 2900 -55.90 35.87 -12.33
C PRO B 2900 -55.54 37.03 -11.43
N ALA B 2901 -55.81 36.82 -10.14
CA ALA B 2901 -55.49 37.77 -9.09
C ALA B 2901 -54.00 37.83 -8.90
N ASP B 2902 -53.53 38.90 -8.26
CA ASP B 2902 -52.10 39.10 -8.07
C ASP B 2902 -51.44 37.91 -7.42
N PHE B 2903 -50.28 37.54 -7.92
CA PHE B 2903 -49.73 36.44 -7.18
C PHE B 2903 -48.36 36.82 -6.67
N GLU B 2904 -47.76 35.88 -5.97
CA GLU B 2904 -46.43 35.93 -5.43
C GLU B 2904 -45.86 34.57 -5.68
N VAL B 2905 -44.68 34.52 -6.28
CA VAL B 2905 -43.99 33.28 -6.53
C VAL B 2905 -42.62 33.49 -5.92
N CYS B 2906 -41.84 32.41 -5.73
CA CYS B 2906 -40.50 32.50 -5.19
C CYS B 2906 -39.51 32.11 -6.29
N GLU B 2907 -38.32 32.71 -6.31
CA GLU B 2907 -37.39 32.41 -7.39
C GLU B 2907 -37.18 30.93 -7.59
N GLY B 2908 -37.25 30.52 -8.85
CA GLY B 2908 -37.13 29.16 -9.27
C GLY B 2908 -38.46 28.51 -9.58
N ASP B 2909 -39.56 29.10 -9.12
CA ASP B 2909 -40.89 28.57 -9.34
C ASP B 2909 -41.42 29.06 -10.70
N ASP B 2910 -42.63 28.65 -11.08
CA ASP B 2910 -43.19 29.02 -12.37
C ASP B 2910 -44.26 30.10 -12.28
N ILE B 2911 -44.23 31.06 -13.19
CA ILE B 2911 -45.28 32.07 -13.27
C ILE B 2911 -46.31 31.61 -14.28
N ILE B 2912 -47.54 31.41 -13.82
CA ILE B 2912 -48.59 30.89 -14.67
C ILE B 2912 -49.59 31.98 -14.97
N LEU B 2913 -49.71 32.35 -16.22
CA LEU B 2913 -50.62 33.39 -16.65
C LEU B 2913 -51.65 32.78 -17.57
N GLY B 2914 -52.80 33.42 -17.66
CA GLY B 2914 -53.78 33.01 -18.63
C GLY B 2914 -55.09 33.70 -18.38
N THR B 2915 -55.99 33.58 -19.35
CA THR B 2915 -57.31 34.16 -19.23
C THR B 2915 -58.35 33.09 -19.41
N THR B 2916 -59.59 33.46 -19.08
CA THR B 2916 -60.71 32.56 -19.22
C THR B 2916 -61.72 33.02 -20.25
N THR B 2917 -61.47 34.13 -20.95
CA THR B 2917 -62.49 34.61 -21.87
C THR B 2917 -62.29 34.08 -23.28
N ILE B 2918 -63.25 34.41 -24.14
CA ILE B 2918 -63.28 33.92 -25.51
C ILE B 2918 -63.12 35.08 -26.47
N ALA B 2919 -62.15 34.94 -27.37
CA ALA B 2919 -61.90 36.04 -28.28
C ALA B 2919 -61.24 35.56 -29.56
N ALA B 2920 -61.26 36.45 -30.55
CA ALA B 2920 -60.63 36.15 -31.83
C ALA B 2920 -59.12 36.18 -31.69
N SER B 2921 -58.62 37.07 -30.83
CA SER B 2921 -57.19 37.21 -30.63
C SER B 2921 -56.87 37.75 -29.24
N TYR B 2922 -55.77 37.27 -28.69
CA TYR B 2922 -55.34 37.68 -27.36
C TYR B 2922 -54.00 38.35 -27.51
N SER B 2923 -53.70 39.32 -26.65
CA SER B 2923 -52.38 39.96 -26.68
C SER B 2923 -51.86 40.24 -25.29
N TRP B 2924 -50.77 39.57 -24.94
CA TRP B 2924 -50.13 39.72 -23.65
C TRP B 2924 -48.79 40.41 -23.80
N THR B 2925 -48.45 41.24 -22.83
CA THR B 2925 -47.14 41.86 -22.74
C THR B 2925 -46.66 41.79 -21.30
N GLY B 2926 -45.36 41.98 -21.08
CA GLY B 2926 -44.87 42.03 -19.72
C GLY B 2926 -43.38 42.30 -19.60
N PRO B 2927 -42.87 42.15 -18.38
CA PRO B 2927 -41.47 42.35 -18.01
C PRO B 2927 -40.54 41.38 -18.69
N ASN B 2928 -39.30 41.80 -18.85
CA ASN B 2928 -38.24 40.96 -19.38
C ASN B 2928 -38.58 40.36 -20.75
N GLY B 2929 -39.23 41.13 -21.60
CA GLY B 2929 -39.51 40.69 -22.96
C GLY B 2929 -40.71 39.80 -23.13
N PHE B 2930 -41.50 39.58 -22.10
CA PHE B 2930 -42.63 38.68 -22.21
C PHE B 2930 -43.68 39.16 -23.19
N THR B 2931 -44.14 38.23 -24.03
CA THR B 2931 -45.23 38.46 -24.95
C THR B 2931 -45.90 37.14 -25.34
N SER B 2932 -47.19 37.21 -25.65
CA SER B 2932 -47.95 36.04 -26.09
C SER B 2932 -49.26 36.41 -26.78
N ASN B 2933 -49.75 35.52 -27.63
CA ASN B 2933 -51.04 35.72 -28.28
C ASN B 2933 -52.03 34.61 -27.97
N LEU B 2934 -51.85 33.92 -26.85
CA LEU B 2934 -52.68 32.79 -26.45
C LEU B 2934 -53.56 33.08 -25.23
N GLN B 2935 -54.50 32.19 -24.99
CA GLN B 2935 -55.33 32.32 -23.82
C GLN B 2935 -54.55 31.81 -22.67
N ASN B 2936 -53.60 30.97 -22.92
CA ASN B 2936 -52.75 30.39 -21.90
C ASN B 2936 -51.31 30.36 -22.36
N PRO B 2937 -50.58 31.47 -22.16
CA PRO B 2937 -49.20 31.62 -22.56
C PRO B 2937 -48.35 30.57 -21.88
N ALA B 2938 -47.25 30.22 -22.51
CA ALA B 2938 -46.38 29.25 -21.90
C ALA B 2938 -45.89 29.79 -20.57
N ALA B 2939 -45.76 28.90 -19.60
CA ALA B 2939 -45.31 29.28 -18.28
C ALA B 2939 -43.92 29.86 -18.34
N ILE B 2940 -43.67 30.84 -17.49
CA ILE B 2940 -42.33 31.39 -17.36
C ILE B 2940 -41.66 30.54 -16.32
N THR B 2941 -40.80 29.65 -16.74
CA THR B 2941 -40.25 28.70 -15.81
C THR B 2941 -38.99 29.24 -15.20
N ASN B 2942 -38.62 28.68 -14.06
CA ASN B 2942 -37.41 29.11 -13.37
C ASN B 2942 -37.42 30.62 -13.20
N ALA B 2943 -38.54 31.15 -12.71
CA ALA B 2943 -38.74 32.58 -12.63
C ALA B 2943 -37.69 33.23 -11.76
N SER B 2944 -37.26 34.41 -12.18
CA SER B 2944 -36.25 35.21 -11.51
C SER B 2944 -36.82 36.55 -11.04
N LEU B 2945 -36.05 37.28 -10.22
CA LEU B 2945 -36.54 38.58 -9.79
C LEU B 2945 -36.77 39.51 -10.98
N ILE B 2946 -36.00 39.33 -12.06
CA ILE B 2946 -36.14 40.16 -13.25
C ILE B 2946 -37.50 39.99 -13.92
N ASP B 2947 -38.20 38.89 -13.64
CA ASP B 2947 -39.50 38.60 -14.24
C ASP B 2947 -40.63 39.20 -13.43
N SER B 2948 -40.31 39.83 -12.32
CA SER B 2948 -41.37 40.43 -11.53
C SER B 2948 -41.88 41.67 -12.23
N GLY B 2949 -43.11 42.05 -11.95
CA GLY B 2949 -43.63 43.26 -12.57
C GLY B 2949 -45.08 43.13 -12.96
N ILE B 2950 -45.51 43.96 -13.91
CA ILE B 2950 -46.91 43.99 -14.32
C ILE B 2950 -47.09 43.31 -15.67
N TYR B 2951 -47.92 42.29 -15.70
CA TYR B 2951 -48.26 41.59 -16.91
C TYR B 2951 -49.60 42.14 -17.38
N ARG B 2952 -49.79 42.35 -18.67
CA ARG B 2952 -51.02 42.96 -19.13
C ARG B 2952 -51.65 42.27 -20.26
N LEU B 2953 -52.96 42.35 -20.34
CA LEU B 2953 -53.75 41.65 -21.37
C LEU B 2953 -54.82 42.51 -22.01
N VAL B 2954 -54.85 42.49 -23.34
CA VAL B 2954 -55.86 43.13 -24.18
C VAL B 2954 -56.50 42.07 -25.07
N VAL B 2955 -57.82 42.09 -25.22
CA VAL B 2955 -58.48 41.05 -25.99
C VAL B 2955 -59.32 41.60 -27.15
N THR B 2956 -59.15 41.01 -28.34
CA THR B 2956 -59.86 41.42 -29.54
C THR B 2956 -60.95 40.45 -29.93
N TYR B 2957 -62.14 40.98 -30.15
CA TYR B 2957 -63.30 40.19 -30.47
C TYR B 2957 -63.51 40.11 -31.99
N SER B 2958 -64.28 39.10 -32.39
CA SER B 2958 -64.54 38.83 -33.80
C SER B 2958 -65.32 39.93 -34.49
N ASN B 2959 -65.94 40.81 -33.72
CA ASN B 2959 -66.68 41.91 -34.26
C ASN B 2959 -65.81 43.16 -34.44
N GLY B 2960 -64.51 43.03 -34.19
CA GLY B 2960 -63.54 44.11 -34.36
C GLY B 2960 -63.38 45.00 -33.15
N CYS B 2961 -64.08 44.71 -32.07
CA CYS B 2961 -63.99 45.53 -30.88
C CYS B 2961 -62.85 45.06 -30.01
N VAL B 2962 -62.21 45.99 -29.31
CA VAL B 2962 -61.07 45.66 -28.46
C VAL B 2962 -61.35 46.05 -27.02
N SER B 2963 -61.13 45.10 -26.10
CA SER B 2963 -61.40 45.31 -24.69
C SER B 2963 -60.31 46.14 -24.02
N ALA B 2964 -60.65 46.60 -22.82
CA ALA B 2964 -59.73 47.39 -22.03
C ALA B 2964 -58.61 46.56 -21.46
N ASP B 2965 -57.43 47.18 -21.39
CA ASP B 2965 -56.28 46.49 -20.85
C ASP B 2965 -56.39 46.27 -19.36
N THR B 2966 -56.17 45.05 -18.92
CA THR B 2966 -56.23 44.70 -17.51
C THR B 2966 -54.87 44.19 -17.07
N THR B 2967 -54.68 44.05 -15.77
CA THR B 2967 -53.36 43.69 -15.26
C THR B 2967 -53.35 42.58 -14.24
N VAL B 2968 -52.20 41.93 -14.19
CA VAL B 2968 -51.83 40.96 -13.15
C VAL B 2968 -50.47 41.40 -12.60
N ARG B 2969 -50.34 41.65 -11.29
CA ARG B 2969 -49.01 42.04 -10.78
C ARG B 2969 -48.32 40.88 -10.09
N VAL B 2970 -47.17 40.43 -10.61
CA VAL B 2970 -46.51 39.23 -10.12
C VAL B 2970 -45.28 39.61 -9.32
N GLY B 2971 -45.27 39.30 -8.04
CA GLY B 2971 -44.10 39.56 -7.23
C GLY B 2971 -43.25 38.31 -7.23
N VAL B 2972 -41.96 38.47 -7.09
CA VAL B 2972 -41.08 37.32 -7.00
C VAL B 2972 -40.25 37.46 -5.74
N ASN B 2973 -40.28 36.45 -4.89
CA ASN B 2973 -39.55 36.51 -3.64
C ASN B 2973 -38.18 35.86 -3.76
N SER B 2974 -37.23 36.41 -3.03
CA SER B 2974 -35.90 35.84 -2.99
C SER B 2974 -35.88 34.65 -2.04
N ASN B 2975 -35.03 33.68 -2.34
CA ASN B 2975 -34.83 32.59 -1.43
C ASN B 2975 -33.82 33.02 -0.37
N PRO B 2976 -33.85 32.42 0.81
CA PRO B 2976 -32.82 32.69 1.81
C PRO B 2976 -31.45 32.35 1.26
N PRO B 2977 -30.40 33.00 1.77
CA PRO B 2977 -29.03 32.72 1.35
C PRO B 2977 -28.70 31.28 1.62
N VAL B 2978 -27.79 30.72 0.85
CA VAL B 2978 -27.41 29.34 1.10
C VAL B 2978 -26.62 29.28 2.40
N PRO B 2979 -27.09 28.55 3.40
CA PRO B 2979 -26.42 28.46 4.68
C PRO B 2979 -25.23 27.53 4.65
N ASN B 2980 -24.26 27.82 5.51
CA ASN B 2980 -23.09 26.97 5.71
C ASN B 2980 -23.21 26.23 7.04
N ILE B 2981 -23.41 24.90 6.97
CA ILE B 2981 -23.58 24.05 8.15
C ILE B 2981 -22.23 23.68 8.70
N VAL B 2982 -22.10 23.78 10.01
CA VAL B 2982 -20.91 23.43 10.75
C VAL B 2982 -21.27 22.44 11.84
N SER B 2983 -20.52 21.33 11.94
CA SER B 2983 -20.75 20.30 12.95
C SER B 2983 -19.70 20.39 14.04
N ASN B 2984 -19.79 19.48 15.02
CA ASN B 2984 -18.80 19.43 16.10
C ASN B 2984 -17.57 18.62 15.72
N GLY B 2985 -17.49 18.12 14.52
CA GLY B 2985 -16.33 17.33 14.16
C GLY B 2985 -16.54 15.90 14.60
N PRO B 2986 -15.45 15.14 14.68
CA PRO B 2986 -15.45 13.69 14.94
C PRO B 2986 -15.73 13.39 16.41
N ILE B 2987 -16.99 13.61 16.77
CA ILE B 2987 -17.55 13.43 18.10
C ILE B 2987 -17.52 11.96 18.51
N CYS B 2988 -17.28 11.67 19.80
CA CYS B 2988 -17.32 10.29 20.33
C CYS B 2988 -18.76 9.90 20.64
N PHE B 2989 -19.09 8.66 20.38
CA PHE B 2989 -20.43 8.19 20.65
C PHE B 2989 -20.80 8.44 22.09
N GLY B 2990 -21.98 9.00 22.28
CA GLY B 2990 -22.50 9.28 23.58
C GLY B 2990 -22.50 10.75 23.93
N ASP B 2991 -21.85 11.55 23.10
CA ASP B 2991 -21.78 13.00 23.31
C ASP B 2991 -22.79 13.66 22.47
N THR B 2992 -23.18 14.86 22.81
CA THR B 2992 -24.32 15.48 22.12
C THR B 2992 -23.88 16.05 20.78
N LEU B 2993 -24.61 15.72 19.72
CA LEU B 2993 -24.27 16.16 18.38
C LEU B 2993 -24.92 17.48 18.06
N VAL B 2994 -24.13 18.47 17.69
CA VAL B 2994 -24.69 19.78 17.42
C VAL B 2994 -24.39 20.20 16.02
N LEU B 2995 -25.42 20.57 15.29
CA LEU B 2995 -25.27 21.06 13.93
C LEU B 2995 -25.81 22.48 13.90
N SER B 2996 -25.05 23.41 13.35
CA SER B 2996 -25.51 24.79 13.37
C SER B 2996 -25.06 25.58 12.16
N SER B 2997 -25.60 26.78 12.03
CA SER B 2997 -25.21 27.66 10.95
C SER B 2997 -25.37 29.11 11.36
N SER B 2998 -24.49 29.96 10.84
CA SER B 2998 -24.52 31.39 11.10
C SER B 2998 -25.61 32.11 10.34
N THR B 2999 -26.19 31.47 9.33
CA THR B 2999 -27.20 32.13 8.52
C THR B 2999 -28.50 32.21 9.29
N SER B 3000 -29.10 33.38 9.31
CA SER B 3000 -30.35 33.57 10.01
C SER B 3000 -31.51 33.07 9.15
N CYS B 3001 -32.22 32.04 9.65
CA CYS B 3001 -33.32 31.36 8.99
C CYS B 3001 -34.50 31.27 9.96
N GLY B 3002 -35.71 31.46 9.45
CA GLY B 3002 -36.90 31.39 10.28
C GLY B 3002 -37.08 30.04 10.91
N GLN B 3003 -37.12 29.02 10.08
CA GLN B 3003 -37.20 27.64 10.53
C GLN B 3003 -36.12 26.87 9.83
N SER B 3004 -35.72 25.78 10.44
CA SER B 3004 -34.66 24.99 9.88
C SER B 3004 -34.98 23.52 9.92
N GLN B 3005 -35.07 22.93 8.76
CA GLN B 3005 -35.46 21.55 8.61
C GLN B 3005 -34.21 20.74 8.30
N TRP B 3006 -33.87 19.82 9.18
CA TRP B 3006 -32.63 19.09 9.04
C TRP B 3006 -32.89 17.76 8.37
N ILE B 3007 -32.07 17.42 7.42
CA ILE B 3007 -32.23 16.20 6.67
C ILE B 3007 -31.09 15.28 6.99
N GLY B 3008 -31.38 14.22 7.69
CA GLY B 3008 -30.37 13.24 8.03
C GLY B 3008 -30.63 12.03 7.20
N PRO B 3009 -30.01 10.91 7.54
CA PRO B 3009 -30.20 9.64 6.81
C PRO B 3009 -31.66 9.15 6.78
N ASN B 3010 -32.49 9.62 7.71
CA ASN B 3010 -33.90 9.28 7.80
C ASN B 3010 -34.82 10.39 7.26
N GLY B 3011 -34.29 11.42 6.62
CA GLY B 3011 -35.06 12.60 6.30
C GLY B 3011 -35.84 12.59 5.00
N ASN B 3012 -36.37 13.79 4.76
CA ASN B 3012 -37.18 14.11 3.62
C ASN B 3012 -38.50 13.42 3.51
N SER B 3013 -39.20 13.17 4.60
CA SER B 3013 -40.56 12.64 4.56
C SER B 3013 -41.32 13.05 5.80
N GLN B 3014 -42.66 13.08 5.69
CA GLN B 3014 -43.55 13.55 6.76
C GLN B 3014 -43.55 12.67 8.00
N SER B 3015 -43.09 11.44 7.90
CA SER B 3015 -43.05 10.56 9.04
C SER B 3015 -41.82 10.81 9.90
N THR B 3016 -40.88 11.61 9.41
CA THR B 3016 -39.65 11.94 10.09
C THR B 3016 -39.63 13.41 10.48
N LEU B 3017 -39.95 14.26 9.51
CA LEU B 3017 -39.91 15.69 9.70
C LEU B 3017 -41.27 16.14 10.22
N GLY B 3018 -41.53 15.84 11.47
CA GLY B 3018 -42.83 16.15 12.04
C GLY B 3018 -42.93 17.60 12.41
N THR B 3019 -44.10 17.98 12.94
CA THR B 3019 -44.43 19.36 13.31
C THR B 3019 -43.27 20.10 13.98
N PRO B 3020 -42.92 21.30 13.48
CA PRO B 3020 -41.79 22.10 13.97
C PRO B 3020 -41.94 22.61 15.39
N GLY B 3021 -40.80 22.75 16.05
CA GLY B 3021 -40.74 23.26 17.40
C GLY B 3021 -40.89 22.15 18.41
N GLY B 3022 -40.65 22.46 19.67
CA GLY B 3022 -40.75 21.43 20.70
C GLY B 3022 -39.59 20.47 20.57
N SER B 3023 -39.79 19.25 21.07
CA SER B 3023 -38.72 18.24 21.07
C SER B 3023 -38.63 17.54 19.72
N ASN B 3024 -38.22 18.31 18.71
CA ASN B 3024 -38.14 17.82 17.33
C ASN B 3024 -36.79 18.23 16.79
N VAL B 3025 -35.81 17.34 16.89
CA VAL B 3025 -34.46 17.72 16.53
C VAL B 3025 -34.32 17.96 15.05
N LEU B 3026 -35.22 17.46 14.22
CA LEU B 3026 -35.09 17.67 12.79
C LEU B 3026 -35.92 18.82 12.25
N TRP B 3027 -36.68 19.51 13.07
CA TRP B 3027 -37.38 20.65 12.50
C TRP B 3027 -37.54 21.69 13.61
N THR B 3028 -36.59 22.58 13.62
CA THR B 3028 -36.38 23.54 14.67
C THR B 3028 -36.94 24.87 14.23
N ILE B 3029 -36.87 25.83 15.14
CA ILE B 3029 -37.34 27.18 14.90
C ILE B 3029 -36.17 28.15 14.99
N GLY B 3030 -35.02 27.68 14.51
CA GLY B 3030 -33.79 28.46 14.38
C GLY B 3030 -32.70 27.57 13.83
N SER B 3031 -31.53 28.15 13.53
CA SER B 3031 -30.48 27.38 12.86
C SER B 3031 -29.74 26.32 13.68
N THR B 3032 -29.84 26.26 15.01
CA THR B 3032 -29.05 25.27 15.76
C THR B 3032 -29.88 24.11 16.28
N THR B 3033 -29.42 22.88 16.04
CA THR B 3033 -30.10 21.69 16.55
C THR B 3033 -29.16 20.79 17.34
N SER B 3034 -29.66 20.23 18.43
CA SER B 3034 -28.89 19.34 19.28
C SER B 3034 -29.51 17.97 19.31
N ILE B 3035 -28.75 16.95 18.95
CA ILE B 3035 -29.24 15.58 18.90
C ILE B 3035 -28.56 14.75 20.01
N PRO B 3036 -29.29 14.34 21.04
CA PRO B 3036 -28.80 13.51 22.14
C PRO B 3036 -28.45 12.13 21.66
N MET B 3037 -27.67 11.38 22.44
CA MET B 3037 -27.36 10.01 22.02
C MET B 3037 -28.59 9.12 22.01
N ASN B 3038 -29.56 9.40 22.88
CA ASN B 3038 -30.78 8.61 22.93
C ASN B 3038 -31.81 9.21 21.98
N ASN B 3039 -31.47 9.16 20.69
CA ASN B 3039 -32.31 9.72 19.67
C ASN B 3039 -32.14 8.94 18.39
N ALA B 3040 -33.27 8.64 17.76
CA ALA B 3040 -33.27 7.85 16.54
C ALA B 3040 -32.43 8.46 15.43
N ASN B 3041 -32.25 9.77 15.45
CA ASN B 3041 -31.55 10.45 14.39
C ASN B 3041 -30.09 10.76 14.72
N TYR B 3042 -29.56 10.19 15.80
CA TYR B 3042 -28.16 10.37 16.17
C TYR B 3042 -27.30 9.51 15.27
N LEU B 3043 -27.17 9.92 14.03
CA LEU B 3043 -26.50 9.10 13.05
C LEU B 3043 -25.38 9.82 12.32
N PRO B 3044 -24.35 9.09 11.94
CA PRO B 3044 -23.27 9.59 11.09
C PRO B 3044 -23.75 9.64 9.66
N GLY B 3045 -23.03 10.38 8.82
CA GLY B 3045 -23.40 10.39 7.41
C GLY B 3045 -23.63 11.77 6.87
N ASN B 3046 -24.27 11.88 5.71
CA ASN B 3046 -24.40 13.16 5.04
C ASN B 3046 -25.66 13.90 5.44
N TRP B 3047 -25.47 15.04 6.09
CA TRP B 3047 -26.53 15.88 6.60
C TRP B 3047 -26.67 17.17 5.79
N TYR B 3048 -27.88 17.68 5.68
CA TYR B 3048 -28.01 18.97 5.05
C TYR B 3048 -29.08 19.71 5.81
N MET B 3049 -29.35 20.94 5.43
CA MET B 3049 -30.31 21.77 6.10
C MET B 3049 -31.11 22.54 5.08
N ILE B 3050 -32.40 22.70 5.32
CA ILE B 3050 -33.23 23.54 4.48
C ILE B 3050 -33.72 24.72 5.28
N CYS B 3051 -33.42 25.96 4.83
CA CYS B 3051 -33.87 27.18 5.49
C CYS B 3051 -35.24 27.53 4.97
N ILE B 3052 -36.15 27.73 5.88
CA ILE B 3052 -37.53 28.01 5.58
C ILE B 3052 -37.86 29.43 5.98
N ASP B 3053 -38.33 30.19 5.03
CA ASP B 3053 -38.77 31.55 5.29
C ASP B 3053 -40.22 31.49 5.72
N THR B 3054 -40.48 31.84 6.97
CA THR B 3054 -41.79 31.70 7.57
C THR B 3054 -42.76 32.79 7.16
N VAL B 3055 -42.30 33.78 6.41
CA VAL B 3055 -43.14 34.85 5.92
C VAL B 3055 -43.58 34.58 4.49
N THR B 3056 -42.65 34.15 3.64
CA THR B 3056 -42.94 33.95 2.22
C THR B 3056 -43.14 32.51 1.82
N GLY B 3057 -42.68 31.54 2.59
CA GLY B 3057 -42.73 30.15 2.20
C GLY B 3057 -41.55 29.64 1.36
N CYS B 3058 -40.53 30.49 1.11
CA CYS B 3058 -39.34 30.18 0.30
C CYS B 3058 -38.36 29.25 1.01
N ARG B 3059 -37.69 28.39 0.24
CA ARG B 3059 -36.74 27.44 0.81
C ARG B 3059 -35.38 27.49 0.14
N SER B 3060 -34.33 27.32 0.93
CA SER B 3060 -32.97 27.35 0.43
C SER B 3060 -32.08 26.27 1.03
N GLU B 3061 -31.46 25.46 0.22
CA GLU B 3061 -30.70 24.36 0.74
C GLU B 3061 -29.30 24.62 1.01
N SER B 3062 -28.76 24.01 1.97
CA SER B 3062 -27.42 24.14 2.52
C SER B 3062 -26.35 23.31 1.84
N ASN B 3063 -25.22 23.33 2.51
CA ASN B 3063 -24.09 22.61 2.00
C ASN B 3063 -24.17 21.30 2.63
N THR B 3064 -23.31 20.38 2.28
CA THR B 3064 -23.45 19.03 2.83
C THR B 3064 -22.28 18.71 3.74
N ILE B 3065 -22.56 18.15 4.90
CA ILE B 3065 -21.49 17.80 5.82
C ILE B 3065 -21.49 16.31 6.12
N ASN B 3066 -20.32 15.76 6.34
CA ASN B 3066 -20.20 14.36 6.72
C ASN B 3066 -19.97 14.27 8.22
N VAL B 3067 -20.99 13.86 8.93
CA VAL B 3067 -20.88 13.78 10.38
C VAL B 3067 -20.26 12.47 10.76
N ILE B 3068 -19.23 12.51 11.57
CA ILE B 3068 -18.53 11.31 12.00
C ILE B 3068 -18.74 11.10 13.48
N ILE B 3069 -19.26 9.94 13.85
CA ILE B 3069 -19.44 9.58 15.24
C ILE B 3069 -18.55 8.38 15.50
N ASN B 3070 -17.59 8.52 16.42
CA ASN B 3070 -16.64 7.46 16.67
C ASN B 3070 -17.11 6.49 17.75
N ALA B 3071 -16.71 5.24 17.64
CA ALA B 3071 -17.06 4.28 18.66
C ALA B 3071 -16.12 4.37 19.85
N ASN B 3072 -16.65 4.08 21.03
CA ASN B 3072 -15.85 3.94 22.23
C ASN B 3072 -15.37 2.50 22.31
N PRO B 3073 -14.07 2.22 22.39
CA PRO B 3073 -13.55 0.86 22.44
C PRO B 3073 -14.10 0.11 23.64
N ASP B 3074 -14.19 -1.23 23.50
CA ASP B 3074 -14.73 -2.12 24.53
C ASP B 3074 -13.86 -2.11 25.76
N THR B 3075 -14.47 -2.40 26.91
CA THR B 3075 -13.70 -2.55 28.13
C THR B 3075 -12.66 -3.61 27.82
N PRO B 3076 -11.38 -3.32 27.92
CA PRO B 3076 -10.34 -4.28 27.56
C PRO B 3076 -10.21 -5.35 28.61
N ALA B 3077 -9.81 -6.54 28.19
CA ALA B 3077 -9.49 -7.57 29.13
C ALA B 3077 -8.05 -7.44 29.55
N VAL B 3078 -7.74 -7.71 30.79
CA VAL B 3078 -6.37 -7.65 31.22
C VAL B 3078 -5.99 -8.95 31.92
N PHE B 3079 -4.87 -9.52 31.51
CA PHE B 3079 -4.42 -10.79 32.05
C PHE B 3079 -3.03 -10.64 32.65
N ASN B 3080 -2.66 -11.56 33.54
CA ASN B 3080 -1.31 -11.48 34.11
C ASN B 3080 -0.69 -12.86 34.20
N ASP B 3081 0.49 -12.95 34.82
CA ASP B 3081 1.28 -14.19 34.88
C ASP B 3081 0.90 -15.08 36.04
N GLY B 3082 -0.13 -14.76 36.78
CA GLY B 3082 -0.56 -15.61 37.86
C GLY B 3082 0.18 -15.26 39.12
N PRO B 3083 0.04 -16.10 40.12
CA PRO B 3083 0.62 -15.85 41.44
C PRO B 3083 2.11 -15.66 41.33
N VAL B 3084 2.62 -14.69 42.08
CA VAL B 3084 4.02 -14.32 42.10
C VAL B 3084 4.46 -14.33 43.56
N CYS B 3085 5.71 -14.72 43.86
CA CYS B 3085 6.21 -14.69 45.23
C CYS B 3085 6.48 -13.26 45.68
N GLU B 3086 6.40 -13.02 46.99
CA GLU B 3086 6.63 -11.68 47.49
C GLU B 3086 7.96 -11.15 46.99
N GLY B 3087 7.94 -9.95 46.44
CA GLY B 3087 9.14 -9.32 45.92
C GLY B 3087 9.43 -9.63 44.47
N GLY B 3088 8.63 -10.48 43.86
CA GLY B 3088 8.84 -10.85 42.48
C GLY B 3088 8.18 -9.91 41.50
N ASN B 3089 8.38 -10.18 40.23
CA ASN B 3089 7.82 -9.35 39.19
C ASN B 3089 6.80 -10.15 38.40
N SER B 3090 5.88 -9.45 37.73
CA SER B 3090 4.93 -10.14 36.86
C SER B 3090 4.53 -9.28 35.68
N ASN B 3091 4.24 -9.91 34.55
CA ASN B 3091 3.81 -9.16 33.40
C ASN B 3091 2.31 -9.03 33.37
N LEU B 3092 1.84 -7.95 32.79
CA LEU B 3092 0.45 -7.78 32.48
C LEU B 3092 0.33 -7.85 30.98
N SER B 3093 -0.82 -8.24 30.47
CA SER B 3093 -0.98 -8.20 29.03
C SER B 3093 -2.40 -7.90 28.63
N THR B 3094 -2.56 -7.30 27.46
CA THR B 3094 -3.89 -7.05 26.94
C THR B 3094 -3.94 -7.27 25.43
N ALA B 3095 -5.13 -7.06 24.88
CA ALA B 3095 -5.43 -7.27 23.47
C ALA B 3095 -4.79 -6.18 22.62
N THR B 3096 -4.45 -6.52 21.39
CA THR B 3096 -3.92 -5.51 20.49
C THR B 3096 -5.09 -4.84 19.79
N VAL B 3097 -5.15 -3.53 19.89
CA VAL B 3097 -6.22 -2.76 19.28
C VAL B 3097 -5.59 -1.83 18.28
N SER B 3098 -5.94 -1.99 17.01
CA SER B 3098 -5.29 -1.17 16.00
C SER B 3098 -5.61 0.28 16.21
N GLY B 3099 -4.59 1.12 16.14
CA GLY B 3099 -4.77 2.55 16.30
C GLY B 3099 -4.85 3.01 17.73
N ALA B 3100 -4.70 2.13 18.69
CA ALA B 3100 -4.88 2.51 20.07
C ALA B 3100 -3.61 2.91 20.76
N SER B 3101 -3.76 3.81 21.71
CA SER B 3101 -2.73 4.09 22.66
C SER B 3101 -3.17 3.43 23.94
N TYR B 3102 -2.24 3.06 24.80
CA TYR B 3102 -2.61 2.37 26.02
C TYR B 3102 -2.12 3.16 27.22
N ALA B 3103 -2.92 3.22 28.27
CA ALA B 3103 -2.49 3.88 29.48
C ALA B 3103 -2.83 3.06 30.69
N TRP B 3104 -1.84 2.70 31.47
CA TRP B 3104 -2.04 1.89 32.66
C TRP B 3104 -1.93 2.78 33.87
N TYR B 3105 -2.89 2.67 34.76
CA TYR B 3105 -2.96 3.51 35.93
C TYR B 3105 -2.82 2.71 37.21
N SER B 3106 -2.22 3.31 38.22
CA SER B 3106 -2.01 2.59 39.45
C SER B 3106 -3.23 2.47 40.32
N ASP B 3107 -4.24 3.30 40.15
CA ASP B 3107 -5.32 3.24 41.12
C ASP B 3107 -6.67 3.60 40.53
N SER B 3108 -7.67 3.43 41.37
CA SER B 3108 -9.04 3.77 41.05
C SER B 3108 -9.11 5.24 40.78
N SER B 3109 -10.01 5.62 39.89
CA SER B 3109 -10.21 6.98 39.44
C SER B 3109 -9.10 7.44 38.52
N LEU B 3110 -8.16 6.57 38.18
CA LEU B 3110 -7.20 6.85 37.14
C LEU B 3110 -6.43 8.16 37.38
N THR B 3111 -5.95 8.36 38.59
CA THR B 3111 -5.29 9.61 38.93
C THR B 3111 -3.79 9.60 38.72
N SER B 3112 -3.17 8.43 38.61
CA SER B 3112 -1.73 8.35 38.49
C SER B 3112 -1.36 7.32 37.44
N LEU B 3113 -0.58 7.74 36.47
CA LEU B 3113 -0.20 6.92 35.33
C LEU B 3113 1.09 6.20 35.68
N VAL B 3114 1.17 4.90 35.36
CA VAL B 3114 2.38 4.15 35.62
C VAL B 3114 3.08 3.70 34.36
N SER B 3115 2.35 3.32 33.32
CA SER B 3115 3.04 2.92 32.09
C SER B 3115 2.14 3.07 30.89
N THR B 3116 2.75 3.11 29.72
CA THR B 3116 2.06 3.19 28.46
C THR B 3116 2.61 2.11 27.56
N ALA B 3117 2.07 0.91 27.65
CA ALA B 3117 2.62 -0.20 26.90
C ALA B 3117 1.56 -1.25 26.66
N GLN B 3118 1.72 -2.05 25.62
CA GLN B 3118 0.70 -3.09 25.54
C GLN B 3118 0.91 -4.08 26.67
N ASN B 3119 2.14 -4.47 26.99
CA ASN B 3119 2.38 -5.52 28.00
C ASN B 3119 3.40 -5.12 29.06
N PRO B 3120 3.08 -4.22 29.96
CA PRO B 3120 4.02 -3.70 30.96
C PRO B 3120 4.26 -4.68 32.07
N MET B 3121 5.36 -4.51 32.80
CA MET B 3121 5.67 -5.33 33.96
C MET B 3121 5.49 -4.58 35.27
N ILE B 3122 4.94 -5.25 36.27
CA ILE B 3122 4.90 -4.71 37.61
C ILE B 3122 6.10 -5.27 38.33
N VAL B 3123 6.91 -4.40 38.92
CA VAL B 3123 8.15 -4.79 39.54
C VAL B 3123 8.08 -4.70 41.05
N ASN B 3124 8.66 -5.68 41.74
CA ASN B 3124 8.74 -5.74 43.21
C ASN B 3124 7.38 -5.72 43.88
N ILE B 3125 6.55 -6.72 43.58
CA ILE B 3125 5.21 -6.79 44.13
C ILE B 3125 5.25 -7.35 45.54
N SER B 3126 4.84 -6.58 46.53
CA SER B 3126 4.84 -7.12 47.89
C SER B 3126 3.49 -7.67 48.31
N THR B 3127 2.42 -7.15 47.74
CA THR B 3127 1.10 -7.60 48.12
C THR B 3127 0.20 -7.70 46.91
N ASP B 3128 -1.02 -8.18 47.11
CA ASP B 3128 -1.93 -8.29 45.99
C ASP B 3128 -2.11 -6.90 45.41
N THR B 3129 -1.95 -6.76 44.11
CA THR B 3129 -2.02 -5.41 43.57
C THR B 3129 -2.81 -5.38 42.28
N THR B 3130 -3.39 -4.22 41.98
CA THR B 3130 -4.18 -4.06 40.76
C THR B 3130 -3.78 -2.88 39.93
N TRP B 3131 -3.76 -3.07 38.62
CA TRP B 3131 -3.58 -1.99 37.67
C TRP B 3131 -4.81 -1.84 36.80
N TYR B 3132 -5.09 -0.61 36.39
CA TYR B 3132 -6.24 -0.28 35.57
C TYR B 3132 -5.83 0.09 34.16
N LEU B 3133 -6.58 -0.33 33.16
CA LEU B 3133 -6.19 -0.07 31.78
C LEU B 3133 -7.21 0.70 30.97
N VAL B 3134 -6.78 1.77 30.35
CA VAL B 3134 -7.62 2.56 29.47
C VAL B 3134 -7.07 2.54 28.06
N VAL B 3135 -7.90 2.20 27.09
CA VAL B 3135 -7.48 2.12 25.71
C VAL B 3135 -8.11 3.28 24.96
N THR B 3136 -7.31 4.08 24.28
CA THR B 3136 -7.87 5.24 23.58
C THR B 3136 -7.65 5.16 22.08
N VAL B 3137 -8.73 5.28 21.31
CA VAL B 3137 -8.66 5.19 19.86
C VAL B 3137 -9.33 6.41 19.24
N ASN B 3138 -8.60 7.13 18.38
CA ASN B 3138 -9.13 8.31 17.72
C ASN B 3138 -9.68 9.31 18.72
N GLY B 3139 -9.05 9.42 19.88
CA GLY B 3139 -9.48 10.35 20.90
C GLY B 3139 -10.57 9.86 21.87
N CYS B 3140 -11.17 8.68 21.65
CA CYS B 3140 -12.25 8.13 22.48
C CYS B 3140 -11.69 7.09 23.45
N SER B 3141 -11.93 7.27 24.74
CA SER B 3141 -11.35 6.38 25.73
C SER B 3141 -12.34 5.34 26.23
N SER B 3142 -11.85 4.13 26.42
CA SER B 3142 -12.63 3.02 26.95
C SER B 3142 -12.77 3.12 28.45
N VAL B 3143 -13.66 2.30 28.97
CA VAL B 3143 -13.86 2.18 30.40
C VAL B 3143 -12.71 1.38 30.93
N ALA B 3144 -12.12 1.81 32.03
CA ALA B 3144 -10.93 1.10 32.48
C ALA B 3144 -11.21 -0.34 32.80
N GLY B 3145 -10.35 -1.22 32.28
CA GLY B 3145 -10.39 -2.63 32.62
C GLY B 3145 -9.41 -2.81 33.75
N SER B 3146 -9.25 -4.04 34.24
CA SER B 3146 -8.31 -4.16 35.34
C SER B 3146 -7.90 -5.60 35.57
N THR B 3147 -6.81 -5.78 36.30
CA THR B 3147 -6.46 -7.12 36.76
C THR B 3147 -5.71 -7.10 38.07
N THR B 3148 -5.84 -8.20 38.81
CA THR B 3148 -5.21 -8.37 40.09
C THR B 3148 -4.11 -9.41 40.03
N VAL B 3149 -2.92 -9.04 40.48
CA VAL B 3149 -1.83 -9.98 40.58
C VAL B 3149 -1.79 -10.44 42.01
N ILE B 3150 -1.89 -11.73 42.19
CA ILE B 3150 -1.94 -12.35 43.50
C ILE B 3150 -0.54 -12.65 43.97
N VAL B 3151 -0.24 -12.30 45.21
CA VAL B 3151 1.04 -12.65 45.76
C VAL B 3151 0.88 -13.95 46.50
N HIS B 3152 1.69 -14.93 46.14
CA HIS B 3152 1.65 -16.25 46.75
C HIS B 3152 1.96 -16.13 48.22
N PRO B 3153 1.23 -16.85 49.07
CA PRO B 3153 1.46 -16.79 50.51
C PRO B 3153 2.81 -17.30 50.90
N THR B 3154 3.53 -16.54 51.73
CA THR B 3154 4.87 -16.91 52.19
C THR B 3154 4.82 -18.25 52.93
N PRO B 3155 5.71 -19.18 52.62
CA PRO B 3155 5.73 -20.50 53.24
C PRO B 3155 6.18 -20.43 54.68
N VAL B 3156 5.82 -21.47 55.42
CA VAL B 3156 6.03 -21.59 56.86
C VAL B 3156 7.48 -21.85 57.23
N THR B 3157 7.91 -21.19 58.30
CA THR B 3157 9.24 -21.29 58.87
C THR B 3157 9.62 -22.76 59.11
N PRO B 3158 10.82 -23.20 58.71
CA PRO B 3158 11.28 -24.58 58.84
C PRO B 3158 11.31 -25.11 60.26
N ASN B 3159 11.14 -26.43 60.41
CA ASN B 3159 11.20 -27.09 61.70
C ASN B 3159 12.62 -27.61 61.93
N VAL B 3160 13.32 -27.01 62.88
CA VAL B 3160 14.72 -27.26 63.18
C VAL B 3160 14.84 -27.57 64.68
N PRO B 3161 15.75 -28.47 65.08
CA PRO B 3161 15.92 -28.89 66.48
C PRO B 3161 16.24 -27.76 67.45
N ALA B 3162 15.96 -28.04 68.72
CA ALA B 3162 16.21 -27.14 69.83
C ALA B 3162 17.69 -27.04 70.07
N ASN B 3163 18.10 -26.03 70.83
CA ASN B 3163 19.52 -25.83 71.08
C ASN B 3163 20.15 -27.12 71.55
N PHE B 3164 21.24 -27.51 70.92
CA PHE B 3164 21.85 -28.71 71.46
C PHE B 3164 23.29 -28.45 71.83
N ALA B 3165 23.87 -29.43 72.49
CA ALA B 3165 25.26 -29.42 72.90
C ALA B 3165 25.90 -30.74 72.51
N VAL B 3166 27.14 -30.65 72.08
CA VAL B 3166 27.91 -31.81 71.66
C VAL B 3166 29.22 -31.80 72.45
N CYS B 3167 29.69 -32.97 72.82
CA CYS B 3167 30.99 -33.05 73.48
C CYS B 3167 32.09 -32.92 72.44
N GLU B 3168 33.15 -32.22 72.78
CA GLU B 3168 34.27 -32.12 71.86
C GLU B 3168 34.71 -33.51 71.44
N GLY B 3169 34.87 -33.69 70.14
CA GLY B 3169 35.25 -34.94 69.51
C GLY B 3169 34.09 -35.77 69.00
N ASP B 3170 32.87 -35.46 69.42
CA ASP B 3170 31.66 -36.17 69.05
C ASP B 3170 31.07 -35.53 67.78
N ASN B 3171 29.94 -36.05 67.30
CA ASN B 3171 29.36 -35.56 66.05
C ASN B 3171 28.26 -34.51 66.24
N ILE B 3172 28.17 -33.59 65.28
CA ILE B 3172 27.07 -32.63 65.21
C ILE B 3172 26.16 -33.03 64.08
N THR B 3173 24.94 -33.39 64.41
CA THR B 3173 24.00 -33.84 63.40
C THR B 3173 22.90 -32.82 63.26
N LEU B 3174 22.65 -32.42 62.05
CA LEU B 3174 21.61 -31.45 61.76
C LEU B 3174 20.59 -32.13 60.88
N SER B 3175 19.34 -31.73 61.03
CA SER B 3175 18.28 -32.23 60.17
C SER B 3175 17.10 -31.33 60.27
N THR B 3176 16.20 -31.42 59.29
CA THR B 3176 14.92 -30.74 59.42
C THR B 3176 13.78 -31.70 59.15
N SER B 3177 12.65 -31.41 59.78
CA SER B 3177 11.48 -32.26 59.68
C SER B 3177 10.53 -31.87 58.56
N THR B 3178 10.78 -30.77 57.87
CA THR B 3178 9.87 -30.32 56.85
C THR B 3178 10.30 -30.74 55.46
N VAL B 3179 9.37 -30.62 54.53
CA VAL B 3179 9.58 -30.99 53.14
C VAL B 3179 9.73 -29.74 52.28
N ALA B 3180 10.76 -29.72 51.45
CA ALA B 3180 11.07 -28.57 50.63
C ALA B 3180 11.49 -28.97 49.24
N SER B 3181 11.38 -28.03 48.30
CA SER B 3181 11.97 -28.21 46.99
C SER B 3181 13.46 -28.27 47.14
N SER B 3182 13.96 -27.39 47.99
CA SER B 3182 15.38 -27.35 48.32
C SER B 3182 15.54 -26.76 49.70
N TYR B 3183 16.66 -27.05 50.30
CA TYR B 3183 16.95 -26.53 51.61
C TYR B 3183 18.18 -25.66 51.47
N ASN B 3184 18.32 -24.67 52.34
CA ASN B 3184 19.51 -23.83 52.37
C ASN B 3184 20.02 -23.66 53.79
N TRP B 3185 21.00 -24.47 54.17
CA TRP B 3185 21.61 -24.42 55.49
C TRP B 3185 22.90 -23.63 55.42
N SER B 3186 23.22 -22.92 56.50
CA SER B 3186 24.53 -22.28 56.60
C SER B 3186 24.99 -22.19 58.04
N GLY B 3187 26.31 -22.08 58.24
CA GLY B 3187 26.83 -21.95 59.59
C GLY B 3187 28.33 -21.79 59.73
N PRO B 3188 28.82 -22.02 60.95
CA PRO B 3188 30.23 -21.87 61.33
C PRO B 3188 31.15 -22.71 60.47
N ASN B 3189 32.37 -22.24 60.26
CA ASN B 3189 33.34 -22.95 59.45
C ASN B 3189 32.86 -23.09 58.01
N GLY B 3190 31.98 -22.24 57.52
CA GLY B 3190 31.62 -22.32 56.13
C GLY B 3190 30.65 -23.42 55.86
N PHE B 3191 30.10 -24.01 56.90
CA PHE B 3191 29.16 -25.09 56.73
C PHE B 3191 28.04 -24.67 55.83
N THR B 3192 27.70 -25.55 54.92
CA THR B 3192 26.58 -25.30 54.04
C THR B 3192 26.03 -26.62 53.55
N SER B 3193 24.73 -26.62 53.26
CA SER B 3193 24.07 -27.83 52.75
C SER B 3193 22.78 -27.49 52.03
N ASN B 3194 22.47 -28.30 51.03
CA ASN B 3194 21.22 -28.10 50.30
C ASN B 3194 20.20 -29.22 50.49
N VAL B 3195 20.33 -30.01 51.54
CA VAL B 3195 19.43 -31.15 51.74
C VAL B 3195 18.76 -31.16 53.11
N GLN B 3196 17.75 -32.04 53.22
CA GLN B 3196 16.99 -32.25 54.44
C GLN B 3196 17.84 -32.79 55.56
N ASN B 3197 18.84 -33.61 55.23
CA ASN B 3197 19.74 -34.22 56.19
C ASN B 3197 21.20 -34.01 55.78
N PRO B 3198 21.79 -32.88 56.19
CA PRO B 3198 23.15 -32.47 55.84
C PRO B 3198 24.18 -33.44 56.35
N VAL B 3199 25.34 -33.38 55.72
CA VAL B 3199 26.45 -34.22 56.11
C VAL B 3199 26.82 -33.92 57.53
N VAL B 3200 27.01 -34.98 58.31
CA VAL B 3200 27.35 -34.89 59.71
C VAL B 3200 28.74 -34.34 59.90
N ILE B 3201 28.90 -33.44 60.84
CA ILE B 3201 30.19 -32.83 61.14
C ILE B 3201 30.86 -33.68 62.19
N THR B 3202 31.91 -34.36 61.81
CA THR B 3202 32.55 -35.29 62.74
C THR B 3202 33.68 -34.63 63.48
N ASN B 3203 34.08 -35.24 64.58
CA ASN B 3203 35.20 -34.74 65.38
C ASN B 3203 34.98 -33.27 65.72
N ALA B 3204 33.80 -32.95 66.24
CA ALA B 3204 33.47 -31.56 66.53
C ALA B 3204 34.49 -30.91 67.43
N THR B 3205 34.88 -29.71 67.08
CA THR B 3205 35.77 -28.89 67.87
C THR B 3205 35.03 -27.61 68.10
N THR B 3206 35.59 -26.74 68.92
CA THR B 3206 34.87 -25.53 69.25
C THR B 3206 34.75 -24.57 68.08
N SER B 3207 35.48 -24.81 66.98
CA SER B 3207 35.31 -23.96 65.82
C SER B 3207 34.01 -24.22 65.10
N ASN B 3208 33.32 -25.32 65.42
CA ASN B 3208 32.04 -25.65 64.84
C ASN B 3208 30.89 -25.21 65.73
N ALA B 3209 31.18 -24.55 66.83
CA ALA B 3209 30.15 -24.02 67.69
C ALA B 3209 29.61 -22.76 67.06
N GLY B 3210 28.33 -22.49 67.28
CA GLY B 3210 27.77 -21.28 66.71
C GLY B 3210 26.34 -21.50 66.30
N VAL B 3211 25.86 -20.68 65.39
CA VAL B 3211 24.46 -20.73 65.02
C VAL B 3211 24.29 -21.27 63.61
N TYR B 3212 23.53 -22.35 63.50
CA TYR B 3212 23.24 -23.00 62.24
C TYR B 3212 21.86 -22.57 61.77
N THR B 3213 21.80 -21.93 60.62
CA THR B 3213 20.57 -21.31 60.12
C THR B 3213 20.01 -22.05 58.91
N LEU B 3214 18.69 -22.18 58.86
CA LEU B 3214 17.98 -22.84 57.76
C LEU B 3214 16.82 -22.04 57.19
N SER B 3215 16.75 -21.98 55.86
CA SER B 3215 15.57 -21.47 55.14
C SER B 3215 15.14 -22.47 54.07
N ILE B 3216 13.86 -22.44 53.72
CA ILE B 3216 13.29 -23.41 52.77
C ILE B 3216 12.66 -22.80 51.53
N ILE B 3217 12.93 -23.42 50.39
CA ILE B 3217 12.27 -23.07 49.15
C ILE B 3217 11.13 -24.05 48.96
N ASP B 3218 9.93 -23.52 48.82
CA ASP B 3218 8.74 -24.36 48.71
C ASP B 3218 8.50 -24.77 47.25
N GLY B 3219 7.44 -25.55 47.02
CA GLY B 3219 7.10 -26.06 45.68
C GLY B 3219 6.69 -24.98 44.72
N ASN B 3220 6.43 -23.76 45.17
CA ASN B 3220 6.01 -22.78 44.22
C ASN B 3220 7.13 -21.83 43.98
N GLY B 3221 8.30 -22.07 44.57
CA GLY B 3221 9.48 -21.26 44.34
C GLY B 3221 9.80 -20.15 45.35
N CYS B 3222 8.94 -19.95 46.38
CA CYS B 3222 9.05 -18.90 47.40
C CYS B 3222 9.95 -19.36 48.56
N GLU B 3223 10.68 -18.42 49.15
CA GLU B 3223 11.56 -18.72 50.28
C GLU B 3223 10.92 -18.36 51.61
N SER B 3224 10.98 -19.29 52.56
CA SER B 3224 10.46 -19.13 53.92
C SER B 3224 11.39 -18.32 54.78
N GLY B 3225 10.93 -17.92 55.95
CA GLY B 3225 11.78 -17.17 56.85
C GLY B 3225 12.78 -18.07 57.55
N ASP B 3226 13.85 -17.48 58.08
CA ASP B 3226 14.90 -18.23 58.75
C ASP B 3226 14.49 -18.73 60.13
N THR B 3227 15.04 -19.88 60.50
CA THR B 3227 15.05 -20.37 61.86
C THR B 3227 16.44 -20.87 62.12
N ALA B 3228 16.79 -21.06 63.38
CA ALA B 3228 18.15 -21.51 63.64
C ALA B 3228 18.29 -22.28 64.94
N VAL B 3229 19.34 -23.09 65.00
CA VAL B 3229 19.68 -23.87 66.19
C VAL B 3229 21.07 -23.46 66.66
N THR B 3230 21.21 -23.19 67.94
CA THR B 3230 22.51 -22.86 68.46
C THR B 3230 23.17 -24.14 68.92
N VAL B 3231 24.40 -24.35 68.50
CA VAL B 3231 25.15 -25.54 68.86
C VAL B 3231 26.38 -25.14 69.65
N THR B 3232 26.55 -25.76 70.80
CA THR B 3232 27.72 -25.47 71.59
C THR B 3232 28.58 -26.71 71.66
N VAL B 3233 29.87 -26.53 71.90
CA VAL B 3233 30.78 -27.66 71.99
C VAL B 3233 31.45 -27.62 73.34
N ASP B 3234 31.34 -28.70 74.09
CA ASP B 3234 31.92 -28.78 75.43
C ASP B 3234 33.33 -29.36 75.39
N SER B 3235 34.29 -28.56 75.79
CA SER B 3235 35.69 -28.98 75.75
C SER B 3235 35.91 -30.20 76.65
N ILE B 3236 36.75 -31.16 76.19
CA ILE B 3236 37.12 -32.38 76.94
C ILE B 3236 38.57 -32.24 77.42
N GLY C 2892 -48.81 67.48 -33.98
CA GLY C 2892 -47.46 67.95 -33.71
C GLY C 2892 -46.51 66.87 -33.25
N GLN C 2893 -45.38 67.24 -32.66
CA GLN C 2893 -44.49 66.21 -32.14
C GLN C 2893 -44.90 65.88 -30.73
N PRO C 2894 -45.15 64.62 -30.44
CA PRO C 2894 -45.64 64.10 -29.15
C PRO C 2894 -44.52 63.89 -28.14
N SER C 2895 -43.87 64.99 -27.77
CA SER C 2895 -42.83 65.02 -26.75
C SER C 2895 -41.73 64.00 -27.00
N ALA C 2896 -41.39 63.24 -25.97
CA ALA C 2896 -40.39 62.20 -25.90
C ALA C 2896 -40.90 61.19 -24.88
N PRO C 2897 -40.52 59.92 -25.01
CA PRO C 2897 -40.94 58.87 -24.08
C PRO C 2897 -40.17 58.96 -22.78
N ASN C 2898 -40.72 58.34 -21.74
CA ASN C 2898 -40.11 58.27 -20.42
C ASN C 2898 -39.25 57.01 -20.28
N VAL C 2899 -37.97 57.21 -20.01
CA VAL C 2899 -36.98 56.16 -19.89
C VAL C 2899 -36.26 56.34 -18.56
N PRO C 2900 -35.57 55.31 -18.07
CA PRO C 2900 -34.83 55.38 -16.80
C PRO C 2900 -33.64 56.31 -16.86
N ALA C 2901 -33.24 56.77 -15.68
CA ALA C 2901 -32.08 57.62 -15.49
C ALA C 2901 -30.83 56.82 -15.74
N ASP C 2902 -29.72 57.52 -15.98
CA ASP C 2902 -28.47 56.86 -16.30
C ASP C 2902 -28.08 55.82 -15.27
N PHE C 2903 -27.62 54.68 -15.72
CA PHE C 2903 -27.23 53.81 -14.64
C PHE C 2903 -25.78 53.43 -14.80
N GLU C 2904 -25.33 52.64 -13.85
CA GLU C 2904 -24.01 52.06 -13.79
C GLU C 2904 -24.25 50.65 -13.33
N VAL C 2905 -23.69 49.69 -14.05
CA VAL C 2905 -23.78 48.29 -13.70
C VAL C 2905 -22.35 47.82 -13.68
N CYS C 2906 -22.08 46.64 -13.10
CA CYS C 2906 -20.74 46.07 -13.06
C CYS C 2906 -20.72 44.81 -13.92
N GLU C 2907 -19.60 44.51 -14.57
CA GLU C 2907 -19.58 43.37 -15.47
C GLU C 2907 -20.11 42.11 -14.81
N GLY C 2908 -20.98 41.43 -15.53
CA GLY C 2908 -21.64 40.23 -15.11
C GLY C 2908 -23.06 40.47 -14.64
N ASP C 2909 -23.42 41.71 -14.37
CA ASP C 2909 -24.75 42.07 -13.90
C ASP C 2909 -25.67 42.28 -15.11
N ASP C 2910 -26.94 42.59 -14.87
CA ASP C 2910 -27.91 42.75 -15.95
C ASP C 2910 -28.25 44.20 -16.25
N ILE C 2911 -28.35 44.55 -17.52
CA ILE C 2911 -28.79 45.89 -17.91
C ILE C 2911 -30.26 45.84 -18.18
N ILE C 2912 -31.04 46.59 -17.41
CA ILE C 2912 -32.48 46.57 -17.51
C ILE C 2912 -32.97 47.86 -18.13
N LEU C 2913 -33.59 47.75 -19.28
CA LEU C 2913 -34.09 48.90 -20.00
C LEU C 2913 -35.59 48.79 -20.11
N GLY C 2914 -36.25 49.91 -20.27
CA GLY C 2914 -37.67 49.87 -20.55
C GLY C 2914 -38.26 51.25 -20.44
N THR C 2915 -39.49 51.38 -20.90
CA THR C 2915 -40.21 52.64 -20.82
C THR C 2915 -41.50 52.44 -20.08
N THR C 2916 -42.12 53.57 -19.75
CA THR C 2916 -43.39 53.56 -19.06
C THR C 2916 -44.52 54.16 -19.87
N THR C 2917 -44.27 54.55 -21.12
CA THR C 2917 -45.34 55.20 -21.87
C THR C 2917 -46.14 54.21 -22.70
N ILE C 2918 -47.19 54.74 -23.33
CA ILE C 2918 -48.13 53.94 -24.10
C ILE C 2918 -48.06 54.33 -25.56
N ALA C 2919 -47.85 53.34 -26.42
CA ALA C 2919 -47.73 53.64 -27.82
C ALA C 2919 -48.09 52.47 -28.70
N ALA C 2920 -48.28 52.77 -29.98
CA ALA C 2920 -48.58 51.74 -30.95
C ALA C 2920 -47.37 50.88 -31.22
N SER C 2921 -46.19 51.52 -31.20
CA SER C 2921 -44.95 50.81 -31.47
C SER C 2921 -43.77 51.49 -30.78
N TYR C 2922 -42.84 50.67 -30.34
CA TYR C 2922 -41.65 51.16 -29.66
C TYR C 2922 -40.45 50.77 -30.50
N SER C 2923 -39.39 51.58 -30.46
CA SER C 2923 -38.17 51.22 -31.18
C SER C 2923 -36.92 51.58 -30.40
N TRP C 2924 -36.18 50.56 -29.99
CA TRP C 2924 -34.95 50.72 -29.23
C TRP C 2924 -33.75 50.36 -30.07
N THR C 2925 -32.66 51.08 -29.89
CA THR C 2925 -31.39 50.75 -30.50
C THR C 2925 -30.29 50.92 -29.46
N GLY C 2926 -29.12 50.33 -29.72
CA GLY C 2926 -28.01 50.54 -28.81
C GLY C 2926 -26.72 49.87 -29.23
N PRO C 2927 -25.75 49.87 -28.32
CA PRO C 2927 -24.41 49.30 -28.49
C PRO C 2927 -24.45 47.80 -28.69
N ASN C 2928 -23.43 47.29 -29.36
CA ASN C 2928 -23.23 45.85 -29.54
C ASN C 2928 -24.45 45.16 -30.17
N GLY C 2929 -25.09 45.81 -31.13
CA GLY C 2929 -26.19 45.20 -31.85
C GLY C 2929 -27.53 45.23 -31.18
N PHE C 2930 -27.67 45.92 -30.06
CA PHE C 2930 -28.94 45.92 -29.34
C PHE C 2930 -30.06 46.57 -30.13
N THR C 2931 -31.21 45.89 -30.12
CA THR C 2931 -32.44 46.40 -30.70
C THR C 2931 -33.65 45.73 -30.07
N SER C 2932 -34.77 46.46 -30.04
CA SER C 2932 -36.02 45.93 -29.52
C SER C 2932 -37.23 46.76 -29.95
N ASN C 2933 -38.39 46.12 -29.97
CA ASN C 2933 -39.64 46.83 -30.28
C ASN C 2933 -40.65 46.75 -29.15
N LEU C 2934 -40.20 46.52 -27.92
CA LEU C 2934 -41.05 46.35 -26.76
C LEU C 2934 -40.96 47.51 -25.77
N GLN C 2935 -41.88 47.54 -24.83
CA GLN C 2935 -41.85 48.53 -23.79
C GLN C 2935 -40.85 48.09 -22.80
N ASN C 2936 -40.59 46.83 -22.73
CA ASN C 2936 -39.63 46.26 -21.81
C ASN C 2936 -38.79 45.20 -22.50
N PRO C 2937 -37.72 45.61 -23.17
CA PRO C 2937 -36.83 44.74 -23.90
C PRO C 2937 -36.23 43.72 -22.97
N ALA C 2938 -35.87 42.57 -23.52
CA ALA C 2938 -35.25 41.57 -22.70
C ALA C 2938 -33.98 42.11 -22.10
N ALA C 2939 -33.72 41.73 -20.86
CA ALA C 2939 -32.53 42.18 -20.18
C ALA C 2939 -31.29 41.73 -20.89
N ILE C 2940 -30.27 42.57 -20.86
CA ILE C 2940 -28.98 42.19 -21.41
C ILE C 2940 -28.25 41.54 -20.27
N THR C 2941 -28.17 40.23 -20.29
CA THR C 2941 -27.63 39.54 -19.15
C THR C 2941 -26.14 39.37 -19.30
N ASN C 2942 -25.47 39.14 -18.18
CA ASN C 2942 -24.04 38.95 -18.19
C ASN C 2942 -23.37 40.09 -18.93
N ALA C 2943 -23.76 41.32 -18.57
CA ALA C 2943 -23.30 42.50 -19.30
C ALA C 2943 -21.80 42.62 -19.26
N SER C 2944 -21.24 43.06 -20.39
CA SER C 2944 -19.81 43.25 -20.58
C SER C 2944 -19.47 44.71 -20.84
N LEU C 2945 -18.18 45.05 -20.82
CA LEU C 2945 -17.82 46.43 -21.13
C LEU C 2945 -18.26 46.82 -22.54
N ILE C 2946 -18.31 45.86 -23.45
CA ILE C 2946 -18.72 46.13 -24.82
C ILE C 2946 -20.17 46.60 -24.92
N ASP C 2947 -20.99 46.33 -23.89
CA ASP C 2947 -22.39 46.71 -23.87
C ASP C 2947 -22.58 48.10 -23.32
N SER C 2948 -21.52 48.75 -22.90
CA SER C 2948 -21.66 50.09 -22.38
C SER C 2948 -21.94 51.05 -23.52
N GLY C 2949 -22.58 52.16 -23.22
CA GLY C 2949 -22.82 53.13 -24.27
C GLY C 2949 -24.18 53.78 -24.15
N ILE C 2950 -24.68 54.32 -25.27
CA ILE C 2950 -25.94 55.03 -25.26
C ILE C 2950 -27.06 54.20 -25.86
N TYR C 2951 -28.09 53.97 -25.09
CA TYR C 2951 -29.26 53.26 -25.55
C TYR C 2951 -30.31 54.30 -25.90
N ARG C 2952 -31.05 54.12 -26.98
CA ARG C 2952 -31.98 55.15 -27.39
C ARG C 2952 -33.33 54.65 -27.71
N LEU C 2953 -34.33 55.46 -27.51
CA LEU C 2953 -35.73 55.10 -27.71
C LEU C 2953 -36.55 56.15 -28.45
N VAL C 2954 -37.29 55.68 -29.46
CA VAL C 2954 -38.25 56.47 -30.23
C VAL C 2954 -39.61 55.80 -30.16
N VAL C 2955 -40.67 56.56 -29.96
CA VAL C 2955 -41.99 55.95 -29.79
C VAL C 2955 -43.02 56.46 -30.81
N THR C 2956 -43.75 55.51 -31.42
CA THR C 2956 -44.75 55.83 -32.43
C THR C 2956 -46.18 55.66 -31.90
N TYR C 2957 -46.97 56.69 -32.09
CA TYR C 2957 -48.33 56.72 -31.60
C TYR C 2957 -49.32 56.26 -32.67
N SER C 2958 -50.50 55.87 -32.21
CA SER C 2958 -51.56 55.34 -33.09
C SER C 2958 -52.08 56.37 -34.07
N ASN C 2959 -51.80 57.64 -33.83
CA ASN C 2959 -52.21 58.70 -34.71
C ASN C 2959 -51.17 59.00 -35.78
N GLY C 2960 -50.10 58.20 -35.84
CA GLY C 2960 -49.04 58.33 -36.83
C GLY C 2960 -47.94 59.28 -36.45
N CYS C 2961 -48.01 59.88 -35.27
CA CYS C 2961 -46.99 60.82 -34.85
C CYS C 2961 -45.86 60.08 -34.17
N VAL C 2962 -44.64 60.61 -34.33
CA VAL C 2962 -43.46 59.98 -33.75
C VAL C 2962 -42.76 60.92 -32.79
N SER C 2963 -42.48 60.41 -31.59
CA SER C 2963 -41.86 61.21 -30.55
C SER C 2963 -40.36 61.38 -30.77
N ALA C 2964 -39.80 62.32 -30.02
CA ALA C 2964 -38.38 62.62 -30.10
C ALA C 2964 -37.56 61.53 -29.44
N ASP C 2965 -36.39 61.28 -30.03
CA ASP C 2965 -35.50 60.26 -29.50
C ASP C 2965 -34.88 60.70 -28.18
N THR C 2966 -34.96 59.84 -27.19
CA THR C 2966 -34.40 60.11 -25.88
C THR C 2966 -33.34 59.07 -25.57
N THR C 2967 -32.56 59.31 -24.52
CA THR C 2967 -31.44 58.43 -24.24
C THR C 2967 -31.32 57.97 -22.81
N VAL C 2968 -30.67 56.82 -22.67
CA VAL C 2968 -30.22 56.27 -21.40
C VAL C 2968 -28.73 55.95 -21.55
N ARG C 2969 -27.85 56.50 -20.71
CA ARG C 2969 -26.41 56.15 -20.87
C ARG C 2969 -25.99 55.12 -19.83
N VAL C 2970 -25.57 53.93 -20.24
CA VAL C 2970 -25.27 52.84 -19.33
C VAL C 2970 -23.77 52.64 -19.24
N GLY C 2971 -23.21 52.85 -18.06
CA GLY C 2971 -21.81 52.60 -17.87
C GLY C 2971 -21.65 51.20 -17.34
N VAL C 2972 -20.53 50.57 -17.64
CA VAL C 2972 -20.26 49.25 -17.13
C VAL C 2972 -18.91 49.29 -16.42
N ASN C 2973 -18.88 48.87 -15.17
CA ASN C 2973 -17.65 48.89 -14.42
C ASN C 2973 -16.93 47.56 -14.47
N SER C 2974 -15.62 47.62 -14.45
CA SER C 2974 -14.81 46.42 -14.41
C SER C 2974 -14.75 45.89 -12.99
N ASN C 2975 -14.65 44.58 -12.86
CA ASN C 2975 -14.44 43.99 -11.56
C ASN C 2975 -12.94 44.04 -11.25
N PRO C 2976 -12.57 44.05 -9.98
CA PRO C 2976 -11.17 43.96 -9.60
C PRO C 2976 -10.56 42.69 -10.16
N PRO C 2977 -9.24 42.69 -10.41
CA PRO C 2977 -8.53 41.51 -10.91
C PRO C 2977 -8.70 40.38 -9.94
N VAL C 2978 -8.64 39.16 -10.43
CA VAL C 2978 -8.75 38.03 -9.52
C VAL C 2978 -7.50 37.96 -8.67
N PRO C 2979 -7.61 38.06 -7.36
CA PRO C 2979 -6.46 38.03 -6.47
C PRO C 2979 -5.93 36.64 -6.25
N ASN C 2980 -4.64 36.54 -5.99
CA ASN C 2980 -3.98 35.29 -5.62
C ASN C 2980 -3.65 35.30 -4.13
N ILE C 2981 -4.36 34.45 -3.37
CA ILE C 2981 -4.19 34.34 -1.91
C ILE C 2981 -3.02 33.45 -1.60
N VAL C 2982 -2.19 33.90 -0.67
CA VAL C 2982 -1.04 33.17 -0.19
C VAL C 2982 -1.13 33.06 1.33
N SER C 2983 -0.93 31.85 1.86
CA SER C 2983 -0.97 31.60 3.30
C SER C 2983 0.42 31.40 3.85
N ASN C 2984 0.52 31.14 5.15
CA ASN C 2984 1.82 30.87 5.78
C ASN C 2984 2.25 29.42 5.66
N GLY C 2985 1.47 28.59 5.00
CA GLY C 2985 1.85 27.20 4.89
C GLY C 2985 1.37 26.46 6.12
N PRO C 2986 1.94 25.29 6.37
CA PRO C 2986 1.53 24.34 7.40
C PRO C 2986 1.97 24.79 8.78
N ILE C 2987 1.30 25.85 9.24
CA ILE C 2987 1.50 26.51 10.51
C ILE C 2987 1.17 25.58 11.68
N CYS C 2988 1.92 25.67 12.79
CA CYS C 2988 1.63 24.90 14.02
C CYS C 2988 0.57 25.60 14.84
N PHE C 2989 -0.31 24.82 15.43
CA PHE C 2989 -1.36 25.39 16.24
C PHE C 2989 -0.78 26.30 17.30
N GLY C 2990 -1.35 27.48 17.41
CA GLY C 2990 -0.96 28.45 18.39
C GLY C 2990 -0.20 29.61 17.81
N ASP C 2991 0.16 29.50 16.54
CA ASP C 2991 0.88 30.57 15.84
C ASP C 2991 -0.06 31.37 15.05
N THR C 2992 0.29 32.58 14.71
CA THR C 2992 -0.70 33.48 14.09
C THR C 2992 -0.86 33.15 12.61
N LEU C 2993 -2.09 33.01 12.16
CA LEU C 2993 -2.37 32.64 10.78
C LEU C 2993 -2.51 33.89 9.93
N VAL C 2994 -1.73 33.98 8.87
CA VAL C 2994 -1.79 35.17 8.04
C VAL C 2994 -2.14 34.79 6.63
N LEU C 2995 -3.16 35.43 6.10
CA LEU C 2995 -3.57 35.23 4.72
C LEU C 2995 -3.45 36.57 4.01
N SER C 2996 -2.80 36.58 2.85
CA SER C 2996 -2.61 37.85 2.19
C SER C 2996 -2.60 37.72 0.68
N SER C 2997 -2.61 38.86 0.00
CA SER C 2997 -2.55 38.89 -1.44
C SER C 2997 -1.89 40.16 -1.93
N SER C 2998 -1.17 40.05 -3.04
CA SER C 2998 -0.49 41.18 -3.66
C SER C 2998 -1.45 42.10 -4.40
N THR C 2999 -2.66 41.65 -4.67
CA THR C 2999 -3.60 42.45 -5.44
C THR C 2999 -4.15 43.56 -4.57
N SER C 3000 -4.13 44.77 -5.09
CA SER C 3000 -4.63 45.91 -4.35
C SER C 3000 -6.16 45.95 -4.45
N CYS C 3001 -6.82 45.83 -3.29
CA CYS C 3001 -8.28 45.78 -3.14
C CYS C 3001 -8.68 46.76 -2.05
N GLY C 3002 -9.80 47.47 -2.25
CA GLY C 3002 -10.28 48.43 -1.28
C GLY C 3002 -10.61 47.79 0.04
N GLN C 3003 -11.47 46.80 0.00
CA GLN C 3003 -11.83 46.02 1.16
C GLN C 3003 -11.68 44.56 0.81
N SER C 3004 -11.49 43.75 1.82
CA SER C 3004 -11.29 42.35 1.59
C SER C 3004 -12.08 41.51 2.55
N GLN C 3005 -12.99 40.74 2.01
CA GLN C 3005 -13.89 39.94 2.80
C GLN C 3005 -13.43 38.49 2.73
N TRP C 3006 -13.06 37.94 3.85
CA TRP C 3006 -12.48 36.60 3.87
C TRP C 3006 -13.55 35.59 4.18
N ILE C 3007 -13.56 34.51 3.43
CA ILE C 3007 -14.55 33.48 3.61
C ILE C 3007 -13.87 32.24 4.12
N GLY C 3008 -14.14 31.89 5.35
CA GLY C 3008 -13.58 30.70 5.94
C GLY C 3008 -14.69 29.70 6.06
N PRO C 3009 -14.47 28.64 6.82
CA PRO C 3009 -15.49 27.61 7.05
C PRO C 3009 -16.79 28.13 7.66
N ASN C 3010 -16.75 29.29 8.31
CA ASN C 3010 -17.90 29.93 8.92
C ASN C 3010 -18.45 31.10 8.08
N GLY C 3011 -17.99 31.28 6.85
CA GLY C 3011 -18.28 32.50 6.11
C GLY C 3011 -19.56 32.51 5.29
N ASN C 3012 -19.62 33.63 4.54
CA ASN C 3012 -20.71 33.94 3.66
C ASN C 3012 -22.03 34.21 4.31
N SER C 3013 -22.08 34.84 5.46
CA SER C 3013 -23.34 35.27 6.07
C SER C 3013 -23.10 36.45 6.99
N GLN C 3014 -24.16 37.25 7.20
CA GLN C 3014 -24.08 38.49 7.99
C GLN C 3014 -23.77 38.30 9.46
N SER C 3015 -23.96 37.10 9.98
CA SER C 3015 -23.66 36.84 11.37
C SER C 3015 -22.18 36.57 11.60
N THR C 3016 -21.43 36.39 10.52
CA THR C 3016 -20.00 36.13 10.56
C THR C 3016 -19.21 37.29 9.99
N LEU C 3017 -19.63 37.77 8.83
CA LEU C 3017 -18.95 38.84 8.13
C LEU C 3017 -19.53 40.16 8.60
N GLY C 3018 -19.19 40.53 9.82
CA GLY C 3018 -19.75 41.73 10.39
C GLY C 3018 -19.07 42.97 9.87
N THR C 3019 -19.51 44.13 10.34
CA THR C 3019 -19.04 45.44 9.91
C THR C 3019 -17.53 45.51 9.71
N PRO C 3020 -17.06 45.97 8.54
CA PRO C 3020 -15.64 46.03 8.18
C PRO C 3020 -14.81 46.96 9.02
N GLY C 3021 -13.54 46.60 9.18
CA GLY C 3021 -12.57 47.41 9.91
C GLY C 3021 -12.60 47.05 11.38
N GLY C 3022 -11.62 47.56 12.12
CA GLY C 3022 -11.56 47.23 13.53
C GLY C 3022 -11.13 45.79 13.71
N SER C 3023 -11.49 45.22 14.86
CA SER C 3023 -11.06 43.85 15.18
C SER C 3023 -11.97 42.83 14.52
N ASN C 3024 -11.91 42.78 13.19
CA ASN C 3024 -12.76 41.91 12.39
C ASN C 3024 -11.87 41.20 11.40
N VAL C 3025 -11.42 40.00 11.76
CA VAL C 3025 -10.45 39.32 10.93
C VAL C 3025 -11.03 38.90 9.60
N LEU C 3026 -12.34 38.79 9.47
CA LEU C 3026 -12.91 38.38 8.20
C LEU C 3026 -13.37 39.53 7.32
N TRP C 3027 -13.24 40.76 7.74
CA TRP C 3027 -13.63 41.81 6.81
C TRP C 3027 -12.77 43.02 7.10
N THR C 3028 -11.70 43.09 6.36
CA THR C 3028 -10.62 44.01 6.56
C THR C 3028 -10.76 45.16 5.59
N ILE C 3029 -9.85 46.11 5.72
CA ILE C 3029 -9.81 47.28 4.86
C ILE C 3029 -8.51 47.28 4.08
N GLY C 3030 -8.06 46.09 3.70
CA GLY C 3030 -6.90 45.86 2.85
C GLY C 3030 -6.71 44.36 2.67
N SER C 3031 -5.77 43.97 1.82
CA SER C 3031 -5.62 42.54 1.49
C SER C 3031 -5.04 41.62 2.56
N THR C 3032 -4.44 42.09 3.66
CA THR C 3032 -3.83 41.17 4.62
C THR C 3032 -4.64 41.03 5.90
N THR C 3033 -4.89 39.78 6.32
CA THR C 3033 -5.60 39.52 7.57
C THR C 3033 -4.82 38.58 8.47
N SER C 3034 -4.85 38.86 9.77
CA SER C 3034 -4.15 38.04 10.75
C SER C 3034 -5.14 37.46 11.74
N ILE C 3035 -5.15 36.14 11.86
CA ILE C 3035 -6.07 35.43 12.75
C ILE C 3035 -5.30 34.80 13.91
N PRO C 3036 -5.46 35.32 15.13
CA PRO C 3036 -4.83 34.81 16.34
C PRO C 3036 -5.36 33.44 16.70
N MET C 3037 -4.65 32.70 17.55
CA MET C 3037 -5.17 31.38 17.94
C MET C 3037 -6.45 31.50 18.75
N ASN C 3038 -6.62 32.58 19.49
CA ASN C 3038 -7.82 32.77 20.29
C ASN C 3038 -8.86 33.50 19.46
N ASN C 3039 -9.31 32.81 18.41
CA ASN C 3039 -10.26 33.38 17.49
C ASN C 3039 -11.12 32.27 16.91
N ALA C 3040 -12.42 32.53 16.87
CA ALA C 3040 -13.37 31.54 16.38
C ALA C 3040 -13.08 31.09 14.96
N ASN C 3041 -12.42 31.92 14.18
CA ASN C 3041 -12.19 31.62 12.78
C ASN C 3041 -10.79 31.06 12.50
N TYR C 3042 -10.05 30.70 13.53
CA TYR C 3042 -8.73 30.11 13.38
C TYR C 3042 -8.87 28.67 12.99
N LEU C 3043 -9.28 28.45 11.75
CA LEU C 3043 -9.62 27.11 11.30
C LEU C 3043 -8.86 26.71 10.04
N PRO C 3044 -8.57 25.42 9.92
CA PRO C 3044 -8.01 24.82 8.70
C PRO C 3044 -9.10 24.66 7.68
N GLY C 3045 -8.73 24.47 6.42
CA GLY C 3045 -9.75 24.21 5.42
C GLY C 3045 -9.66 25.16 4.25
N ASN C 3046 -10.72 25.21 3.44
CA ASN C 3046 -10.67 25.98 2.21
C ASN C 3046 -11.12 27.42 2.40
N TRP C 3047 -10.20 28.34 2.19
CA TRP C 3047 -10.41 29.76 2.36
C TRP C 3047 -10.44 30.48 1.01
N TYR C 3048 -11.21 31.55 0.93
CA TYR C 3048 -11.15 32.34 -0.28
C TYR C 3048 -11.26 33.77 0.13
N MET C 3049 -11.18 34.69 -0.81
CA MET C 3049 -11.24 36.10 -0.53
C MET C 3049 -12.08 36.79 -1.57
N ILE C 3050 -12.86 37.76 -1.18
CA ILE C 3050 -13.63 38.58 -2.11
C ILE C 3050 -13.10 40.00 -2.06
N CYS C 3051 -12.64 40.55 -3.20
CA CYS C 3051 -12.16 41.92 -3.28
C CYS C 3051 -13.33 42.82 -3.56
N ILE C 3052 -13.46 43.84 -2.75
CA ILE C 3052 -14.56 44.76 -2.81
C ILE C 3052 -14.05 46.13 -3.24
N ASP C 3053 -14.60 46.63 -4.31
CA ASP C 3053 -14.27 47.96 -4.79
C ASP C 3053 -15.16 48.95 -4.06
N THR C 3054 -14.56 49.78 -3.24
CA THR C 3054 -15.30 50.69 -2.37
C THR C 3054 -15.82 51.92 -3.09
N VAL C 3055 -15.48 52.08 -4.36
CA VAL C 3055 -15.96 53.19 -5.15
C VAL C 3055 -17.15 52.78 -6.00
N THR C 3056 -17.06 51.61 -6.64
CA THR C 3056 -18.10 51.15 -7.55
C THR C 3056 -19.04 50.10 -6.98
N GLY C 3057 -18.65 49.40 -5.92
CA GLY C 3057 -19.43 48.30 -5.42
C GLY C 3057 -19.18 46.93 -6.05
N CYS C 3058 -18.22 46.82 -7.00
CA CYS C 3058 -17.86 45.61 -7.72
C CYS C 3058 -17.11 44.59 -6.87
N ARG C 3059 -17.34 43.31 -7.13
CA ARG C 3059 -16.70 42.24 -6.38
C ARG C 3059 -16.00 41.22 -7.25
N SER C 3060 -14.85 40.73 -6.79
CA SER C 3060 -14.07 39.75 -7.54
C SER C 3060 -13.51 38.65 -6.65
N GLU C 3061 -13.79 37.42 -6.96
CA GLU C 3061 -13.35 36.34 -6.11
C GLU C 3061 -12.06 35.77 -6.39
N SER C 3062 -11.39 35.33 -5.42
CA SER C 3062 -10.03 34.80 -5.40
C SER C 3062 -9.90 33.32 -5.71
N ASN C 3063 -8.68 32.88 -5.47
CA ASN C 3063 -8.38 31.50 -5.72
C ASN C 3063 -8.61 30.84 -4.45
N THR C 3064 -8.50 29.53 -4.40
CA THR C 3064 -8.85 28.84 -3.16
C THR C 3064 -7.62 28.21 -2.54
N ILE C 3065 -7.43 28.38 -1.25
CA ILE C 3065 -6.27 27.80 -0.59
C ILE C 3065 -6.69 26.85 0.51
N ASN C 3066 -5.89 25.81 0.71
CA ASN C 3066 -6.14 24.87 1.78
C ASN C 3066 -5.22 25.18 2.94
N VAL C 3067 -5.76 25.75 4.00
CA VAL C 3067 -4.96 26.13 5.13
C VAL C 3067 -4.81 24.93 6.04
N ILE C 3068 -3.56 24.62 6.40
CA ILE C 3068 -3.27 23.49 7.25
C ILE C 3068 -2.74 23.98 8.58
N ILE C 3069 -3.39 23.58 9.66
CA ILE C 3069 -2.93 23.93 10.99
C ILE C 3069 -2.58 22.62 11.68
N ASN C 3070 -1.33 22.45 12.08
CA ASN C 3070 -0.88 21.19 12.65
C ASN C 3070 -1.04 21.17 14.18
N ALA C 3071 -1.28 19.99 14.71
CA ALA C 3071 -1.38 19.86 16.15
C ALA C 3071 0.00 19.77 16.79
N ASN C 3072 0.10 20.28 18.00
CA ASN C 3072 1.29 20.12 18.83
C ASN C 3072 1.12 18.82 19.61
N PRO C 3073 2.05 17.87 19.52
CA PRO C 3073 1.93 16.59 20.23
C PRO C 3073 1.86 16.79 21.72
N ASP C 3074 1.21 15.85 22.42
CA ASP C 3074 1.00 15.89 23.86
C ASP C 3074 2.30 15.80 24.60
N THR C 3075 2.34 16.36 25.81
CA THR C 3075 3.51 16.20 26.65
C THR C 3075 3.72 14.71 26.78
N PRO C 3076 4.85 14.17 26.37
CA PRO C 3076 5.08 12.73 26.40
C PRO C 3076 5.31 12.25 27.80
N ALA C 3077 4.94 11.01 28.07
CA ALA C 3077 5.26 10.40 29.33
C ALA C 3077 6.63 9.76 29.21
N VAL C 3078 7.41 9.81 30.27
CA VAL C 3078 8.70 9.17 30.24
C VAL C 3078 8.85 8.24 31.44
N PHE C 3079 9.26 7.02 31.18
CA PHE C 3079 9.39 6.02 32.22
C PHE C 3079 10.81 5.49 32.27
N ASN C 3080 11.22 4.92 33.40
CA ASN C 3080 12.56 4.36 33.47
C ASN C 3080 12.54 3.02 34.19
N ASP C 3081 13.73 2.45 34.44
CA ASP C 3081 13.88 1.12 35.01
C ASP C 3081 13.85 1.09 36.53
N GLY C 3082 13.59 2.21 37.17
CA GLY C 3082 13.51 2.23 38.59
C GLY C 3082 14.86 2.46 39.19
N PRO C 3083 14.96 2.30 40.50
CA PRO C 3083 16.18 2.57 41.23
C PRO C 3083 17.34 1.78 40.68
N VAL C 3084 18.49 2.42 40.57
CA VAL C 3084 19.70 1.83 40.02
C VAL C 3084 20.81 2.07 41.05
N CYS C 3085 21.76 1.12 41.21
CA CYS C 3085 22.87 1.31 42.14
C CYS C 3085 23.87 2.32 41.59
N GLU C 3086 24.58 3.00 42.48
CA GLU C 3086 25.55 3.99 42.04
C GLU C 3086 26.50 3.39 41.02
N GLY C 3087 26.66 4.06 39.90
CA GLY C 3087 27.53 3.62 38.83
C GLY C 3087 26.86 2.71 37.82
N GLY C 3088 25.61 2.38 38.03
CA GLY C 3088 24.90 1.51 37.12
C GLY C 3088 24.25 2.26 35.99
N ASN C 3089 23.62 1.50 35.10
CA ASN C 3089 22.96 2.06 33.95
C ASN C 3089 21.47 1.85 34.04
N SER C 3090 20.69 2.67 33.35
CA SER C 3090 19.24 2.46 33.31
C SER C 3090 18.65 2.91 31.99
N ASN C 3091 17.60 2.25 31.55
CA ASN C 3091 16.95 2.65 30.32
C ASN C 3091 15.86 3.65 30.59
N LEU C 3092 15.61 4.50 29.62
CA LEU C 3092 14.46 5.37 29.63
C LEU C 3092 13.56 4.87 28.53
N SER C 3093 12.27 5.11 28.65
CA SER C 3093 11.41 4.74 27.54
C SER C 3093 10.23 5.68 27.40
N THR C 3094 9.73 5.80 26.19
CA THR C 3094 8.54 6.61 25.95
C THR C 3094 7.62 5.96 24.93
N ALA C 3095 6.51 6.65 24.67
CA ALA C 3095 5.47 6.20 23.77
C ALA C 3095 5.92 6.29 22.32
N THR C 3096 5.40 5.41 21.47
CA THR C 3096 5.71 5.50 20.06
C THR C 3096 4.73 6.46 19.41
N VAL C 3097 5.24 7.47 18.75
CA VAL C 3097 4.41 8.46 18.09
C VAL C 3097 4.71 8.39 16.62
N SER C 3098 3.73 8.06 15.81
CA SER C 3098 4.00 7.89 14.39
C SER C 3098 4.42 9.20 13.79
N GLY C 3099 5.49 9.16 13.00
CA GLY C 3099 5.99 10.34 12.33
C GLY C 3099 6.86 11.22 13.19
N ALA C 3100 7.14 10.83 14.41
CA ALA C 3100 7.88 11.68 15.31
C ALA C 3100 9.36 11.44 15.31
N SER C 3101 10.09 12.50 15.55
CA SER C 3101 11.49 12.41 15.88
C SER C 3101 11.57 12.64 17.37
N TYR C 3102 12.58 12.10 18.02
CA TYR C 3102 12.68 12.26 19.46
C TYR C 3102 13.98 12.93 19.81
N ALA C 3103 13.96 13.82 20.78
CA ALA C 3103 15.19 14.45 21.23
C ALA C 3103 15.25 14.50 22.73
N TRP C 3104 16.26 13.90 23.31
CA TRP C 3104 16.44 13.86 24.75
C TRP C 3104 17.50 14.84 25.14
N TYR C 3105 17.20 15.65 26.13
CA TYR C 3105 18.09 16.70 26.57
C TYR C 3105 18.56 16.47 27.99
N SER C 3106 19.77 16.89 28.28
CA SER C 3106 20.32 16.68 29.60
C SER C 3106 19.80 17.63 30.64
N ASP C 3107 19.27 18.79 30.28
CA ASP C 3107 18.94 19.73 31.33
C ASP C 3107 17.75 20.60 30.99
N SER C 3108 17.37 21.38 31.99
CA SER C 3108 16.30 22.35 31.88
C SER C 3108 16.67 23.35 30.83
N SER C 3109 15.67 23.86 30.14
CA SER C 3109 15.81 24.80 29.05
C SER C 3109 16.34 24.14 27.79
N LEU C 3110 16.54 22.83 27.80
CA LEU C 3110 16.82 22.08 26.60
C LEU C 3110 18.02 22.63 25.84
N THR C 3111 19.12 22.90 26.54
CA THR C 3111 20.28 23.52 25.92
C THR C 3111 21.30 22.53 25.39
N SER C 3112 21.25 21.28 25.84
CA SER C 3112 22.24 20.29 25.44
C SER C 3112 21.58 18.98 25.14
N LEU C 3113 21.81 18.46 23.94
CA LEU C 3113 21.19 17.25 23.44
C LEU C 3113 22.05 16.07 23.82
N VAL C 3114 21.45 14.99 24.31
CA VAL C 3114 22.21 13.81 24.66
C VAL C 3114 21.90 12.62 23.76
N SER C 3115 20.65 12.43 23.36
CA SER C 3115 20.36 11.31 22.48
C SER C 3115 19.12 11.55 21.67
N THR C 3116 18.97 10.79 20.59
CA THR C 3116 17.80 10.84 19.74
C THR C 3116 17.34 9.43 19.53
N ALA C 3117 16.51 8.93 20.43
CA ALA C 3117 16.10 7.54 20.35
C ALA C 3117 14.77 7.35 21.03
N GLN C 3118 14.03 6.33 20.66
CA GLN C 3118 12.83 6.17 21.45
C GLN C 3118 13.18 5.73 22.85
N ASN C 3119 14.13 4.81 23.03
CA ASN C 3119 14.44 4.26 24.37
C ASN C 3119 15.93 4.29 24.71
N PRO C 3120 16.51 5.45 24.96
CA PRO C 3120 17.94 5.58 25.21
C PRO C 3120 18.32 5.12 26.58
N MET C 3121 19.61 4.82 26.78
CA MET C 3121 20.14 4.45 28.08
C MET C 3121 20.99 5.54 28.70
N ILE C 3122 20.85 5.74 29.99
CA ILE C 3122 21.73 6.62 30.73
C ILE C 3122 22.80 5.74 31.33
N VAL C 3123 24.05 6.07 31.08
CA VAL C 3123 25.17 5.25 31.49
C VAL C 3123 25.95 5.89 32.63
N ASN C 3124 26.38 5.07 33.59
CA ASN C 3124 27.19 5.48 34.75
C ASN C 3124 26.52 6.56 35.59
N ILE C 3125 25.35 6.24 36.14
CA ILE C 3125 24.59 7.20 36.93
C ILE C 3125 25.16 7.25 38.34
N SER C 3126 25.67 8.40 38.77
CA SER C 3126 26.18 8.48 40.13
C SER C 3126 25.17 9.06 41.11
N THR C 3127 24.26 9.88 40.63
CA THR C 3127 23.28 10.49 41.50
C THR C 3127 21.92 10.56 40.84
N ASP C 3128 20.92 11.02 41.58
CA ASP C 3128 19.60 11.10 40.99
C ASP C 3128 19.69 12.00 39.78
N THR C 3129 19.19 11.56 38.65
CA THR C 3129 19.36 12.38 37.46
C THR C 3129 18.11 12.44 36.63
N THR C 3130 17.96 13.52 35.86
CA THR C 3130 16.78 13.70 35.02
C THR C 3130 17.11 14.00 33.59
N TRP C 3131 16.35 13.40 32.68
CA TRP C 3131 16.42 13.74 31.27
C TRP C 3131 15.08 14.29 30.80
N TYR C 3132 15.13 15.21 29.84
CA TYR C 3132 13.95 15.86 29.30
C TYR C 3132 13.67 15.39 27.88
N LEU C 3133 12.40 15.19 27.54
CA LEU C 3133 12.07 14.67 26.22
C LEU C 3133 11.17 15.57 25.39
N VAL C 3134 11.59 15.85 24.17
CA VAL C 3134 10.78 16.63 23.24
C VAL C 3134 10.45 15.78 22.03
N VAL C 3135 9.19 15.72 21.67
CA VAL C 3135 8.74 14.92 20.54
C VAL C 3135 8.32 15.88 19.45
N THR C 3136 8.88 15.73 18.24
CA THR C 3136 8.53 16.67 17.18
C THR C 3136 7.87 15.96 16.00
N VAL C 3137 6.70 16.43 15.60
CA VAL C 3137 5.95 15.83 14.51
C VAL C 3137 5.60 16.88 13.48
N ASN C 3138 5.97 16.66 12.22
CA ASN C 3138 5.68 17.60 11.15
C ASN C 3138 6.18 19.01 11.47
N GLY C 3139 7.31 19.10 12.15
CA GLY C 3139 7.88 20.37 12.52
C GLY C 3139 7.38 21.02 13.81
N CYS C 3140 6.35 20.46 14.48
CA CYS C 3140 5.76 21.01 15.71
C CYS C 3140 6.29 20.27 16.93
N SER C 3141 6.86 20.98 17.88
CA SER C 3141 7.48 20.33 19.03
C SER C 3141 6.59 20.36 20.26
N SER C 3142 6.59 19.27 20.99
CA SER C 3142 5.86 19.13 22.23
C SER C 3142 6.58 19.80 23.39
N VAL C 3143 5.86 19.95 24.48
CA VAL C 3143 6.42 20.48 25.70
C VAL C 3143 7.25 19.38 26.30
N ALA C 3144 8.45 19.70 26.76
CA ALA C 3144 9.31 18.63 27.24
C ALA C 3144 8.71 17.87 28.40
N GLY C 3145 8.74 16.55 28.29
CA GLY C 3145 8.35 15.68 29.38
C GLY C 3145 9.61 15.35 30.13
N SER C 3146 9.52 14.54 31.18
CA SER C 3146 10.75 14.26 31.88
C SER C 3146 10.64 13.06 32.79
N THR C 3147 11.77 12.52 33.19
CA THR C 3147 11.76 11.51 34.25
C THR C 3147 13.02 11.51 35.07
N THR C 3148 12.88 11.07 36.31
CA THR C 3148 13.98 11.00 37.25
C THR C 3148 14.37 9.57 37.54
N VAL C 3149 15.65 9.27 37.39
CA VAL C 3149 16.17 7.97 37.75
C VAL C 3149 16.77 8.10 39.12
N ILE C 3150 16.29 7.30 40.03
CA ILE C 3150 16.71 7.35 41.41
C ILE C 3150 17.90 6.45 41.62
N VAL C 3151 18.91 6.93 42.30
CA VAL C 3151 20.04 6.10 42.61
C VAL C 3151 19.79 5.53 44.00
N HIS C 3152 19.84 4.21 44.08
CA HIS C 3152 19.62 3.49 45.33
C HIS C 3152 20.67 3.90 46.33
N PRO C 3153 20.30 4.11 47.58
CA PRO C 3153 21.25 4.53 48.62
C PRO C 3153 22.28 3.47 48.88
N THR C 3154 23.56 3.86 48.91
CA THR C 3154 24.67 2.95 49.16
C THR C 3154 24.50 2.28 50.53
N PRO C 3155 24.65 0.95 50.60
CA PRO C 3155 24.48 0.21 51.85
C PRO C 3155 25.62 0.49 52.81
N VAL C 3156 25.33 0.22 54.08
CA VAL C 3156 26.20 0.51 55.22
C VAL C 3156 27.38 -0.44 55.31
N THR C 3157 28.53 0.15 55.65
CA THR C 3157 29.80 -0.54 55.82
C THR C 3157 29.64 -1.74 56.78
N PRO C 3158 30.17 -2.92 56.43
CA PRO C 3158 30.05 -4.15 57.22
C PRO C 3158 30.62 -4.05 58.62
N ASN C 3159 30.05 -4.84 59.53
CA ASN C 3159 30.52 -4.91 60.91
C ASN C 3159 31.51 -6.07 61.05
N VAL C 3160 32.77 -5.73 61.26
CA VAL C 3160 33.90 -6.66 61.30
C VAL C 3160 34.66 -6.44 62.62
N PRO C 3161 35.21 -7.50 63.23
CA PRO C 3161 35.92 -7.41 64.52
C PRO C 3161 37.11 -6.47 64.54
N ALA C 3162 37.46 -6.06 65.76
CA ALA C 3162 38.58 -5.19 66.03
C ALA C 3162 39.87 -5.93 65.79
N ASN C 3163 40.98 -5.20 65.69
CA ASN C 3163 42.25 -5.83 65.43
C ASN C 3163 42.48 -6.96 66.40
N PHE C 3164 42.82 -8.13 65.87
CA PHE C 3164 43.10 -9.18 66.83
C PHE C 3164 44.48 -9.73 66.62
N ALA C 3165 44.89 -10.56 67.56
CA ALA C 3165 46.16 -11.26 67.54
C ALA C 3165 45.93 -12.72 67.84
N VAL C 3166 46.67 -13.57 67.15
CA VAL C 3166 46.59 -15.01 67.32
C VAL C 3166 47.98 -15.52 67.60
N CYS C 3167 48.10 -16.52 68.46
CA CYS C 3167 49.38 -17.14 68.69
C CYS C 3167 49.71 -18.08 67.55
N GLU C 3168 50.97 -18.09 67.15
CA GLU C 3168 51.38 -19.02 66.10
C GLU C 3168 50.95 -20.43 66.48
N GLY C 3169 50.31 -21.11 65.52
CA GLY C 3169 49.78 -22.45 65.69
C GLY C 3169 48.31 -22.51 66.05
N ASP C 3170 47.73 -21.40 66.49
CA ASP C 3170 46.33 -21.31 66.91
C ASP C 3170 45.47 -20.92 65.71
N ASN C 3171 44.17 -20.77 65.90
CA ASN C 3171 43.26 -20.50 64.79
C ASN C 3171 42.94 -19.02 64.59
N ILE C 3172 42.72 -18.64 63.33
CA ILE C 3172 42.22 -17.30 62.99
C ILE C 3172 40.78 -17.43 62.57
N THR C 3173 39.90 -16.83 63.32
CA THR C 3173 38.48 -16.93 63.04
C THR C 3173 37.96 -15.58 62.60
N LEU C 3174 37.29 -15.56 61.49
CA LEU C 3174 36.73 -14.34 60.96
C LEU C 3174 35.24 -14.51 60.92
N SER C 3175 34.52 -13.41 61.10
CA SER C 3175 33.08 -13.42 60.98
C SER C 3175 32.58 -12.01 60.83
N THR C 3176 31.35 -11.87 60.34
CA THR C 3176 30.72 -10.57 60.35
C THR C 3176 29.35 -10.65 60.99
N SER C 3177 28.94 -9.54 61.58
CA SER C 3177 27.66 -9.47 62.29
C SER C 3177 26.51 -9.00 61.42
N THR C 3178 26.76 -8.60 60.18
CA THR C 3178 25.71 -8.08 59.34
C THR C 3178 25.14 -9.12 58.40
N VAL C 3179 23.98 -8.79 57.85
CA VAL C 3179 23.27 -9.66 56.93
C VAL C 3179 23.42 -9.15 55.50
N ALA C 3180 23.77 -10.05 54.59
CA ALA C 3180 24.01 -9.71 53.21
C ALA C 3180 23.44 -10.72 52.26
N SER C 3181 23.23 -10.31 51.02
CA SER C 3181 22.90 -11.25 49.96
C SER C 3181 24.09 -12.15 49.75
N SER C 3182 25.26 -11.53 49.77
CA SER C 3182 26.52 -12.24 49.66
C SER C 3182 27.60 -11.45 50.34
N TYR C 3183 28.64 -12.13 50.71
CA TYR C 3183 29.76 -11.48 51.35
C TYR C 3183 30.96 -11.66 50.44
N ASN C 3184 31.90 -10.73 50.51
CA ASN C 3184 33.14 -10.84 49.75
C ASN C 3184 34.34 -10.54 50.63
N TRP C 3185 34.98 -11.58 51.15
CA TRP C 3185 36.15 -11.47 51.99
C TRP C 3185 37.39 -11.71 51.17
N SER C 3186 38.48 -11.03 51.52
CA SER C 3186 39.77 -11.33 50.90
C SER C 3186 40.92 -11.05 51.85
N GLY C 3187 42.06 -11.69 51.63
CA GLY C 3187 43.21 -11.46 52.48
C GLY C 3187 44.49 -12.21 52.13
N PRO C 3188 45.42 -12.25 53.08
CA PRO C 3188 46.73 -12.87 52.95
C PRO C 3188 46.64 -14.33 52.55
N ASN C 3189 47.65 -14.80 51.81
CA ASN C 3189 47.67 -16.18 51.37
C ASN C 3189 46.50 -16.49 50.44
N GLY C 3190 45.90 -15.51 49.78
CA GLY C 3190 44.87 -15.83 48.83
C GLY C 3190 43.56 -16.13 49.50
N PHE C 3191 43.47 -15.85 50.79
CA PHE C 3191 42.25 -16.11 51.52
C PHE C 3191 41.09 -15.43 50.84
N THR C 3192 40.01 -16.17 50.73
CA THR C 3192 38.80 -15.62 50.17
C THR C 3192 37.61 -16.39 50.70
N SER C 3193 36.48 -15.71 50.79
CA SER C 3193 35.25 -16.34 51.26
C SER C 3193 34.02 -15.57 50.82
N ASN C 3194 32.93 -16.30 50.59
CA ASN C 3194 31.69 -15.65 50.21
C ASN C 3194 30.58 -15.78 51.25
N VAL C 3195 30.93 -16.05 52.50
CA VAL C 3195 29.92 -16.25 53.54
C VAL C 3195 30.13 -15.38 54.77
N GLN C 3196 29.08 -15.36 55.60
CA GLN C 3196 29.07 -14.62 56.87
C GLN C 3196 30.10 -15.14 57.84
N ASN C 3197 30.36 -16.44 57.81
CA ASN C 3197 31.30 -17.10 58.70
C ASN C 3197 32.27 -17.97 57.91
N PRO C 3198 33.37 -17.39 57.42
CA PRO C 3198 34.37 -18.04 56.58
C PRO C 3198 35.05 -19.18 57.28
N VAL C 3199 35.62 -20.06 56.48
CA VAL C 3199 36.33 -21.21 57.00
C VAL C 3199 37.48 -20.73 57.84
N VAL C 3200 37.63 -21.32 59.02
CA VAL C 3200 38.66 -20.98 59.97
C VAL C 3200 40.02 -21.38 59.45
N ILE C 3201 40.99 -20.50 59.62
CA ILE C 3201 42.35 -20.74 59.19
C ILE C 3201 43.08 -21.40 60.34
N THR C 3202 43.42 -22.66 60.18
CA THR C 3202 44.02 -23.39 61.28
C THR C 3202 45.53 -23.35 61.20
N ASN C 3203 46.18 -23.65 62.31
CA ASN C 3203 47.64 -23.69 62.37
C ASN C 3203 48.22 -22.40 61.82
N ALA C 3204 47.73 -21.27 62.34
CA ALA C 3204 48.16 -19.98 61.83
C ALA C 3204 49.67 -19.81 61.91
N THR C 3205 50.24 -19.32 60.83
CA THR C 3205 51.64 -19.01 60.76
C THR C 3205 51.70 -17.56 60.38
N THR C 3206 52.89 -16.99 60.37
CA THR C 3206 53.01 -15.57 60.09
C THR C 3206 52.66 -15.23 58.66
N SER C 3207 52.54 -16.21 57.78
CA SER C 3207 52.13 -15.91 56.41
C SER C 3207 50.67 -15.54 56.32
N ASN C 3208 49.89 -15.81 57.37
CA ASN C 3208 48.48 -15.46 57.44
C ASN C 3208 48.26 -14.15 58.14
N ALA C 3209 49.32 -13.47 58.54
CA ALA C 3209 49.19 -12.17 59.16
C ALA C 3209 48.94 -11.15 58.07
N GLY C 3210 48.20 -10.11 58.39
CA GLY C 3210 47.94 -9.09 57.39
C GLY C 3210 46.56 -8.53 57.54
N VAL C 3211 46.03 -7.96 56.48
CA VAL C 3211 44.76 -7.28 56.56
C VAL C 3211 43.68 -8.05 55.82
N TYR C 3212 42.63 -8.39 56.55
CA TYR C 3212 41.50 -9.12 56.02
C TYR C 3212 40.37 -8.13 55.75
N THR C 3213 39.96 -8.03 54.49
CA THR C 3213 39.02 -7.01 54.03
C THR C 3213 37.67 -7.62 53.67
N LEU C 3214 36.59 -6.92 54.03
CA LEU C 3214 35.22 -7.35 53.73
C LEU C 3214 34.35 -6.27 53.10
N SER C 3215 33.61 -6.64 52.05
CA SER C 3215 32.55 -5.80 51.49
C SER C 3215 31.28 -6.63 51.35
N ILE C 3216 30.12 -5.96 51.37
CA ILE C 3216 28.82 -6.62 51.33
C ILE C 3216 27.93 -6.23 50.16
N ILE C 3217 27.29 -7.23 49.58
CA ILE C 3217 26.27 -7.01 48.58
C ILE C 3217 24.93 -7.07 49.27
N ASP C 3218 24.14 -6.03 49.15
CA ASP C 3218 22.87 -5.93 49.85
C ASP C 3218 21.76 -6.59 49.00
N GLY C 3219 20.53 -6.58 49.54
CA GLY C 3219 19.39 -7.20 48.88
C GLY C 3219 18.97 -6.51 47.60
N ASN C 3220 19.48 -5.33 47.30
CA ASN C 3220 19.04 -4.70 46.10
C ASN C 3220 20.14 -4.79 45.09
N GLY C 3221 21.24 -5.45 45.40
CA GLY C 3221 22.33 -5.68 44.47
C GLY C 3221 23.53 -4.72 44.53
N CYS C 3222 23.50 -3.71 45.42
CA CYS C 3222 24.53 -2.67 45.58
C CYS C 3222 25.64 -3.14 46.52
N GLU C 3223 26.88 -2.72 46.25
CA GLU C 3223 28.02 -3.08 47.09
C GLU C 3223 28.37 -1.98 48.07
N SER C 3224 28.57 -2.35 49.34
CA SER C 3224 28.94 -1.46 50.43
C SER C 3224 30.42 -1.14 50.40
N GLY C 3225 30.84 -0.17 51.18
CA GLY C 3225 32.25 0.17 51.24
C GLY C 3225 33.02 -0.85 52.07
N ASP C 3226 34.34 -0.89 51.87
CA ASP C 3226 35.20 -1.84 52.57
C ASP C 3226 35.42 -1.47 54.03
N THR C 3227 35.59 -2.50 54.85
CA THR C 3227 36.12 -2.38 56.19
C THR C 3227 37.12 -3.50 56.34
N ALA C 3228 37.98 -3.41 57.35
CA ALA C 3228 38.97 -4.47 57.48
C ALA C 3228 39.46 -4.66 58.90
N VAL C 3229 39.96 -5.86 59.17
CA VAL C 3229 40.55 -6.21 60.45
C VAL C 3229 42.01 -6.60 60.24
N THR C 3230 42.89 -6.05 61.05
CA THR C 3230 44.28 -6.43 60.94
C THR C 3230 44.52 -7.58 61.89
N VAL C 3231 45.16 -8.63 61.38
CA VAL C 3231 45.45 -9.81 62.17
C VAL C 3231 46.94 -10.00 62.25
N THR C 3232 47.44 -10.15 63.46
CA THR C 3232 48.86 -10.38 63.63
C THR C 3232 49.06 -11.77 64.19
N VAL C 3233 50.22 -12.34 63.96
CA VAL C 3233 50.53 -13.67 64.46
C VAL C 3233 51.77 -13.58 65.32
N ASP C 3234 51.67 -14.03 66.56
CA ASP C 3234 52.77 -13.98 67.50
C ASP C 3234 53.59 -15.27 67.47
N SER C 3235 54.85 -15.14 67.08
CA SER C 3235 55.71 -16.31 66.95
C SER C 3235 55.88 -16.99 68.31
N ILE C 3236 55.90 -18.35 68.30
CA ILE C 3236 56.11 -19.18 69.50
C ILE C 3236 57.51 -19.80 69.43
N GLY D 2892 -28.66 66.23 -53.69
CA GLY D 2892 -27.32 65.85 -54.07
C GLY D 2892 -26.77 64.66 -53.32
N GLN D 2893 -25.47 64.43 -53.36
CA GLN D 2893 -24.92 63.34 -52.56
C GLN D 2893 -24.61 63.83 -51.18
N PRO D 2894 -25.14 63.19 -50.17
CA PRO D 2894 -25.02 63.56 -48.75
C PRO D 2894 -23.73 63.08 -48.11
N SER D 2895 -22.62 63.60 -48.62
CA SER D 2895 -21.28 63.34 -48.10
C SER D 2895 -20.98 61.86 -47.97
N ALA D 2896 -20.47 61.45 -46.81
CA ALA D 2896 -20.08 60.13 -46.39
C ALA D 2896 -20.33 60.07 -44.90
N PRO D 2897 -20.60 58.89 -44.35
CA PRO D 2897 -20.82 58.72 -42.91
C PRO D 2897 -19.52 58.75 -42.14
N ASN D 2898 -19.63 59.00 -40.84
CA ASN D 2898 -18.50 59.03 -39.93
C ASN D 2898 -18.27 57.67 -39.29
N VAL D 2899 -17.08 57.13 -39.52
CA VAL D 2899 -16.67 55.80 -39.06
C VAL D 2899 -15.36 55.95 -38.31
N PRO D 2900 -14.98 54.97 -37.49
CA PRO D 2900 -13.72 55.01 -36.73
C PRO D 2900 -12.50 54.93 -37.60
N ALA D 2901 -11.39 55.42 -37.05
CA ALA D 2901 -10.09 55.39 -37.68
C ALA D 2901 -9.58 53.96 -37.72
N ASP D 2902 -8.60 53.71 -38.57
CA ASP D 2902 -8.08 52.36 -38.75
C ASP D 2902 -7.64 51.74 -37.44
N PHE D 2903 -7.97 50.49 -37.24
CA PHE D 2903 -7.45 50.01 -36.00
C PHE D 2903 -6.58 48.80 -36.25
N GLU D 2904 -6.05 48.28 -35.16
CA GLU D 2904 -5.24 47.09 -35.09
C GLU D 2904 -5.73 46.38 -33.86
N VAL D 2905 -6.06 45.11 -34.00
CA VAL D 2905 -6.49 44.28 -32.89
C VAL D 2905 -5.57 43.08 -32.95
N CYS D 2906 -5.52 42.28 -31.88
CA CYS D 2906 -4.71 41.07 -31.84
C CYS D 2906 -5.64 39.86 -31.79
N GLU D 2907 -5.25 38.74 -32.39
CA GLU D 2907 -6.16 37.61 -32.43
C GLU D 2907 -6.70 37.25 -31.05
N GLY D 2908 -8.00 37.04 -31.01
CA GLY D 2908 -8.74 36.74 -29.81
C GLY D 2908 -9.47 37.94 -29.24
N ASP D 2909 -9.12 39.13 -29.66
CA ASP D 2909 -9.74 40.35 -29.19
C ASP D 2909 -10.99 40.66 -30.02
N ASP D 2910 -11.70 41.73 -29.71
CA ASP D 2910 -12.94 42.06 -30.41
C ASP D 2910 -12.79 43.20 -31.40
N ILE D 2911 -13.40 43.07 -32.57
CA ILE D 2911 -13.41 44.16 -33.55
C ILE D 2911 -14.70 44.93 -33.36
N ILE D 2912 -14.58 46.20 -33.02
CA ILE D 2912 -15.73 47.04 -32.73
C ILE D 2912 -15.94 48.04 -33.84
N LEU D 2913 -17.05 47.94 -34.53
CA LEU D 2913 -17.36 48.83 -35.62
C LEU D 2913 -18.60 49.61 -35.27
N GLY D 2914 -18.75 50.77 -35.89
CA GLY D 2914 -19.98 51.51 -35.74
C GLY D 2914 -19.84 52.89 -36.31
N THR D 2915 -20.96 53.57 -36.45
CA THR D 2915 -20.97 54.93 -36.94
C THR D 2915 -21.63 55.84 -35.94
N THR D 2916 -21.49 57.13 -36.18
CA THR D 2916 -22.09 58.14 -35.33
C THR D 2916 -23.14 58.96 -36.04
N THR D 2917 -23.45 58.67 -37.30
CA THR D 2917 -24.40 59.51 -37.99
C THR D 2917 -25.84 59.02 -37.87
N ILE D 2918 -26.75 59.81 -38.40
CA ILE D 2918 -28.18 59.55 -38.30
C ILE D 2918 -28.75 59.29 -39.68
N ALA D 2919 -29.43 58.15 -39.83
CA ALA D 2919 -29.95 57.82 -41.12
C ALA D 2919 -31.15 56.89 -41.03
N ALA D 2920 -31.86 56.78 -42.15
CA ALA D 2920 -33.00 55.89 -42.23
C ALA D 2920 -32.55 54.44 -42.25
N SER D 2921 -31.40 54.19 -42.88
CA SER D 2921 -30.88 52.84 -42.99
C SER D 2921 -29.36 52.84 -43.13
N TYR D 2922 -28.74 51.84 -42.55
CA TYR D 2922 -27.30 51.69 -42.58
C TYR D 2922 -26.98 50.41 -43.30
N SER D 2923 -25.85 50.35 -44.00
CA SER D 2923 -25.45 49.10 -44.65
C SER D 2923 -23.95 48.88 -44.56
N TRP D 2924 -23.57 47.84 -43.83
CA TRP D 2924 -22.18 47.47 -43.64
C TRP D 2924 -21.87 46.19 -44.36
N THR D 2925 -20.66 46.10 -44.91
CA THR D 2925 -20.15 44.88 -45.51
C THR D 2925 -18.71 44.68 -45.07
N GLY D 2926 -18.20 43.48 -45.21
CA GLY D 2926 -16.79 43.27 -44.90
C GLY D 2926 -16.30 41.85 -45.15
N PRO D 2927 -15.09 41.57 -44.68
CA PRO D 2927 -14.39 40.30 -44.80
C PRO D 2927 -15.10 39.18 -44.08
N ASN D 2928 -14.88 37.96 -44.55
CA ASN D 2928 -15.38 36.75 -43.90
C ASN D 2928 -16.90 36.77 -43.70
N GLY D 2929 -17.64 37.31 -44.66
CA GLY D 2929 -19.09 37.28 -44.59
C GLY D 2929 -19.74 38.36 -43.76
N PHE D 2930 -18.97 39.32 -43.26
CA PHE D 2930 -19.56 40.33 -42.39
C PHE D 2930 -20.58 41.21 -43.10
N THR D 2931 -21.70 41.43 -42.43
CA THR D 2931 -22.73 42.34 -42.87
C THR D 2931 -23.58 42.81 -41.70
N SER D 2932 -24.13 44.03 -41.82
CA SER D 2932 -25.01 44.59 -40.81
C SER D 2932 -25.83 45.77 -41.32
N ASN D 2933 -26.97 46.01 -40.69
CA ASN D 2933 -27.78 47.17 -41.04
C ASN D 2933 -27.99 48.12 -39.86
N LEU D 2934 -27.09 48.10 -38.90
CA LEU D 2934 -27.18 48.90 -37.69
C LEU D 2934 -26.14 50.02 -37.62
N GLN D 2935 -26.33 50.92 -36.67
CA GLN D 2935 -25.37 51.97 -36.45
C GLN D 2935 -24.26 51.39 -35.67
N ASN D 2936 -24.53 50.35 -34.95
CA ASN D 2936 -23.53 49.68 -34.13
C ASN D 2936 -23.67 48.17 -34.26
N PRO D 2937 -23.05 47.59 -35.28
CA PRO D 2937 -23.10 46.17 -35.56
C PRO D 2937 -22.56 45.39 -34.39
N ALA D 2938 -23.02 44.16 -34.24
CA ALA D 2938 -22.52 43.34 -33.16
C ALA D 2938 -21.03 43.17 -33.33
N ALA D 2939 -20.32 43.17 -32.21
CA ALA D 2939 -18.88 43.01 -32.23
C ALA D 2939 -18.50 41.68 -32.82
N ILE D 2940 -17.39 41.67 -33.54
CA ILE D 2940 -16.85 40.43 -34.06
C ILE D 2940 -15.95 39.91 -32.98
N THR D 2941 -16.41 38.92 -32.25
CA THR D 2941 -15.66 38.49 -31.09
C THR D 2941 -14.69 37.41 -31.47
N ASN D 2942 -13.67 37.23 -30.64
CA ASN D 2942 -12.68 36.22 -30.87
C ASN D 2942 -12.12 36.37 -32.28
N ALA D 2943 -11.74 37.61 -32.63
CA ALA D 2943 -11.33 37.92 -33.98
C ALA D 2943 -10.12 37.11 -34.40
N SER D 2944 -10.13 36.69 -35.65
CA SER D 2944 -9.07 35.91 -36.26
C SER D 2944 -8.39 36.65 -37.41
N LEU D 2945 -7.28 36.11 -37.90
CA LEU D 2945 -6.62 36.77 -39.03
C LEU D 2945 -7.55 36.83 -40.24
N ILE D 2946 -8.45 35.86 -40.38
CA ILE D 2946 -9.38 35.82 -41.50
C ILE D 2946 -10.34 37.01 -41.50
N ASP D 2947 -10.52 37.68 -40.36
CA ASP D 2947 -11.42 38.81 -40.20
C ASP D 2947 -10.74 40.12 -40.54
N SER D 2948 -9.46 40.07 -40.85
CA SER D 2948 -8.77 41.29 -41.19
C SER D 2948 -9.21 41.75 -42.56
N GLY D 2949 -9.10 43.04 -42.83
CA GLY D 2949 -9.46 43.52 -44.14
C GLY D 2949 -10.17 44.85 -44.10
N ILE D 2950 -10.94 45.15 -45.15
CA ILE D 2950 -11.62 46.44 -45.26
C ILE D 2950 -13.09 46.30 -44.97
N TYR D 2951 -13.55 47.05 -43.98
CA TYR D 2951 -14.96 47.08 -43.64
C TYR D 2951 -15.53 48.35 -44.26
N ARG D 2952 -16.73 48.30 -44.82
CA ARG D 2952 -17.26 49.46 -45.51
C ARG D 2952 -18.63 49.81 -45.14
N LEU D 2953 -18.97 51.08 -45.20
CA LEU D 2953 -20.27 51.60 -44.80
C LEU D 2953 -20.88 52.59 -45.78
N VAL D 2954 -22.14 52.36 -46.12
CA VAL D 2954 -22.97 53.24 -46.95
C VAL D 2954 -24.22 53.61 -46.16
N VAL D 2955 -24.62 54.87 -46.20
CA VAL D 2955 -25.77 55.29 -45.39
C VAL D 2955 -26.89 55.93 -46.22
N THR D 2956 -28.13 55.49 -45.98
CA THR D 2956 -29.30 55.98 -46.69
C THR D 2956 -30.16 56.90 -45.84
N TYR D 2957 -30.46 58.06 -46.39
CA TYR D 2957 -31.22 59.08 -45.69
C TYR D 2957 -32.70 58.98 -46.02
N SER D 2958 -33.52 59.58 -45.14
CA SER D 2958 -34.97 59.54 -45.27
C SER D 2958 -35.49 60.24 -46.50
N ASN D 2959 -34.65 61.08 -47.12
CA ASN D 2959 -35.03 61.77 -48.32
C ASN D 2959 -34.67 60.98 -49.57
N GLY D 2960 -34.22 59.74 -49.41
CA GLY D 2960 -33.89 58.86 -50.52
C GLY D 2960 -32.49 58.99 -51.04
N CYS D 2961 -31.69 59.87 -50.46
CA CYS D 2961 -30.33 60.07 -50.93
C CYS D 2961 -29.40 59.08 -50.25
N VAL D 2962 -28.37 58.67 -50.97
CA VAL D 2962 -27.41 57.70 -50.45
C VAL D 2962 -26.01 58.27 -50.42
N SER D 2963 -25.35 58.16 -49.27
CA SER D 2963 -24.02 58.71 -49.07
C SER D 2963 -22.95 57.85 -49.71
N ALA D 2964 -21.76 58.44 -49.82
CA ALA D 2964 -20.62 57.75 -50.39
C ALA D 2964 -20.08 56.70 -49.45
N ASP D 2965 -19.59 55.61 -50.05
CA ASP D 2965 -19.03 54.53 -49.26
C ASP D 2965 -17.70 54.91 -48.64
N THR D 2966 -17.58 54.69 -47.34
CA THR D 2966 -16.35 55.00 -46.64
C THR D 2966 -15.79 53.72 -46.04
N THR D 2967 -14.56 53.77 -45.55
CA THR D 2967 -13.91 52.56 -45.10
C THR D 2967 -13.24 52.65 -43.75
N VAL D 2968 -13.12 51.49 -43.13
CA VAL D 2968 -12.32 51.25 -41.93
C VAL D 2968 -11.40 50.07 -42.23
N ARG D 2969 -10.07 50.20 -42.12
CA ARG D 2969 -9.21 49.04 -42.38
C ARG D 2969 -8.73 48.40 -41.09
N VAL D 2970 -9.11 47.15 -40.81
CA VAL D 2970 -8.82 46.50 -39.54
C VAL D 2970 -7.71 45.48 -39.72
N GLY D 2971 -6.59 45.70 -39.07
CA GLY D 2971 -5.52 44.73 -39.11
C GLY D 2971 -5.66 43.82 -37.93
N VAL D 2972 -5.22 42.58 -38.07
CA VAL D 2972 -5.26 41.65 -36.97
C VAL D 2972 -3.86 41.10 -36.78
N ASN D 2973 -3.33 41.22 -35.57
CA ASN D 2973 -2.00 40.74 -35.29
C ASN D 2973 -2.00 39.33 -34.74
N SER D 2974 -0.97 38.59 -35.08
CA SER D 2974 -0.80 37.25 -34.54
C SER D 2974 -0.22 37.32 -33.15
N ASN D 2975 -0.59 36.37 -32.32
CA ASN D 2975 0.04 36.27 -31.02
C ASN D 2975 1.35 35.51 -31.17
N PRO D 2976 2.31 35.72 -30.27
CA PRO D 2976 3.53 34.93 -30.27
C PRO D 2976 3.20 33.46 -30.12
N PRO D 2977 4.07 32.57 -30.62
CA PRO D 2977 3.89 31.13 -30.51
C PRO D 2977 3.83 30.76 -29.06
N VAL D 2978 3.13 29.68 -28.72
CA VAL D 2978 3.09 29.25 -27.34
C VAL D 2978 4.47 28.72 -26.95
N PRO D 2979 5.11 29.33 -25.97
CA PRO D 2979 6.44 28.91 -25.55
C PRO D 2979 6.41 27.67 -24.68
N ASN D 2980 7.49 26.90 -24.74
CA ASN D 2980 7.70 25.74 -23.90
C ASN D 2980 8.73 26.06 -22.82
N ILE D 2981 8.28 26.14 -21.56
CA ILE D 2981 9.13 26.46 -20.42
C ILE D 2981 9.83 25.22 -19.93
N VAL D 2982 11.12 25.35 -19.68
CA VAL D 2982 11.98 24.30 -19.17
C VAL D 2982 12.66 24.80 -17.89
N SER D 2983 12.62 24.00 -16.82
CA SER D 2983 13.25 24.34 -15.56
C SER D 2983 14.52 23.54 -15.36
N ASN D 2984 15.18 23.74 -14.21
CA ASN D 2984 16.39 22.98 -13.89
C ASN D 2984 16.09 21.64 -13.24
N GLY D 2985 14.83 21.29 -13.09
CA GLY D 2985 14.52 20.03 -12.45
C GLY D 2985 14.52 20.20 -10.95
N PRO D 2986 14.62 19.12 -10.22
CA PRO D 2986 14.49 19.05 -8.76
C PRO D 2986 15.74 19.58 -8.06
N ILE D 2987 15.87 20.90 -8.16
CA ILE D 2987 16.96 21.69 -7.60
C ILE D 2987 16.96 21.63 -6.07
N CYS D 2988 18.15 21.62 -5.44
CA CYS D 2988 18.29 21.67 -3.98
C CYS D 2988 18.18 23.10 -3.49
N PHE D 2989 17.53 23.27 -2.36
CA PHE D 2989 17.39 24.60 -1.82
C PHE D 2989 18.73 25.27 -1.65
N GLY D 2990 18.82 26.49 -2.12
CA GLY D 2990 20.02 27.29 -2.02
C GLY D 2990 20.73 27.45 -3.33
N ASP D 2991 20.29 26.72 -4.34
CA ASP D 2991 20.88 26.80 -5.68
C ASP D 2991 20.06 27.68 -6.53
N THR D 2992 20.61 28.21 -7.58
CA THR D 2992 19.89 29.24 -8.35
C THR D 2992 18.86 28.60 -9.26
N LEU D 2993 17.63 29.09 -9.22
CA LEU D 2993 16.55 28.51 -10.01
C LEU D 2993 16.47 29.20 -11.36
N VAL D 2994 16.54 28.43 -12.43
CA VAL D 2994 16.52 29.02 -13.75
C VAL D 2994 15.37 28.49 -14.55
N LEU D 2995 14.56 29.38 -15.08
CA LEU D 2995 13.45 29.01 -15.93
C LEU D 2995 13.68 29.64 -17.29
N SER D 2996 13.56 28.87 -18.36
CA SER D 2996 13.85 29.42 -19.66
C SER D 2996 13.01 28.81 -20.75
N SER D 2997 13.10 29.40 -21.94
CA SER D 2997 12.39 28.87 -23.09
C SER D 2997 13.12 29.22 -24.37
N SER D 2998 13.03 28.32 -25.34
CA SER D 2998 13.65 28.51 -26.65
C SER D 2998 12.89 29.48 -27.53
N THR D 2999 11.66 29.81 -27.17
CA THR D 2999 10.87 30.69 -28.01
C THR D 2999 11.34 32.11 -27.85
N SER D 3000 11.53 32.79 -28.97
CA SER D 3000 11.99 34.17 -28.93
C SER D 3000 10.82 35.08 -28.65
N CYS D 3001 10.87 35.80 -27.52
CA CYS D 3001 9.83 36.70 -27.02
C CYS D 3001 10.48 38.04 -26.64
N GLY D 3002 9.81 39.14 -26.94
CA GLY D 3002 10.33 40.46 -26.63
C GLY D 3002 10.53 40.65 -25.15
N GLN D 3003 9.46 40.46 -24.39
CA GLN D 3003 9.51 40.52 -22.95
C GLN D 3003 8.87 39.27 -22.41
N SER D 3004 9.24 38.91 -21.21
CA SER D 3004 8.72 37.71 -20.62
C SER D 3004 8.31 37.93 -19.19
N GLN D 3005 7.04 37.75 -18.94
CA GLN D 3005 6.46 37.99 -17.64
C GLN D 3005 6.21 36.65 -16.97
N TRP D 3006 6.87 36.41 -15.86
CA TRP D 3006 6.80 35.12 -15.21
C TRP D 3006 5.76 35.15 -14.12
N ILE D 3007 4.94 34.13 -14.07
CA ILE D 3007 3.89 34.06 -13.10
C ILE D 3007 4.18 32.92 -12.15
N GLY D 3008 4.50 33.27 -10.92
CA GLY D 3008 4.77 32.28 -9.91
C GLY D 3008 3.62 32.28 -8.98
N PRO D 3009 3.77 31.66 -7.81
CA PRO D 3009 2.73 31.61 -6.79
C PRO D 3009 2.26 32.99 -6.30
N ASN D 3010 3.08 34.02 -6.48
CA ASN D 3010 2.79 35.38 -6.10
C ASN D 3010 2.38 36.26 -7.29
N GLY D 3011 2.15 35.69 -8.47
CA GLY D 3011 2.00 36.48 -9.67
C GLY D 3011 0.62 36.98 -10.01
N ASN D 3012 0.60 37.56 -11.22
CA ASN D 3012 -0.56 38.15 -11.82
C ASN D 3012 -1.11 39.36 -11.17
N SER D 3013 -0.30 40.24 -10.61
CA SER D 3013 -0.75 41.52 -10.09
C SER D 3013 0.37 42.55 -10.12
N GLN D 3014 -0.01 43.83 -10.16
CA GLN D 3014 0.94 44.95 -10.29
C GLN D 3014 1.88 45.12 -9.11
N SER D 3015 1.55 44.56 -7.97
CA SER D 3015 2.41 44.67 -6.80
C SER D 3015 3.54 43.66 -6.84
N THR D 3016 3.47 42.70 -7.76
CA THR D 3016 4.47 41.65 -7.92
C THR D 3016 5.21 41.82 -9.23
N LEU D 3017 4.48 42.00 -10.30
CA LEU D 3017 5.02 42.11 -11.63
C LEU D 3017 5.35 43.57 -11.89
N GLY D 3018 6.40 44.05 -11.25
CA GLY D 3018 6.74 45.45 -11.37
C GLY D 3018 7.46 45.73 -12.66
N THR D 3019 7.83 46.99 -12.86
CA THR D 3019 8.46 47.50 -14.07
C THR D 3019 9.53 46.56 -14.63
N PRO D 3020 9.44 46.21 -15.92
CA PRO D 3020 10.35 45.26 -16.58
C PRO D 3020 11.78 45.72 -16.68
N GLY D 3021 12.68 44.74 -16.66
CA GLY D 3021 14.10 44.98 -16.79
C GLY D 3021 14.72 45.24 -15.43
N GLY D 3022 16.06 45.27 -15.40
CA GLY D 3022 16.72 45.49 -14.13
C GLY D 3022 16.59 44.25 -13.25
N SER D 3023 16.70 44.46 -11.94
CA SER D 3023 16.66 43.34 -11.00
C SER D 3023 15.22 42.94 -10.70
N ASN D 3024 14.56 42.40 -11.72
CA ASN D 3024 13.15 42.03 -11.63
C ASN D 3024 13.02 40.63 -12.20
N VAL D 3025 13.08 39.62 -11.33
CA VAL D 3025 13.12 38.25 -11.82
C VAL D 3025 11.82 37.85 -12.47
N LEU D 3026 10.72 38.53 -12.18
CA LEU D 3026 9.45 38.15 -12.78
C LEU D 3026 9.09 38.94 -14.02
N TRP D 3027 9.88 39.88 -14.44
CA TRP D 3027 9.50 40.55 -15.68
C TRP D 3027 10.77 40.99 -16.37
N THR D 3028 11.22 40.13 -17.25
CA THR D 3028 12.50 40.22 -17.89
C THR D 3028 12.33 40.77 -19.28
N ILE D 3029 13.46 40.95 -19.95
CA ILE D 3029 13.48 41.47 -21.30
C ILE D 3029 14.06 40.41 -22.24
N GLY D 3030 13.72 39.16 -21.94
CA GLY D 3030 14.06 37.99 -22.75
C GLY D 3030 13.53 36.75 -22.06
N SER D 3031 13.64 35.60 -22.73
CA SER D 3031 13.02 34.37 -22.20
C SER D 3031 13.67 33.73 -20.96
N THR D 3032 14.89 34.08 -20.54
CA THR D 3032 15.50 33.38 -19.39
C THR D 3032 15.52 34.21 -18.13
N THR D 3033 15.06 33.62 -17.01
CA THR D 3033 15.08 34.30 -15.71
C THR D 3033 15.79 33.46 -14.66
N SER D 3034 16.55 34.11 -13.81
CA SER D 3034 17.28 33.45 -12.74
C SER D 3034 16.83 33.97 -11.40
N ILE D 3035 16.37 33.07 -10.54
CA ILE D 3035 15.87 33.44 -9.21
C ILE D 3035 16.83 32.92 -8.13
N PRO D 3036 17.54 33.81 -7.45
CA PRO D 3036 18.47 33.48 -6.36
C PRO D 3036 17.73 32.95 -5.16
N MET D 3037 18.43 32.28 -4.24
CA MET D 3037 17.74 31.79 -3.05
C MET D 3037 17.23 32.93 -2.17
N ASN D 3038 17.92 34.06 -2.19
CA ASN D 3038 17.51 35.20 -1.39
C ASN D 3038 16.57 36.07 -2.19
N ASN D 3039 15.42 35.49 -2.50
CA ASN D 3039 14.42 36.15 -3.32
C ASN D 3039 13.03 35.69 -2.91
N ALA D 3040 12.13 36.64 -2.78
CA ALA D 3040 10.77 36.35 -2.35
C ALA D 3040 10.07 35.36 -3.26
N ASN D 3041 10.47 35.28 -4.52
CA ASN D 3041 9.79 34.44 -5.48
C ASN D 3041 10.48 33.11 -5.71
N TYR D 3042 11.46 32.76 -4.88
CA TYR D 3042 12.15 31.47 -4.98
C TYR D 3042 11.26 30.39 -4.41
N LEU D 3043 10.22 30.05 -5.14
CA LEU D 3043 9.21 29.15 -4.64
C LEU D 3043 8.95 27.97 -5.55
N PRO D 3044 8.61 26.82 -4.98
CA PRO D 3044 8.17 25.63 -5.70
C PRO D 3044 6.73 25.84 -6.14
N GLY D 3045 6.28 25.04 -7.09
CA GLY D 3045 4.87 25.12 -7.48
C GLY D 3045 4.69 25.34 -8.96
N ASN D 3046 3.49 25.75 -9.35
CA ASN D 3046 3.18 25.85 -10.77
C ASN D 3046 3.49 27.22 -11.35
N TRP D 3047 4.43 27.24 -12.27
CA TRP D 3047 4.91 28.44 -12.92
C TRP D 3047 4.46 28.52 -14.38
N TYR D 3048 4.24 29.72 -14.87
CA TYR D 3048 3.96 29.82 -16.29
C TYR D 3048 4.65 31.06 -16.77
N MET D 3049 4.56 31.35 -18.06
CA MET D 3049 5.22 32.49 -18.64
C MET D 3049 4.29 33.12 -19.65
N ILE D 3050 4.30 34.45 -19.71
CA ILE D 3050 3.54 35.16 -20.73
C ILE D 3050 4.52 35.88 -21.65
N CYS D 3051 4.47 35.59 -22.96
CA CYS D 3051 5.32 36.25 -23.94
C CYS D 3051 4.65 37.52 -24.39
N ILE D 3052 5.37 38.60 -24.32
CA ILE D 3052 4.87 39.91 -24.65
C ILE D 3052 5.56 40.42 -25.89
N ASP D 3053 4.76 40.76 -26.89
CA ASP D 3053 5.27 41.33 -28.11
C ASP D 3053 5.37 42.84 -27.91
N THR D 3054 6.59 43.36 -27.89
CA THR D 3054 6.84 44.75 -27.56
C THR D 3054 6.54 45.70 -28.71
N VAL D 3055 6.19 45.17 -29.87
CA VAL D 3055 5.84 45.98 -31.02
C VAL D 3055 4.33 46.13 -31.15
N THR D 3056 3.60 45.01 -30.98
CA THR D 3056 2.16 45.00 -31.17
C THR D 3056 1.36 45.02 -29.89
N GLY D 3057 1.93 44.64 -28.75
CA GLY D 3057 1.18 44.50 -27.53
C GLY D 3057 0.50 43.14 -27.29
N CYS D 3058 0.69 42.17 -28.19
CA CYS D 3058 0.10 40.83 -28.13
C CYS D 3058 0.73 39.94 -27.06
N ARG D 3059 -0.09 39.07 -26.46
CA ARG D 3059 0.39 38.18 -25.42
C ARG D 3059 0.06 36.72 -25.67
N SER D 3060 0.98 35.84 -25.31
CA SER D 3060 0.79 34.40 -25.51
C SER D 3060 1.26 33.58 -24.33
N GLU D 3061 0.41 32.75 -23.78
CA GLU D 3061 0.77 32.02 -22.59
C GLU D 3061 1.38 30.72 -22.80
N SER D 3062 2.23 30.34 -21.95
CA SER D 3062 3.05 29.14 -21.96
C SER D 3062 2.42 27.90 -21.37
N ASN D 3063 3.30 26.92 -21.23
CA ASN D 3063 2.86 25.66 -20.70
C ASN D 3063 3.09 25.78 -19.26
N THR D 3064 2.69 24.79 -18.49
CA THR D 3064 2.82 24.93 -17.04
C THR D 3064 3.83 23.94 -16.50
N ILE D 3065 4.73 24.40 -15.65
CA ILE D 3065 5.73 23.50 -15.07
C ILE D 3065 5.61 23.45 -13.56
N ASN D 3066 5.93 22.31 -13.00
CA ASN D 3066 5.93 22.15 -11.55
C ASN D 3066 7.37 22.22 -11.06
N VAL D 3067 7.73 23.32 -10.44
CA VAL D 3067 9.09 23.48 -9.98
C VAL D 3067 9.23 22.86 -8.62
N ILE D 3068 10.22 22.00 -8.46
CA ILE D 3068 10.46 21.31 -7.21
C ILE D 3068 11.74 21.79 -6.59
N ILE D 3069 11.68 22.28 -5.37
CA ILE D 3069 12.86 22.70 -4.65
C ILE D 3069 12.98 21.79 -3.44
N ASN D 3070 14.08 21.04 -3.35
CA ASN D 3070 14.22 20.07 -2.27
C ASN D 3070 14.90 20.67 -1.04
N ALA D 3071 14.54 20.17 0.13
CA ALA D 3071 15.19 20.62 1.35
C ALA D 3071 16.52 19.94 1.56
N ASN D 3072 17.44 20.67 2.17
CA ASN D 3072 18.71 20.11 2.62
C ASN D 3072 18.50 19.56 4.02
N PRO D 3073 18.77 18.28 4.28
CA PRO D 3073 18.56 17.67 5.60
C PRO D 3073 19.38 18.38 6.66
N ASP D 3074 18.88 18.35 7.91
CA ASP D 3074 19.51 19.00 9.05
C ASP D 3074 20.85 18.40 9.37
N THR D 3075 21.74 19.19 9.96
CA THR D 3075 23.00 18.65 10.42
C THR D 3075 22.64 17.52 11.35
N PRO D 3076 23.08 16.29 11.06
CA PRO D 3076 22.70 15.13 11.87
C PRO D 3076 23.43 15.14 13.18
N ALA D 3077 22.81 14.57 14.20
CA ALA D 3077 23.49 14.37 15.45
C ALA D 3077 24.21 13.04 15.40
N VAL D 3078 25.38 12.96 16.00
CA VAL D 3078 26.09 11.70 16.03
C VAL D 3078 26.48 11.37 17.46
N PHE D 3079 26.18 10.16 17.89
CA PHE D 3079 26.44 9.72 19.24
C PHE D 3079 27.33 8.50 19.23
N ASN D 3080 28.02 8.23 20.35
CA ASN D 3080 28.85 7.04 20.40
C ASN D 3080 28.69 6.34 21.74
N ASP D 3081 29.50 5.30 21.97
CA ASP D 3081 29.39 4.45 23.16
C ASP D 3081 30.17 4.97 24.35
N GLY D 3082 30.74 6.15 24.26
CA GLY D 3082 31.45 6.71 25.38
C GLY D 3082 32.87 6.25 25.37
N PRO D 3083 33.58 6.52 26.46
CA PRO D 3083 35.00 6.24 26.57
C PRO D 3083 35.26 4.78 26.32
N VAL D 3084 36.33 4.49 25.59
CA VAL D 3084 36.73 3.15 25.22
C VAL D 3084 38.19 3.00 25.60
N CYS D 3085 38.62 1.80 26.04
CA CYS D 3085 40.03 1.57 26.38
C CYS D 3085 40.88 1.51 25.12
N GLU D 3086 42.16 1.86 25.25
CA GLU D 3086 43.04 1.83 24.09
C GLU D 3086 42.99 0.47 23.42
N GLY D 3087 42.77 0.47 22.11
CA GLY D 3087 42.70 -0.76 21.34
C GLY D 3087 41.31 -1.34 21.24
N GLY D 3088 40.34 -0.74 21.91
CA GLY D 3088 38.99 -1.25 21.88
C GLY D 3088 38.19 -0.71 20.72
N ASN D 3089 36.96 -1.17 20.63
CA ASN D 3089 36.07 -0.77 19.56
C ASN D 3089 34.91 0.02 20.13
N SER D 3090 34.28 0.85 19.30
CA SER D 3090 33.07 1.55 19.74
C SER D 3090 32.11 1.78 18.60
N ASN D 3091 30.82 1.80 18.90
CA ASN D 3091 29.84 2.06 17.87
C ASN D 3091 29.54 3.53 17.77
N LEU D 3092 29.17 3.95 16.59
CA LEU D 3092 28.65 5.27 16.36
C LEU D 3092 27.19 5.09 16.02
N SER D 3093 26.36 6.08 16.29
CA SER D 3093 24.99 5.97 15.86
C SER D 3093 24.39 7.30 15.49
N THR D 3094 23.42 7.28 14.59
CA THR D 3094 22.72 8.50 14.23
C THR D 3094 21.23 8.24 14.04
N ALA D 3095 20.52 9.32 13.71
CA ALA D 3095 19.08 9.32 13.52
C ALA D 3095 18.68 8.61 12.25
N THR D 3096 17.51 8.01 12.23
CA THR D 3096 17.04 7.39 11.00
C THR D 3096 16.32 8.45 10.18
N VAL D 3097 16.75 8.64 8.95
CA VAL D 3097 16.15 9.62 8.07
C VAL D 3097 15.58 8.87 6.89
N SER D 3098 14.27 8.96 6.70
CA SER D 3098 13.67 8.19 5.63
C SER D 3098 14.18 8.66 4.29
N GLY D 3099 14.55 7.71 3.44
CA GLY D 3099 15.03 8.01 2.11
C GLY D 3099 16.49 8.42 2.06
N ALA D 3100 17.20 8.39 3.17
CA ALA D 3100 18.56 8.86 3.19
C ALA D 3100 19.57 7.78 2.97
N SER D 3101 20.67 8.17 2.36
CA SER D 3101 21.86 7.37 2.33
C SER D 3101 22.81 8.00 3.32
N TYR D 3102 23.70 7.23 3.90
CA TYR D 3102 24.60 7.78 4.90
C TYR D 3102 26.03 7.59 4.46
N ALA D 3103 26.87 8.57 4.71
CA ALA D 3103 28.28 8.43 4.39
C ALA D 3103 29.14 8.95 5.51
N TRP D 3104 29.98 8.10 6.05
CA TRP D 3104 30.86 8.47 7.15
C TRP D 3104 32.24 8.66 6.64
N TYR D 3105 32.86 9.76 7.00
CA TYR D 3105 34.16 10.12 6.51
C TYR D 3105 35.18 10.16 7.63
N SER D 3106 36.41 9.83 7.31
CA SER D 3106 37.44 9.79 8.33
C SER D 3106 37.98 11.15 8.72
N ASP D 3107 37.82 12.17 7.90
CA ASP D 3107 38.50 13.41 8.24
C ASP D 3107 37.75 14.64 7.77
N SER D 3108 38.29 15.78 8.18
CA SER D 3108 37.80 17.08 7.79
C SER D 3108 37.92 17.21 6.29
N SER D 3109 37.00 17.94 5.71
CA SER D 3109 36.89 18.15 4.28
C SER D 3109 36.36 16.93 3.56
N LEU D 3110 36.02 15.87 4.29
CA LEU D 3110 35.31 14.75 3.72
C LEU D 3110 36.03 14.15 2.52
N THR D 3111 37.34 13.93 2.64
CA THR D 3111 38.12 13.43 1.51
C THR D 3111 38.22 11.93 1.44
N SER D 3112 37.94 11.21 2.52
CA SER D 3112 38.10 9.77 2.54
C SER D 3112 36.92 9.13 3.24
N LEU D 3113 36.26 8.22 2.54
CA LEU D 3113 35.07 7.55 3.01
C LEU D 3113 35.46 6.32 3.78
N VAL D 3114 34.84 6.08 4.94
CA VAL D 3114 35.14 4.88 5.71
C VAL D 3114 33.98 3.92 5.78
N SER D 3115 32.75 4.40 5.89
CA SER D 3115 31.64 3.48 5.92
C SER D 3115 30.35 4.13 5.46
N THR D 3116 29.39 3.30 5.10
CA THR D 3116 28.07 3.75 4.68
C THR D 3116 27.06 2.95 5.47
N ALA D 3117 26.72 3.40 6.66
CA ALA D 3117 25.83 2.64 7.51
C ALA D 3117 25.10 3.55 8.47
N GLN D 3118 23.95 3.13 8.95
CA GLN D 3118 23.40 4.03 9.95
C GLN D 3118 24.25 3.98 11.21
N ASN D 3119 24.70 2.80 11.65
CA ASN D 3119 25.41 2.68 12.93
C ASN D 3119 26.73 1.92 12.81
N PRO D 3120 27.75 2.48 12.20
CA PRO D 3120 29.02 1.79 11.96
C PRO D 3120 29.86 1.70 13.21
N MET D 3121 30.82 0.77 13.21
CA MET D 3121 31.76 0.63 14.31
C MET D 3121 33.15 1.11 13.95
N ILE D 3122 33.80 1.78 14.87
CA ILE D 3122 35.21 2.14 14.72
C ILE D 3122 35.99 1.06 15.43
N VAL D 3123 36.93 0.45 14.74
CA VAL D 3123 37.68 -0.68 15.27
C VAL D 3123 39.11 -0.30 15.59
N ASN D 3124 39.62 -0.83 16.71
CA ASN D 3124 41.00 -0.63 17.17
C ASN D 3124 41.36 0.85 17.36
N ILE D 3125 40.65 1.53 18.24
CA ILE D 3125 40.87 2.94 18.49
C ILE D 3125 42.05 3.12 19.42
N SER D 3126 43.11 3.78 18.96
CA SER D 3126 44.24 4.00 19.85
C SER D 3126 44.22 5.36 20.52
N THR D 3127 43.60 6.33 19.89
CA THR D 3127 43.57 7.68 20.45
C THR D 3127 42.21 8.31 20.23
N ASP D 3128 42.03 9.50 20.77
CA ASP D 3128 40.76 10.17 20.59
C ASP D 3128 40.53 10.34 19.11
N THR D 3129 39.38 9.94 18.61
CA THR D 3129 39.20 10.01 17.17
C THR D 3129 37.85 10.53 16.79
N THR D 3130 37.74 11.13 15.61
CA THR D 3130 36.47 11.68 15.14
C THR D 3130 36.08 11.21 13.76
N TRP D 3131 34.81 10.92 13.59
CA TRP D 3131 34.23 10.64 12.29
C TRP D 3131 33.19 11.69 11.94
N TYR D 3132 33.08 11.98 10.65
CA TYR D 3132 32.15 12.97 10.13
C TYR D 3132 31.01 12.33 9.38
N LEU D 3133 29.79 12.84 9.53
CA LEU D 3133 28.65 12.20 8.89
C LEU D 3133 27.87 13.11 7.95
N VAL D 3134 27.66 12.64 6.74
CA VAL D 3134 26.86 13.36 5.76
C VAL D 3134 25.64 12.55 5.39
N VAL D 3135 24.47 13.14 5.46
CA VAL D 3135 23.23 12.45 5.15
C VAL D 3135 22.70 13.02 3.85
N THR D 3136 22.44 12.16 2.87
CA THR D 3136 21.97 12.67 1.58
C THR D 3136 20.58 12.16 1.24
N VAL D 3137 19.67 13.07 0.93
CA VAL D 3137 18.29 12.72 0.63
C VAL D 3137 17.89 13.33 -0.70
N ASN D 3138 17.42 12.52 -1.64
CA ASN D 3138 17.00 12.99 -2.95
C ASN D 3138 18.09 13.81 -3.63
N GLY D 3139 19.33 13.42 -3.43
CA GLY D 3139 20.46 14.12 -4.03
C GLY D 3139 21.02 15.33 -3.28
N CYS D 3140 20.37 15.78 -2.19
CA CYS D 3140 20.79 16.95 -1.42
C CYS D 3140 21.54 16.52 -0.16
N SER D 3141 22.75 17.01 0.01
CA SER D 3141 23.58 16.57 1.14
C SER D 3141 23.56 17.55 2.29
N SER D 3142 23.52 17.02 3.50
CA SER D 3142 23.58 17.81 4.72
C SER D 3142 24.98 18.24 5.05
N VAL D 3143 25.08 19.16 5.99
CA VAL D 3143 26.35 19.62 6.50
C VAL D 3143 26.88 18.53 7.39
N ALA D 3144 28.15 18.20 7.27
CA ALA D 3144 28.63 17.07 8.05
C ALA D 3144 28.50 17.29 9.54
N GLY D 3145 27.95 16.29 10.22
CA GLY D 3145 27.90 16.29 11.66
C GLY D 3145 29.11 15.54 12.13
N SER D 3146 29.28 15.38 13.44
CA SER D 3146 30.49 14.66 13.85
C SER D 3146 30.41 14.19 15.27
N THR D 3147 31.27 13.25 15.63
CA THR D 3147 31.42 12.91 17.04
C THR D 3147 32.81 12.42 17.36
N THR D 3148 33.19 12.62 18.62
CA THR D 3148 34.49 12.23 19.12
C THR D 3148 34.38 11.06 20.08
N VAL D 3149 35.15 10.02 19.82
CA VAL D 3149 35.23 8.89 20.73
C VAL D 3149 36.46 9.10 21.57
N ILE D 3150 36.27 9.13 22.86
CA ILE D 3150 37.33 9.39 23.82
C ILE D 3150 37.99 8.09 24.21
N VAL D 3151 39.30 8.06 24.20
CA VAL D 3151 40.00 6.89 24.66
C VAL D 3151 40.32 7.10 26.11
N HIS D 3152 39.90 6.16 26.95
CA HIS D 3152 40.10 6.21 28.38
C HIS D 3152 41.59 6.21 28.66
N PRO D 3153 42.05 7.03 29.61
CA PRO D 3153 43.48 7.10 29.93
C PRO D 3153 43.98 5.79 30.50
N THR D 3154 45.11 5.32 29.98
CA THR D 3154 45.73 4.07 30.44
C THR D 3154 46.07 4.16 31.92
N PRO D 3155 45.70 3.16 32.72
CA PRO D 3155 45.95 3.15 34.16
C PRO D 3155 47.43 3.00 34.47
N VAL D 3156 47.77 3.42 35.69
CA VAL D 3156 49.13 3.48 36.19
C VAL D 3156 49.71 2.11 36.51
N THR D 3157 50.98 1.96 36.16
CA THR D 3157 51.77 0.76 36.38
C THR D 3157 51.70 0.32 37.86
N PRO D 3158 51.45 -0.97 38.15
CA PRO D 3158 51.29 -1.49 39.51
C PRO D 3158 52.50 -1.29 40.40
N ASN D 3159 52.26 -1.20 41.70
CA ASN D 3159 53.32 -1.05 42.70
C ASN D 3159 53.69 -2.44 43.24
N VAL D 3160 54.88 -2.89 42.89
CA VAL D 3160 55.40 -4.23 43.20
C VAL D 3160 56.74 -4.08 43.90
N PRO D 3161 57.08 -4.95 44.86
CA PRO D 3161 58.33 -4.89 45.64
C PRO D 3161 59.60 -4.93 44.81
N ALA D 3162 60.66 -4.43 45.43
CA ALA D 3162 61.99 -4.39 44.87
C ALA D 3162 62.56 -5.79 44.80
N ASN D 3163 63.63 -5.97 44.03
CA ASN D 3163 64.20 -7.29 43.88
C ASN D 3163 64.44 -7.91 45.24
N PHE D 3164 63.97 -9.12 45.43
CA PHE D 3164 64.29 -9.71 46.71
C PHE D 3164 65.00 -11.02 46.52
N ALA D 3165 65.49 -11.54 47.64
CA ALA D 3165 66.17 -12.82 47.72
C ALA D 3165 65.58 -13.62 48.86
N VAL D 3166 65.45 -14.91 48.64
CA VAL D 3166 64.92 -15.83 49.63
C VAL D 3166 65.92 -16.96 49.80
N CYS D 3167 66.08 -17.44 51.03
CA CYS D 3167 66.93 -18.59 51.24
C CYS D 3167 66.22 -19.84 50.83
N GLU D 3168 66.94 -20.77 50.22
CA GLU D 3168 66.34 -22.03 49.85
C GLU D 3168 65.66 -22.65 51.06
N GLY D 3169 64.42 -23.08 50.87
CA GLY D 3169 63.58 -23.67 51.91
C GLY D 3169 62.64 -22.68 52.59
N ASP D 3170 62.86 -21.38 52.42
CA ASP D 3170 62.07 -20.33 53.04
C ASP D 3170 60.92 -19.95 52.09
N ASN D 3171 60.11 -18.98 52.47
CA ASN D 3171 58.94 -18.61 51.67
C ASN D 3171 59.16 -17.43 50.73
N ILE D 3172 58.48 -17.45 49.59
CA ILE D 3172 58.45 -16.31 48.67
C ILE D 3172 57.08 -15.68 48.77
N THR D 3173 57.05 -14.45 49.22
CA THR D 3173 55.79 -13.76 49.40
C THR D 3173 55.69 -12.64 48.41
N LEU D 3174 54.60 -12.59 47.69
CA LEU D 3174 54.38 -11.56 46.70
C LEU D 3174 53.15 -10.78 47.14
N SER D 3175 53.14 -9.49 46.81
CA SER D 3175 51.98 -8.67 47.08
C SER D 3175 52.08 -7.41 46.26
N THR D 3176 50.95 -6.74 46.11
CA THR D 3176 50.97 -5.41 45.51
C THR D 3176 50.23 -4.41 46.39
N SER D 3177 50.67 -3.17 46.30
CA SER D 3177 50.10 -2.11 47.12
C SER D 3177 48.97 -1.37 46.45
N THR D 3178 48.66 -1.66 45.20
CA THR D 3178 47.62 -0.93 44.50
C THR D 3178 46.29 -1.66 44.51
N VAL D 3179 45.24 -0.91 44.18
CA VAL D 3179 43.89 -1.41 44.14
C VAL D 3179 43.44 -1.63 42.71
N ALA D 3180 42.88 -2.81 42.44
CA ALA D 3180 42.47 -3.17 41.10
C ALA D 3180 41.13 -3.88 41.10
N SER D 3181 40.49 -3.89 39.94
CA SER D 3181 39.31 -4.73 39.75
C SER D 3181 39.75 -6.17 39.82
N SER D 3182 40.88 -6.43 39.19
CA SER D 3182 41.50 -7.73 39.22
C SER D 3182 42.99 -7.60 39.02
N TYR D 3183 43.72 -8.59 39.45
CA TYR D 3183 45.14 -8.59 39.29
C TYR D 3183 45.50 -9.75 38.40
N ASN D 3184 46.60 -9.64 37.68
CA ASN D 3184 47.10 -10.74 36.85
C ASN D 3184 48.59 -10.95 37.06
N TRP D 3185 48.93 -11.90 37.92
CA TRP D 3185 50.31 -12.24 38.22
C TRP D 3185 50.72 -13.45 37.42
N SER D 3186 51.99 -13.51 37.03
CA SER D 3186 52.53 -14.71 36.41
C SER D 3186 54.01 -14.89 36.70
N GLY D 3187 54.50 -16.12 36.63
CA GLY D 3187 55.91 -16.36 36.87
C GLY D 3187 56.40 -17.79 36.72
N PRO D 3188 57.58 -18.06 37.26
CA PRO D 3188 58.27 -19.35 37.20
C PRO D 3188 57.43 -20.48 37.75
N ASN D 3189 57.61 -21.68 37.22
CA ASN D 3189 56.85 -22.84 37.67
C ASN D 3189 55.36 -22.66 37.42
N GLY D 3190 54.94 -21.82 36.48
CA GLY D 3190 53.54 -21.75 36.17
C GLY D 3190 52.79 -20.94 37.19
N PHE D 3191 53.50 -20.24 38.06
CA PHE D 3191 52.87 -19.44 39.06
C PHE D 3191 51.90 -18.48 38.43
N THR D 3192 50.74 -18.38 39.03
CA THR D 3192 49.74 -17.45 38.58
C THR D 3192 48.82 -17.09 39.73
N SER D 3193 48.28 -15.88 39.68
CA SER D 3193 47.35 -15.43 40.71
C SER D 3193 46.48 -14.28 40.22
N ASN D 3194 45.26 -14.23 40.72
CA ASN D 3194 44.37 -13.13 40.36
C ASN D 3194 44.04 -12.19 41.51
N VAL D 3195 44.86 -12.16 42.56
CA VAL D 3195 44.56 -11.34 43.72
C VAL D 3195 45.71 -10.42 44.12
N GLN D 3196 45.37 -9.47 45.01
CA GLN D 3196 46.32 -8.51 45.56
C GLN D 3196 47.41 -9.17 46.37
N ASN D 3197 47.08 -10.27 47.04
CA ASN D 3197 48.01 -11.01 47.89
C ASN D 3197 47.98 -12.49 47.54
N PRO D 3198 48.78 -12.92 46.55
CA PRO D 3198 48.84 -14.28 46.04
C PRO D 3198 49.28 -15.26 47.08
N VAL D 3199 48.94 -16.52 46.83
CA VAL D 3199 49.32 -17.60 47.73
C VAL D 3199 50.82 -17.66 47.82
N VAL D 3200 51.31 -17.77 49.05
CA VAL D 3200 52.73 -17.82 49.35
C VAL D 3200 53.33 -19.11 48.84
N ILE D 3201 54.50 -19.01 48.21
CA ILE D 3201 55.20 -20.16 47.69
C ILE D 3201 56.10 -20.69 48.78
N THR D 3202 55.79 -21.85 49.32
CA THR D 3202 56.54 -22.35 50.45
C THR D 3202 57.65 -23.28 49.98
N ASN D 3203 58.61 -23.49 50.86
CA ASN D 3203 59.73 -24.39 50.57
C ASN D 3203 60.39 -24.00 49.26
N ALA D 3204 60.72 -22.72 49.12
CA ALA D 3204 61.29 -22.24 47.87
C ALA D 3204 62.53 -23.01 47.47
N THR D 3205 62.58 -23.38 46.21
CA THR D 3205 63.73 -24.03 45.63
C THR D 3205 64.13 -23.17 44.47
N THR D 3206 65.24 -23.49 43.85
CA THR D 3206 65.73 -22.64 42.78
C THR D 3206 64.84 -22.67 41.54
N SER D 3207 63.90 -23.61 41.47
CA SER D 3207 63.00 -23.62 40.33
C SER D 3207 61.99 -22.49 40.41
N ASN D 3208 61.85 -21.84 41.57
CA ASN D 3208 60.96 -20.72 41.76
C ASN D 3208 61.67 -19.39 41.60
N ALA D 3209 62.95 -19.42 41.26
CA ALA D 3209 63.68 -18.21 41.01
C ALA D 3209 63.30 -17.71 39.63
N GLY D 3210 63.32 -16.39 39.46
CA GLY D 3210 62.99 -15.86 38.15
C GLY D 3210 62.24 -14.56 38.28
N VAL D 3211 61.51 -14.20 37.25
CA VAL D 3211 60.85 -12.91 37.23
C VAL D 3211 59.35 -13.05 37.36
N TYR D 3212 58.81 -12.41 38.39
CA TYR D 3212 57.39 -12.43 38.68
C TYR D 3212 56.77 -11.12 38.17
N THR D 3213 55.85 -11.24 37.22
CA THR D 3213 55.29 -10.10 36.51
C THR D 3213 53.84 -9.84 36.91
N LEU D 3214 53.48 -8.56 37.05
CA LEU D 3214 52.12 -8.13 37.39
C LEU D 3214 51.55 -7.05 36.50
N SER D 3215 50.30 -7.23 36.08
CA SER D 3215 49.52 -6.18 35.41
C SER D 3215 48.16 -6.04 36.10
N ILE D 3216 47.56 -4.85 36.00
CA ILE D 3216 46.30 -4.55 36.68
C ILE D 3216 45.17 -4.13 35.76
N ILE D 3217 43.98 -4.66 36.05
CA ILE D 3217 42.77 -4.23 35.39
C ILE D 3217 42.10 -3.21 36.29
N ASP D 3218 41.85 -2.03 35.78
CA ASP D 3218 41.28 -0.94 36.58
C ASP D 3218 39.75 -1.03 36.57
N GLY D 3219 39.11 -0.09 37.28
CA GLY D 3219 37.65 -0.07 37.42
C GLY D 3219 36.93 0.23 36.12
N ASN D 3220 37.63 0.67 35.09
CA ASN D 3220 36.90 0.97 33.89
C ASN D 3220 37.16 -0.11 32.88
N GLY D 3221 37.90 -1.15 33.25
CA GLY D 3221 38.14 -2.29 32.38
C GLY D 3221 39.45 -2.31 31.58
N CYS D 3222 40.29 -1.27 31.69
CA CYS D 3222 41.56 -1.11 30.97
C CYS D 3222 42.71 -1.78 31.69
N GLU D 3223 43.66 -2.33 30.94
CA GLU D 3223 44.83 -2.99 31.52
C GLU D 3223 46.04 -2.08 31.55
N SER D 3224 46.72 -2.02 32.71
CA SER D 3224 47.92 -1.23 32.94
C SER D 3224 49.14 -1.93 32.37
N GLY D 3225 50.26 -1.21 32.31
CA GLY D 3225 51.48 -1.81 31.82
C GLY D 3225 52.11 -2.72 32.86
N ASP D 3226 52.98 -3.63 32.41
CA ASP D 3226 53.63 -4.58 33.30
C ASP D 3226 54.72 -3.95 34.16
N THR D 3227 54.87 -4.51 35.36
CA THR D 3227 56.03 -4.28 36.20
C THR D 3227 56.43 -5.63 36.73
N ALA D 3228 57.64 -5.75 37.25
CA ALA D 3228 58.05 -7.06 37.72
C ALA D 3228 59.10 -7.00 38.82
N VAL D 3229 59.15 -8.08 39.60
CA VAL D 3229 60.14 -8.24 40.66
C VAL D 3229 60.98 -9.48 40.36
N THR D 3230 62.29 -9.35 40.46
CA THR D 3230 63.14 -10.49 40.25
C THR D 3230 63.37 -11.14 41.60
N VAL D 3231 63.17 -12.45 41.65
CA VAL D 3231 63.35 -13.21 42.88
C VAL D 3231 64.45 -14.22 42.70
N THR D 3232 65.41 -14.21 43.60
CA THR D 3232 66.48 -15.18 43.52
C THR D 3232 66.39 -16.10 44.71
N VAL D 3233 66.93 -17.31 44.58
CA VAL D 3233 66.90 -18.27 45.66
C VAL D 3233 68.33 -18.66 45.98
N ASP D 3234 68.73 -18.49 47.24
CA ASP D 3234 70.08 -18.81 47.66
C ASP D 3234 70.19 -20.23 48.18
N SER D 3235 70.98 -21.04 47.50
CA SER D 3235 71.12 -22.44 47.87
C SER D 3235 71.68 -22.57 49.28
N ILE D 3236 71.18 -23.55 50.05
CA ILE D 3236 71.65 -23.86 51.43
C ILE D 3236 72.42 -25.17 51.40
N GLY E 2892 -24.32 46.27 -73.20
CA GLY E 2892 -23.65 45.04 -73.61
C GLY E 2892 -23.31 44.11 -72.46
N GLN E 2893 -22.42 43.14 -72.67
CA GLN E 2893 -22.01 42.30 -71.57
C GLN E 2893 -20.87 42.94 -70.85
N PRO E 2894 -20.97 43.16 -69.56
CA PRO E 2894 -20.00 43.84 -68.70
C PRO E 2894 -18.87 42.94 -68.24
N SER E 2895 -18.11 42.45 -69.20
CA SER E 2895 -16.91 41.63 -68.98
C SER E 2895 -17.19 40.43 -68.09
N ALA E 2896 -16.36 40.24 -67.08
CA ALA E 2896 -16.35 39.19 -66.08
C ALA E 2896 -15.77 39.82 -64.83
N PRO E 2897 -16.14 39.32 -63.65
CA PRO E 2897 -15.62 39.83 -62.38
C PRO E 2897 -14.22 39.33 -62.12
N ASN E 2898 -13.52 40.03 -61.23
CA ASN E 2898 -12.17 39.68 -60.81
C ASN E 2898 -12.19 38.78 -59.58
N VAL E 2899 -11.62 37.59 -59.73
CA VAL E 2899 -11.58 36.55 -58.71
C VAL E 2899 -10.13 36.12 -58.53
N PRO E 2900 -9.80 35.47 -57.42
CA PRO E 2900 -8.43 35.00 -57.15
C PRO E 2900 -7.99 33.89 -58.08
N ALA E 2901 -6.68 33.77 -58.21
CA ALA E 2901 -6.03 32.74 -59.00
C ALA E 2901 -6.23 31.39 -58.32
N ASP E 2902 -6.04 30.33 -59.08
CA ASP E 2902 -6.26 28.98 -58.56
C ASP E 2902 -5.47 28.73 -57.29
N PHE E 2903 -6.09 28.10 -56.33
CA PHE E 2903 -5.24 27.87 -55.21
C PHE E 2903 -5.18 26.39 -54.91
N GLU E 2904 -4.41 26.07 -53.90
CA GLU E 2904 -4.22 24.75 -53.35
C GLU E 2904 -4.22 24.96 -51.85
N VAL E 2905 -5.03 24.20 -51.16
CA VAL E 2905 -5.09 24.26 -49.71
C VAL E 2905 -4.90 22.82 -49.27
N CYS E 2906 -4.61 22.58 -47.99
CA CYS E 2906 -4.44 21.24 -47.46
C CYS E 2906 -5.58 20.96 -46.49
N GLU E 2907 -6.04 19.71 -46.39
CA GLU E 2907 -7.19 19.43 -45.54
C GLU E 2907 -7.01 19.98 -44.14
N GLY E 2908 -8.05 20.64 -43.67
CA GLY E 2908 -8.09 21.28 -42.38
C GLY E 2908 -7.89 22.78 -42.45
N ASP E 2909 -7.37 23.28 -43.57
CA ASP E 2909 -7.12 24.70 -43.76
C ASP E 2909 -8.39 25.39 -44.27
N ASP E 2910 -8.34 26.70 -44.48
CA ASP E 2910 -9.52 27.44 -44.90
C ASP E 2910 -9.49 27.82 -46.39
N ILE E 2911 -10.62 27.70 -47.07
CA ILE E 2911 -10.72 28.15 -48.45
C ILE E 2911 -11.29 29.55 -48.44
N ILE E 2912 -10.53 30.50 -48.94
CA ILE E 2912 -10.93 31.90 -48.92
C ILE E 2912 -11.28 32.36 -50.32
N LEU E 2913 -12.52 32.73 -50.53
CA LEU E 2913 -12.99 33.17 -51.82
C LEU E 2913 -13.44 34.60 -51.70
N GLY E 2914 -13.43 35.31 -52.81
CA GLY E 2914 -13.99 36.64 -52.83
C GLY E 2914 -13.65 37.34 -54.11
N THR E 2915 -14.30 38.46 -54.33
CA THR E 2915 -14.05 39.28 -55.51
C THR E 2915 -13.66 40.67 -55.08
N THR E 2916 -13.19 41.43 -56.07
CA THR E 2916 -12.80 42.80 -55.85
C THR E 2916 -13.65 43.79 -56.62
N THR E 2917 -14.67 43.33 -57.35
CA THR E 2917 -15.42 44.28 -58.14
C THR E 2917 -16.64 44.83 -57.42
N ILE E 2918 -17.30 45.77 -58.06
CA ILE E 2918 -18.44 46.49 -57.49
C ILE E 2918 -19.69 46.17 -58.26
N ALA E 2919 -20.72 45.73 -57.56
CA ALA E 2919 -21.93 45.36 -58.24
C ALA E 2919 -23.14 45.44 -57.33
N ALA E 2920 -24.31 45.41 -57.97
CA ALA E 2920 -25.57 45.44 -57.24
C ALA E 2920 -25.79 44.13 -56.53
N SER E 2921 -25.36 43.03 -57.14
CA SER E 2921 -25.54 41.72 -56.57
C SER E 2921 -24.47 40.75 -57.05
N TYR E 2922 -24.08 39.85 -56.17
CA TYR E 2922 -23.07 38.86 -56.47
C TYR E 2922 -23.70 37.49 -56.35
N SER E 2923 -23.23 36.53 -57.13
CA SER E 2923 -23.76 35.17 -57.02
C SER E 2923 -22.66 34.13 -57.17
N TRP E 2924 -22.41 33.40 -56.10
CA TRP E 2924 -21.39 32.36 -56.08
C TRP E 2924 -22.04 31.00 -55.97
N THR E 2925 -21.44 30.02 -56.64
CA THR E 2925 -21.85 28.63 -56.52
C THR E 2925 -20.60 27.78 -56.41
N GLY E 2926 -20.75 26.54 -55.94
CA GLY E 2926 -19.62 25.64 -55.92
C GLY E 2926 -19.92 24.24 -55.42
N PRO E 2927 -18.86 23.48 -55.19
CA PRO E 2927 -18.90 22.09 -54.70
C PRO E 2927 -19.49 21.98 -53.32
N ASN E 2928 -20.03 20.81 -53.04
CA ASN E 2928 -20.55 20.47 -51.71
C ASN E 2928 -21.57 21.48 -51.19
N GLY E 2929 -22.44 21.98 -52.06
CA GLY E 2929 -23.51 22.87 -51.65
C GLY E 2929 -23.13 24.31 -51.47
N PHE E 2930 -21.93 24.71 -51.82
CA PHE E 2930 -21.52 26.09 -51.60
C PHE E 2930 -22.32 27.09 -52.42
N THR E 2931 -22.73 28.16 -51.74
CA THR E 2931 -23.39 29.29 -52.37
C THR E 2931 -23.24 30.55 -51.52
N SER E 2932 -23.24 31.71 -52.19
CA SER E 2932 -23.16 33.00 -51.51
C SER E 2932 -23.58 34.15 -52.40
N ASN E 2933 -24.02 35.24 -51.78
CA ASN E 2933 -24.37 36.45 -52.51
C ASN E 2933 -23.54 37.66 -52.10
N LEU E 2934 -22.35 37.43 -51.57
CA LEU E 2934 -21.47 38.47 -51.07
C LEU E 2934 -20.22 38.67 -51.92
N GLN E 2935 -19.51 39.76 -51.66
CA GLN E 2935 -18.27 40.00 -52.34
C GLN E 2935 -17.25 39.18 -51.66
N ASN E 2936 -17.46 38.84 -50.44
CA ASN E 2936 -16.55 38.03 -49.66
C ASN E 2936 -17.31 37.00 -48.84
N PRO E 2937 -17.60 35.85 -49.44
CA PRO E 2937 -18.33 34.76 -48.82
C PRO E 2937 -17.61 34.29 -47.60
N ALA E 2938 -18.35 33.75 -46.65
CA ALA E 2938 -17.72 33.22 -45.46
C ALA E 2938 -16.73 32.14 -45.85
N ALA E 2939 -15.62 32.09 -45.15
CA ALA E 2939 -14.61 31.09 -45.42
C ALA E 2939 -15.16 29.71 -45.21
N ILE E 2940 -14.70 28.78 -46.03
CA ILE E 2940 -15.03 27.39 -45.85
C ILE E 2940 -13.98 26.85 -44.92
N THR E 2941 -14.32 26.66 -43.67
CA THR E 2941 -13.32 26.30 -42.70
C THR E 2941 -13.21 24.81 -42.61
N ASN E 2942 -12.08 24.35 -42.11
CA ASN E 2942 -11.83 22.93 -41.95
C ASN E 2942 -12.10 22.22 -43.26
N ALA E 2943 -11.51 22.76 -44.33
CA ALA E 2943 -11.78 22.26 -45.67
C ALA E 2943 -11.42 20.81 -45.82
N SER E 2944 -12.25 20.08 -46.56
CA SER E 2944 -12.07 18.66 -46.83
C SER E 2944 -11.87 18.38 -48.31
N LEU E 2945 -11.50 17.16 -48.65
CA LEU E 2945 -11.35 16.85 -50.07
C LEU E 2945 -12.66 17.03 -50.81
N ILE E 2946 -13.79 16.83 -50.14
CA ILE E 2946 -15.10 17.00 -50.77
C ILE E 2946 -15.37 18.43 -51.22
N ASP E 2947 -14.64 19.40 -50.67
CA ASP E 2947 -14.79 20.80 -50.99
C ASP E 2947 -13.95 21.21 -52.18
N SER E 2948 -13.16 20.30 -52.71
CA SER E 2948 -12.35 20.65 -53.86
C SER E 2948 -13.23 20.77 -55.08
N GLY E 2949 -12.79 21.53 -56.06
CA GLY E 2949 -13.58 21.63 -57.27
C GLY E 2949 -13.58 23.03 -57.84
N ILE E 2950 -14.59 23.36 -58.64
CA ILE E 2950 -14.65 24.65 -59.31
C ILE E 2950 -15.67 25.55 -58.65
N TYR E 2951 -15.22 26.70 -58.20
CA TYR E 2951 -16.08 27.70 -57.61
C TYR E 2951 -16.35 28.73 -58.69
N ARG E 2952 -17.57 29.23 -58.79
CA ARG E 2952 -17.88 30.15 -59.88
C ARG E 2952 -18.59 31.37 -59.47
N LEU E 2953 -18.38 32.45 -60.17
CA LEU E 2953 -18.96 33.75 -59.84
C LEU E 2953 -19.55 34.49 -61.04
N VAL E 2954 -20.78 34.98 -60.85
CA VAL E 2954 -21.49 35.83 -61.81
C VAL E 2954 -21.88 37.11 -61.11
N VAL E 2955 -21.72 38.26 -61.77
CA VAL E 2955 -22.00 39.53 -61.11
C VAL E 2955 -23.04 40.38 -61.85
N THR E 2956 -24.01 40.91 -61.10
CA THR E 2956 -25.09 41.72 -61.66
C THR E 2956 -24.93 43.20 -61.32
N TYR E 2957 -25.00 44.02 -62.34
CA TYR E 2957 -24.81 45.44 -62.21
C TYR E 2957 -26.14 46.17 -62.05
N SER E 2958 -26.06 47.39 -61.52
CA SER E 2958 -27.23 48.20 -61.23
C SER E 2958 -28.01 48.60 -62.48
N ASN E 2959 -27.38 48.47 -63.63
CA ASN E 2959 -28.03 48.78 -64.89
C ASN E 2959 -28.73 47.57 -65.49
N GLY E 2960 -28.79 46.47 -64.76
CA GLY E 2960 -29.46 45.26 -65.18
C GLY E 2960 -28.62 44.31 -66.01
N CYS E 2961 -27.38 44.66 -66.26
CA CYS E 2961 -26.52 43.82 -67.07
C CYS E 2961 -25.83 42.77 -66.21
N VAL E 2962 -25.60 41.60 -66.77
CA VAL E 2962 -24.98 40.51 -66.02
C VAL E 2962 -23.67 40.07 -66.69
N SER E 2963 -22.62 40.00 -65.88
CA SER E 2963 -21.29 39.65 -66.37
C SER E 2963 -21.14 38.16 -66.62
N ALA E 2964 -20.07 37.82 -67.34
CA ALA E 2964 -19.78 36.45 -67.68
C ALA E 2964 -19.28 35.68 -66.45
N ASP E 2965 -19.65 34.41 -66.41
CA ASP E 2965 -19.23 33.56 -65.30
C ASP E 2965 -17.76 33.25 -65.38
N THR E 2966 -17.07 33.45 -64.28
CA THR E 2966 -15.65 33.17 -64.20
C THR E 2966 -15.41 32.12 -63.13
N THR E 2967 -14.19 31.59 -63.09
CA THR E 2967 -13.94 30.47 -62.19
C THR E 2967 -12.68 30.60 -61.36
N VAL E 2968 -12.71 29.90 -60.23
CA VAL E 2968 -11.57 29.67 -59.35
C VAL E 2968 -11.48 28.16 -59.11
N ARG E 2969 -10.37 27.50 -59.43
CA ARG E 2969 -10.31 26.04 -59.17
C ARG E 2969 -9.52 25.75 -57.91
N VAL E 2970 -10.13 25.17 -56.89
CA VAL E 2970 -9.50 24.96 -55.60
C VAL E 2970 -9.15 23.50 -55.41
N GLY E 2971 -7.88 23.20 -55.30
CA GLY E 2971 -7.47 21.84 -55.04
C GLY E 2971 -7.31 21.68 -53.55
N VAL E 2972 -7.53 20.49 -53.05
CA VAL E 2972 -7.33 20.21 -51.64
C VAL E 2972 -6.39 19.04 -51.51
N ASN E 2973 -5.31 19.22 -50.77
CA ASN E 2973 -4.34 18.16 -50.60
C ASN E 2973 -4.59 17.35 -49.35
N SER E 2974 -4.29 16.07 -49.44
CA SER E 2974 -4.39 15.20 -48.29
C SER E 2974 -3.19 15.37 -47.38
N ASN E 2975 -3.39 15.20 -46.09
CA ASN E 2975 -2.28 15.21 -45.18
C ASN E 2975 -1.65 13.81 -45.17
N PRO E 2976 -0.37 13.69 -44.83
CA PRO E 2976 0.24 12.38 -44.68
C PRO E 2976 -0.50 11.58 -43.63
N PRO E 2977 -0.45 10.25 -43.71
CA PRO E 2977 -1.09 9.36 -42.74
C PRO E 2977 -0.51 9.63 -41.38
N VAL E 2978 -1.29 9.40 -40.33
CA VAL E 2978 -0.75 9.59 -39.00
C VAL E 2978 0.29 8.52 -38.72
N PRO E 2979 1.53 8.88 -38.46
CA PRO E 2979 2.59 7.93 -38.21
C PRO E 2979 2.56 7.36 -36.81
N ASN E 2980 3.03 6.13 -36.69
CA ASN E 2980 3.19 5.47 -35.40
C ASN E 2980 4.66 5.44 -35.00
N ILE E 2981 5.02 6.20 -33.95
CA ILE E 2981 6.39 6.32 -33.47
C ILE E 2981 6.69 5.17 -32.54
N VAL E 2982 7.85 4.57 -32.74
CA VAL E 2982 8.36 3.48 -31.94
C VAL E 2982 9.75 3.85 -31.40
N SER E 2983 9.97 3.68 -30.11
CA SER E 2983 11.24 3.97 -29.46
C SER E 2983 12.00 2.69 -29.15
N ASN E 2984 13.18 2.84 -28.55
CA ASN E 2984 13.97 1.66 -28.15
C ASN E 2984 13.56 1.11 -26.79
N GLY E 2985 12.55 1.68 -26.16
CA GLY E 2985 12.17 1.19 -24.86
C GLY E 2985 13.02 1.83 -23.80
N PRO E 2986 13.07 1.24 -22.62
CA PRO E 2986 13.71 1.77 -21.42
C PRO E 2986 15.22 1.64 -21.48
N ILE E 2987 15.79 2.47 -22.36
CA ILE E 2987 17.21 2.57 -22.65
C ILE E 2987 17.99 3.05 -21.43
N CYS E 2988 19.22 2.53 -21.23
CA CYS E 2988 20.11 2.99 -20.15
C CYS E 2988 20.85 4.25 -20.57
N PHE E 2989 21.03 5.16 -19.64
CA PHE E 2989 21.72 6.39 -19.95
C PHE E 2989 23.08 6.10 -20.55
N GLY E 2990 23.38 6.76 -21.63
CA GLY E 2990 24.64 6.64 -22.32
C GLY E 2990 24.55 5.87 -23.60
N ASP E 2991 23.39 5.27 -23.86
CA ASP E 2991 23.17 4.51 -25.09
C ASP E 2991 22.44 5.34 -26.06
N THR E 2992 22.51 5.03 -27.32
CA THR E 2992 21.96 5.93 -28.33
C THR E 2992 20.45 5.78 -28.42
N LEU E 2993 19.73 6.89 -28.38
CA LEU E 2993 18.28 6.87 -28.40
C LEU E 2993 17.77 6.93 -29.82
N VAL E 2994 16.96 5.97 -30.22
CA VAL E 2994 16.48 5.96 -31.58
C VAL E 2994 14.99 5.99 -31.60
N LEU E 2995 14.44 6.94 -32.35
CA LEU E 2995 13.00 7.06 -32.52
C LEU E 2995 12.70 6.91 -34.00
N SER E 2996 11.76 6.05 -34.34
CA SER E 2996 11.50 5.83 -35.75
C SER E 2996 10.05 5.52 -36.04
N SER E 2997 9.72 5.49 -37.33
CA SER E 2997 8.37 5.14 -37.74
C SER E 2997 8.39 4.50 -39.11
N SER E 2998 7.46 3.57 -39.33
CA SER E 2998 7.32 2.88 -40.60
C SER E 2998 6.65 3.74 -41.66
N THR E 2999 6.03 4.84 -41.28
CA THR E 2999 5.33 5.67 -42.25
C THR E 2999 6.32 6.46 -43.06
N SER E 3000 6.16 6.43 -44.37
CA SER E 3000 7.05 7.16 -45.25
C SER E 3000 6.66 8.63 -45.28
N CYS E 3001 7.57 9.50 -44.84
CA CYS E 3001 7.41 10.93 -44.72
C CYS E 3001 8.62 11.63 -45.36
N GLY E 3002 8.38 12.73 -46.06
CA GLY E 3002 9.44 13.46 -46.72
C GLY E 3002 10.45 13.99 -45.72
N GLN E 3003 9.96 14.76 -44.77
CA GLN E 3003 10.79 15.27 -43.70
C GLN E 3003 10.10 14.95 -42.39
N SER E 3004 10.88 14.88 -41.35
CA SER E 3004 10.32 14.55 -40.06
C SER E 3004 10.86 15.44 -38.97
N GLN E 3005 9.96 16.17 -38.37
CA GLN E 3005 10.30 17.14 -37.37
C GLN E 3005 9.94 16.56 -36.01
N TRP E 3006 10.94 16.38 -35.16
CA TRP E 3006 10.71 15.72 -33.89
C TRP E 3006 10.52 16.75 -32.80
N ILE E 3007 9.54 16.53 -31.98
CA ILE E 3007 9.22 17.46 -30.92
C ILE E 3007 9.52 16.80 -29.60
N GLY E 3008 10.54 17.27 -28.93
CA GLY E 3008 10.89 16.75 -27.63
C GLY E 3008 10.51 17.78 -26.61
N PRO E 3009 10.99 17.64 -25.39
CA PRO E 3009 10.72 18.59 -24.31
C PRO E 3009 11.17 20.03 -24.61
N ASN E 3010 12.09 20.20 -25.56
CA ASN E 3010 12.59 21.49 -25.99
C ASN E 3010 12.01 21.96 -27.32
N GLY E 3011 10.99 21.28 -27.85
CA GLY E 3011 10.55 21.51 -29.21
C GLY E 3011 9.52 22.60 -29.42
N ASN E 3012 9.10 22.61 -30.69
CA ASN E 3012 8.13 23.53 -31.22
C ASN E 3012 8.52 24.96 -31.28
N SER E 3013 9.77 25.29 -31.57
CA SER E 3013 10.20 26.66 -31.79
C SER E 3013 11.42 26.70 -32.68
N GLN E 3014 11.61 27.83 -33.37
CA GLN E 3014 12.70 28.01 -34.34
C GLN E 3014 14.10 27.97 -33.75
N SER E 3015 14.24 28.17 -32.47
CA SER E 3015 15.54 28.12 -31.84
C SER E 3015 15.98 26.71 -31.55
N THR E 3016 15.08 25.74 -31.70
CA THR E 3016 15.35 24.33 -31.45
C THR E 3016 15.27 23.55 -32.74
N LEU E 3017 14.22 23.75 -33.50
CA LEU E 3017 13.98 23.04 -34.74
C LEU E 3017 14.65 23.79 -35.87
N GLY E 3018 15.97 23.73 -35.91
CA GLY E 3018 16.71 24.48 -36.89
C GLY E 3018 16.68 23.80 -38.24
N THR E 3019 17.35 24.41 -39.21
CA THR E 3019 17.38 23.97 -40.61
C THR E 3019 17.53 22.45 -40.76
N PRO E 3020 16.65 21.82 -41.53
CA PRO E 3020 16.62 20.35 -41.70
C PRO E 3020 17.82 19.77 -42.40
N GLY E 3021 18.14 18.53 -42.04
CA GLY E 3021 19.23 17.80 -42.63
C GLY E 3021 20.52 18.07 -41.88
N GLY E 3022 21.56 17.30 -42.19
CA GLY E 3022 22.82 17.49 -41.49
C GLY E 3022 22.70 16.99 -40.07
N SER E 3023 23.55 17.52 -39.19
CA SER E 3023 23.58 17.07 -37.80
C SER E 3023 22.50 17.76 -36.98
N ASN E 3024 21.26 17.42 -37.29
CA ASN E 3024 20.10 18.04 -36.66
C ASN E 3024 19.15 16.93 -36.26
N VAL E 3025 19.26 16.46 -35.02
CA VAL E 3025 18.51 15.30 -34.62
C VAL E 3025 17.02 15.58 -34.56
N LEU E 3026 16.61 16.83 -34.48
CA LEU E 3026 15.19 17.12 -34.41
C LEU E 3026 14.56 17.47 -35.74
N TRP E 3027 15.31 17.52 -36.81
CA TRP E 3027 14.62 17.81 -38.07
C TRP E 3027 15.40 17.12 -39.18
N THR E 3028 14.94 15.93 -39.47
CA THR E 3028 15.60 14.98 -40.33
C THR E 3028 14.95 15.01 -41.68
N ILE E 3029 15.52 14.21 -42.58
CA ILE E 3029 15.02 14.11 -43.94
C ILE E 3029 14.55 12.68 -44.18
N GLY E 3030 13.98 12.08 -43.15
CA GLY E 3030 13.35 10.76 -43.18
C GLY E 3030 12.83 10.43 -41.80
N SER E 3031 12.11 9.31 -41.67
CA SER E 3031 11.46 9.00 -40.39
C SER E 3031 12.36 8.57 -39.22
N THR E 3032 13.62 8.22 -39.39
CA THR E 3032 14.43 7.75 -38.24
C THR E 3032 15.43 8.78 -37.75
N THR E 3033 15.44 9.02 -36.43
CA THR E 3033 16.40 9.93 -35.81
C THR E 3033 17.16 9.26 -34.69
N SER E 3034 18.45 9.56 -34.59
CA SER E 3034 19.30 9.01 -33.56
C SER E 3034 19.87 10.12 -32.71
N ILE E 3035 19.64 10.06 -31.40
CA ILE E 3035 20.09 11.08 -30.46
C ILE E 3035 21.19 10.49 -29.56
N PRO E 3036 22.44 10.94 -29.72
CA PRO E 3036 23.57 10.52 -28.90
C PRO E 3036 23.45 11.00 -27.49
N MET E 3037 24.20 10.41 -26.55
CA MET E 3037 24.11 10.90 -25.17
C MET E 3037 24.64 12.31 -25.03
N ASN E 3038 25.59 12.70 -25.87
CA ASN E 3038 26.14 14.04 -25.81
C ASN E 3038 25.34 14.96 -26.71
N ASN E 3039 24.08 15.14 -26.33
CA ASN E 3039 23.15 15.94 -27.11
C ASN E 3039 22.14 16.58 -26.19
N ALA E 3040 21.90 17.86 -26.42
CA ALA E 3040 20.99 18.63 -25.59
C ALA E 3040 19.60 18.03 -25.54
N ASN E 3041 19.20 17.30 -26.57
CA ASN E 3041 17.86 16.78 -26.67
C ASN E 3041 17.74 15.32 -26.24
N TYR E 3042 18.77 14.76 -25.63
CA TYR E 3042 18.74 13.39 -25.12
C TYR E 3042 17.96 13.35 -23.83
N LEU E 3043 16.66 13.49 -23.95
CA LEU E 3043 15.81 13.64 -22.80
C LEU E 3043 14.67 12.63 -22.76
N PRO E 3044 14.28 12.22 -21.56
CA PRO E 3044 13.10 11.39 -21.33
C PRO E 3044 11.87 12.24 -21.43
N GLY E 3045 10.70 11.62 -21.60
CA GLY E 3045 9.47 12.41 -21.61
C GLY E 3045 8.64 12.17 -22.84
N ASN E 3046 7.68 13.04 -23.09
CA ASN E 3046 6.73 12.82 -24.17
C ASN E 3046 7.19 13.42 -25.49
N TRP E 3047 7.43 12.53 -26.45
CA TRP E 3047 7.91 12.88 -27.77
C TRP E 3047 6.83 12.71 -28.83
N TYR E 3048 6.88 13.52 -29.86
CA TYR E 3048 5.95 13.28 -30.96
C TYR E 3048 6.71 13.58 -32.23
N MET E 3049 6.07 13.39 -33.35
CA MET E 3049 6.70 13.62 -34.64
C MET E 3049 5.71 14.29 -35.56
N ILE E 3050 6.20 15.21 -36.39
CA ILE E 3050 5.37 15.83 -37.40
C ILE E 3050 5.89 15.43 -38.77
N CYS E 3051 5.06 14.80 -39.60
CA CYS E 3051 5.45 14.42 -40.97
C CYS E 3051 5.18 15.58 -41.88
N ILE E 3052 6.19 15.93 -42.63
CA ILE E 3052 6.15 17.07 -43.52
C ILE E 3052 6.21 16.59 -44.96
N ASP E 3053 5.22 16.97 -45.73
CA ASP E 3053 5.18 16.65 -47.15
C ASP E 3053 5.95 17.74 -47.88
N THR E 3054 7.07 17.37 -48.47
CA THR E 3054 7.97 18.32 -49.09
C THR E 3054 7.51 18.79 -50.45
N VAL E 3055 6.43 18.23 -50.96
CA VAL E 3055 5.87 18.63 -52.24
C VAL E 3055 4.72 19.60 -52.05
N THR E 3056 3.83 19.31 -51.10
CA THR E 3056 2.63 20.11 -50.89
C THR E 3056 2.70 21.05 -49.71
N GLY E 3057 3.59 20.82 -48.75
CA GLY E 3057 3.61 21.61 -47.53
C GLY E 3057 2.70 21.12 -46.40
N CYS E 3058 1.99 20.00 -46.58
CA CYS E 3058 1.06 19.42 -45.61
C CYS E 3058 1.75 18.77 -44.42
N ARG E 3059 1.12 18.85 -43.24
CA ARG E 3059 1.68 18.28 -42.03
C ARG E 3059 0.73 17.35 -41.30
N SER E 3060 1.27 16.29 -40.73
CA SER E 3060 0.48 15.32 -40.01
C SER E 3060 1.14 14.85 -38.72
N GLU E 3061 0.46 14.96 -37.61
CA GLU E 3061 1.06 14.63 -36.35
C GLU E 3061 0.92 13.26 -35.90
N SER E 3062 1.85 12.75 -35.23
CA SER E 3062 2.01 11.39 -34.74
C SER E 3062 1.37 11.09 -33.41
N ASN E 3063 1.72 9.91 -32.94
CA ASN E 3063 1.18 9.46 -31.70
C ASN E 3063 2.16 9.89 -30.70
N THR E 3064 1.89 9.69 -29.43
CA THR E 3064 2.80 10.22 -28.42
C THR E 3064 3.46 9.08 -27.67
N ILE E 3065 4.77 9.16 -27.49
CA ILE E 3065 5.48 8.11 -26.77
C ILE E 3065 6.17 8.65 -25.54
N ASN E 3066 6.26 7.84 -24.52
CA ASN E 3066 6.97 8.22 -23.30
C ASN E 3066 8.34 7.58 -23.31
N VAL E 3067 9.36 8.36 -23.55
CA VAL E 3067 10.71 7.80 -23.62
C VAL E 3067 11.28 7.74 -22.23
N ILE E 3068 11.79 6.58 -21.86
CA ILE E 3068 12.36 6.37 -20.54
C ILE E 3068 13.85 6.15 -20.66
N ILE E 3069 14.63 6.96 -19.97
CA ILE E 3069 16.07 6.79 -19.94
C ILE E 3069 16.44 6.48 -18.50
N ASN E 3070 17.02 5.32 -18.26
CA ASN E 3070 17.34 4.91 -16.90
C ASN E 3070 18.72 5.35 -16.46
N ALA E 3071 18.87 5.61 -15.17
CA ALA E 3071 20.18 5.97 -14.66
C ALA E 3071 21.04 4.74 -14.42
N ASN E 3072 22.34 4.91 -14.58
CA ASN E 3072 23.31 3.89 -14.22
C ASN E 3072 23.67 4.11 -12.75
N PRO E 3073 23.53 3.12 -11.89
CA PRO E 3073 23.83 3.27 -10.46
C PRO E 3073 25.28 3.64 -10.24
N ASP E 3074 25.55 4.35 -9.14
CA ASP E 3074 26.88 4.84 -8.78
C ASP E 3074 27.83 3.70 -8.52
N THR E 3075 29.12 3.93 -8.72
CA THR E 3075 30.11 2.94 -8.37
C THR E 3075 29.88 2.66 -6.90
N PRO E 3076 29.59 1.42 -6.51
CA PRO E 3076 29.28 1.10 -5.12
C PRO E 3076 30.52 1.11 -4.28
N ALA E 3077 30.37 1.43 -3.01
CA ALA E 3077 31.47 1.31 -2.08
C ALA E 3077 31.47 -0.10 -1.53
N VAL E 3078 32.64 -0.65 -1.31
CA VAL E 3078 32.71 -1.98 -0.73
C VAL E 3078 33.63 -1.96 0.49
N PHE E 3079 33.15 -2.51 1.59
CA PHE E 3079 33.89 -2.50 2.83
C PHE E 3079 34.08 -3.93 3.33
N ASN E 3080 35.09 -4.15 4.18
CA ASN E 3080 35.28 -5.49 4.71
C ASN E 3080 35.61 -5.44 6.19
N ASP E 3081 35.94 -6.59 6.78
CA ASP E 3081 36.15 -6.72 8.22
C ASP E 3081 37.56 -6.41 8.66
N GLY E 3082 38.41 -5.94 7.76
CA GLY E 3082 39.75 -5.59 8.14
C GLY E 3082 40.65 -6.78 8.05
N PRO E 3083 41.86 -6.63 8.57
CA PRO E 3083 42.87 -7.67 8.47
C PRO E 3083 42.39 -8.96 9.07
N VAL E 3084 42.69 -10.06 8.39
CA VAL E 3084 42.28 -11.40 8.79
C VAL E 3084 43.53 -12.26 8.83
N CYS E 3085 43.63 -13.23 9.75
CA CYS E 3085 44.78 -14.13 9.80
C CYS E 3085 44.74 -15.12 8.66
N GLU E 3086 45.90 -15.61 8.23
CA GLU E 3086 45.95 -16.57 7.14
C GLU E 3086 45.03 -17.73 7.43
N GLY E 3087 44.18 -18.05 6.47
CA GLY E 3087 43.24 -19.15 6.60
C GLY E 3087 41.91 -18.76 7.18
N GLY E 3088 41.76 -17.51 7.59
CA GLY E 3088 40.53 -17.07 8.21
C GLY E 3088 39.52 -16.60 7.18
N ASN E 3089 38.35 -16.20 7.68
CA ASN E 3089 37.28 -15.75 6.84
C ASN E 3089 37.00 -14.28 7.09
N SER E 3090 36.41 -13.59 6.13
CA SER E 3090 36.01 -12.21 6.36
C SER E 3090 34.77 -11.85 5.57
N ASN E 3091 33.97 -10.95 6.11
CA ASN E 3091 32.77 -10.53 5.40
C ASN E 3091 33.06 -9.33 4.54
N LEU E 3092 32.33 -9.21 3.46
CA LEU E 3092 32.32 -8.02 2.65
C LEU E 3092 30.97 -7.38 2.84
N SER E 3093 30.87 -6.07 2.67
CA SER E 3093 29.56 -5.48 2.75
C SER E 3093 29.43 -4.28 1.83
N THR E 3094 28.21 -4.02 1.38
CA THR E 3094 27.96 -2.85 0.56
C THR E 3094 26.64 -2.19 0.92
N ALA E 3095 26.34 -1.10 0.21
CA ALA E 3095 25.16 -0.29 0.42
C ALA E 3095 23.91 -1.00 -0.06
N THR E 3096 22.78 -0.72 0.56
CA THR E 3096 21.54 -1.30 0.07
C THR E 3096 20.98 -0.38 -0.99
N VAL E 3097 20.72 -0.94 -2.16
CA VAL E 3097 20.19 -0.18 -3.27
C VAL E 3097 18.84 -0.77 -3.62
N SER E 3098 17.79 0.02 -3.50
CA SER E 3098 16.47 -0.53 -3.73
C SER E 3098 16.33 -0.97 -5.17
N GLY E 3099 15.80 -2.17 -5.36
CA GLY E 3099 15.58 -2.71 -6.69
C GLY E 3099 16.81 -3.31 -7.33
N ALA E 3100 17.91 -3.39 -6.60
CA ALA E 3100 19.14 -3.87 -7.21
C ALA E 3100 19.38 -5.34 -7.00
N SER E 3101 20.04 -5.93 -7.97
CA SER E 3101 20.61 -7.24 -7.81
C SER E 3101 22.09 -7.01 -7.64
N TYR E 3102 22.77 -7.91 -6.96
CA TYR E 3102 24.20 -7.73 -6.72
C TYR E 3102 24.96 -8.88 -7.30
N ALA E 3103 26.12 -8.60 -7.88
CA ALA E 3103 26.96 -9.66 -8.40
C ALA E 3103 28.39 -9.43 -8.03
N TRP E 3104 29.00 -10.36 -7.32
CA TRP E 3104 30.37 -10.25 -6.89
C TRP E 3104 31.22 -11.13 -7.74
N TYR E 3105 32.31 -10.59 -8.26
CA TYR E 3105 33.18 -11.30 -9.16
C TYR E 3105 34.55 -11.50 -8.57
N SER E 3106 35.19 -12.60 -8.92
CA SER E 3106 36.50 -12.89 -8.36
C SER E 3106 37.62 -12.12 -8.98
N ASP E 3107 37.47 -11.57 -10.17
CA ASP E 3107 38.65 -10.99 -10.79
C ASP E 3107 38.31 -9.82 -11.70
N SER E 3108 39.37 -9.19 -12.17
CA SER E 3108 39.30 -8.09 -13.10
C SER E 3108 38.65 -8.58 -14.36
N SER E 3109 37.94 -7.70 -15.02
CA SER E 3109 37.17 -7.98 -16.23
C SER E 3109 35.93 -8.79 -15.94
N LEU E 3110 35.64 -9.07 -14.69
CA LEU E 3110 34.36 -9.64 -14.30
C LEU E 3110 34.04 -10.93 -15.06
N THR E 3111 35.01 -11.84 -15.16
CA THR E 3111 34.82 -13.05 -15.94
C THR E 3111 34.27 -14.22 -15.14
N SER E 3112 34.36 -14.18 -13.82
CA SER E 3112 33.92 -15.31 -13.01
C SER E 3112 33.15 -14.81 -11.81
N LEU E 3113 31.94 -15.31 -11.65
CA LEU E 3113 31.02 -14.88 -10.61
C LEU E 3113 31.25 -15.75 -9.39
N VAL E 3114 31.30 -15.15 -8.20
CA VAL E 3114 31.48 -15.91 -6.98
C VAL E 3114 30.25 -15.88 -6.08
N SER E 3115 29.56 -14.75 -5.98
CA SER E 3115 28.38 -14.72 -5.15
C SER E 3115 27.42 -13.63 -5.57
N THR E 3116 26.17 -13.77 -5.13
CA THR E 3116 25.14 -12.78 -5.39
C THR E 3116 24.48 -12.47 -4.08
N ALA E 3117 25.03 -11.53 -3.33
CA ALA E 3117 24.51 -11.25 -2.01
C ALA E 3117 24.81 -9.82 -1.61
N GLN E 3118 24.03 -9.26 -0.72
CA GLN E 3118 24.50 -7.94 -0.33
C GLN E 3118 25.77 -8.05 0.47
N ASN E 3119 25.90 -9.01 1.39
CA ASN E 3119 27.06 -9.09 2.27
C ASN E 3119 27.70 -10.48 2.32
N PRO E 3120 28.37 -10.91 1.25
CA PRO E 3120 28.93 -12.26 1.16
C PRO E 3120 30.19 -12.40 1.98
N MET E 3121 30.56 -13.65 2.28
CA MET E 3121 31.79 -13.94 2.99
C MET E 3121 32.85 -14.56 2.09
N ILE E 3122 34.09 -14.16 2.26
CA ILE E 3122 35.21 -14.81 1.60
C ILE E 3122 35.76 -15.81 2.58
N VAL E 3123 35.87 -17.06 2.17
CA VAL E 3123 36.26 -18.14 3.05
C VAL E 3123 37.66 -18.64 2.73
N ASN E 3124 38.44 -18.93 3.78
CA ASN E 3124 39.80 -19.46 3.68
C ASN E 3124 40.74 -18.56 2.89
N ILE E 3125 40.94 -17.35 3.37
CA ILE E 3125 41.79 -16.38 2.69
C ILE E 3125 43.24 -16.65 3.01
N SER E 3126 44.04 -16.98 2.01
CA SER E 3126 45.46 -17.20 2.29
C SER E 3126 46.32 -15.99 2.02
N THR E 3127 45.90 -15.12 1.12
CA THR E 3127 46.69 -13.96 0.79
C THR E 3127 45.80 -12.75 0.58
N ASP E 3128 46.41 -11.60 0.35
CA ASP E 3128 45.60 -10.41 0.13
C ASP E 3128 44.72 -10.67 -1.07
N THR E 3129 43.43 -10.43 -0.94
CA THR E 3129 42.57 -10.77 -2.05
C THR E 3129 41.54 -9.69 -2.31
N THR E 3130 41.07 -9.61 -3.56
CA THR E 3130 40.08 -8.61 -3.94
C THR E 3130 38.88 -9.18 -4.63
N TRP E 3131 37.71 -8.67 -4.29
CA TRP E 3131 36.48 -8.98 -5.00
C TRP E 3131 35.91 -7.71 -5.63
N TYR E 3132 35.26 -7.88 -6.77
CA TYR E 3132 34.67 -6.78 -7.52
C TYR E 3132 33.16 -6.81 -7.45
N LEU E 3133 32.51 -5.66 -7.33
CA LEU E 3133 31.07 -5.63 -7.18
C LEU E 3133 30.34 -4.85 -8.25
N VAL E 3134 29.35 -5.46 -8.87
CA VAL E 3134 28.52 -4.81 -9.86
C VAL E 3134 27.07 -4.77 -9.37
N VAL E 3135 26.47 -3.60 -9.38
CA VAL E 3135 25.10 -3.45 -8.92
C VAL E 3135 24.23 -3.18 -10.12
N THR E 3136 23.18 -3.97 -10.32
CA THR E 3136 22.34 -3.77 -11.51
C THR E 3136 20.92 -3.41 -11.13
N VAL E 3137 20.42 -2.31 -11.68
CA VAL E 3137 19.08 -1.82 -11.38
C VAL E 3137 18.32 -1.60 -12.67
N ASN E 3138 17.15 -2.23 -12.80
CA ASN E 3138 16.32 -2.08 -14.00
C ASN E 3138 17.10 -2.39 -15.26
N GLY E 3139 18.00 -3.36 -15.19
CA GLY E 3139 18.80 -3.75 -16.33
C GLY E 3139 20.09 -2.96 -16.59
N CYS E 3140 20.36 -1.87 -15.86
CA CYS E 3140 21.54 -1.01 -16.03
C CYS E 3140 22.59 -1.35 -14.99
N SER E 3141 23.80 -1.68 -15.43
CA SER E 3141 24.84 -2.11 -14.51
C SER E 3141 25.82 -0.99 -14.18
N SER E 3142 26.22 -0.93 -12.91
CA SER E 3142 27.21 0.01 -12.43
C SER E 3142 28.62 -0.42 -12.78
N VAL E 3143 29.53 0.51 -12.61
CA VAL E 3143 30.95 0.24 -12.79
C VAL E 3143 31.40 -0.55 -11.60
N ALA E 3144 32.16 -1.61 -11.80
CA ALA E 3144 32.50 -2.44 -10.66
C ALA E 3144 33.27 -1.68 -9.60
N GLY E 3145 32.83 -1.83 -8.36
CA GLY E 3145 33.55 -1.30 -7.22
C GLY E 3145 34.42 -2.42 -6.71
N SER E 3146 35.18 -2.18 -5.65
CA SER E 3146 36.03 -3.28 -5.21
C SER E 3146 36.54 -3.07 -3.81
N THR E 3147 37.02 -4.16 -3.19
CA THR E 3147 37.74 -4.01 -1.94
C THR E 3147 38.77 -5.09 -1.74
N THR E 3148 39.79 -4.75 -0.97
CA THR E 3148 40.90 -5.65 -0.67
C THR E 3148 40.87 -6.08 0.77
N VAL E 3149 40.91 -7.37 0.99
CA VAL E 3149 41.01 -7.92 2.33
C VAL E 3149 42.46 -8.23 2.57
N ILE E 3150 43.01 -7.64 3.59
CA ILE E 3150 44.41 -7.78 3.92
C ILE E 3150 44.62 -8.98 4.83
N VAL E 3151 45.60 -9.79 4.51
CA VAL E 3151 45.91 -10.90 5.38
C VAL E 3151 47.00 -10.44 6.31
N HIS E 3152 46.75 -10.57 7.61
CA HIS E 3152 47.68 -10.17 8.64
C HIS E 3152 48.95 -10.97 8.50
N PRO E 3153 50.12 -10.34 8.65
CA PRO E 3153 51.40 -11.04 8.51
C PRO E 3153 51.58 -12.08 9.58
N THR E 3154 51.97 -13.29 9.19
CA THR E 3154 52.20 -14.40 10.11
C THR E 3154 53.27 -14.02 11.13
N PRO E 3155 53.03 -14.26 12.42
CA PRO E 3155 53.97 -13.91 13.48
C PRO E 3155 55.18 -14.80 13.46
N VAL E 3156 56.25 -14.30 14.07
CA VAL E 3156 57.58 -14.91 14.08
C VAL E 3156 57.65 -16.12 14.99
N THR E 3157 58.37 -17.14 14.51
CA THR E 3157 58.61 -18.40 15.19
C THR E 3157 59.17 -18.15 16.60
N PRO E 3158 58.63 -18.82 17.63
CA PRO E 3158 59.04 -18.64 19.04
C PRO E 3158 60.50 -18.91 19.31
N ASN E 3159 61.03 -18.25 20.33
CA ASN E 3159 62.41 -18.45 20.76
C ASN E 3159 62.44 -19.48 21.90
N VAL E 3160 62.98 -20.65 21.60
CA VAL E 3160 63.02 -21.82 22.49
C VAL E 3160 64.46 -22.28 22.62
N PRO E 3161 64.89 -22.78 23.79
CA PRO E 3161 66.27 -23.22 24.04
C PRO E 3161 66.78 -24.31 23.12
N ALA E 3162 68.10 -24.38 23.06
CA ALA E 3162 68.82 -25.36 22.27
C ALA E 3162 68.68 -26.73 22.90
N ASN E 3163 69.00 -27.76 22.14
CA ASN E 3163 68.84 -29.12 22.65
C ASN E 3163 69.51 -29.24 24.01
N PHE E 3164 68.78 -29.75 24.97
CA PHE E 3164 69.47 -29.93 26.23
C PHE E 3164 69.40 -31.36 26.68
N ALA E 3165 70.16 -31.65 27.73
CA ALA E 3165 70.22 -32.94 28.37
C ALA E 3165 70.06 -32.76 29.86
N VAL E 3166 69.34 -33.69 30.47
CA VAL E 3166 69.11 -33.69 31.90
C VAL E 3166 69.53 -35.04 32.44
N CYS E 3167 70.10 -35.05 33.64
CA CYS E 3167 70.42 -36.33 34.27
C CYS E 3167 69.16 -36.93 34.85
N GLU E 3168 69.03 -38.24 34.74
CA GLU E 3168 67.89 -38.90 35.33
C GLU E 3168 67.79 -38.52 36.79
N GLY E 3169 66.58 -38.13 37.20
CA GLY E 3169 66.26 -37.69 38.55
C GLY E 3169 66.28 -36.18 38.73
N ASP E 3170 66.87 -35.45 37.80
CA ASP E 3170 67.00 -33.99 37.86
C ASP E 3170 65.79 -33.35 37.17
N ASN E 3171 65.75 -32.03 37.11
CA ASN E 3171 64.59 -31.33 36.56
C ASN E 3171 64.72 -30.95 35.09
N ILE E 3172 63.59 -30.95 34.38
CA ILE E 3172 63.52 -30.43 33.02
C ILE E 3172 62.79 -29.10 33.05
N THR E 3173 63.48 -28.05 32.70
CA THR E 3173 62.89 -26.72 32.75
C THR E 3173 62.73 -26.21 31.35
N LEU E 3174 61.54 -25.76 31.03
CA LEU E 3174 61.26 -25.23 29.72
C LEU E 3174 60.86 -23.79 29.89
N SER E 3175 61.17 -22.97 28.90
CA SER E 3175 60.76 -21.58 28.91
C SER E 3175 60.89 -21.02 27.52
N THR E 3176 60.22 -19.90 27.28
CA THR E 3176 60.43 -19.18 26.04
C THR E 3176 60.72 -17.71 26.33
N SER E 3177 61.49 -17.11 25.43
CA SER E 3177 61.91 -15.73 25.59
C SER E 3177 60.98 -14.74 24.92
N THR E 3178 59.97 -15.19 24.20
CA THR E 3178 59.11 -14.28 23.48
C THR E 3178 57.82 -13.99 24.23
N VAL E 3179 57.15 -12.94 23.80
CA VAL E 3179 55.90 -12.48 24.39
C VAL E 3179 54.72 -12.87 23.51
N ALA E 3180 53.70 -13.46 24.12
CA ALA E 3180 52.55 -13.94 23.40
C ALA E 3180 51.26 -13.63 24.14
N SER E 3181 50.15 -13.64 23.39
CA SER E 3181 48.84 -13.59 24.02
C SER E 3181 48.66 -14.86 24.79
N SER E 3182 49.08 -15.96 24.19
CA SER E 3182 49.05 -17.26 24.82
C SER E 3182 50.13 -18.12 24.23
N TYR E 3183 50.51 -19.13 24.96
CA TYR E 3183 51.51 -20.05 24.48
C TYR E 3183 50.86 -21.40 24.38
N ASN E 3184 51.35 -22.25 23.49
CA ASN E 3184 50.86 -23.62 23.37
C ASN E 3184 52.02 -24.60 23.29
N TRP E 3185 52.37 -25.19 24.42
CA TRP E 3185 53.44 -26.17 24.52
C TRP E 3185 52.87 -27.57 24.51
N SER E 3186 53.59 -28.52 23.93
CA SER E 3186 53.20 -29.92 24.01
C SER E 3186 54.41 -30.84 23.99
N GLY E 3187 54.26 -32.05 24.52
CA GLY E 3187 55.37 -32.99 24.50
C GLY E 3187 55.10 -34.36 25.10
N PRO E 3188 56.18 -35.09 25.38
CA PRO E 3188 56.17 -36.44 25.92
C PRO E 3188 55.38 -36.55 27.20
N ASN E 3189 54.77 -37.71 27.44
CA ASN E 3189 53.98 -37.92 28.65
C ASN E 3189 52.79 -36.98 28.71
N GLY E 3190 52.32 -36.45 27.60
CA GLY E 3190 51.12 -35.64 27.67
C GLY E 3190 51.39 -34.26 28.17
N PHE E 3191 52.67 -33.90 28.27
CA PHE E 3191 53.03 -32.59 28.73
C PHE E 3191 52.34 -31.54 27.92
N THR E 3192 51.81 -30.55 28.61
CA THR E 3192 51.18 -29.43 27.96
C THR E 3192 51.22 -28.22 28.88
N SER E 3193 51.26 -27.05 28.27
CA SER E 3193 51.27 -25.81 29.02
C SER E 3193 50.82 -24.62 28.19
N ASN E 3194 50.18 -23.67 28.84
CA ASN E 3194 49.74 -22.47 28.15
C ASN E 3194 50.45 -21.19 28.57
N VAL E 3195 51.63 -21.30 29.17
CA VAL E 3195 52.35 -20.14 29.67
C VAL E 3195 53.79 -20.03 29.16
N GLN E 3196 54.36 -18.86 29.39
CA GLN E 3196 55.74 -18.54 29.03
C GLN E 3196 56.73 -19.40 29.77
N ASN E 3197 56.41 -19.76 31.01
CA ASN E 3197 57.28 -20.56 31.87
C ASN E 3197 56.50 -21.73 32.48
N PRO E 3198 56.41 -22.86 31.75
CA PRO E 3198 55.67 -24.03 32.13
C PRO E 3198 56.17 -24.66 33.41
N VAL E 3199 55.29 -25.44 34.03
CA VAL E 3199 55.63 -26.12 35.25
C VAL E 3199 56.79 -27.05 35.00
N VAL E 3200 57.76 -27.00 35.89
CA VAL E 3200 58.97 -27.81 35.80
C VAL E 3200 58.66 -29.27 36.01
N ILE E 3201 59.26 -30.12 35.19
CA ILE E 3201 59.06 -31.55 35.27
C ILE E 3201 60.12 -32.10 36.22
N THR E 3202 59.71 -32.55 37.38
CA THR E 3202 60.68 -32.98 38.36
C THR E 3202 60.92 -34.47 38.27
N ASN E 3203 62.03 -34.91 38.85
CA ASN E 3203 62.37 -36.32 38.88
C ASN E 3203 62.32 -36.90 37.47
N ALA E 3204 63.00 -36.24 36.54
CA ALA E 3204 62.95 -36.67 35.15
C ALA E 3204 63.38 -38.11 34.98
N THR E 3205 62.61 -38.84 34.20
CA THR E 3205 62.92 -40.20 33.85
C THR E 3205 62.95 -40.23 32.35
N THR E 3206 63.34 -41.35 31.78
CA THR E 3206 63.47 -41.41 30.34
C THR E 3206 62.14 -41.32 29.62
N SER E 3207 61.02 -41.44 30.33
CA SER E 3207 59.74 -41.29 29.68
C SER E 3207 59.45 -39.84 29.33
N ASN E 3208 60.22 -38.91 29.89
CA ASN E 3208 60.06 -37.49 29.59
C ASN E 3208 61.04 -37.03 28.53
N ALA E 3209 61.81 -37.94 27.98
CA ALA E 3209 62.71 -37.60 26.89
C ALA E 3209 61.89 -37.48 25.62
N GLY E 3210 62.32 -36.63 24.72
CA GLY E 3210 61.60 -36.49 23.48
C GLY E 3210 61.60 -35.06 23.00
N VAL E 3211 60.63 -34.71 22.17
CA VAL E 3211 60.63 -33.39 21.57
C VAL E 3211 59.51 -32.54 22.13
N TYR E 3212 59.88 -31.40 22.67
CA TYR E 3212 58.95 -30.45 23.25
C TYR E 3212 58.74 -29.33 22.25
N THR E 3213 57.49 -29.16 21.81
CA THR E 3213 57.14 -28.25 20.74
C THR E 3213 56.36 -27.05 21.24
N LEU E 3214 56.65 -25.86 20.69
CA LEU E 3214 55.97 -24.62 21.05
C LEU E 3214 55.48 -23.81 19.86
N SER E 3215 54.25 -23.31 19.94
CA SER E 3215 53.72 -22.33 19.02
C SER E 3215 53.10 -21.16 19.78
N ILE E 3216 53.06 -19.98 19.17
CA ILE E 3216 52.58 -18.76 19.82
C ILE E 3216 51.39 -18.09 19.15
N ILE E 3217 50.45 -17.65 19.97
CA ILE E 3217 49.35 -16.83 19.50
C ILE E 3217 49.71 -15.39 19.78
N ASP E 3218 49.72 -14.57 18.74
CA ASP E 3218 50.12 -13.18 18.88
C ASP E 3218 48.94 -12.30 19.29
N GLY E 3219 49.18 -11.00 19.47
CA GLY E 3219 48.17 -10.05 19.90
C GLY E 3219 47.05 -9.85 18.90
N ASN E 3220 47.20 -10.31 17.67
CA ASN E 3220 46.14 -10.07 16.74
C ASN E 3220 45.38 -11.34 16.53
N GLY E 3221 45.74 -12.40 17.23
CA GLY E 3221 45.02 -13.67 17.17
C GLY E 3221 45.58 -14.76 16.25
N CYS E 3222 46.68 -14.48 15.51
CA CYS E 3222 47.32 -15.39 14.54
C CYS E 3222 48.31 -16.32 15.23
N GLU E 3223 48.42 -17.56 14.73
CA GLU E 3223 49.35 -18.53 15.28
C GLU E 3223 50.65 -18.61 14.48
N SER E 3224 51.78 -18.58 15.17
CA SER E 3224 53.11 -18.67 14.61
C SER E 3224 53.47 -20.10 14.26
N GLY E 3225 54.56 -20.29 13.53
CA GLY E 3225 54.99 -21.63 13.20
C GLY E 3225 55.66 -22.30 14.39
N ASP E 3226 55.74 -23.63 14.35
CA ASP E 3226 56.33 -24.40 15.43
C ASP E 3226 57.85 -24.31 15.47
N THR E 3227 58.38 -24.40 16.68
CA THR E 3227 59.79 -24.65 16.92
C THR E 3227 59.85 -25.67 18.02
N ALA E 3228 61.00 -26.32 18.21
CA ALA E 3228 61.05 -27.34 19.24
C ALA E 3228 62.43 -27.56 19.79
N VAL E 3229 62.47 -28.09 21.01
CA VAL E 3229 63.71 -28.44 21.69
C VAL E 3229 63.71 -29.94 21.97
N THR E 3230 64.80 -30.61 21.64
CA THR E 3230 64.88 -32.01 21.96
C THR E 3230 65.53 -32.16 23.32
N VAL E 3231 64.90 -32.96 24.18
CA VAL E 3231 65.39 -33.17 25.52
C VAL E 3231 65.73 -34.64 25.70
N THR E 3232 66.92 -34.90 26.16
CA THR E 3232 67.32 -36.27 26.39
C THR E 3232 67.52 -36.46 27.88
N VAL E 3233 67.39 -37.69 28.35
CA VAL E 3233 67.57 -37.99 29.75
C VAL E 3233 68.66 -39.04 29.88
N ASP E 3234 69.69 -38.73 30.65
CA ASP E 3234 70.82 -39.63 30.83
C ASP E 3234 70.63 -40.53 32.05
N SER E 3235 70.56 -41.83 31.80
CA SER E 3235 70.30 -42.78 32.86
C SER E 3235 71.43 -42.73 33.90
N ILE E 3236 71.07 -42.86 35.19
CA ILE E 3236 72.03 -42.89 36.32
C ILE E 3236 72.10 -44.32 36.87
N GLY F 2892 -39.08 22.61 -77.80
CA GLY F 2892 -39.28 21.19 -77.57
C GLY F 2892 -38.77 20.72 -76.22
N GLN F 2893 -38.59 19.41 -76.04
CA GLN F 2893 -38.01 18.95 -74.78
C GLN F 2893 -36.52 18.95 -74.89
N PRO F 2894 -35.84 19.62 -73.99
CA PRO F 2894 -34.39 19.81 -73.95
C PRO F 2894 -33.64 18.63 -73.34
N SER F 2895 -33.76 17.48 -73.99
CA SER F 2895 -33.05 16.25 -73.63
C SER F 2895 -33.26 15.87 -72.18
N ALA F 2896 -32.17 15.57 -71.48
CA ALA F 2896 -32.05 15.17 -70.11
C ALA F 2896 -30.70 15.69 -69.63
N PRO F 2897 -30.55 15.97 -68.34
CA PRO F 2897 -29.30 16.46 -67.78
C PRO F 2897 -28.29 15.34 -67.63
N ASN F 2898 -27.02 15.72 -67.52
CA ASN F 2898 -25.91 14.79 -67.31
C ASN F 2898 -25.63 14.59 -65.83
N VAL F 2899 -25.73 13.34 -65.40
CA VAL F 2899 -25.57 12.93 -64.01
C VAL F 2899 -24.55 11.80 -63.98
N PRO F 2900 -23.96 11.51 -62.82
CA PRO F 2900 -22.98 10.44 -62.67
C PRO F 2900 -23.57 9.06 -62.84
N ALA F 2901 -22.68 8.12 -63.20
CA ALA F 2901 -23.02 6.73 -63.36
C ALA F 2901 -23.32 6.11 -62.01
N ASP F 2902 -23.99 4.97 -62.03
CA ASP F 2902 -24.40 4.33 -60.78
C ASP F 2902 -23.24 4.11 -59.84
N PHE F 2903 -23.46 4.37 -58.58
CA PHE F 2903 -22.30 4.06 -57.78
C PHE F 2903 -22.69 3.07 -56.71
N GLU F 2904 -21.68 2.73 -55.92
CA GLU F 2904 -21.76 1.86 -54.77
C GLU F 2904 -20.89 2.52 -53.74
N VAL F 2905 -21.42 2.72 -52.55
CA VAL F 2905 -20.69 3.29 -51.45
C VAL F 2905 -20.87 2.29 -50.32
N CYS F 2906 -20.07 2.39 -49.27
CA CYS F 2906 -20.18 1.51 -48.11
C CYS F 2906 -20.63 2.34 -46.91
N GLU F 2907 -21.42 1.76 -46.00
CA GLU F 2907 -21.95 2.56 -44.90
C GLU F 2907 -20.85 3.33 -44.18
N GLY F 2908 -21.13 4.59 -43.94
CA GLY F 2908 -20.24 5.52 -43.31
C GLY F 2908 -19.54 6.43 -44.28
N ASP F 2909 -19.55 6.10 -45.56
CA ASP F 2909 -18.91 6.90 -46.60
C ASP F 2909 -19.87 7.98 -47.08
N ASP F 2910 -19.43 8.82 -48.02
CA ASP F 2910 -20.26 9.92 -48.50
C ASP F 2910 -20.86 9.67 -49.87
N ILE F 2911 -22.14 10.02 -50.05
CA ILE F 2911 -22.77 9.93 -51.37
C ILE F 2911 -22.65 11.29 -52.04
N ILE F 2912 -21.97 11.33 -53.16
CA ILE F 2912 -21.72 12.59 -53.87
C ILE F 2912 -22.54 12.63 -55.14
N LEU F 2913 -23.45 13.58 -55.21
CA LEU F 2913 -24.32 13.74 -56.35
C LEU F 2913 -24.03 15.08 -56.98
N GLY F 2914 -24.35 15.20 -58.26
CA GLY F 2914 -24.26 16.49 -58.91
C GLY F 2914 -24.41 16.34 -60.39
N THR F 2915 -24.59 17.46 -61.06
CA THR F 2915 -24.69 17.47 -62.50
C THR F 2915 -23.64 18.38 -63.09
N THR F 2916 -23.50 18.30 -64.40
CA THR F 2916 -22.56 19.12 -65.13
C THR F 2916 -23.22 20.08 -66.09
N THR F 2917 -24.55 20.11 -66.14
CA THR F 2917 -25.18 20.98 -67.13
C THR F 2917 -25.49 22.36 -66.58
N ILE F 2918 -25.98 23.22 -67.48
CA ILE F 2918 -26.26 24.61 -67.18
C ILE F 2918 -27.74 24.88 -67.28
N ALA F 2919 -28.31 25.44 -66.22
CA ALA F 2919 -29.73 25.68 -66.24
C ALA F 2919 -30.13 26.79 -65.30
N ALA F 2920 -31.37 27.25 -65.49
CA ALA F 2920 -31.91 28.29 -64.63
C ALA F 2920 -32.22 27.73 -63.26
N SER F 2921 -32.64 26.48 -63.20
CA SER F 2921 -32.99 25.85 -61.95
C SER F 2921 -32.81 24.34 -62.02
N TYR F 2922 -32.40 23.76 -60.90
CA TYR F 2922 -32.17 22.33 -60.81
C TYR F 2922 -33.12 21.78 -59.77
N SER F 2923 -33.56 20.54 -59.93
CA SER F 2923 -34.42 19.93 -58.92
C SER F 2923 -34.08 18.46 -58.71
N TRP F 2924 -33.60 18.15 -57.51
CA TRP F 2924 -33.22 16.81 -57.13
C TRP F 2924 -34.18 16.26 -56.11
N THR F 2925 -34.46 14.97 -56.20
CA THR F 2925 -35.24 14.26 -55.19
C THR F 2925 -34.58 12.93 -54.91
N GLY F 2926 -34.92 12.29 -53.81
CA GLY F 2926 -34.40 10.97 -53.54
C GLY F 2926 -34.92 10.33 -52.26
N PRO F 2927 -34.29 9.21 -51.89
CA PRO F 2927 -34.60 8.41 -50.71
C PRO F 2927 -34.36 9.17 -49.42
N ASN F 2928 -35.07 8.77 -48.38
CA ASN F 2928 -34.89 9.30 -47.04
C ASN F 2928 -35.00 10.81 -46.97
N GLY F 2929 -35.92 11.39 -47.73
CA GLY F 2929 -36.16 12.83 -47.66
C GLY F 2929 -35.23 13.71 -48.46
N PHE F 2930 -34.35 13.13 -49.25
CA PHE F 2930 -33.38 13.94 -49.98
C PHE F 2930 -34.03 14.86 -51.00
N THR F 2931 -33.57 16.11 -51.00
CA THR F 2931 -33.97 17.10 -51.99
C THR F 2931 -32.91 18.20 -52.10
N SER F 2932 -32.82 18.80 -53.29
CA SER F 2932 -31.90 19.90 -53.54
C SER F 2932 -32.24 20.69 -54.79
N ASN F 2933 -31.82 21.94 -54.84
CA ASN F 2933 -32.01 22.76 -56.03
C ASN F 2933 -30.69 23.26 -56.61
N LEU F 2934 -29.60 22.56 -56.35
CA LEU F 2934 -28.27 22.95 -56.78
C LEU F 2934 -27.69 22.03 -57.86
N GLN F 2935 -26.61 22.47 -58.46
CA GLN F 2935 -25.92 21.65 -59.44
C GLN F 2935 -25.11 20.67 -58.69
N ASN F 2936 -24.76 20.99 -57.48
CA ASN F 2936 -23.96 20.13 -56.63
C ASN F 2936 -24.51 20.13 -55.21
N PRO F 2937 -25.50 19.28 -54.95
CA PRO F 2937 -26.14 19.17 -53.65
C PRO F 2937 -25.14 18.81 -52.60
N ALA F 2938 -25.41 19.20 -51.37
CA ALA F 2938 -24.51 18.85 -50.30
C ALA F 2938 -24.39 17.34 -50.21
N ALA F 2939 -23.20 16.87 -49.91
CA ALA F 2939 -22.96 15.45 -49.79
C ALA F 2939 -23.80 14.86 -48.68
N ILE F 2940 -24.25 13.64 -48.89
CA ILE F 2940 -24.95 12.91 -47.86
C ILE F 2940 -23.87 12.19 -47.08
N THR F 2941 -23.55 12.72 -45.91
CA THR F 2941 -22.41 12.18 -45.20
C THR F 2941 -22.85 11.07 -44.29
N ASN F 2942 -21.91 10.22 -43.90
CA ASN F 2942 -22.19 9.13 -43.01
C ASN F 2942 -23.37 8.33 -43.56
N ALA F 2943 -23.28 7.98 -44.85
CA ALA F 2943 -24.39 7.33 -45.53
C ALA F 2943 -24.75 6.01 -44.89
N SER F 2944 -26.05 5.75 -44.84
CA SER F 2944 -26.61 4.53 -44.26
C SER F 2944 -27.35 3.70 -45.30
N LEU F 2945 -27.72 2.48 -44.94
CA LEU F 2945 -28.48 1.67 -45.89
C LEU F 2945 -29.80 2.35 -46.26
N ILE F 2946 -30.37 3.12 -45.35
CA ILE F 2946 -31.63 3.81 -45.61
C ILE F 2946 -31.50 4.85 -46.73
N ASP F 2947 -30.30 5.29 -47.05
CA ASP F 2947 -30.03 6.29 -48.08
C ASP F 2947 -29.87 5.66 -49.44
N SER F 2948 -29.91 4.34 -49.51
CA SER F 2948 -29.77 3.69 -50.79
C SER F 2948 -31.03 3.89 -51.60
N GLY F 2949 -30.92 3.83 -52.92
CA GLY F 2949 -32.10 3.96 -53.73
C GLY F 2949 -31.86 4.76 -54.99
N ILE F 2950 -32.93 5.33 -55.54
CA ILE F 2950 -32.83 6.08 -56.80
C ILE F 2950 -32.90 7.57 -56.56
N TYR F 2951 -31.87 8.27 -56.99
CA TYR F 2951 -31.82 9.70 -56.91
C TYR F 2951 -32.20 10.24 -58.28
N ARG F 2952 -32.99 11.30 -58.36
CA ARG F 2952 -33.44 11.77 -59.66
C ARG F 2952 -33.27 13.22 -59.87
N LEU F 2953 -33.08 13.62 -61.09
CA LEU F 2953 -32.84 15.02 -61.45
C LEU F 2953 -33.63 15.49 -62.67
N VAL F 2954 -34.27 16.66 -62.52
CA VAL F 2954 -34.98 17.36 -63.57
C VAL F 2954 -34.41 18.77 -63.69
N VAL F 2955 -34.19 19.25 -64.90
CA VAL F 2955 -33.56 20.56 -65.07
C VAL F 2955 -34.39 21.54 -65.88
N THR F 2956 -34.53 22.77 -65.37
CA THR F 2956 -35.33 23.81 -66.01
C THR F 2956 -34.45 24.89 -66.64
N TYR F 2957 -34.73 25.16 -67.90
CA TYR F 2957 -33.97 26.12 -68.67
C TYR F 2957 -34.61 27.50 -68.65
N SER F 2958 -33.80 28.51 -68.97
CA SER F 2958 -34.22 29.90 -68.93
C SER F 2958 -35.29 30.22 -69.94
N ASN F 2959 -35.49 29.35 -70.91
CA ASN F 2959 -36.52 29.54 -71.92
C ASN F 2959 -37.84 28.90 -71.51
N GLY F 2960 -37.92 28.39 -70.27
CA GLY F 2960 -39.13 27.79 -69.74
C GLY F 2960 -39.29 26.32 -70.03
N CYS F 2961 -38.35 25.72 -70.74
CA CYS F 2961 -38.47 24.32 -71.08
C CYS F 2961 -37.88 23.45 -69.97
N VAL F 2962 -38.46 22.27 -69.79
CA VAL F 2962 -38.02 21.37 -68.72
C VAL F 2962 -37.55 20.04 -69.30
N SER F 2963 -36.37 19.62 -68.89
CA SER F 2963 -35.76 18.40 -69.39
C SER F 2963 -36.36 17.15 -68.76
N ALA F 2964 -36.06 16.03 -69.37
CA ALA F 2964 -36.55 14.74 -68.90
C ALA F 2964 -35.82 14.31 -67.64
N ASP F 2965 -36.58 13.64 -66.77
CA ASP F 2965 -36.00 13.16 -65.52
C ASP F 2965 -35.04 12.02 -65.75
N THR F 2966 -33.86 12.12 -65.18
CA THR F 2966 -32.85 11.09 -65.31
C THR F 2966 -32.52 10.55 -63.93
N THR F 2967 -31.78 9.45 -63.87
CA THR F 2967 -31.55 8.81 -62.59
C THR F 2967 -30.11 8.42 -62.33
N VAL F 2968 -29.81 8.33 -61.04
CA VAL F 2968 -28.58 7.77 -60.50
C VAL F 2968 -28.97 6.73 -59.47
N ARG F 2969 -28.56 5.47 -59.59
CA ARG F 2969 -28.94 4.48 -58.57
C ARG F 2969 -27.79 4.21 -57.60
N VAL F 2970 -27.94 4.54 -56.32
CA VAL F 2970 -26.85 4.45 -55.35
C VAL F 2970 -27.06 3.25 -54.45
N GLY F 2971 -26.15 2.30 -54.49
CA GLY F 2971 -26.23 1.17 -53.60
C GLY F 2971 -25.39 1.47 -52.39
N VAL F 2972 -25.76 0.93 -51.25
CA VAL F 2972 -24.97 1.11 -50.05
C VAL F 2972 -24.65 -0.27 -49.50
N ASN F 2973 -23.36 -0.55 -49.29
CA ASN F 2973 -22.95 -1.83 -48.79
C ASN F 2973 -22.80 -1.83 -47.28
N SER F 2974 -23.10 -2.96 -46.68
CA SER F 2974 -22.91 -3.12 -45.25
C SER F 2974 -21.47 -3.41 -44.95
N ASN F 2975 -21.01 -2.97 -43.80
CA ASN F 2975 -19.68 -3.33 -43.35
C ASN F 2975 -19.75 -4.70 -42.70
N PRO F 2976 -18.64 -5.44 -42.67
CA PRO F 2976 -18.61 -6.70 -41.93
C PRO F 2976 -18.92 -6.47 -40.47
N PRO F 2977 -19.45 -7.48 -39.77
CA PRO F 2977 -19.76 -7.39 -38.35
C PRO F 2977 -18.51 -7.08 -37.60
N VAL F 2978 -18.62 -6.41 -36.45
CA VAL F 2978 -17.44 -6.14 -35.66
C VAL F 2978 -16.93 -7.45 -35.08
N PRO F 2979 -15.71 -7.84 -35.40
CA PRO F 2979 -15.14 -9.08 -34.91
C PRO F 2979 -14.66 -8.99 -33.49
N ASN F 2980 -14.70 -10.12 -32.79
CA ASN F 2980 -14.16 -10.24 -31.44
C ASN F 2980 -12.85 -11.01 -31.47
N ILE F 2981 -11.73 -10.33 -31.20
CA ILE F 2981 -10.40 -10.91 -31.21
C ILE F 2981 -10.12 -11.60 -29.89
N VAL F 2982 -9.58 -12.80 -29.98
CA VAL F 2982 -9.19 -13.61 -28.85
C VAL F 2982 -7.73 -14.00 -28.99
N SER F 2983 -6.94 -13.81 -27.93
CA SER F 2983 -5.53 -14.16 -27.93
C SER F 2983 -5.29 -15.42 -27.12
N ASN F 2984 -4.02 -15.84 -27.02
CA ASN F 2984 -3.66 -17.01 -26.22
C ASN F 2984 -3.47 -16.69 -24.75
N GLY F 2985 -3.67 -15.46 -24.34
CA GLY F 2985 -3.47 -15.12 -22.95
C GLY F 2985 -2.01 -14.83 -22.72
N PRO F 2986 -1.59 -14.85 -21.47
CA PRO F 2986 -0.26 -14.46 -21.00
C PRO F 2986 0.79 -15.50 -21.34
N ILE F 2987 1.09 -15.55 -22.64
CA ILE F 2987 2.04 -16.45 -23.27
C ILE F 2987 3.46 -16.15 -22.79
N CYS F 2988 4.30 -17.20 -22.64
CA CYS F 2988 5.72 -17.05 -22.28
C CYS F 2988 6.54 -16.74 -23.53
N PHE F 2989 7.51 -15.87 -23.37
CA PHE F 2989 8.35 -15.53 -24.50
C PHE F 2989 8.95 -16.76 -25.12
N GLY F 2990 8.86 -16.84 -26.43
CA GLY F 2990 9.41 -17.93 -27.19
C GLY F 2990 8.36 -18.87 -27.72
N ASP F 2991 7.12 -18.69 -27.28
CA ASP F 2991 6.01 -19.52 -27.74
C ASP F 2991 5.27 -18.82 -28.80
N THR F 2992 4.53 -19.53 -29.62
CA THR F 2992 3.94 -18.88 -30.80
C THR F 2992 2.69 -18.11 -30.42
N LEU F 2993 2.60 -16.86 -30.85
CA LEU F 2993 1.48 -16.00 -30.49
C LEU F 2993 0.37 -16.14 -31.51
N VAL F 2994 -0.82 -16.47 -31.06
CA VAL F 2994 -1.91 -16.65 -32.00
C VAL F 2994 -3.05 -15.73 -31.67
N LEU F 2995 -3.48 -14.97 -32.66
CA LEU F 2995 -4.60 -14.08 -32.52
C LEU F 2995 -5.68 -14.52 -33.50
N SER F 2996 -6.91 -14.66 -33.04
CA SER F 2996 -7.93 -15.16 -33.94
C SER F 2996 -9.29 -14.59 -33.63
N SER F 2997 -10.24 -14.86 -34.52
CA SER F 2997 -11.61 -14.43 -34.32
C SER F 2997 -12.58 -15.37 -35.02
N SER F 2998 -13.74 -15.54 -34.42
CA SER F 2998 -14.79 -16.39 -34.98
C SER F 2998 -15.53 -15.74 -36.14
N THR F 2999 -15.36 -14.45 -36.32
CA THR F 2999 -16.08 -13.76 -37.38
C THR F 2999 -15.45 -14.09 -38.72
N SER F 3000 -16.29 -14.45 -39.68
CA SER F 3000 -15.80 -14.78 -41.01
C SER F 3000 -15.53 -13.50 -41.79
N CYS F 3001 -14.27 -13.29 -42.17
CA CYS F 3001 -13.77 -12.11 -42.88
C CYS F 3001 -12.93 -12.57 -44.07
N GLY F 3002 -13.06 -11.88 -45.20
CA GLY F 3002 -12.31 -12.23 -46.39
C GLY F 3002 -10.83 -12.12 -46.18
N GLN F 3003 -10.39 -10.96 -45.76
CA GLN F 3003 -9.01 -10.71 -45.43
C GLN F 3003 -8.96 -10.08 -44.06
N SER F 3004 -7.84 -10.23 -43.40
CA SER F 3004 -7.71 -9.70 -42.07
C SER F 3004 -6.39 -9.01 -41.88
N GLN F 3005 -6.46 -7.73 -41.61
CA GLN F 3005 -5.30 -6.89 -41.48
C GLN F 3005 -5.07 -6.62 -40.01
N TRP F 3006 -3.96 -7.07 -39.49
CA TRP F 3006 -3.71 -6.97 -38.07
C TRP F 3006 -2.88 -5.74 -37.78
N ILE F 3007 -3.27 -5.01 -36.77
CA ILE F 3007 -2.59 -3.79 -36.41
C ILE F 3007 -1.92 -3.98 -35.07
N GLY F 3008 -0.61 -4.04 -35.06
CA GLY F 3008 0.14 -4.17 -33.84
C GLY F 3008 0.78 -2.86 -33.56
N PRO F 3009 1.74 -2.84 -32.65
CA PRO F 3009 2.47 -1.61 -32.30
C PRO F 3009 3.21 -0.96 -33.49
N ASN F 3010 3.48 -1.72 -34.53
CA ASN F 3010 4.13 -1.26 -35.75
C ASN F 3010 3.16 -1.03 -36.91
N GLY F 3011 1.85 -1.08 -36.68
CA GLY F 3011 0.89 -1.11 -37.76
C GLY F 3011 0.42 0.22 -38.32
N ASN F 3012 -0.57 0.05 -39.20
CA ASN F 3012 -1.22 1.11 -39.90
C ASN F 3012 -0.40 1.87 -40.89
N SER F 3013 0.52 1.25 -41.59
CA SER F 3013 1.26 1.90 -42.67
C SER F 3013 1.73 0.88 -43.69
N GLN F 3014 1.96 1.32 -44.92
CA GLN F 3014 2.31 0.46 -46.05
C GLN F 3014 3.67 -0.23 -45.92
N SER F 3015 4.53 0.28 -45.05
CA SER F 3015 5.84 -0.32 -44.86
C SER F 3015 5.77 -1.52 -43.92
N THR F 3016 4.64 -1.70 -43.25
CA THR F 3016 4.42 -2.78 -42.31
C THR F 3016 3.39 -3.75 -42.84
N LEU F 3017 2.27 -3.22 -43.30
CA LEU F 3017 1.16 -4.01 -43.78
C LEU F 3017 1.36 -4.27 -45.26
N GLY F 3018 2.30 -5.13 -45.57
CA GLY F 3018 2.64 -5.39 -46.94
C GLY F 3018 1.64 -6.32 -47.60
N THR F 3019 1.86 -6.62 -48.87
CA THR F 3019 0.99 -7.44 -49.70
C THR F 3019 0.43 -8.66 -48.96
N PRO F 3020 -0.90 -8.86 -48.98
CA PRO F 3020 -1.58 -9.95 -48.26
C PRO F 3020 -1.26 -11.33 -48.75
N GLY F 3021 -1.30 -12.27 -47.83
CA GLY F 3021 -1.07 -13.68 -48.12
C GLY F 3021 0.40 -14.00 -48.03
N GLY F 3022 0.72 -15.30 -48.06
CA GLY F 3022 2.11 -15.68 -47.94
C GLY F 3022 2.58 -15.48 -46.51
N SER F 3023 3.89 -15.32 -46.35
CA SER F 3023 4.48 -15.17 -45.02
C SER F 3023 4.36 -13.75 -44.52
N ASN F 3024 3.12 -13.33 -44.27
CA ASN F 3024 2.82 -11.97 -43.85
C ASN F 3024 1.89 -12.06 -42.66
N VAL F 3025 2.45 -12.03 -41.46
CA VAL F 3025 1.63 -12.25 -40.29
C VAL F 3025 0.65 -11.14 -40.03
N LEU F 3026 0.87 -9.96 -40.60
CA LEU F 3026 -0.05 -8.87 -40.37
C LEU F 3026 -1.10 -8.69 -41.46
N TRP F 3027 -1.08 -9.48 -42.51
CA TRP F 3027 -2.15 -9.29 -43.47
C TRP F 3027 -2.42 -10.64 -44.11
N THR F 3028 -3.38 -11.32 -43.54
CA THR F 3028 -3.70 -12.68 -43.82
C THR F 3028 -4.89 -12.74 -44.72
N ILE F 3029 -5.24 -13.95 -45.10
CA ILE F 3029 -6.37 -14.20 -45.97
C ILE F 3029 -7.41 -15.03 -45.22
N GLY F 3030 -7.54 -14.75 -43.92
CA GLY F 3030 -8.54 -15.32 -43.04
C GLY F 3030 -8.34 -14.76 -41.64
N SER F 3031 -9.24 -15.08 -40.71
CA SER F 3031 -9.18 -14.47 -39.39
C SER F 3031 -8.06 -14.91 -38.44
N THR F 3032 -7.32 -16.00 -38.67
CA THR F 3032 -6.30 -16.42 -37.71
C THR F 3032 -4.88 -16.12 -38.17
N THR F 3033 -4.07 -15.51 -37.28
CA THR F 3033 -2.67 -15.23 -37.57
C THR F 3033 -1.76 -15.77 -36.50
N SER F 3034 -0.62 -16.32 -36.92
CA SER F 3034 0.36 -16.88 -36.00
C SER F 3034 1.67 -16.13 -36.12
N ILE F 3035 2.16 -15.58 -35.02
CA ILE F 3035 3.39 -14.81 -35.00
C ILE F 3035 4.47 -15.58 -34.23
N PRO F 3036 5.50 -16.08 -34.90
CA PRO F 3036 6.63 -16.79 -34.30
C PRO F 3036 7.46 -15.87 -33.45
N MET F 3037 8.31 -16.44 -32.57
CA MET F 3037 9.15 -15.56 -31.77
C MET F 3037 10.18 -14.82 -32.61
N ASN F 3038 10.60 -15.41 -33.71
CA ASN F 3038 11.57 -14.76 -34.59
C ASN F 3038 10.84 -13.93 -35.62
N ASN F 3039 10.15 -12.90 -35.12
CA ASN F 3039 9.36 -12.04 -35.97
C ASN F 3039 9.33 -10.64 -35.38
N ALA F 3040 9.52 -9.66 -36.24
CA ALA F 3040 9.58 -8.27 -35.81
C ALA F 3040 8.31 -7.83 -35.10
N ASN F 3041 7.19 -8.48 -35.37
CA ASN F 3041 5.92 -8.06 -34.82
C ASN F 3041 5.50 -8.89 -33.61
N TYR F 3042 6.39 -9.70 -33.06
CA TYR F 3042 6.09 -10.49 -31.87
C TYR F 3042 6.16 -9.59 -30.65
N LEU F 3043 5.16 -8.75 -30.51
CA LEU F 3043 5.19 -7.72 -29.49
C LEU F 3043 3.97 -7.75 -28.59
N PRO F 3044 4.14 -7.39 -27.32
CA PRO F 3044 3.05 -7.18 -26.38
C PRO F 3044 2.39 -5.85 -26.66
N GLY F 3045 1.19 -5.65 -26.15
CA GLY F 3045 0.56 -4.35 -26.30
C GLY F 3045 -0.81 -4.42 -26.92
N ASN F 3046 -1.33 -3.30 -27.39
CA ASN F 3046 -2.71 -3.26 -27.86
C ASN F 3046 -2.83 -3.57 -29.35
N TRP F 3047 -3.49 -4.68 -29.64
CA TRP F 3047 -3.68 -5.19 -30.98
C TRP F 3047 -5.13 -5.02 -31.44
N TYR F 3048 -5.33 -4.81 -32.72
CA TYR F 3048 -6.69 -4.80 -33.20
C TYR F 3048 -6.69 -5.48 -34.55
N MET F 3049 -7.83 -5.62 -35.17
CA MET F 3049 -7.95 -6.28 -36.45
C MET F 3049 -8.92 -5.52 -37.32
N ILE F 3050 -8.63 -5.45 -38.59
CA ILE F 3050 -9.55 -4.85 -39.55
C ILE F 3050 -10.03 -5.93 -40.51
N CYS F 3051 -11.35 -6.16 -40.59
CA CYS F 3051 -11.92 -7.13 -41.51
C CYS F 3051 -12.16 -6.46 -42.83
N ILE F 3052 -11.66 -7.08 -43.87
CA ILE F 3052 -11.72 -6.55 -45.21
C ILE F 3052 -12.62 -7.42 -46.06
N ASP F 3053 -13.62 -6.82 -46.65
CA ASP F 3053 -14.52 -7.51 -47.54
C ASP F 3053 -13.92 -7.45 -48.93
N THR F 3054 -13.52 -8.60 -49.45
CA THR F 3054 -12.79 -8.68 -50.71
C THR F 3054 -13.67 -8.53 -51.92
N VAL F 3055 -14.99 -8.45 -51.73
CA VAL F 3055 -15.92 -8.27 -52.81
C VAL F 3055 -16.32 -6.81 -52.95
N THR F 3056 -16.61 -6.15 -51.83
CA THR F 3056 -17.09 -4.78 -51.84
C THR F 3056 -16.04 -3.74 -51.50
N GLY F 3057 -14.96 -4.11 -50.83
CA GLY F 3057 -13.98 -3.15 -50.34
C GLY F 3057 -14.26 -2.55 -48.96
N CYS F 3058 -15.33 -2.98 -48.27
CA CYS F 3058 -15.75 -2.49 -46.96
C CYS F 3058 -14.85 -2.96 -45.82
N ARG F 3059 -14.68 -2.12 -44.80
CA ARG F 3059 -13.83 -2.45 -43.66
C ARG F 3059 -14.52 -2.28 -42.33
N SER F 3060 -14.22 -3.18 -41.40
CA SER F 3060 -14.83 -3.14 -40.07
C SER F 3060 -13.83 -3.44 -38.97
N GLU F 3061 -13.72 -2.56 -38.01
CA GLU F 3061 -12.71 -2.73 -36.98
C GLU F 3061 -13.12 -3.47 -35.80
N SER F 3062 -12.25 -4.17 -35.22
CA SER F 3062 -12.40 -5.07 -34.10
C SER F 3062 -12.31 -4.42 -32.72
N ASN F 3063 -12.25 -5.33 -31.75
CA ASN F 3063 -12.17 -4.89 -30.40
C ASN F 3063 -10.74 -4.84 -30.11
N THR F 3064 -10.35 -4.37 -28.95
CA THR F 3064 -8.92 -4.20 -28.69
C THR F 3064 -8.47 -5.16 -27.61
N ILE F 3065 -7.36 -5.84 -27.83
CA ILE F 3065 -6.86 -6.77 -26.84
C ILE F 3065 -5.47 -6.37 -26.37
N ASN F 3066 -5.17 -6.65 -25.12
CA ASN F 3066 -3.85 -6.39 -24.57
C ASN F 3066 -3.07 -7.70 -24.53
N VAL F 3067 -2.12 -7.84 -25.43
CA VAL F 3067 -1.36 -9.08 -25.49
C VAL F 3067 -0.22 -8.99 -24.51
N ILE F 3068 -0.09 -10.00 -23.67
CA ILE F 3068 0.96 -10.04 -22.67
C ILE F 3068 1.93 -11.14 -22.99
N ILE F 3069 3.21 -10.80 -23.12
CA ILE F 3069 4.24 -11.79 -23.35
C ILE F 3069 5.17 -11.74 -22.15
N ASN F 3070 5.28 -12.85 -21.42
CA ASN F 3070 6.08 -12.86 -20.21
C ASN F 3070 7.53 -13.23 -20.46
N ALA F 3071 8.43 -12.70 -19.65
CA ALA F 3071 9.82 -13.05 -19.77
C ALA F 3071 10.11 -14.37 -19.08
N ASN F 3072 11.08 -15.10 -19.63
CA ASN F 3072 11.61 -16.30 -18.99
C ASN F 3072 12.75 -15.86 -18.07
N PRO F 3073 12.71 -16.18 -16.78
CA PRO F 3073 13.75 -15.76 -15.84
C PRO F 3073 15.11 -16.30 -16.25
N ASP F 3074 16.17 -15.58 -15.86
CA ASP F 3074 17.55 -15.91 -16.19
C ASP F 3074 17.96 -17.21 -15.54
N THR F 3075 18.92 -17.90 -16.16
CA THR F 3075 19.47 -19.09 -15.55
C THR F 3075 19.96 -18.65 -14.20
N PRO F 3076 19.47 -19.22 -13.10
CA PRO F 3076 19.85 -18.79 -11.76
C PRO F 3076 21.23 -19.25 -11.41
N ALA F 3077 21.91 -18.48 -10.58
CA ALA F 3077 23.19 -18.92 -10.06
C ALA F 3077 22.93 -19.73 -8.81
N VAL F 3078 23.72 -20.77 -8.59
CA VAL F 3078 23.57 -21.55 -7.39
C VAL F 3078 24.90 -21.67 -6.69
N PHE F 3079 24.91 -21.40 -5.40
CA PHE F 3079 26.13 -21.43 -4.61
C PHE F 3079 25.99 -22.38 -3.45
N ASN F 3080 27.11 -22.86 -2.91
CA ASN F 3080 27.02 -23.76 -1.76
C ASN F 3080 28.07 -23.39 -0.72
N ASP F 3081 28.18 -24.22 0.33
CA ASP F 3081 29.05 -23.95 1.47
C ASP F 3081 30.47 -24.44 1.28
N GLY F 3082 30.82 -24.92 0.11
CA GLY F 3082 32.16 -25.35 -0.13
C GLY F 3082 32.33 -26.79 0.27
N PRO F 3083 33.58 -27.24 0.29
CA PRO F 3083 33.90 -28.63 0.58
C PRO F 3083 33.34 -29.05 1.91
N VAL F 3084 32.78 -30.25 1.95
CA VAL F 3084 32.16 -30.82 3.14
C VAL F 3084 32.79 -32.19 3.36
N CYS F 3085 32.98 -32.62 4.62
CA CYS F 3085 33.53 -33.96 4.90
C CYS F 3085 32.50 -35.03 4.60
N GLU F 3086 32.98 -36.23 4.27
CA GLU F 3086 32.07 -37.31 3.97
C GLU F 3086 31.06 -37.49 5.10
N GLY F 3087 29.78 -37.54 4.74
CA GLY F 3087 28.72 -37.71 5.71
C GLY F 3087 28.18 -36.41 6.26
N GLY F 3088 28.77 -35.30 5.90
CA GLY F 3088 28.33 -34.02 6.40
C GLY F 3088 27.22 -33.41 5.59
N ASN F 3089 26.75 -32.26 6.03
CA ASN F 3089 25.67 -31.56 5.36
C ASN F 3089 26.18 -30.26 4.79
N SER F 3090 25.47 -29.74 3.77
CA SER F 3090 25.83 -28.43 3.25
C SER F 3090 24.61 -27.69 2.74
N ASN F 3091 24.64 -26.37 2.83
CA ASN F 3091 23.53 -25.58 2.32
C ASN F 3091 23.76 -25.20 0.88
N LEU F 3092 22.68 -25.04 0.15
CA LEU F 3092 22.71 -24.48 -1.17
C LEU F 3092 22.04 -23.12 -1.06
N SER F 3093 22.39 -22.19 -1.93
CA SER F 3093 21.66 -20.94 -1.90
C SER F 3093 21.55 -20.33 -3.28
N THR F 3094 20.49 -19.54 -3.48
CA THR F 3094 20.33 -18.84 -4.73
C THR F 3094 19.77 -17.44 -4.51
N ALA F 3095 19.59 -16.73 -5.62
CA ALA F 3095 19.12 -15.35 -5.65
C ALA F 3095 17.65 -15.28 -5.30
N THR F 3096 17.23 -14.18 -4.71
CA THR F 3096 15.82 -14.00 -4.44
C THR F 3096 15.18 -13.37 -5.67
N VAL F 3097 14.15 -14.02 -6.19
CA VAL F 3097 13.45 -13.53 -7.37
C VAL F 3097 12.03 -13.25 -6.96
N SER F 3098 11.61 -12.01 -7.07
CA SER F 3098 10.27 -11.68 -6.61
C SER F 3098 9.23 -12.40 -7.44
N GLY F 3099 8.26 -13.01 -6.76
CA GLY F 3099 7.20 -13.71 -7.43
C GLY F 3099 7.54 -15.11 -7.86
N ALA F 3100 8.73 -15.59 -7.54
CA ALA F 3100 9.16 -16.89 -8.01
C ALA F 3100 8.87 -18.01 -7.06
N SER F 3101 8.63 -19.16 -7.63
CA SER F 3101 8.64 -20.40 -6.89
C SER F 3101 9.94 -21.08 -7.24
N TYR F 3102 10.46 -21.90 -6.36
CA TYR F 3102 11.73 -22.55 -6.62
C TYR F 3102 11.56 -24.05 -6.59
N ALA F 3103 12.23 -24.75 -7.49
CA ALA F 3103 12.18 -26.20 -7.47
C ALA F 3103 13.56 -26.77 -7.68
N TRP F 3104 14.02 -27.56 -6.73
CA TRP F 3104 15.33 -28.17 -6.79
C TRP F 3104 15.19 -29.62 -7.15
N TYR F 3105 15.94 -30.07 -8.12
CA TYR F 3105 15.85 -31.41 -8.64
C TYR F 3105 17.12 -32.19 -8.38
N SER F 3106 16.99 -33.48 -8.18
CA SER F 3106 18.16 -34.29 -7.89
C SER F 3106 18.99 -34.63 -9.09
N ASP F 3107 18.45 -34.57 -10.30
CA ASP F 3107 19.24 -35.07 -11.41
C ASP F 3107 18.96 -34.35 -12.71
N SER F 3108 19.76 -34.71 -13.70
CA SER F 3108 19.64 -34.20 -15.04
C SER F 3108 18.28 -34.59 -15.58
N SER F 3109 17.74 -33.74 -16.43
CA SER F 3109 16.43 -33.91 -17.01
C SER F 3109 15.31 -33.62 -16.03
N LEU F 3110 15.65 -33.23 -14.81
CA LEU F 3110 14.67 -32.73 -13.87
C LEU F 3110 13.52 -33.70 -13.63
N THR F 3111 13.85 -34.97 -13.42
CA THR F 3111 12.83 -36.00 -13.27
C THR F 3111 12.38 -36.24 -11.84
N SER F 3112 13.16 -35.80 -10.85
CA SER F 3112 12.83 -36.06 -9.46
C SER F 3112 13.07 -34.82 -8.64
N LEU F 3113 12.04 -34.39 -7.93
CA LEU F 3113 12.07 -33.16 -7.14
C LEU F 3113 12.54 -33.50 -5.75
N VAL F 3114 13.44 -32.69 -5.18
CA VAL F 3114 13.92 -32.92 -3.84
C VAL F 3114 13.49 -31.84 -2.87
N SER F 3115 13.46 -30.58 -3.27
CA SER F 3115 13.01 -29.55 -2.35
C SER F 3115 12.49 -28.34 -3.08
N THR F 3116 11.72 -27.53 -2.36
CA THR F 3116 11.18 -26.28 -2.88
C THR F 3116 11.51 -25.20 -1.88
N ALA F 3117 12.68 -24.60 -1.98
CA ALA F 3117 13.09 -23.63 -1.00
C ALA F 3117 14.09 -22.67 -1.59
N GLN F 3118 14.20 -21.48 -1.04
CA GLN F 3118 15.25 -20.68 -1.62
C GLN F 3118 16.60 -21.26 -1.24
N ASN F 3119 16.81 -21.70 0.00
CA ASN F 3119 18.12 -22.17 0.44
C ASN F 3119 18.08 -23.54 1.13
N PRO F 3120 17.87 -24.62 0.40
CA PRO F 3120 17.72 -25.96 0.97
C PRO F 3120 19.05 -26.54 1.38
N MET F 3121 19.00 -27.55 2.26
CA MET F 3121 20.20 -28.27 2.67
C MET F 3121 20.27 -29.66 2.08
N ILE F 3122 21.46 -30.08 1.67
CA ILE F 3122 21.70 -31.45 1.26
C ILE F 3122 22.25 -32.15 2.48
N VAL F 3123 21.63 -33.26 2.86
CA VAL F 3123 21.97 -33.96 4.08
C VAL F 3123 22.67 -35.29 3.77
N ASN F 3124 23.70 -35.60 4.57
CA ASN F 3124 24.47 -36.84 4.48
C ASN F 3124 25.11 -37.05 3.11
N ILE F 3125 25.98 -36.13 2.72
CA ILE F 3125 26.64 -36.19 1.42
C ILE F 3125 27.80 -37.16 1.47
N SER F 3126 27.76 -38.23 0.69
CA SER F 3126 28.88 -39.15 0.69
C SER F 3126 29.87 -38.90 -0.43
N THR F 3127 29.41 -38.34 -1.53
CA THR F 3127 30.28 -38.10 -2.65
C THR F 3127 29.96 -36.77 -3.30
N ASP F 3128 30.75 -36.39 -4.30
CA ASP F 3128 30.49 -35.12 -4.97
C ASP F 3128 29.09 -35.19 -5.52
N THR F 3129 28.28 -34.18 -5.26
CA THR F 3129 26.90 -34.28 -5.71
C THR F 3129 26.40 -32.99 -6.29
N THR F 3130 25.43 -33.08 -7.19
CA THR F 3130 24.87 -31.88 -7.82
C THR F 3130 23.37 -31.80 -7.74
N TRP F 3131 22.87 -30.60 -7.48
CA TRP F 3131 21.45 -30.32 -7.55
C TRP F 3131 21.17 -29.29 -8.63
N TYR F 3132 20.01 -29.40 -9.27
CA TYR F 3132 19.60 -28.53 -10.35
C TYR F 3132 18.48 -27.61 -9.91
N LEU F 3133 18.50 -26.35 -10.32
CA LEU F 3133 17.50 -25.40 -9.88
C LEU F 3133 16.69 -24.76 -10.99
N VAL F 3134 15.38 -24.82 -10.86
CA VAL F 3134 14.48 -24.18 -11.81
C VAL F 3134 13.66 -23.11 -11.11
N VAL F 3135 13.65 -21.91 -11.63
CA VAL F 3135 12.91 -20.80 -11.04
C VAL F 3135 11.73 -20.50 -11.91
N THR F 3136 10.52 -20.49 -11.36
CA THR F 3136 9.35 -20.25 -12.19
C THR F 3136 8.61 -18.99 -11.77
N VAL F 3137 8.37 -18.09 -12.70
CA VAL F 3137 7.70 -16.82 -12.43
C VAL F 3137 6.52 -16.65 -13.38
N ASN F 3138 5.33 -16.43 -12.83
CA ASN F 3138 4.13 -16.24 -13.65
C ASN F 3138 3.93 -17.38 -14.63
N GLY F 3139 4.28 -18.58 -14.22
CA GLY F 3139 4.13 -19.75 -15.08
C GLY F 3139 5.27 -20.06 -16.05
N CYS F 3140 6.29 -19.19 -16.18
CA CYS F 3140 7.41 -19.35 -17.12
C CYS F 3140 8.63 -19.88 -16.36
N SER F 3141 9.18 -21.00 -16.80
CA SER F 3141 10.30 -21.61 -16.09
C SER F 3141 11.64 -21.30 -16.72
N SER F 3142 12.63 -21.07 -15.87
CA SER F 3142 14.00 -20.82 -16.30
C SER F 3142 14.70 -22.10 -16.66
N VAL F 3143 15.86 -21.95 -17.28
CA VAL F 3143 16.72 -23.05 -17.62
C VAL F 3143 17.39 -23.49 -16.33
N ALA F 3144 17.45 -24.78 -16.07
CA ALA F 3144 17.99 -25.18 -14.78
C ALA F 3144 19.41 -24.75 -14.59
N GLY F 3145 19.68 -24.15 -13.44
CA GLY F 3145 21.02 -23.82 -13.03
C GLY F 3145 21.52 -24.97 -12.20
N SER F 3146 22.75 -24.90 -11.70
CA SER F 3146 23.20 -26.05 -10.93
C SER F 3146 24.40 -25.73 -10.09
N THR F 3147 24.66 -26.59 -9.10
CA THR F 3147 25.93 -26.49 -8.39
C THR F 3147 26.39 -27.81 -7.85
N THR F 3148 27.71 -27.93 -7.70
CA THR F 3148 28.35 -29.14 -7.22
C THR F 3148 28.93 -28.93 -5.83
N VAL F 3149 28.57 -29.81 -4.91
CA VAL F 3149 29.14 -29.80 -3.58
C VAL F 3149 30.24 -30.82 -3.59
N ILE F 3150 31.43 -30.38 -3.25
CA ILE F 3150 32.61 -31.22 -3.26
C ILE F 3150 32.78 -31.88 -1.92
N VAL F 3151 33.04 -33.17 -1.92
CA VAL F 3151 33.30 -33.85 -0.68
C VAL F 3151 34.80 -33.86 -0.49
N HIS F 3152 35.24 -33.36 0.65
CA HIS F 3152 36.66 -33.28 0.98
C HIS F 3152 37.22 -34.68 1.04
N PRO F 3153 38.43 -34.88 0.50
CA PRO F 3153 39.04 -36.21 0.49
C PRO F 3153 39.33 -36.70 1.88
N THR F 3154 38.97 -37.94 2.18
CA THR F 3154 39.19 -38.55 3.50
C THR F 3154 40.69 -38.58 3.80
N PRO F 3155 41.10 -38.15 4.99
CA PRO F 3155 42.50 -38.12 5.39
C PRO F 3155 43.06 -39.50 5.59
N VAL F 3156 44.39 -39.57 5.52
CA VAL F 3156 45.16 -40.81 5.55
C VAL F 3156 45.23 -41.42 6.95
N THR F 3157 45.11 -42.74 6.99
CA THR F 3157 45.17 -43.55 8.19
C THR F 3157 46.42 -43.23 9.01
N PRO F 3158 46.31 -43.03 10.33
CA PRO F 3158 47.42 -42.65 11.22
C PRO F 3158 48.57 -43.65 11.24
N ASN F 3159 49.76 -43.14 11.51
CA ASN F 3159 50.97 -43.98 11.62
C ASN F 3159 51.18 -44.34 13.10
N VAL F 3160 50.99 -45.62 13.42
CA VAL F 3160 51.02 -46.15 14.77
C VAL F 3160 52.00 -47.32 14.79
N PRO F 3161 52.75 -47.54 15.89
CA PRO F 3161 53.76 -48.60 16.01
C PRO F 3161 53.24 -50.01 15.80
N ALA F 3162 54.17 -50.89 15.47
CA ALA F 3162 53.92 -52.30 15.25
C ALA F 3162 53.61 -52.97 16.57
N ASN F 3163 53.05 -54.17 16.51
CA ASN F 3163 52.68 -54.87 17.72
C ASN F 3163 53.85 -54.89 18.69
N PHE F 3164 53.61 -54.48 19.92
CA PHE F 3164 54.73 -54.59 20.82
C PHE F 3164 54.36 -55.43 22.03
N ALA F 3165 55.37 -55.72 22.81
CA ALA F 3165 55.25 -56.46 24.05
C ALA F 3165 55.99 -55.72 25.14
N VAL F 3166 55.42 -55.74 26.33
CA VAL F 3166 55.99 -55.10 27.49
C VAL F 3166 56.07 -56.14 28.61
N CYS F 3167 57.13 -56.08 29.40
CA CYS F 3167 57.21 -56.97 30.55
C CYS F 3167 56.34 -56.44 31.66
N GLU F 3168 55.67 -57.34 32.37
CA GLU F 3168 54.86 -56.91 33.50
C GLU F 3168 55.71 -56.06 34.44
N GLY F 3169 55.16 -54.91 34.82
CA GLY F 3169 55.81 -53.94 35.68
C GLY F 3169 56.50 -52.81 34.94
N ASP F 3170 56.74 -52.97 33.65
CA ASP F 3170 57.43 -51.99 32.81
C ASP F 3170 56.41 -51.03 32.21
N ASN F 3171 56.85 -50.08 31.39
CA ASN F 3171 55.95 -49.07 30.84
C ASN F 3171 55.42 -49.38 29.46
N ILE F 3172 54.21 -48.93 29.17
CA ILE F 3172 53.63 -48.99 27.83
C ILE F 3172 53.61 -47.59 27.27
N THR F 3173 54.35 -47.37 26.22
CA THR F 3173 54.44 -46.06 25.62
C THR F 3173 53.78 -46.07 24.27
N LEU F 3174 52.89 -45.14 24.05
CA LEU F 3174 52.19 -45.04 22.80
C LEU F 3174 52.55 -43.70 22.19
N SER F 3175 52.58 -43.65 20.87
CA SER F 3175 52.81 -42.40 20.17
C SER F 3175 52.38 -42.55 18.73
N THR F 3176 52.18 -41.43 18.06
CA THR F 3176 51.97 -41.47 16.62
C THR F 3176 52.91 -40.51 15.92
N SER F 3177 53.25 -40.86 14.70
CA SER F 3177 54.18 -40.07 13.91
C SER F 3177 53.51 -39.02 13.03
N THR F 3178 52.19 -38.98 12.99
CA THR F 3178 51.52 -38.05 12.11
C THR F 3178 51.06 -36.80 12.85
N VAL F 3179 50.72 -35.79 12.06
CA VAL F 3179 50.28 -34.51 12.55
C VAL F 3179 48.78 -34.36 12.38
N ALA F 3180 48.09 -33.96 13.44
CA ALA F 3180 46.66 -33.84 13.44
C ALA F 3180 46.19 -32.59 14.15
N SER F 3181 44.95 -32.18 13.85
CA SER F 3181 44.32 -31.13 14.64
C SER F 3181 44.09 -31.66 16.01
N SER F 3182 43.67 -32.91 16.08
CA SER F 3182 43.47 -33.60 17.33
C SER F 3182 43.64 -35.08 17.11
N TYR F 3183 43.92 -35.78 18.18
CA TYR F 3183 44.07 -37.21 18.10
C TYR F 3183 43.00 -37.82 18.97
N ASN F 3184 42.57 -39.03 18.64
CA ASN F 3184 41.61 -39.75 19.46
C ASN F 3184 42.07 -41.19 19.69
N TRP F 3185 42.69 -41.43 20.83
CA TRP F 3185 43.17 -42.74 21.21
C TRP F 3185 42.19 -43.40 22.15
N SER F 3186 42.06 -44.72 22.08
CA SER F 3186 41.27 -45.45 23.05
C SER F 3186 41.81 -46.86 23.28
N GLY F 3187 41.52 -47.44 24.44
CA GLY F 3187 41.97 -48.80 24.70
C GLY F 3187 41.56 -49.42 26.03
N PRO F 3188 42.25 -50.48 26.41
CA PRO F 3188 41.99 -51.27 27.61
C PRO F 3188 42.03 -50.42 28.87
N ASN F 3189 41.24 -50.79 29.87
CA ASN F 3189 41.21 -50.06 31.13
C ASN F 3189 40.71 -48.63 30.92
N GLY F 3190 39.96 -48.34 29.87
CA GLY F 3190 39.42 -47.02 29.73
C GLY F 3190 40.42 -46.03 29.24
N PHE F 3191 41.57 -46.51 28.80
CA PHE F 3191 42.60 -45.64 28.31
C PHE F 3191 42.06 -44.74 27.24
N THR F 3192 42.41 -43.47 27.34
CA THR F 3192 42.02 -42.52 26.33
C THR F 3192 43.01 -41.37 26.33
N SER F 3193 43.17 -40.76 25.16
CA SER F 3193 44.05 -39.61 25.02
C SER F 3193 43.73 -38.78 23.80
N ASN F 3194 43.96 -37.48 23.91
CA ASN F 3194 43.72 -36.60 22.78
C ASN F 3194 44.99 -35.98 22.19
N VAL F 3195 46.16 -36.57 22.44
CA VAL F 3195 47.41 -35.99 21.98
C VAL F 3195 48.26 -36.97 21.17
N GLN F 3196 49.27 -36.40 20.52
CA GLN F 3196 50.25 -37.14 19.72
C GLN F 3196 51.06 -38.10 20.55
N ASN F 3197 51.33 -37.73 21.79
CA ASN F 3197 52.13 -38.53 22.72
C ASN F 3197 51.41 -38.69 24.06
N PRO F 3198 50.54 -39.69 24.18
CA PRO F 3198 49.70 -39.95 25.35
C PRO F 3198 50.51 -40.25 26.57
N VAL F 3199 49.87 -40.07 27.72
CA VAL F 3199 50.51 -40.34 28.99
C VAL F 3199 50.90 -41.79 29.04
N VAL F 3200 52.12 -42.05 29.47
CA VAL F 3200 52.68 -43.38 29.57
C VAL F 3200 51.99 -44.16 30.67
N ILE F 3201 51.67 -45.42 30.37
CA ILE F 3201 51.02 -46.30 31.32
C ILE F 3201 52.10 -47.01 32.11
N THR F 3202 52.22 -46.68 33.38
CA THR F 3202 53.31 -47.24 34.15
C THR F 3202 52.87 -48.48 34.90
N ASN F 3203 53.84 -49.28 35.33
CA ASN F 3203 53.56 -50.47 36.09
C ASN F 3203 52.56 -51.34 35.34
N ALA F 3204 52.84 -51.61 34.07
CA ALA F 3204 51.91 -52.37 33.25
C ALA F 3204 51.58 -53.72 33.86
N THR F 3205 50.30 -54.04 33.87
CA THR F 3205 49.82 -55.33 34.32
C THR F 3205 49.05 -55.88 33.15
N THR F 3206 48.60 -57.11 33.28
CA THR F 3206 47.92 -57.74 32.16
C THR F 3206 46.56 -57.10 31.87
N SER F 3207 46.05 -56.27 32.77
CA SER F 3207 44.79 -55.61 32.48
C SER F 3207 44.95 -54.52 31.44
N ASN F 3208 46.18 -54.12 31.15
CA ASN F 3208 46.47 -53.12 30.13
C ASN F 3208 46.82 -53.75 28.80
N ALA F 3209 46.76 -55.06 28.70
CA ALA F 3209 46.99 -55.74 27.45
C ALA F 3209 45.75 -55.60 26.59
N GLY F 3210 45.93 -55.55 25.29
CA GLY F 3210 44.78 -55.44 24.42
C GLY F 3210 45.09 -54.59 23.22
N VAL F 3211 44.06 -54.04 22.62
CA VAL F 3211 44.25 -53.30 21.38
C VAL F 3211 44.02 -51.82 21.59
N TYR F 3212 45.04 -51.04 21.26
CA TYR F 3212 45.01 -49.60 21.38
C TYR F 3212 44.75 -49.00 20.00
N THR F 3213 43.65 -48.28 19.87
CA THR F 3213 43.17 -47.78 18.59
C THR F 3213 43.31 -46.27 18.48
N LEU F 3214 43.70 -45.80 17.29
CA LEU F 3214 43.86 -44.37 17.01
C LEU F 3214 43.17 -43.91 15.73
N SER F 3215 42.47 -42.78 15.81
CA SER F 3215 41.96 -42.06 14.64
C SER F 3215 42.36 -40.60 14.72
N ILE F 3216 42.46 -39.93 13.56
CA ILE F 3216 42.92 -38.55 13.47
C ILE F 3216 41.93 -37.58 12.85
N ILE F 3217 41.81 -36.41 13.45
CA ILE F 3217 41.05 -35.32 12.88
C ILE F 3217 42.04 -34.41 12.17
N ASP F 3218 41.81 -34.19 10.89
CA ASP F 3218 42.73 -33.39 10.08
C ASP F 3218 42.40 -31.90 10.19
N GLY F 3219 43.17 -31.06 9.51
CA GLY F 3219 43.00 -29.60 9.54
C GLY F 3219 41.72 -29.14 8.91
N ASN F 3220 40.99 -29.98 8.20
CA ASN F 3220 39.79 -29.48 7.60
C ASN F 3220 38.62 -30.00 8.35
N GLY F 3221 38.84 -30.74 9.43
CA GLY F 3221 37.78 -31.23 10.29
C GLY F 3221 37.30 -32.67 10.07
N CYS F 3222 37.83 -33.39 9.08
CA CYS F 3222 37.47 -34.75 8.69
C CYS F 3222 38.21 -35.79 9.53
N GLU F 3223 37.55 -36.92 9.83
CA GLU F 3223 38.17 -37.98 10.60
C GLU F 3223 38.69 -39.10 9.70
N SER F 3224 39.92 -39.54 9.95
CA SER F 3224 40.60 -40.61 9.23
C SER F 3224 40.14 -41.96 9.72
N GLY F 3225 40.50 -43.01 8.99
CA GLY F 3225 40.14 -44.34 9.42
C GLY F 3225 41.01 -44.82 10.57
N ASP F 3226 40.52 -45.83 11.29
CA ASP F 3226 41.24 -46.37 12.44
C ASP F 3226 42.45 -47.21 12.05
N THR F 3227 43.45 -47.18 12.90
CA THR F 3227 44.55 -48.14 12.89
C THR F 3227 44.78 -48.53 14.33
N ALA F 3228 45.48 -49.63 14.56
CA ALA F 3228 45.67 -50.03 15.95
C ALA F 3228 46.94 -50.84 16.17
N VAL F 3229 47.40 -50.82 17.41
CA VAL F 3229 48.56 -51.59 17.84
C VAL F 3229 48.12 -52.56 18.92
N THR F 3230 48.52 -53.82 18.81
CA THR F 3230 48.20 -54.77 19.84
C THR F 3230 49.34 -54.79 20.82
N VAL F 3231 49.02 -54.68 22.10
CA VAL F 3231 50.01 -54.68 23.16
C VAL F 3231 49.79 -55.86 24.06
N THR F 3232 50.84 -56.63 24.29
CA THR F 3232 50.73 -57.77 25.17
C THR F 3232 51.60 -57.51 26.39
N VAL F 3233 51.27 -58.15 27.49
CA VAL F 3233 52.03 -57.99 28.71
C VAL F 3233 52.52 -59.36 29.15
N ASP F 3234 53.83 -59.49 29.32
CA ASP F 3234 54.43 -60.76 29.71
C ASP F 3234 54.56 -60.86 31.22
N SER F 3235 53.87 -61.83 31.80
CA SER F 3235 53.88 -62.00 33.25
C SER F 3235 55.29 -62.30 33.75
N ILE F 3236 55.66 -61.73 34.92
CA ILE F 3236 56.97 -61.93 35.58
C ILE F 3236 56.75 -62.81 36.81
N GLY G 2892 -61.82 13.11 -64.01
CA GLY G 2892 -62.39 12.29 -62.96
C GLY G 2892 -61.49 12.11 -61.76
N GLN G 2893 -61.76 11.13 -60.91
CA GLN G 2893 -60.84 10.88 -59.80
C GLN G 2893 -59.77 9.94 -60.26
N PRO G 2894 -58.52 10.31 -60.10
CA PRO G 2894 -57.33 9.57 -60.54
C PRO G 2894 -56.90 8.49 -59.57
N SER G 2895 -57.77 7.51 -59.37
CA SER G 2895 -57.54 6.33 -58.54
C SER G 2895 -57.07 6.69 -57.15
N ALA G 2896 -56.00 6.05 -56.70
CA ALA G 2896 -55.33 6.17 -55.43
C ALA G 2896 -53.85 5.88 -55.70
N PRO G 2897 -52.95 6.43 -54.90
CA PRO G 2897 -51.53 6.21 -55.04
C PRO G 2897 -51.11 4.85 -54.52
N ASN G 2898 -49.95 4.39 -54.97
CA ASN G 2898 -49.36 3.12 -54.53
C ASN G 2898 -48.45 3.31 -53.33
N VAL G 2899 -48.78 2.64 -52.25
CA VAL G 2899 -48.09 2.72 -50.97
C VAL G 2899 -47.74 1.31 -50.54
N PRO G 2900 -46.80 1.14 -49.62
CA PRO G 2900 -46.39 -0.18 -49.12
C PRO G 2900 -47.46 -0.87 -48.31
N ALA G 2901 -47.35 -2.19 -48.25
CA ALA G 2901 -48.22 -3.04 -47.48
C ALA G 2901 -47.98 -2.83 -46.01
N ASP G 2902 -48.94 -3.24 -45.19
CA ASP G 2902 -48.85 -3.03 -43.75
C ASP G 2902 -47.55 -3.57 -43.17
N PHE G 2903 -46.95 -2.82 -42.30
CA PHE G 2903 -45.77 -3.46 -41.78
C PHE G 2903 -45.87 -3.56 -40.28
N GLU G 2904 -44.84 -4.15 -39.71
CA GLU G 2904 -44.63 -4.33 -38.29
C GLU G 2904 -43.16 -4.02 -38.09
N VAL G 2905 -42.86 -3.14 -37.15
CA VAL G 2905 -41.50 -2.81 -36.81
C VAL G 2905 -41.44 -3.03 -35.31
N CYS G 2906 -40.23 -3.07 -34.75
CA CYS G 2906 -40.05 -3.24 -33.30
C CYS G 2906 -39.44 -1.96 -32.75
N GLU G 2907 -39.78 -1.58 -31.51
CA GLU G 2907 -39.28 -0.30 -31.00
C GLU G 2907 -37.78 -0.17 -31.15
N GLY G 2908 -37.37 0.98 -31.63
CA GLY G 2908 -36.00 1.32 -31.90
C GLY G 2908 -35.63 1.22 -33.36
N ASP G 2909 -36.45 0.54 -34.15
CA ASP G 2909 -36.21 0.36 -35.58
C ASP G 2909 -36.76 1.55 -36.35
N ASP G 2910 -36.61 1.56 -37.66
CA ASP G 2910 -37.06 2.69 -38.48
C ASP G 2910 -38.33 2.40 -39.25
N ILE G 2911 -39.25 3.36 -39.29
CA ILE G 2911 -40.45 3.24 -40.11
C ILE G 2911 -40.20 3.91 -41.44
N ILE G 2912 -40.26 3.13 -42.50
CA ILE G 2912 -39.96 3.62 -43.83
C ILE G 2912 -41.23 3.74 -44.65
N LEU G 2913 -41.58 4.94 -45.04
CA LEU G 2913 -42.78 5.18 -45.81
C LEU G 2913 -42.38 5.74 -47.14
N GLY G 2914 -43.24 5.58 -48.13
CA GLY G 2914 -43.02 6.23 -49.40
C GLY G 2914 -43.97 5.69 -50.43
N THR G 2915 -44.03 6.37 -51.56
CA THR G 2915 -44.86 5.96 -52.66
C THR G 2915 -44.03 5.76 -53.90
N THR G 2916 -44.65 5.16 -54.90
CA THR G 2916 -44.00 4.92 -56.18
C THR G 2916 -44.64 5.68 -57.32
N THR G 2917 -45.65 6.50 -57.06
CA THR G 2917 -46.32 7.16 -58.18
C THR G 2917 -45.73 8.53 -58.48
N ILE G 2918 -46.24 9.12 -59.55
CA ILE G 2918 -45.74 10.39 -60.06
C ILE G 2918 -46.81 11.46 -59.94
N ALA G 2919 -46.47 12.56 -59.30
CA ALA G 2919 -47.46 13.59 -59.11
C ALA G 2919 -46.83 14.96 -58.92
N ALA G 2920 -47.69 15.97 -59.04
CA ALA G 2920 -47.24 17.34 -58.85
C ALA G 2920 -46.96 17.61 -57.38
N SER G 2921 -47.75 16.98 -56.51
CA SER G 2921 -47.60 17.18 -55.08
C SER G 2921 -48.08 15.97 -54.30
N TYR G 2922 -47.40 15.69 -53.21
CA TYR G 2922 -47.73 14.56 -52.36
C TYR G 2922 -48.11 15.11 -51.00
N SER G 2923 -49.01 14.43 -50.29
CA SER G 2923 -49.36 14.86 -48.94
C SER G 2923 -49.56 13.68 -48.00
N TRP G 2924 -48.69 13.58 -47.01
CA TRP G 2924 -48.72 12.51 -46.03
C TRP G 2924 -49.12 13.06 -44.69
N THR G 2925 -49.89 12.28 -43.93
CA THR G 2925 -50.23 12.60 -42.55
C THR G 2925 -50.09 11.33 -41.72
N GLY G 2926 -50.01 11.48 -40.41
CA GLY G 2926 -49.99 10.31 -39.56
C GLY G 2926 -49.95 10.60 -38.07
N PRO G 2927 -49.71 9.54 -37.29
CA PRO G 2927 -49.63 9.58 -35.83
C PRO G 2927 -48.48 10.41 -35.33
N ASN G 2928 -48.62 10.91 -34.11
CA ASN G 2928 -47.57 11.65 -33.42
C ASN G 2928 -47.03 12.82 -34.22
N GLY G 2929 -47.91 13.54 -34.92
CA GLY G 2929 -47.49 14.74 -35.64
C GLY G 2929 -46.86 14.52 -37.00
N PHE G 2930 -46.85 13.29 -37.50
CA PHE G 2930 -46.18 13.04 -38.77
C PHE G 2930 -46.86 13.74 -39.94
N THR G 2931 -46.02 14.35 -40.78
CA THR G 2931 -46.46 14.96 -42.03
C THR G 2931 -45.29 15.06 -43.01
N SER G 2932 -45.62 15.02 -44.30
CA SER G 2932 -44.63 15.17 -45.37
C SER G 2932 -45.25 15.50 -46.71
N ASN G 2933 -44.46 16.13 -47.58
CA ASN G 2933 -44.92 16.42 -48.93
C ASN G 2933 -44.04 15.78 -50.00
N LEU G 2934 -43.34 14.70 -49.65
CA LEU G 2934 -42.41 14.01 -50.55
C LEU G 2934 -42.90 12.63 -50.99
N GLN G 2935 -42.24 12.08 -51.97
CA GLN G 2935 -42.56 10.75 -52.41
C GLN G 2935 -41.92 9.81 -51.46
N ASN G 2936 -40.90 10.24 -50.80
CA ASN G 2936 -40.18 9.44 -49.83
C ASN G 2936 -39.84 10.26 -48.60
N PRO G 2937 -40.77 10.34 -47.65
CA PRO G 2937 -40.63 11.10 -46.43
C PRO G 2937 -39.45 10.59 -45.64
N ALA G 2938 -38.86 11.46 -44.86
CA ALA G 2938 -37.75 11.03 -44.04
C ALA G 2938 -38.20 9.92 -43.12
N ALA G 2939 -37.32 8.95 -42.91
CA ALA G 2939 -37.62 7.84 -42.04
C ALA G 2939 -37.91 8.30 -40.64
N ILE G 2940 -38.83 7.63 -39.98
CA ILE G 2940 -39.10 7.90 -38.58
C ILE G 2940 -38.15 7.01 -37.82
N THR G 2941 -37.09 7.57 -37.30
CA THR G 2941 -36.06 6.75 -36.71
C THR G 2941 -36.35 6.53 -35.25
N ASN G 2942 -35.75 5.49 -34.69
CA ASN G 2942 -35.92 5.19 -33.29
C ASN G 2942 -37.41 5.14 -32.97
N ALA G 2943 -38.16 4.41 -33.78
CA ALA G 2943 -39.61 4.38 -33.67
C ALA G 2943 -40.05 3.87 -32.31
N SER G 2944 -41.11 4.50 -31.80
CA SER G 2944 -41.69 4.16 -30.51
C SER G 2944 -43.13 3.67 -30.65
N LEU G 2945 -43.70 3.13 -29.57
CA LEU G 2945 -45.08 2.69 -29.66
C LEU G 2945 -46.01 3.84 -30.02
N ILE G 2946 -45.66 5.06 -29.63
CA ILE G 2946 -46.47 6.24 -29.92
C ILE G 2946 -46.58 6.51 -31.41
N ASP G 2947 -45.66 5.98 -32.22
CA ASP G 2947 -45.62 6.19 -33.65
C ASP G 2947 -46.46 5.16 -34.39
N SER G 2948 -47.04 4.22 -33.66
CA SER G 2948 -47.85 3.23 -34.33
C SER G 2948 -49.17 3.86 -34.75
N GLY G 2949 -49.79 3.30 -35.77
CA GLY G 2949 -51.07 3.84 -36.19
C GLY G 2949 -51.24 3.84 -37.69
N ILE G 2950 -52.12 4.69 -38.20
CA ILE G 2950 -52.42 4.73 -39.62
C ILE G 2950 -51.77 5.91 -40.29
N TYR G 2951 -50.94 5.64 -41.28
CA TYR G 2951 -50.31 6.67 -42.07
C TYR G 2951 -51.12 6.81 -43.35
N ARG G 2952 -51.33 8.02 -43.84
CA ARG G 2952 -52.18 8.18 -45.01
C ARG G 2952 -51.62 9.05 -46.05
N LEU G 2953 -51.94 8.79 -47.29
CA LEU G 2953 -51.41 9.52 -48.44
C LEU G 2953 -52.47 9.92 -49.46
N VAL G 2954 -52.42 11.19 -49.86
CA VAL G 2954 -53.24 11.76 -50.92
C VAL G 2954 -52.32 12.39 -51.97
N VAL G 2955 -52.61 12.17 -53.25
CA VAL G 2955 -51.71 12.67 -54.28
C VAL G 2955 -52.40 13.60 -55.29
N THR G 2956 -51.76 14.74 -55.57
CA THR G 2956 -52.30 15.75 -56.48
C THR G 2956 -51.55 15.76 -57.81
N TYR G 2957 -52.31 15.69 -58.88
CA TYR G 2957 -51.77 15.65 -60.22
C TYR G 2957 -51.71 17.04 -60.85
N SER G 2958 -50.87 17.15 -61.88
CA SER G 2958 -50.63 18.42 -62.56
C SER G 2958 -51.86 18.95 -63.27
N ASN G 2959 -52.85 18.11 -63.48
CA ASN G 2959 -54.08 18.52 -64.11
C ASN G 2959 -55.12 19.01 -63.09
N GLY G 2960 -54.72 19.12 -61.82
CA GLY G 2960 -55.58 19.61 -60.75
C GLY G 2960 -56.43 18.56 -60.09
N CYS G 2961 -56.33 17.32 -60.52
CA CYS G 2961 -57.14 16.27 -59.95
C CYS G 2961 -56.45 15.67 -58.72
N VAL G 2962 -57.24 15.25 -57.75
CA VAL G 2962 -56.70 14.71 -56.51
C VAL G 2962 -57.17 13.27 -56.30
N SER G 2963 -56.23 12.39 -56.03
CA SER G 2963 -56.50 10.97 -55.85
C SER G 2963 -57.10 10.67 -54.49
N ALA G 2964 -57.64 9.46 -54.39
CA ALA G 2964 -58.25 9.01 -53.15
C ALA G 2964 -57.21 8.69 -52.10
N ASP G 2965 -57.58 8.97 -50.85
CA ASP G 2965 -56.67 8.72 -49.75
C ASP G 2965 -56.52 7.23 -49.49
N THR G 2966 -55.28 6.78 -49.39
CA THR G 2966 -54.99 5.39 -49.13
C THR G 2966 -54.21 5.28 -47.83
N THR G 2967 -54.06 4.06 -47.33
CA THR G 2967 -53.46 3.91 -46.02
C THR G 2967 -52.38 2.84 -45.94
N VAL G 2968 -51.51 3.04 -44.96
CA VAL G 2968 -50.51 2.07 -44.51
C VAL G 2968 -50.66 1.92 -43.01
N ARG G 2969 -50.91 0.73 -42.48
CA ARG G 2969 -51.03 0.61 -41.01
C ARG G 2969 -49.76 0.05 -40.39
N VAL G 2970 -49.07 0.82 -39.55
CA VAL G 2970 -47.77 0.42 -39.01
C VAL G 2970 -47.91 0.01 -37.56
N GLY G 2971 -47.63 -1.24 -37.26
CA GLY G 2971 -47.65 -1.69 -35.89
C GLY G 2971 -46.26 -1.57 -35.34
N VAL G 2972 -46.15 -1.35 -34.04
CA VAL G 2972 -44.85 -1.29 -33.41
C VAL G 2972 -44.84 -2.27 -32.27
N ASN G 2973 -43.88 -3.17 -32.26
CA ASN G 2973 -43.80 -4.17 -31.21
C ASN G 2973 -42.88 -3.74 -30.08
N SER G 2974 -43.24 -4.16 -28.87
CA SER G 2974 -42.41 -3.89 -27.72
C SER G 2974 -41.26 -4.88 -27.67
N ASN G 2975 -40.14 -4.44 -27.15
CA ASN G 2975 -39.03 -5.36 -26.92
C ASN G 2975 -39.27 -6.06 -25.59
N PRO G 2976 -38.72 -7.26 -25.41
CA PRO G 2976 -38.79 -7.93 -24.11
C PRO G 2976 -38.16 -7.07 -23.04
N PRO G 2977 -38.59 -7.23 -21.78
CA PRO G 2977 -38.03 -6.48 -20.65
C PRO G 2977 -36.56 -6.77 -20.56
N VAL G 2978 -35.79 -5.83 -20.03
CA VAL G 2978 -34.37 -6.08 -19.86
C VAL G 2978 -34.19 -7.12 -18.78
N PRO G 2979 -33.59 -8.25 -19.09
CA PRO G 2979 -33.38 -9.32 -18.13
C PRO G 2979 -32.23 -9.06 -17.19
N ASN G 2980 -32.33 -9.60 -15.98
CA ASN G 2980 -31.26 -9.54 -15.00
C ASN G 2980 -30.59 -10.91 -14.90
N ILE G 2981 -29.33 -11.00 -15.35
CA ILE G 2981 -28.55 -12.24 -15.35
C ILE G 2981 -27.92 -12.44 -13.99
N VAL G 2982 -28.03 -13.67 -13.50
CA VAL G 2982 -27.45 -14.08 -12.24
C VAL G 2982 -26.57 -15.31 -12.48
N SER G 2983 -25.35 -15.29 -11.96
CA SER G 2983 -24.40 -16.39 -12.10
C SER G 2983 -24.28 -17.16 -10.79
N ASN G 2984 -23.44 -18.20 -10.78
CA ASN G 2984 -23.20 -18.98 -9.57
C ASN G 2984 -22.16 -18.36 -8.66
N GLY G 2985 -21.61 -17.21 -9.01
CA GLY G 2985 -20.61 -16.61 -8.18
C GLY G 2985 -19.26 -17.20 -8.53
N PRO G 2986 -18.30 -17.06 -7.63
CA PRO G 2986 -16.88 -17.42 -7.83
C PRO G 2986 -16.67 -18.93 -7.75
N ILE G 2987 -17.16 -19.58 -8.79
CA ILE G 2987 -17.11 -21.02 -8.99
C ILE G 2987 -15.68 -21.52 -9.15
N CYS G 2988 -15.37 -22.72 -8.62
CA CYS G 2988 -14.05 -23.35 -8.78
C CYS G 2988 -13.97 -24.06 -10.12
N PHE G 2989 -12.82 -23.98 -10.75
CA PHE G 2989 -12.64 -24.63 -12.02
C PHE G 2989 -13.00 -26.10 -11.94
N GLY G 2990 -13.79 -26.55 -12.88
CA GLY G 2990 -14.20 -27.92 -12.97
C GLY G 2990 -15.63 -28.14 -12.59
N ASP G 2991 -16.27 -27.11 -12.04
CA ASP G 2991 -17.68 -27.17 -11.65
C ASP G 2991 -18.52 -26.59 -12.69
N THR G 2992 -19.78 -26.93 -12.74
CA THR G 2992 -20.61 -26.51 -13.88
C THR G 2992 -21.05 -25.07 -13.73
N LEU G 2993 -20.85 -24.28 -14.77
CA LEU G 2993 -21.18 -22.85 -14.72
C LEU G 2993 -22.61 -22.63 -15.16
N VAL G 2994 -23.40 -21.99 -14.33
CA VAL G 2994 -24.79 -21.77 -14.68
C VAL G 2994 -25.11 -20.31 -14.69
N LEU G 2995 -25.67 -19.85 -15.80
CA LEU G 2995 -26.10 -18.48 -15.93
C LEU G 2995 -27.60 -18.48 -16.17
N SER G 2996 -28.35 -17.68 -15.44
CA SER G 2996 -29.78 -17.72 -15.60
C SER G 2996 -30.43 -16.37 -15.36
N SER G 2997 -31.73 -16.30 -15.67
CA SER G 2997 -32.48 -15.09 -15.42
C SER G 2997 -33.94 -15.41 -15.19
N SER G 2998 -34.58 -14.62 -14.33
CA SER G 2998 -35.99 -14.78 -14.01
C SER G 2998 -36.91 -14.27 -15.11
N THR G 2999 -36.38 -13.50 -16.06
CA THR G 2999 -37.22 -12.94 -17.10
C THR G 2999 -37.58 -14.02 -18.10
N SER G 3000 -38.85 -14.10 -18.43
CA SER G 3000 -39.31 -15.09 -19.39
C SER G 3000 -39.04 -14.61 -20.80
N CYS G 3001 -38.19 -15.36 -21.53
CA CYS G 3001 -37.73 -15.06 -22.88
C CYS G 3001 -37.91 -16.31 -23.75
N GLY G 3002 -38.33 -16.13 -24.99
CA GLY G 3002 -38.54 -17.26 -25.89
C GLY G 3002 -37.26 -18.01 -26.15
N GLN G 3003 -36.26 -17.29 -26.62
CA GLN G 3003 -34.94 -17.84 -26.84
C GLN G 3003 -33.93 -16.96 -26.16
N SER G 3004 -32.80 -17.51 -25.82
CA SER G 3004 -31.79 -16.75 -25.13
C SER G 3004 -30.42 -17.00 -25.72
N GLN G 3005 -29.84 -15.95 -26.23
CA GLN G 3005 -28.57 -16.01 -26.89
C GLN G 3005 -27.52 -15.45 -25.97
N TRP G 3006 -26.57 -16.27 -25.58
CA TRP G 3006 -25.59 -15.85 -24.60
C TRP G 3006 -24.34 -15.38 -25.28
N ILE G 3007 -23.81 -14.27 -24.83
CA ILE G 3007 -22.64 -13.70 -25.42
C ILE G 3007 -21.51 -13.77 -24.44
N GLY G 3008 -20.54 -14.61 -24.73
CA GLY G 3008 -19.38 -14.74 -23.88
C GLY G 3008 -18.23 -14.10 -24.59
N PRO G 3009 -17.02 -14.35 -24.12
CA PRO G 3009 -15.81 -13.80 -24.75
C PRO G 3009 -15.62 -14.19 -26.22
N ASN G 3010 -16.27 -15.26 -26.65
CA ASN G 3010 -16.24 -15.75 -28.03
C ASN G 3010 -17.50 -15.38 -28.83
N GLY G 3011 -18.38 -14.54 -28.30
CA GLY G 3011 -19.69 -14.36 -28.88
C GLY G 3011 -19.82 -13.31 -29.98
N ASN G 3012 -21.10 -13.14 -30.31
CA ASN G 3012 -21.55 -12.22 -31.32
C ASN G 3012 -21.16 -12.52 -32.73
N SER G 3013 -21.07 -13.78 -33.14
CA SER G 3013 -20.83 -14.13 -34.54
C SER G 3013 -21.41 -15.50 -34.84
N GLN G 3014 -21.72 -15.74 -36.12
CA GLN G 3014 -22.38 -16.98 -36.57
C GLN G 3014 -21.55 -18.23 -36.40
N SER G 3015 -20.25 -18.10 -36.24
CA SER G 3015 -19.40 -19.26 -36.06
C SER G 3015 -19.41 -19.75 -34.62
N THR G 3016 -19.98 -18.96 -33.71
CA THR G 3016 -20.07 -19.27 -32.30
C THR G 3016 -21.51 -19.52 -31.89
N LEU G 3017 -22.39 -18.61 -32.29
CA LEU G 3017 -23.79 -18.68 -31.93
C LEU G 3017 -24.52 -19.49 -32.98
N GLY G 3018 -24.31 -20.79 -32.95
CA GLY G 3018 -24.88 -21.66 -33.95
C GLY G 3018 -26.34 -21.93 -33.67
N THR G 3019 -26.96 -22.73 -34.54
CA THR G 3019 -28.37 -23.06 -34.49
C THR G 3019 -28.89 -23.35 -33.07
N PRO G 3020 -29.97 -22.68 -32.65
CA PRO G 3020 -30.52 -22.79 -31.29
C PRO G 3020 -31.08 -24.14 -30.95
N GLY G 3021 -31.00 -24.48 -29.66
CA GLY G 3021 -31.52 -25.72 -29.13
C GLY G 3021 -30.48 -26.81 -29.23
N GLY G 3022 -30.76 -27.94 -28.59
CA GLY G 3022 -29.80 -29.03 -28.60
C GLY G 3022 -28.61 -28.68 -27.73
N SER G 3023 -27.47 -29.30 -28.02
CA SER G 3023 -26.27 -29.10 -27.21
C SER G 3023 -25.54 -27.83 -27.61
N ASN G 3024 -26.18 -26.70 -27.37
CA ASN G 3024 -25.66 -25.39 -27.76
C ASN G 3024 -25.77 -24.48 -26.56
N VAL G 3025 -24.69 -24.39 -25.78
CA VAL G 3025 -24.78 -23.64 -24.54
C VAL G 3025 -24.96 -22.17 -24.76
N LEU G 3026 -24.64 -21.65 -25.92
CA LEU G 3026 -24.78 -20.23 -26.16
C LEU G 3026 -26.08 -19.85 -26.86
N TRP G 3027 -26.92 -20.77 -27.22
CA TRP G 3027 -28.18 -20.33 -27.81
C TRP G 3027 -29.24 -21.35 -27.46
N THR G 3028 -29.92 -21.04 -26.39
CA THR G 3028 -30.84 -21.92 -25.73
C THR G 3028 -32.25 -21.56 -26.11
N ILE G 3029 -33.18 -22.34 -25.61
CA ILE G 3029 -34.59 -22.13 -25.86
C ILE G 3029 -35.30 -21.83 -24.55
N GLY G 3030 -34.61 -21.10 -23.68
CA GLY G 3030 -35.11 -20.60 -22.41
C GLY G 3030 -34.00 -19.85 -21.71
N SER G 3031 -34.32 -19.20 -20.58
CA SER G 3031 -33.33 -18.34 -19.92
C SER G 3031 -32.16 -19.02 -19.20
N THR G 3032 -32.14 -20.32 -18.94
CA THR G 3032 -31.03 -20.92 -18.19
C THR G 3032 -30.09 -21.72 -19.06
N THR G 3033 -28.77 -21.47 -18.93
CA THR G 3033 -27.76 -22.22 -19.65
C THR G 3033 -26.71 -22.80 -18.73
N SER G 3034 -26.28 -24.02 -19.01
CA SER G 3034 -25.28 -24.70 -18.21
C SER G 3034 -24.06 -25.01 -19.06
N ILE G 3035 -22.90 -24.53 -18.64
CA ILE G 3035 -21.66 -24.72 -19.37
C ILE G 3035 -20.73 -25.66 -18.60
N PRO G 3036 -20.50 -26.87 -19.07
CA PRO G 3036 -19.61 -27.87 -18.47
C PRO G 3036 -18.17 -27.42 -18.56
N MET G 3037 -17.29 -28.03 -17.75
CA MET G 3037 -15.89 -27.64 -17.84
C MET G 3037 -15.27 -28.03 -19.17
N ASN G 3038 -15.76 -29.09 -19.79
CA ASN G 3038 -15.25 -29.51 -21.08
C ASN G 3038 -16.02 -28.83 -22.19
N ASN G 3039 -15.88 -27.52 -22.23
CA ASN G 3039 -16.59 -26.70 -23.20
C ASN G 3039 -15.75 -25.49 -23.55
N ALA G 3040 -15.68 -25.20 -24.84
CA ALA G 3040 -14.88 -24.09 -25.32
C ALA G 3040 -15.28 -22.76 -24.71
N ASN G 3041 -16.53 -22.64 -24.28
CA ASN G 3041 -17.03 -21.37 -23.78
C ASN G 3041 -17.03 -21.28 -22.26
N TYR G 3042 -16.39 -22.22 -21.57
CA TYR G 3042 -16.29 -22.20 -20.12
C TYR G 3042 -15.24 -21.18 -19.72
N LEU G 3043 -15.59 -19.92 -19.86
CA LEU G 3043 -14.63 -18.85 -19.67
C LEU G 3043 -15.10 -17.81 -18.65
N PRO G 3044 -14.16 -17.22 -17.92
CA PRO G 3044 -14.40 -16.08 -17.05
C PRO G 3044 -14.53 -14.83 -17.87
N GLY G 3045 -15.09 -13.77 -17.30
CA GLY G 3045 -15.14 -12.52 -18.03
C GLY G 3045 -16.54 -11.96 -18.12
N ASN G 3046 -16.74 -11.00 -19.02
CA ASN G 3046 -18.01 -10.29 -19.08
C ASN G 3046 -19.01 -10.96 -20.02
N TRP G 3047 -20.09 -11.44 -19.44
CA TRP G 3047 -21.14 -12.15 -20.13
C TRP G 3047 -22.41 -11.31 -20.24
N TYR G 3048 -23.16 -11.49 -21.31
CA TYR G 3048 -24.44 -10.81 -21.35
C TYR G 3048 -25.41 -11.76 -22.01
N MET G 3049 -26.66 -11.38 -22.12
CA MET G 3049 -27.68 -12.22 -22.70
C MET G 3049 -28.57 -11.39 -23.58
N ILE G 3050 -29.00 -11.96 -24.69
CA ILE G 3050 -29.97 -11.29 -25.55
C ILE G 3050 -31.25 -12.11 -25.55
N CYS G 3051 -32.39 -11.50 -25.15
CA CYS G 3051 -33.68 -12.16 -25.17
C CYS G 3051 -34.30 -12.00 -26.53
N ILE G 3052 -34.70 -13.10 -27.10
CA ILE G 3052 -35.25 -13.14 -28.43
C ILE G 3052 -36.72 -13.52 -28.36
N ASP G 3053 -37.55 -12.67 -28.92
CA ASP G 3053 -38.97 -12.93 -28.99
C ASP G 3053 -39.23 -13.74 -30.26
N THR G 3054 -39.65 -14.98 -30.08
CA THR G 3054 -39.79 -15.91 -31.19
C THR G 3054 -41.05 -15.69 -32.01
N VAL G 3055 -41.91 -14.76 -31.58
CA VAL G 3055 -43.11 -14.44 -32.31
C VAL G 3055 -42.92 -13.20 -33.16
N THR G 3056 -42.29 -12.17 -32.60
CA THR G 3056 -42.13 -10.90 -33.30
C THR G 3056 -40.75 -10.67 -33.88
N GLY G 3057 -39.72 -11.37 -33.42
CA GLY G 3057 -38.36 -11.10 -33.84
C GLY G 3057 -37.60 -10.03 -33.05
N CYS G 3058 -38.21 -9.45 -32.00
CA CYS G 3058 -37.65 -8.39 -31.16
C CYS G 3058 -36.55 -8.89 -30.22
N ARG G 3059 -35.56 -8.04 -29.97
CA ARG G 3059 -34.44 -8.39 -29.10
C ARG G 3059 -34.19 -7.39 -27.99
N SER G 3060 -33.82 -7.89 -26.82
CA SER G 3060 -33.56 -7.04 -25.67
C SER G 3060 -32.34 -7.48 -24.88
N GLU G 3061 -31.42 -6.59 -24.67
CA GLU G 3061 -30.17 -6.97 -24.02
C GLU G 3061 -30.15 -6.85 -22.58
N SER G 3062 -29.46 -7.67 -21.93
CA SER G 3062 -29.32 -7.83 -20.50
C SER G 3062 -28.28 -6.96 -19.84
N ASN G 3063 -28.08 -7.31 -18.57
CA ASN G 3063 -27.12 -6.58 -17.79
C ASN G 3063 -25.88 -7.31 -17.95
N THR G 3064 -24.79 -6.81 -17.41
CA THR G 3064 -23.51 -7.47 -17.65
C THR G 3064 -22.96 -8.06 -16.37
N ILE G 3065 -22.51 -9.30 -16.42
CA ILE G 3065 -21.96 -9.93 -15.23
C ILE G 3065 -20.52 -10.32 -15.44
N ASN G 3066 -19.74 -10.28 -14.37
CA ASN G 3066 -18.35 -10.71 -14.43
C ASN G 3066 -18.25 -12.10 -13.82
N VAL G 3067 -18.07 -13.09 -14.66
CA VAL G 3067 -18.00 -14.45 -14.18
C VAL G 3067 -16.58 -14.75 -13.75
N ILE G 3068 -16.43 -15.27 -12.55
CA ILE G 3068 -15.13 -15.58 -11.99
C ILE G 3068 -14.99 -17.07 -11.85
N ILE G 3069 -13.97 -17.64 -12.44
CA ILE G 3069 -13.69 -19.07 -12.31
C ILE G 3069 -12.34 -19.17 -11.63
N ASN G 3070 -12.29 -19.79 -10.45
CA ASN G 3070 -11.06 -19.86 -9.69
C ASN G 3070 -10.25 -21.10 -10.03
N ALA G 3071 -8.93 -20.98 -9.92
CA ALA G 3071 -8.08 -22.12 -10.15
C ALA G 3071 -8.00 -23.01 -8.92
N ASN G 3072 -7.85 -24.31 -9.15
CA ASN G 3072 -7.57 -25.26 -8.10
C ASN G 3072 -6.06 -25.32 -7.91
N PRO G 3073 -5.53 -25.08 -6.71
CA PRO G 3073 -4.08 -25.09 -6.48
C PRO G 3073 -3.48 -26.45 -6.82
N ASP G 3074 -2.20 -26.45 -7.19
CA ASP G 3074 -1.46 -27.63 -7.59
C ASP G 3074 -1.31 -28.60 -6.43
N THR G 3075 -1.18 -29.88 -6.75
CA THR G 3075 -0.91 -30.86 -5.72
C THR G 3075 0.36 -30.37 -5.04
N PRO G 3076 0.34 -30.11 -3.74
CA PRO G 3076 1.50 -29.56 -3.04
C PRO G 3076 2.55 -30.62 -2.85
N ALA G 3077 3.80 -30.19 -2.81
CA ALA G 3077 4.87 -31.10 -2.45
C ALA G 3077 5.02 -31.09 -0.96
N VAL G 3078 5.33 -32.24 -0.38
CA VAL G 3078 5.54 -32.29 1.05
C VAL G 3078 6.87 -32.95 1.35
N PHE G 3079 7.67 -32.32 2.17
CA PHE G 3079 9.00 -32.80 2.51
C PHE G 3079 9.14 -33.01 4.00
N ASN G 3080 10.08 -33.84 4.42
CA ASN G 3080 10.28 -34.03 5.85
C ASN G 3080 11.75 -34.06 6.20
N ASP G 3081 12.07 -34.35 7.47
CA ASP G 3081 13.44 -34.29 7.98
C ASP G 3081 14.22 -35.57 7.78
N GLY G 3082 13.67 -36.53 7.07
CA GLY G 3082 14.39 -37.74 6.80
C GLY G 3082 14.19 -38.73 7.90
N PRO G 3083 14.95 -39.80 7.88
CA PRO G 3083 14.81 -40.89 8.84
C PRO G 3083 14.92 -40.40 10.25
N VAL G 3084 14.06 -40.90 11.11
CA VAL G 3084 14.00 -40.52 12.52
C VAL G 3084 14.06 -41.80 13.33
N CYS G 3085 14.70 -41.79 14.52
CA CYS G 3085 14.75 -42.98 15.37
C CYS G 3085 13.39 -43.23 16.02
N GLU G 3086 13.12 -44.49 16.35
CA GLU G 3086 11.85 -44.81 16.97
C GLU G 3086 11.61 -43.94 18.19
N GLY G 3087 10.44 -43.32 18.25
CA GLY G 3087 10.09 -42.46 19.36
C GLY G 3087 10.48 -41.01 19.16
N GLY G 3088 11.16 -40.70 18.09
CA GLY G 3088 11.60 -39.35 17.84
C GLY G 3088 10.55 -38.51 17.13
N ASN G 3089 10.88 -37.26 16.92
CA ASN G 3089 9.98 -36.33 16.26
C ASN G 3089 10.57 -35.91 14.93
N SER G 3090 9.70 -35.45 14.02
CA SER G 3090 10.20 -34.91 12.76
C SER G 3090 9.31 -33.83 12.22
N ASN G 3091 9.88 -32.87 11.51
CA ASN G 3091 9.08 -31.81 10.94
C ASN G 3091 8.65 -32.17 9.54
N LEU G 3092 7.50 -31.65 9.15
CA LEU G 3092 7.05 -31.71 7.79
C LEU G 3092 7.13 -30.30 7.26
N SER G 3093 7.29 -30.15 5.96
CA SER G 3093 7.25 -28.81 5.42
C SER G 3093 6.67 -28.77 4.02
N THR G 3094 6.06 -27.64 3.67
CA THR G 3094 5.55 -27.47 2.33
C THR G 3094 5.79 -26.05 1.82
N ALA G 3095 5.36 -25.83 0.58
CA ALA G 3095 5.51 -24.56 -0.12
C ALA G 3095 4.61 -23.49 0.46
N THR G 3096 5.04 -22.25 0.38
CA THR G 3096 4.18 -21.16 0.83
C THR G 3096 3.29 -20.74 -0.32
N VAL G 3097 1.99 -20.76 -0.10
CA VAL G 3097 1.03 -20.41 -1.14
C VAL G 3097 0.28 -19.19 -0.63
N SER G 3098 0.39 -18.08 -1.34
CA SER G 3098 -0.25 -16.88 -0.85
C SER G 3098 -1.75 -17.06 -0.82
N GLY G 3099 -2.37 -16.66 0.30
CA GLY G 3099 -3.80 -16.74 0.45
C GLY G 3099 -4.30 -18.11 0.85
N ALA G 3100 -3.42 -19.06 1.08
CA ALA G 3100 -3.85 -20.41 1.37
C ALA G 3100 -4.00 -20.70 2.83
N SER G 3101 -4.94 -21.58 3.11
CA SER G 3101 -5.02 -22.21 4.41
C SER G 3101 -4.49 -23.62 4.21
N TYR G 3102 -3.94 -24.22 5.25
CA TYR G 3102 -3.37 -25.55 5.10
C TYR G 3102 -4.07 -26.50 6.04
N ALA G 3103 -4.31 -27.72 5.60
CA ALA G 3103 -4.89 -28.72 6.46
C ALA G 3103 -4.19 -30.03 6.30
N TRP G 3104 -3.64 -30.56 7.38
CA TRP G 3104 -2.94 -31.81 7.37
C TRP G 3104 -3.79 -32.87 7.97
N TYR G 3105 -3.90 -33.99 7.30
CA TYR G 3105 -4.77 -35.08 7.70
C TYR G 3105 -3.98 -36.32 8.03
N SER G 3106 -4.46 -37.09 8.98
CA SER G 3106 -3.75 -38.28 9.40
C SER G 3106 -3.89 -39.44 8.46
N ASP G 3107 -4.91 -39.49 7.61
CA ASP G 3107 -5.09 -40.71 6.86
C ASP G 3107 -5.70 -40.48 5.49
N SER G 3108 -5.76 -41.56 4.74
CA SER G 3108 -6.37 -41.59 3.43
C SER G 3108 -7.83 -41.22 3.57
N SER G 3109 -8.36 -40.58 2.55
CA SER G 3109 -9.73 -40.10 2.52
C SER G 3109 -9.93 -38.88 3.38
N LEU G 3110 -8.87 -38.38 4.02
CA LEU G 3110 -8.93 -37.10 4.70
C LEU G 3110 -10.05 -37.03 5.72
N THR G 3111 -10.18 -38.05 6.55
CA THR G 3111 -11.27 -38.11 7.52
C THR G 3111 -10.94 -37.51 8.87
N SER G 3112 -9.67 -37.34 9.19
CA SER G 3112 -9.29 -36.84 10.50
C SER G 3112 -8.19 -35.83 10.36
N LEU G 3113 -8.42 -34.64 10.91
CA LEU G 3113 -7.51 -33.51 10.81
C LEU G 3113 -6.55 -33.56 11.97
N VAL G 3114 -5.26 -33.33 11.71
CA VAL G 3114 -4.27 -33.32 12.77
C VAL G 3114 -3.67 -31.95 13.01
N SER G 3115 -3.42 -31.18 11.96
CA SER G 3115 -2.86 -29.86 12.19
C SER G 3115 -3.17 -28.91 11.04
N THR G 3116 -3.06 -27.62 11.32
CA THR G 3116 -3.26 -26.59 10.31
C THR G 3116 -2.07 -25.66 10.39
N ALA G 3117 -1.01 -25.99 9.67
CA ALA G 3117 0.20 -25.19 9.77
C ALA G 3117 1.02 -25.33 8.51
N GLN G 3118 1.85 -24.35 8.22
CA GLN G 3118 2.65 -24.62 7.05
C GLN G 3118 3.64 -25.73 7.35
N ASN G 3119 4.29 -25.74 8.52
CA ASN G 3119 5.33 -26.71 8.82
C ASN G 3119 5.13 -27.44 10.15
N PRO G 3120 4.16 -28.33 10.27
CA PRO G 3120 3.84 -29.00 11.52
C PRO G 3120 4.83 -30.09 11.86
N MET G 3121 4.87 -30.47 13.14
CA MET G 3121 5.71 -31.58 13.59
C MET G 3121 4.91 -32.81 13.93
N ILE G 3122 5.43 -33.98 13.56
CA ILE G 3122 4.87 -35.24 13.98
C ILE G 3122 5.65 -35.67 15.20
N VAL G 3123 4.96 -35.95 16.29
CA VAL G 3123 5.59 -36.24 17.56
C VAL G 3123 5.44 -37.72 17.92
N ASN G 3124 6.51 -38.30 18.47
CA ASN G 3124 6.55 -39.68 18.93
C ASN G 3124 6.24 -40.69 17.84
N ILE G 3125 7.05 -40.70 16.79
CA ILE G 3125 6.83 -41.59 15.65
C ILE G 3125 7.36 -42.97 15.97
N SER G 3126 6.50 -43.98 16.01
CA SER G 3126 7.00 -45.32 16.27
C SER G 3126 7.25 -46.12 15.02
N THR G 3127 6.54 -45.82 13.95
CA THR G 3127 6.70 -46.57 12.72
C THR G 3127 6.63 -45.65 11.52
N ASP G 3128 6.85 -46.21 10.33
CA ASP G 3128 6.78 -45.37 9.14
C ASP G 3128 5.41 -44.76 9.08
N THR G 3129 5.33 -43.45 8.90
CA THR G 3129 4.01 -42.85 8.95
C THR G 3129 3.83 -41.81 7.86
N THR G 3130 2.58 -41.59 7.45
CA THR G 3130 2.30 -40.63 6.41
C THR G 3130 1.23 -39.61 6.80
N TRP G 3131 1.46 -38.37 6.43
CA TRP G 3131 0.45 -37.33 6.55
C TRP G 3131 0.08 -36.80 5.17
N TYR G 3132 -1.18 -36.39 5.03
CA TYR G 3132 -1.72 -35.88 3.79
C TYR G 3132 -1.98 -34.39 3.86
N LEU G 3133 -1.69 -33.65 2.80
CA LEU G 3133 -1.84 -32.21 2.84
C LEU G 3133 -2.79 -31.64 1.80
N VAL G 3134 -3.74 -30.84 2.25
CA VAL G 3134 -4.67 -30.16 1.36
C VAL G 3134 -4.50 -28.67 1.49
N VAL G 3135 -4.33 -27.98 0.38
CA VAL G 3135 -4.13 -26.53 0.38
C VAL G 3135 -5.37 -25.90 -0.19
N THR G 3136 -5.99 -24.97 0.53
CA THR G 3136 -7.22 -24.37 0.04
C THR G 3136 -7.07 -22.87 -0.19
N VAL G 3137 -7.39 -22.41 -1.38
CA VAL G 3137 -7.27 -21.00 -1.75
C VAL G 3137 -8.58 -20.48 -2.30
N ASN G 3138 -9.11 -19.42 -1.70
CA ASN G 3138 -10.37 -18.82 -2.16
C ASN G 3138 -11.48 -19.86 -2.22
N GLY G 3139 -11.48 -20.80 -1.28
CA GLY G 3139 -12.49 -21.83 -1.23
C GLY G 3139 -12.27 -23.08 -2.08
N CYS G 3140 -11.22 -23.11 -2.94
CA CYS G 3140 -10.94 -24.24 -3.84
C CYS G 3140 -9.82 -25.11 -3.24
N SER G 3141 -10.07 -26.39 -3.08
CA SER G 3141 -9.10 -27.27 -2.43
C SER G 3141 -8.29 -28.08 -3.43
N SER G 3142 -7.01 -28.23 -3.15
CA SER G 3142 -6.11 -29.03 -3.95
C SER G 3142 -6.26 -30.50 -3.67
N VAL G 3143 -5.65 -31.29 -4.52
CA VAL G 3143 -5.61 -32.73 -4.34
C VAL G 3143 -4.60 -33.01 -3.26
N ALA G 3144 -4.91 -33.87 -2.31
CA ALA G 3144 -3.98 -34.04 -1.21
C ALA G 3144 -2.63 -34.53 -1.67
N GLY G 3145 -1.59 -33.87 -1.19
CA GLY G 3145 -0.23 -34.31 -1.38
C GLY G 3145 0.13 -35.15 -0.19
N SER G 3146 1.35 -35.68 -0.14
CA SER G 3146 1.65 -36.50 1.02
C SER G 3146 3.13 -36.72 1.19
N THR G 3147 3.52 -37.15 2.39
CA THR G 3147 4.89 -37.60 2.57
C THR G 3147 5.01 -38.65 3.65
N THR G 3148 6.04 -39.48 3.51
CA THR G 3148 6.31 -40.57 4.44
C THR G 3148 7.55 -40.29 5.25
N VAL G 3149 7.43 -40.39 6.56
CA VAL G 3149 8.57 -40.27 7.44
C VAL G 3149 9.00 -41.66 7.77
N ILE G 3150 10.24 -41.96 7.48
CA ILE G 3150 10.81 -43.28 7.67
C ILE G 3150 11.38 -43.40 9.06
N VAL G 3151 11.08 -44.47 9.75
CA VAL G 3151 11.67 -44.70 11.04
C VAL G 3151 12.89 -45.55 10.83
N HIS G 3152 14.02 -45.06 11.32
CA HIS G 3152 15.30 -45.75 11.19
C HIS G 3152 15.22 -47.08 11.91
N PRO G 3153 15.76 -48.15 11.31
CA PRO G 3153 15.70 -49.47 11.93
C PRO G 3153 16.48 -49.52 13.22
N THR G 3154 15.88 -50.07 14.27
CA THR G 3154 16.50 -50.20 15.58
C THR G 3154 17.77 -51.02 15.47
N PRO G 3155 18.88 -50.55 16.05
CA PRO G 3155 20.17 -51.24 15.99
C PRO G 3155 20.16 -52.50 16.82
N VAL G 3156 21.09 -53.39 16.48
CA VAL G 3156 21.22 -54.73 17.04
C VAL G 3156 21.77 -54.72 18.46
N THR G 3157 21.19 -55.59 19.28
CA THR G 3157 21.56 -55.79 20.68
C THR G 3157 23.06 -56.03 20.81
N PRO G 3158 23.75 -55.37 21.76
CA PRO G 3158 25.20 -55.48 21.96
C PRO G 3158 25.70 -56.87 22.27
N ASN G 3159 26.93 -57.15 21.89
CA ASN G 3159 27.58 -58.44 22.18
C ASN G 3159 28.38 -58.31 23.48
N VAL G 3160 27.91 -59.00 24.52
CA VAL G 3160 28.44 -58.94 25.87
C VAL G 3160 28.75 -60.37 26.33
N PRO G 3161 29.80 -60.59 27.12
CA PRO G 3161 30.21 -61.93 27.59
C PRO G 3161 29.15 -62.69 28.38
N ALA G 3162 29.35 -64.00 28.40
CA ALA G 3162 28.50 -64.94 29.12
C ALA G 3162 28.70 -64.77 30.60
N ASN G 3163 27.77 -65.31 31.39
CA ASN G 3163 27.87 -65.16 32.83
C ASN G 3163 29.26 -65.55 33.31
N PHE G 3164 29.88 -64.69 34.08
CA PHE G 3164 31.16 -65.13 34.57
C PHE G 3164 31.19 -65.09 36.08
N ALA G 3165 32.26 -65.66 36.62
CA ALA G 3165 32.53 -65.69 38.04
C ALA G 3165 33.96 -65.23 38.28
N VAL G 3166 34.15 -64.48 39.35
CA VAL G 3166 35.44 -63.97 39.74
C VAL G 3166 35.69 -64.38 41.18
N CYS G 3167 36.92 -64.70 41.51
CA CYS G 3167 37.25 -64.99 42.90
C CYS G 3167 37.38 -63.70 43.67
N GLU G 3168 36.91 -63.69 44.90
CA GLU G 3168 37.05 -62.51 45.73
C GLU G 3168 38.52 -62.10 45.75
N GLY G 3169 38.75 -60.81 45.52
CA GLY G 3169 40.07 -60.21 45.46
C GLY G 3169 40.65 -60.07 44.05
N ASP G 3170 40.08 -60.79 43.09
CA ASP G 3170 40.54 -60.79 41.71
C ASP G 3170 39.82 -59.69 40.93
N ASN G 3171 40.09 -59.56 39.63
CA ASN G 3171 39.52 -58.48 38.84
C ASN G 3171 38.27 -58.86 38.07
N ILE G 3172 37.37 -57.89 37.90
CA ILE G 3172 36.20 -58.05 37.02
C ILE G 3172 36.44 -57.23 35.77
N THR G 3173 36.52 -57.89 34.65
CA THR G 3173 36.80 -57.21 33.40
C THR G 3173 35.57 -57.28 32.52
N LEU G 3174 35.14 -56.14 32.03
CA LEU G 3174 34.00 -56.08 31.16
C LEU G 3174 34.46 -55.56 29.83
N SER G 3175 33.81 -55.99 28.77
CA SER G 3175 34.10 -55.48 27.45
C SER G 3175 32.95 -55.83 26.52
N THR G 3176 32.88 -55.14 25.39
CA THR G 3176 31.96 -55.53 24.36
C THR G 3176 32.66 -55.66 23.03
N SER G 3177 32.14 -56.54 22.19
CA SER G 3177 32.73 -56.81 20.89
C SER G 3177 32.18 -55.96 19.76
N THR G 3178 31.16 -55.14 20.03
CA THR G 3178 30.56 -54.36 18.97
C THR G 3178 31.08 -52.94 18.92
N VAL G 3179 30.80 -52.29 17.81
CA VAL G 3179 31.22 -50.93 17.56
C VAL G 3179 30.05 -49.97 17.71
N ALA G 3180 30.26 -48.90 18.45
CA ALA G 3180 29.22 -47.94 18.74
C ALA G 3180 29.73 -46.51 18.68
N SER G 3181 28.80 -45.58 18.51
CA SER G 3181 29.14 -44.17 18.65
C SER G 3181 29.49 -43.94 20.10
N SER G 3182 28.72 -44.54 20.97
CA SER G 3182 28.97 -44.49 22.40
C SER G 3182 28.39 -45.73 23.04
N TYR G 3183 28.90 -46.03 24.20
CA TYR G 3183 28.42 -47.17 24.95
C TYR G 3183 27.84 -46.65 26.23
N ASN G 3184 26.86 -47.37 26.78
CA ASN G 3184 26.29 -47.02 28.08
C ASN G 3184 26.20 -48.24 28.99
N TRP G 3185 27.19 -48.40 29.86
CA TRP G 3185 27.23 -49.50 30.80
C TRP G 3185 26.74 -49.05 32.15
N SER G 3186 26.09 -49.95 32.89
CA SER G 3186 25.72 -49.65 34.27
C SER G 3186 25.70 -50.90 35.13
N GLY G 3187 25.86 -50.75 36.44
CA GLY G 3187 25.83 -51.90 37.32
C GLY G 3187 25.98 -51.62 38.81
N PRO G 3188 26.27 -52.68 39.57
CA PRO G 3188 26.42 -52.67 41.02
C PRO G 3188 27.45 -51.66 41.48
N ASN G 3189 27.23 -51.10 42.67
CA ASN G 3189 28.15 -50.12 43.22
C ASN G 3189 28.22 -48.87 42.36
N GLY G 3190 27.21 -48.58 41.55
CA GLY G 3190 27.24 -47.33 40.82
C GLY G 3190 28.12 -47.40 39.62
N PHE G 3191 28.57 -48.60 39.27
CA PHE G 3191 29.43 -48.77 38.13
C PHE G 3191 28.81 -48.17 36.91
N THR G 3192 29.62 -47.45 36.16
CA THR G 3192 29.16 -46.88 34.92
C THR G 3192 30.35 -46.66 34.01
N SER G 3193 30.09 -46.72 32.71
CA SER G 3193 31.13 -46.50 31.72
C SER G 3193 30.56 -46.12 30.36
N ASN G 3194 31.30 -45.29 29.64
CA ASN G 3194 30.87 -44.90 28.30
C ASN G 3194 31.75 -45.43 27.18
N VAL G 3195 32.53 -46.48 27.43
CA VAL G 3195 33.45 -46.99 26.43
C VAL G 3195 33.30 -48.49 26.16
N GLN G 3196 33.94 -48.92 25.08
CA GLN G 3196 33.97 -50.32 24.65
C GLN G 3196 34.64 -51.22 25.66
N ASN G 3197 35.66 -50.70 26.35
CA ASN G 3197 36.43 -51.43 27.34
C ASN G 3197 36.53 -50.64 28.64
N PRO G 3198 35.54 -50.78 29.53
CA PRO G 3198 35.43 -50.05 30.79
C PRO G 3198 36.57 -50.35 31.72
N VAL G 3199 36.77 -49.43 32.65
CA VAL G 3199 37.82 -49.57 33.64
C VAL G 3199 37.57 -50.83 34.44
N VAL G 3200 38.62 -51.61 34.62
CA VAL G 3200 38.58 -52.86 35.34
C VAL G 3200 38.33 -52.62 36.81
N ILE G 3201 37.45 -53.43 37.40
CA ILE G 3201 37.12 -53.33 38.80
C ILE G 3201 38.08 -54.23 39.56
N THR G 3202 38.97 -53.64 40.31
CA THR G 3202 39.99 -54.43 40.99
C THR G 3202 39.56 -54.79 42.39
N ASN G 3203 40.21 -55.79 42.95
CA ASN G 3203 39.93 -56.22 44.31
C ASN G 3203 38.45 -56.49 44.48
N ALA G 3204 37.88 -57.29 43.58
CA ALA G 3204 36.46 -57.54 43.62
C ALA G 3204 36.01 -58.10 44.95
N THR G 3205 34.92 -57.56 45.46
CA THR G 3205 34.29 -58.03 46.67
C THR G 3205 32.88 -58.35 46.28
N THR G 3206 32.13 -58.92 47.20
CA THR G 3206 30.78 -59.33 46.86
C THR G 3206 29.85 -58.16 46.60
N SER G 3207 30.26 -56.95 46.94
CA SER G 3207 29.42 -55.79 46.64
C SER G 3207 29.42 -55.48 45.16
N ASN G 3208 30.34 -56.05 44.39
CA ASN G 3208 30.41 -55.85 42.95
C ASN G 3208 29.73 -56.97 42.20
N ALA G 3209 29.12 -57.91 42.90
CA ALA G 3209 28.37 -58.96 42.26
C ALA G 3209 27.04 -58.41 41.83
N GLY G 3210 26.51 -58.93 40.74
CA GLY G 3210 25.22 -58.44 40.29
C GLY G 3210 25.15 -58.45 38.79
N VAL G 3211 24.26 -57.63 38.23
CA VAL G 3211 24.03 -57.65 36.80
C VAL G 3211 24.55 -56.38 36.16
N TYR G 3212 25.46 -56.56 35.20
CA TYR G 3212 26.06 -55.47 34.47
C TYR G 3212 25.36 -55.35 33.11
N THR G 3213 24.74 -54.21 32.87
CA THR G 3213 23.89 -54.01 31.70
C THR G 3213 24.52 -53.05 30.70
N LEU G 3214 24.37 -53.36 29.41
CA LEU G 3214 24.90 -52.54 28.32
C LEU G 3214 23.89 -52.23 27.22
N SER G 3215 23.84 -50.97 26.79
CA SER G 3215 23.12 -50.55 25.59
C SER G 3215 24.02 -49.72 24.70
N ILE G 3216 23.75 -49.71 23.40
CA ILE G 3216 24.58 -49.02 22.42
C ILE G 3216 23.89 -47.94 21.61
N ILE G 3217 24.57 -46.82 21.43
CA ILE G 3217 24.12 -45.79 20.54
C ILE G 3217 24.84 -45.97 19.22
N ASP G 3218 24.08 -46.12 18.14
CA ASP G 3218 24.66 -46.38 16.83
C ASP G 3218 25.04 -45.08 16.12
N GLY G 3219 25.59 -45.19 14.91
CA GLY G 3219 26.04 -44.04 14.13
C GLY G 3219 24.92 -43.13 13.69
N ASN G 3220 23.67 -43.54 13.80
CA ASN G 3220 22.64 -42.67 13.33
C ASN G 3220 21.95 -42.06 14.51
N GLY G 3221 22.41 -42.36 15.73
CA GLY G 3221 21.87 -41.76 16.94
C GLY G 3221 20.83 -42.56 17.72
N CYS G 3222 20.43 -43.75 17.24
CA CYS G 3222 19.41 -44.63 17.83
C CYS G 3222 20.02 -45.55 18.89
N GLU G 3223 19.24 -45.85 19.94
CA GLU G 3223 19.70 -46.72 21.02
C GLU G 3223 19.18 -48.15 20.85
N SER G 3224 20.08 -49.11 20.99
CA SER G 3224 19.79 -50.54 20.89
C SER G 3224 19.17 -51.07 22.17
N GLY G 3225 18.66 -52.28 22.12
CA GLY G 3225 18.10 -52.87 23.32
C GLY G 3225 19.16 -53.35 24.28
N ASP G 3226 18.79 -53.52 25.54
CA ASP G 3226 19.74 -53.95 26.57
C ASP G 3226 20.11 -55.42 26.47
N THR G 3227 21.33 -55.72 26.86
CA THR G 3227 21.79 -57.07 27.14
C THR G 3227 22.57 -56.99 28.43
N ALA G 3228 22.80 -58.12 29.08
CA ALA G 3228 23.51 -58.05 30.34
C ALA G 3228 24.27 -59.32 30.68
N VAL G 3229 25.29 -59.16 31.52
CA VAL G 3229 26.09 -60.27 32.02
C VAL G 3229 25.96 -60.32 33.53
N THR G 3230 25.71 -61.50 34.07
CA THR G 3230 25.64 -61.63 35.51
C THR G 3230 27.02 -62.00 36.00
N VAL G 3231 27.49 -61.29 37.02
CA VAL G 3231 28.80 -61.53 37.59
C VAL G 3231 28.65 -61.93 39.03
N THR G 3232 29.27 -63.04 39.39
CA THR G 3232 29.20 -63.47 40.77
C THR G 3232 30.60 -63.40 41.35
N VAL G 3233 30.69 -63.28 42.67
CA VAL G 3233 31.97 -63.21 43.33
C VAL G 3233 32.04 -64.33 44.35
N ASP G 3234 33.07 -65.16 44.24
CA ASP G 3234 33.23 -66.30 45.14
C ASP G 3234 34.09 -65.94 46.33
N SER G 3235 33.50 -66.01 47.51
CA SER G 3235 34.21 -65.63 48.73
C SER G 3235 35.42 -66.53 48.94
N ILE G 3236 36.53 -65.94 49.43
CA ILE G 3236 37.79 -66.66 49.75
C ILE G 3236 37.95 -66.72 51.27
#